data_8WIV
#
_entry.id   8WIV
#
_cell.length_a   1.00
_cell.length_b   1.00
_cell.length_c   1.00
_cell.angle_alpha   90.00
_cell.angle_beta   90.00
_cell.angle_gamma   90.00
#
_symmetry.space_group_name_H-M   'P 1'
#
loop_
_entity.id
_entity.type
_entity.pdbx_description
1 polymer 'Helicase HerA central domain-containing protein'
2 non-polymer 'MAGNESIUM ION'
3 non-polymer 'PHOSPHOTHIOPHOSPHORIC ACID-ADENYLATE ESTER'
#
_entity_poly.entity_id   1
_entity_poly.type   'polypeptide(L)'
_entity_poly.pdbx_seq_one_letter_code
;MIGVNRMTEASTYIGTVQDVNGANIRVVLDINTISSLKFVDGQGYRIGQIGSFVRIPIGYINLFGIVSQVGAGAVPDKLL
EVEPYGHRWISVQLVGEEGIKKEFERGVSQYPTIGDKVHIVTEPDLKKIYGTQNKKYISLGNIASVDSIPALVNIDTLVT
RHSAVLGSTGSGKSTTVTSILQRISDMSQFPSARIIVFDIHGEYAAAFKGKAKVYKVTPSNNELKLSIPYWALTCDEFLS
VAFGGLEGSGRNALIDKIYELKLQTLKRQEYEGINEDSLTVDTPIPFSIHKLWFDLYRAEISTHYVQGSHSEENEALLLG
EDGNPVQKGDSLKVVPPIYMPHTQAQGATKIYLSNRGKNIRKPLEGLASLLKDPRYEFLFNADDWSVNLDGKTNKDLDAL
LETWVGSEESISIFDLSGMPSSILDTLIGILIRILYDSLFWSRNQPEGGRERPLLVVLEEAHTYLGKDSRGIAIDGVRKI
VKEGRKYGIGMMLVSQRPSEIDSTILSQCGTLFALRMNNSSDRNHVLGAVSDSFEGLMGMLPTLRTGEAIIIGESVRLPM
RTIISPPPFGRRPDSLDPDVTAKWSNNRVQGDYKEVLTLWRQKKVRSQRIVENIKRLPVVNEGEMTDMVREMVTSSNILS
IGYEADSMTLEIEFNHGLVYQYYDVPETLHTELLAAESHGKFFNSQIKNNYRFSRI
;
_entity_poly.pdbx_strand_id   A,D,M,O,L
#
loop_
_chem_comp.id
_chem_comp.type
_chem_comp.name
_chem_comp.formula
AGS non-polymer 'PHOSPHOTHIOPHOSPHORIC ACID-ADENYLATE ESTER' 'C10 H16 N5 O12 P3 S'
MG non-polymer 'MAGNESIUM ION' 'Mg 2'
#
# COMPACT_ATOMS: atom_id res chain seq x y z
N SER A 11 -27.37 36.57 32.80
CA SER A 11 -26.77 37.23 31.64
C SER A 11 -26.50 36.23 30.54
N THR A 12 -26.27 36.73 29.32
CA THR A 12 -25.96 35.85 28.20
C THR A 12 -24.73 35.02 28.51
N TYR A 13 -24.82 33.72 28.22
CA TYR A 13 -23.77 32.78 28.58
C TYR A 13 -24.14 31.43 28.02
N ILE A 14 -23.12 30.59 27.81
CA ILE A 14 -23.35 29.22 27.35
C ILE A 14 -22.61 28.26 28.26
N GLY A 15 -21.31 28.48 28.45
CA GLY A 15 -20.51 27.57 29.24
C GLY A 15 -19.05 27.95 29.30
N THR A 16 -18.17 26.95 29.36
CA THR A 16 -16.74 27.18 29.47
C THR A 16 -15.99 26.32 28.47
N VAL A 17 -14.90 26.87 27.92
CA VAL A 17 -14.06 26.13 26.99
C VAL A 17 -13.32 25.03 27.73
N GLN A 18 -13.37 23.81 27.19
CA GLN A 18 -12.71 22.67 27.80
C GLN A 18 -11.82 21.92 26.82
N ASP A 19 -11.59 22.45 25.63
CA ASP A 19 -10.71 21.81 24.67
C ASP A 19 -10.42 22.73 23.50
N VAL A 20 -9.14 22.88 23.13
CA VAL A 20 -8.76 23.65 21.96
C VAL A 20 -7.57 22.97 21.30
N ASN A 21 -7.61 22.81 20.00
CA ASN A 21 -6.47 22.34 19.21
C ASN A 21 -6.31 23.20 17.96
N GLY A 22 -6.34 24.50 18.14
CA GLY A 22 -6.06 25.44 17.06
C GLY A 22 -7.28 25.96 16.35
N ALA A 23 -8.00 25.10 15.65
CA ALA A 23 -9.14 25.49 14.84
C ALA A 23 -10.32 24.55 15.09
N ASN A 24 -10.41 24.04 16.31
CA ASN A 24 -11.54 23.22 16.73
C ASN A 24 -11.63 23.29 18.24
N ILE A 25 -12.75 23.79 18.76
CA ILE A 25 -12.90 24.05 20.18
C ILE A 25 -14.16 23.38 20.69
N ARG A 26 -14.09 22.90 21.93
CA ARG A 26 -15.23 22.31 22.61
C ARG A 26 -15.54 23.16 23.83
N VAL A 27 -16.82 23.43 24.08
CA VAL A 27 -17.25 24.15 25.27
C VAL A 27 -18.31 23.31 25.96
N VAL A 28 -18.16 23.17 27.28
CA VAL A 28 -19.10 22.44 28.12
C VAL A 28 -20.15 23.42 28.62
N LEU A 29 -21.42 23.03 28.48
CA LEU A 29 -22.55 23.90 28.79
C LEU A 29 -22.79 23.95 30.29
N ASP A 30 -23.87 24.62 30.69
CA ASP A 30 -24.29 24.65 32.08
C ASP A 30 -25.35 23.59 32.35
N SER A 52 -24.95 27.54 13.46
CA SER A 52 -25.35 28.60 14.38
C SER A 52 -24.12 29.27 15.00
N PHE A 53 -24.00 30.57 14.82
CA PHE A 53 -22.81 31.30 15.20
C PHE A 53 -22.65 31.35 16.71
N VAL A 54 -21.43 31.67 17.14
CA VAL A 54 -21.11 31.85 18.56
C VAL A 54 -19.97 32.85 18.65
N ARG A 55 -19.89 33.54 19.79
CA ARG A 55 -18.85 34.53 20.04
C ARG A 55 -18.09 34.17 21.31
N ILE A 56 -16.80 34.48 21.32
CA ILE A 56 -15.91 34.15 22.43
C ILE A 56 -15.06 35.36 22.79
N PRO A 57 -15.36 36.07 23.87
CA PRO A 57 -14.54 37.23 24.24
C PRO A 57 -13.19 36.85 24.83
N ILE A 58 -12.17 37.56 24.39
CA ILE A 58 -10.81 37.36 24.87
C ILE A 58 -10.36 38.50 25.78
N GLY A 59 -11.03 39.64 25.76
CA GLY A 59 -10.57 40.81 26.47
C GLY A 59 -9.89 41.78 25.51
N TYR A 60 -10.55 42.90 25.24
CA TYR A 60 -10.17 43.94 24.27
C TYR A 60 -10.46 43.48 22.84
N ILE A 61 -10.84 42.23 22.61
CA ILE A 61 -11.10 41.67 21.29
C ILE A 61 -12.16 40.59 21.45
N ASN A 62 -12.80 40.22 20.34
CA ASN A 62 -13.84 39.20 20.34
C ASN A 62 -13.53 38.15 19.29
N LEU A 63 -13.72 36.88 19.66
CA LEU A 63 -13.47 35.75 18.79
C LEU A 63 -14.80 35.10 18.39
N PHE A 64 -14.93 34.79 17.09
CA PHE A 64 -16.18 34.29 16.54
C PHE A 64 -16.00 32.87 16.02
N GLY A 65 -17.06 32.08 16.11
CA GLY A 65 -17.01 30.70 15.66
C GLY A 65 -18.40 30.15 15.49
N ILE A 66 -18.48 29.02 14.79
CA ILE A 66 -19.74 28.38 14.45
C ILE A 66 -19.73 26.95 14.95
N VAL A 67 -20.93 26.42 15.22
CA VAL A 67 -21.07 25.09 15.79
C VAL A 67 -20.75 24.05 14.71
N SER A 68 -19.70 23.26 14.95
CA SER A 68 -19.27 22.26 13.98
C SER A 68 -20.09 20.98 14.10
N GLN A 69 -20.05 20.37 15.28
CA GLN A 69 -20.70 19.08 15.52
C GLN A 69 -21.35 19.11 16.90
N VAL A 70 -22.54 18.53 17.00
CA VAL A 70 -23.30 18.48 18.24
C VAL A 70 -23.72 17.05 18.50
N GLY A 71 -23.96 16.75 19.77
CA GLY A 71 -24.48 15.47 20.17
C GLY A 71 -23.43 14.56 20.78
N ALA A 72 -23.76 13.27 20.83
CA ALA A 72 -22.88 12.29 21.45
C ALA A 72 -21.59 12.09 20.67
N GLY A 73 -21.53 12.55 19.42
CA GLY A 73 -20.28 12.55 18.69
C GLY A 73 -19.33 13.69 19.02
N ALA A 74 -19.84 14.72 19.70
CA ALA A 74 -19.03 15.89 20.01
C ALA A 74 -18.10 15.68 21.19
N VAL A 75 -18.36 14.69 22.04
CA VAL A 75 -17.51 14.45 23.19
C VAL A 75 -16.16 13.94 22.69
N PRO A 76 -15.11 14.00 23.50
CA PRO A 76 -13.82 13.47 23.06
C PRO A 76 -13.93 12.06 22.50
N ASP A 77 -12.87 11.57 21.87
CA ASP A 77 -12.94 10.28 21.19
C ASP A 77 -13.35 9.18 22.16
N LYS A 78 -12.68 9.09 23.31
CA LYS A 78 -12.90 7.98 24.23
C LYS A 78 -13.65 8.35 25.49
N LEU A 79 -13.91 9.63 25.74
CA LEU A 79 -14.65 10.02 26.94
C LEU A 79 -16.08 9.49 26.93
N LEU A 80 -16.55 9.00 25.78
CA LEU A 80 -17.90 8.46 25.70
C LEU A 80 -18.08 7.28 26.66
N GLU A 81 -17.06 6.43 26.78
CA GLU A 81 -17.21 5.24 27.61
C GLU A 81 -17.43 5.61 29.08
N VAL A 82 -16.80 6.68 29.54
CA VAL A 82 -17.00 7.13 30.92
C VAL A 82 -18.46 7.50 31.15
N GLU A 83 -19.03 8.28 30.24
CA GLU A 83 -20.39 8.77 30.39
C GLU A 83 -20.96 9.09 29.01
N PRO A 84 -21.50 8.10 28.29
CA PRO A 84 -22.05 8.36 26.96
C PRO A 84 -23.50 8.83 26.95
N TYR A 85 -24.16 8.88 28.11
CA TYR A 85 -25.52 9.38 28.21
C TYR A 85 -25.57 10.85 28.60
N GLY A 86 -24.48 11.41 29.10
CA GLY A 86 -24.44 12.83 29.41
C GLY A 86 -23.78 13.62 28.29
N HIS A 87 -24.59 14.26 27.47
CA HIS A 87 -24.11 15.01 26.31
C HIS A 87 -24.19 16.51 26.64
N ARG A 88 -23.05 17.08 27.01
CA ARG A 88 -22.92 18.50 27.26
C ARG A 88 -21.62 19.03 26.68
N TRP A 89 -21.27 18.53 25.49
CA TRP A 89 -20.10 19.00 24.75
C TRP A 89 -20.53 19.37 23.34
N ILE A 90 -20.09 20.54 22.88
CA ILE A 90 -20.43 21.09 21.58
C ILE A 90 -19.14 21.38 20.83
N SER A 91 -19.07 20.94 19.58
CA SER A 91 -17.90 21.16 18.73
C SER A 91 -18.16 22.40 17.88
N VAL A 92 -17.51 23.51 18.24
CA VAL A 92 -17.66 24.78 17.56
C VAL A 92 -16.31 25.13 16.95
N GLN A 93 -16.31 25.63 15.73
CA GLN A 93 -15.09 25.97 15.01
C GLN A 93 -14.93 27.48 14.93
N LEU A 94 -13.69 27.95 15.05
CA LEU A 94 -13.41 29.37 14.93
C LEU A 94 -13.44 29.80 13.47
N VAL A 95 -13.86 31.04 13.23
CA VAL A 95 -14.00 31.57 11.88
C VAL A 95 -13.22 32.85 11.69
N GLY A 96 -13.32 33.78 12.64
CA GLY A 96 -12.69 35.07 12.47
C GLY A 96 -12.65 35.84 13.77
N GLU A 97 -12.14 37.07 13.67
CA GLU A 97 -11.92 37.92 14.84
C GLU A 97 -12.41 39.33 14.54
N GLU A 98 -12.74 40.06 15.61
CA GLU A 98 -13.31 41.40 15.53
C GLU A 98 -12.36 42.40 16.16
N GLY A 99 -12.07 43.48 15.45
CA GLY A 99 -11.13 44.48 15.92
C GLY A 99 -11.75 45.36 16.99
N ILE A 100 -11.11 46.51 17.22
CA ILE A 100 -11.61 47.49 18.19
C ILE A 100 -12.57 48.38 17.41
N LYS A 101 -13.79 47.87 17.22
CA LYS A 101 -14.80 48.51 16.39
C LYS A 101 -14.23 48.94 15.04
N LYS A 102 -13.17 48.30 14.58
CA LYS A 102 -12.54 48.64 13.32
C LYS A 102 -13.06 47.77 12.17
N GLU A 103 -12.88 46.45 12.30
CA GLU A 103 -13.25 45.54 11.23
C GLU A 103 -13.29 44.14 11.81
N PHE A 104 -13.93 43.24 11.09
CA PHE A 104 -13.94 41.81 11.41
C PHE A 104 -13.24 41.07 10.29
N GLU A 105 -12.06 40.55 10.56
CA GLU A 105 -11.22 39.91 9.56
C GLU A 105 -11.09 38.42 9.85
N ARG A 106 -10.98 37.63 8.78
CA ARG A 106 -10.79 36.20 8.93
C ARG A 106 -9.50 35.93 9.70
N GLY A 107 -9.42 34.74 10.28
CA GLY A 107 -8.22 34.32 10.97
C GLY A 107 -7.98 35.08 12.26
N VAL A 108 -7.34 34.44 13.22
CA VAL A 108 -7.21 34.98 14.56
C VAL A 108 -5.74 35.23 14.86
N SER A 109 -5.50 36.24 15.70
CA SER A 109 -4.16 36.53 16.20
C SER A 109 -3.88 35.81 17.51
N GLN A 110 -4.91 35.35 18.21
CA GLN A 110 -4.77 34.62 19.45
C GLN A 110 -5.73 33.44 19.44
N TYR A 111 -5.60 32.58 20.44
CA TYR A 111 -6.47 31.43 20.61
C TYR A 111 -6.90 31.33 22.06
N PRO A 112 -8.03 30.66 22.34
CA PRO A 112 -8.54 30.61 23.71
C PRO A 112 -7.93 29.48 24.54
N THR A 113 -7.51 29.84 25.74
CA THR A 113 -7.03 28.89 26.72
C THR A 113 -8.23 28.28 27.47
N ILE A 114 -7.96 27.21 28.21
CA ILE A 114 -9.01 26.57 28.99
C ILE A 114 -9.58 27.56 29.99
N GLY A 115 -10.86 27.36 30.35
CA GLY A 115 -11.52 28.23 31.30
C GLY A 115 -12.13 29.47 30.69
N ASP A 116 -12.20 29.55 29.37
CA ASP A 116 -12.67 30.75 28.71
C ASP A 116 -14.19 30.87 28.87
N LYS A 117 -14.75 32.01 28.48
CA LYS A 117 -16.18 32.26 28.55
C LYS A 117 -16.74 32.40 27.14
N VAL A 118 -17.96 31.92 26.95
CA VAL A 118 -18.62 31.90 25.64
C VAL A 118 -20.01 32.49 25.79
N HIS A 119 -20.40 33.35 24.85
CA HIS A 119 -21.72 33.96 24.82
C HIS A 119 -22.41 33.64 23.49
N ILE A 120 -23.67 34.03 23.37
CA ILE A 120 -24.45 33.81 22.16
C ILE A 120 -24.38 35.07 21.31
N VAL A 121 -24.75 34.93 20.04
CA VAL A 121 -24.69 36.04 19.09
C VAL A 121 -25.94 36.90 19.22
N THR A 122 -25.76 38.19 19.50
CA THR A 122 -26.85 39.12 19.67
C THR A 122 -27.03 39.96 18.41
N GLU A 123 -28.00 40.88 18.45
CA GLU A 123 -28.31 41.67 17.26
C GLU A 123 -27.14 42.56 16.82
N PRO A 124 -26.54 43.37 17.69
CA PRO A 124 -25.44 44.23 17.23
C PRO A 124 -24.30 43.43 16.62
N ASP A 125 -24.00 42.26 17.19
CA ASP A 125 -22.88 41.47 16.68
C ASP A 125 -23.11 41.08 15.23
N LEU A 126 -24.33 40.65 14.89
CA LEU A 126 -24.65 40.44 13.48
C LEU A 126 -24.53 41.74 12.70
N LYS A 127 -24.71 42.88 13.36
CA LYS A 127 -24.54 44.16 12.67
C LYS A 127 -23.07 44.41 12.31
N LYS A 128 -22.14 43.97 13.16
CA LYS A 128 -20.73 44.21 12.90
C LYS A 128 -20.15 43.21 11.92
N ILE A 129 -20.19 41.92 12.26
CA ILE A 129 -19.50 40.93 11.44
C ILE A 129 -20.00 40.90 10.01
N TYR A 130 -21.20 41.41 9.74
CA TYR A 130 -21.82 41.25 8.43
C TYR A 130 -22.04 42.58 7.73
N GLY A 131 -21.84 43.70 8.42
CA GLY A 131 -21.90 45.02 7.82
C GLY A 131 -20.50 45.55 7.56
N THR A 132 -20.36 46.28 6.45
CA THR A 132 -19.06 46.78 6.01
C THR A 132 -19.15 48.25 5.63
N GLN A 133 -18.02 48.95 5.75
CA GLN A 133 -17.92 50.35 5.39
C GLN A 133 -17.29 50.57 4.01
N ASN A 134 -16.84 49.51 3.35
CA ASN A 134 -16.33 49.68 2.00
C ASN A 134 -17.47 50.07 1.07
N LYS A 135 -17.13 50.89 0.07
CA LYS A 135 -18.14 51.42 -0.84
C LYS A 135 -18.43 50.51 -2.03
N LYS A 136 -17.70 49.41 -2.18
CA LYS A 136 -17.94 48.48 -3.28
C LYS A 136 -18.96 47.42 -2.92
N TYR A 137 -19.52 47.46 -1.71
CA TYR A 137 -20.47 46.47 -1.24
C TYR A 137 -21.89 46.95 -1.47
N ILE A 138 -22.71 46.10 -2.08
CA ILE A 138 -24.10 46.37 -2.38
C ILE A 138 -24.96 45.32 -1.71
N SER A 139 -26.11 45.73 -1.18
CA SER A 139 -27.00 44.83 -0.47
C SER A 139 -27.93 44.14 -1.46
N LEU A 140 -28.02 42.80 -1.35
CA LEU A 140 -28.84 41.99 -2.23
C LEU A 140 -29.93 41.24 -1.47
N GLY A 141 -30.24 41.67 -0.26
CA GLY A 141 -31.26 40.98 0.52
C GLY A 141 -31.05 41.26 2.00
N ASN A 142 -31.60 40.36 2.82
CA ASN A 142 -31.47 40.45 4.27
C ASN A 142 -31.21 39.07 4.83
N ILE A 143 -31.01 39.01 6.14
CA ILE A 143 -30.61 37.78 6.81
C ILE A 143 -31.85 37.05 7.31
N ALA A 144 -31.76 35.71 7.33
CA ALA A 144 -32.91 34.90 7.74
C ALA A 144 -33.30 35.18 9.17
N SER A 145 -32.34 35.09 10.10
CA SER A 145 -32.66 35.31 11.50
C SER A 145 -33.14 36.74 11.74
N VAL A 146 -32.50 37.71 11.09
CA VAL A 146 -32.76 39.13 11.32
C VAL A 146 -32.99 39.79 9.97
N ASP A 147 -34.07 40.56 9.87
CA ASP A 147 -34.40 41.24 8.63
C ASP A 147 -33.86 42.67 8.55
N SER A 148 -33.42 43.22 9.68
CA SER A 148 -32.93 44.60 9.67
C SER A 148 -31.64 44.74 8.89
N ILE A 149 -30.72 43.79 9.04
CA ILE A 149 -29.38 43.90 8.45
C ILE A 149 -29.41 43.38 7.01
N PRO A 150 -28.81 44.09 6.05
CA PRO A 150 -28.80 43.61 4.67
C PRO A 150 -27.76 42.51 4.47
N ALA A 151 -27.64 42.05 3.23
CA ALA A 151 -26.68 41.03 2.83
C ALA A 151 -25.82 41.63 1.72
N LEU A 152 -24.69 42.21 2.10
CA LEU A 152 -23.82 42.89 1.15
C LEU A 152 -23.01 41.90 0.33
N VAL A 153 -22.70 42.30 -0.90
CA VAL A 153 -21.85 41.52 -1.80
C VAL A 153 -20.98 42.48 -2.59
N ASN A 154 -19.70 42.16 -2.70
CA ASN A 154 -18.76 43.01 -3.44
C ASN A 154 -19.04 42.87 -4.93
N ILE A 155 -19.59 43.92 -5.54
CA ILE A 155 -19.97 43.82 -6.94
C ILE A 155 -18.75 43.68 -7.84
N ASP A 156 -17.67 44.41 -7.54
CA ASP A 156 -16.45 44.26 -8.32
C ASP A 156 -16.08 42.80 -8.49
N THR A 157 -15.85 42.11 -7.37
CA THR A 157 -15.49 40.70 -7.44
C THR A 157 -16.61 39.89 -8.08
N LEU A 158 -17.86 40.17 -7.70
CA LEU A 158 -18.98 39.39 -8.22
C LEU A 158 -18.99 39.40 -9.75
N VAL A 159 -18.66 40.53 -10.35
CA VAL A 159 -18.66 40.64 -11.81
C VAL A 159 -17.33 40.20 -12.39
N THR A 160 -16.22 40.73 -11.86
CA THR A 160 -14.91 40.41 -12.44
C THR A 160 -14.49 38.98 -12.12
N ARG A 161 -14.61 38.56 -10.86
CA ARG A 161 -14.10 37.23 -10.53
C ARG A 161 -14.86 36.18 -11.32
N HIS A 162 -16.11 35.90 -10.92
CA HIS A 162 -17.16 35.29 -11.74
C HIS A 162 -18.34 34.97 -10.83
N SER A 163 -19.46 34.49 -11.38
CA SER A 163 -20.63 34.19 -10.56
C SER A 163 -21.38 32.99 -11.15
N ALA A 164 -22.25 32.41 -10.32
CA ALA A 164 -23.09 31.30 -10.75
C ALA A 164 -24.12 30.98 -9.67
N VAL A 165 -25.28 30.49 -10.09
CA VAL A 165 -26.41 30.20 -9.20
C VAL A 165 -26.83 28.76 -9.42
N LEU A 166 -27.00 28.01 -8.34
CA LEU A 166 -27.44 26.62 -8.42
C LEU A 166 -28.58 26.38 -7.44
N GLY A 167 -29.60 25.66 -7.90
CA GLY A 167 -30.74 25.36 -7.06
C GLY A 167 -31.53 24.18 -7.59
N SER A 168 -32.74 24.03 -7.08
CA SER A 168 -33.63 22.92 -7.43
C SER A 168 -34.94 23.46 -8.00
N THR A 169 -35.72 22.54 -8.58
CA THR A 169 -36.87 22.93 -9.38
C THR A 169 -37.85 23.77 -8.55
N GLY A 170 -38.10 23.37 -7.31
CA GLY A 170 -38.96 24.13 -6.44
C GLY A 170 -38.30 25.28 -5.72
N SER A 171 -37.03 25.55 -6.01
CA SER A 171 -36.30 26.58 -5.30
C SER A 171 -36.75 27.98 -5.66
N GLY A 172 -37.49 28.15 -6.75
CA GLY A 172 -37.87 29.48 -7.20
C GLY A 172 -36.69 30.31 -7.64
N LYS A 173 -35.74 29.71 -8.36
CA LYS A 173 -34.54 30.43 -8.77
C LYS A 173 -34.90 31.61 -9.66
N SER A 174 -35.85 31.42 -10.58
CA SER A 174 -36.22 32.48 -11.51
C SER A 174 -36.66 33.73 -10.75
N THR A 175 -37.47 33.56 -9.72
CA THR A 175 -37.85 34.70 -8.90
C THR A 175 -36.66 35.27 -8.15
N THR A 176 -35.66 34.45 -7.85
CA THR A 176 -34.48 34.93 -7.16
C THR A 176 -33.53 35.64 -8.11
N VAL A 177 -33.08 34.94 -9.16
CA VAL A 177 -32.14 35.53 -10.10
C VAL A 177 -32.70 36.82 -10.67
N THR A 178 -34.02 36.88 -10.88
CA THR A 178 -34.65 38.13 -11.29
C THR A 178 -34.46 39.21 -10.24
N SER A 179 -34.52 38.83 -8.97
CA SER A 179 -34.38 39.80 -7.89
C SER A 179 -32.99 40.44 -7.88
N ILE A 180 -32.01 39.82 -8.52
CA ILE A 180 -30.64 40.33 -8.50
C ILE A 180 -30.38 41.27 -9.67
N LEU A 181 -30.74 40.86 -10.89
CA LEU A 181 -30.43 41.66 -12.07
C LEU A 181 -31.04 43.06 -11.97
N GLN A 182 -32.11 43.22 -11.21
CA GLN A 182 -32.72 44.53 -10.99
C GLN A 182 -32.36 45.12 -9.64
N ARG A 183 -31.85 44.32 -8.70
CA ARG A 183 -31.30 44.87 -7.47
C ARG A 183 -29.91 45.47 -7.68
N ILE A 184 -29.27 45.14 -8.80
CA ILE A 184 -27.88 45.52 -9.04
C ILE A 184 -27.75 46.64 -10.05
N SER A 185 -28.77 46.90 -10.87
CA SER A 185 -28.65 47.85 -11.98
C SER A 185 -29.69 48.96 -11.91
N ASP A 186 -30.17 49.29 -10.72
CA ASP A 186 -31.09 50.41 -10.59
C ASP A 186 -30.34 51.73 -10.81
N MET A 187 -31.03 52.68 -11.44
CA MET A 187 -30.38 53.91 -11.88
C MET A 187 -30.16 54.90 -10.74
N SER A 188 -30.59 54.58 -9.53
CA SER A 188 -30.31 55.47 -8.41
C SER A 188 -28.81 55.59 -8.16
N GLN A 189 -28.09 54.47 -8.23
CA GLN A 189 -26.67 54.43 -7.93
C GLN A 189 -25.81 53.89 -9.06
N PHE A 190 -26.38 53.20 -10.04
CA PHE A 190 -25.65 52.66 -11.19
C PHE A 190 -26.36 53.04 -12.47
N PRO A 191 -26.43 54.33 -12.78
CA PRO A 191 -27.22 54.76 -13.95
C PRO A 191 -26.74 54.18 -15.26
N SER A 192 -25.42 53.99 -15.41
CA SER A 192 -24.82 53.58 -16.68
C SER A 192 -24.51 52.09 -16.71
N ALA A 193 -25.36 51.27 -16.08
CA ALA A 193 -25.09 49.85 -15.98
C ALA A 193 -25.13 49.21 -17.37
N ARG A 194 -24.89 47.91 -17.40
CA ARG A 194 -24.90 47.15 -18.65
C ARG A 194 -24.95 45.68 -18.29
N ILE A 195 -25.93 44.95 -18.84
CA ILE A 195 -26.07 43.52 -18.59
C ILE A 195 -26.68 42.88 -19.83
N ILE A 196 -26.62 41.54 -19.87
CA ILE A 196 -27.30 40.75 -20.90
C ILE A 196 -27.80 39.47 -20.25
N VAL A 197 -28.87 38.91 -20.81
CA VAL A 197 -29.48 37.68 -20.30
C VAL A 197 -29.76 36.74 -21.46
N PHE A 198 -29.25 35.52 -21.37
CA PHE A 198 -29.46 34.49 -22.38
C PHE A 198 -30.53 33.50 -21.93
N ASP A 199 -31.76 33.99 -21.85
CA ASP A 199 -32.86 33.12 -21.42
C ASP A 199 -33.41 32.33 -22.60
N ILE A 200 -33.98 31.16 -22.28
CA ILE A 200 -34.50 30.25 -23.29
C ILE A 200 -36.01 30.13 -23.13
N HIS A 201 -36.46 29.71 -21.94
CA HIS A 201 -37.88 29.54 -21.70
C HIS A 201 -38.64 30.85 -21.75
N GLY A 202 -37.95 31.98 -21.70
CA GLY A 202 -38.63 33.27 -21.73
C GLY A 202 -39.30 33.67 -20.45
N GLU A 203 -39.09 32.91 -19.36
CA GLU A 203 -39.80 33.18 -18.13
C GLU A 203 -39.58 34.59 -17.61
N TYR A 204 -38.46 35.20 -17.93
CA TYR A 204 -38.15 36.54 -17.43
C TYR A 204 -38.81 37.64 -18.26
N ALA A 205 -39.41 37.31 -19.40
CA ALA A 205 -40.12 38.33 -20.18
C ALA A 205 -41.22 38.97 -19.36
N ALA A 206 -41.97 38.17 -18.59
CA ALA A 206 -42.97 38.71 -17.70
C ALA A 206 -42.34 39.37 -16.48
N ALA A 207 -41.16 38.88 -16.05
CA ALA A 207 -40.50 39.47 -14.90
C ALA A 207 -40.17 40.93 -15.16
N PHE A 208 -39.65 41.24 -16.34
CA PHE A 208 -39.37 42.60 -16.77
C PHE A 208 -40.27 42.90 -17.95
N LYS A 209 -41.45 43.45 -17.68
CA LYS A 209 -42.41 43.73 -18.74
C LYS A 209 -41.93 44.89 -19.61
N GLY A 210 -41.80 46.07 -19.02
CA GLY A 210 -41.37 47.25 -19.76
C GLY A 210 -40.18 47.93 -19.11
N LYS A 211 -39.92 47.61 -17.84
CA LYS A 211 -38.78 48.19 -17.13
C LYS A 211 -37.44 47.68 -17.66
N ALA A 212 -37.44 46.78 -18.64
CA ALA A 212 -36.21 46.34 -19.29
C ALA A 212 -36.54 45.88 -20.70
N LYS A 213 -35.52 45.85 -21.54
CA LYS A 213 -35.72 45.46 -22.92
C LYS A 213 -36.06 43.97 -23.00
N VAL A 214 -36.57 43.58 -24.17
CA VAL A 214 -36.90 42.18 -24.45
C VAL A 214 -36.77 41.96 -25.95
N TYR A 215 -36.33 40.76 -26.32
CA TYR A 215 -36.14 40.42 -27.72
C TYR A 215 -36.66 39.02 -28.02
N SER A 227 -33.11 37.86 -34.99
CA SER A 227 -32.68 38.90 -35.90
C SER A 227 -31.17 39.04 -35.90
N ILE A 228 -30.48 37.92 -36.06
CA ILE A 228 -29.02 37.87 -36.03
C ILE A 228 -28.53 37.90 -37.47
N PRO A 229 -27.69 38.87 -37.84
CA PRO A 229 -27.19 38.89 -39.23
C PRO A 229 -26.41 37.62 -39.55
N TYR A 230 -26.49 37.23 -40.82
CA TYR A 230 -25.94 35.96 -41.26
C TYR A 230 -24.54 36.08 -41.85
N TRP A 231 -23.88 37.22 -41.66
CA TRP A 231 -22.50 37.39 -42.09
C TRP A 231 -21.55 37.73 -40.96
N ALA A 232 -22.05 38.07 -39.77
CA ALA A 232 -21.16 38.39 -38.67
C ALA A 232 -20.36 37.18 -38.21
N LEU A 233 -20.85 35.98 -38.49
CA LEU A 233 -20.18 34.77 -38.01
C LEU A 233 -19.01 34.39 -38.92
N THR A 234 -18.14 33.54 -38.38
CA THR A 234 -16.95 33.12 -39.10
C THR A 234 -17.31 32.15 -40.21
N CYS A 235 -16.32 31.86 -41.06
CA CYS A 235 -16.54 30.89 -42.13
C CYS A 235 -16.84 29.51 -41.57
N ASP A 236 -16.11 29.10 -40.52
CA ASP A 236 -16.35 27.80 -39.92
C ASP A 236 -17.75 27.71 -39.33
N GLU A 237 -18.18 28.76 -38.63
CA GLU A 237 -19.53 28.77 -38.06
C GLU A 237 -20.59 28.67 -39.15
N PHE A 238 -20.41 29.42 -40.24
CA PHE A 238 -21.44 29.51 -41.27
C PHE A 238 -21.73 28.14 -41.87
N LEU A 239 -20.68 27.39 -42.23
CA LEU A 239 -20.88 26.09 -42.84
C LEU A 239 -21.58 25.14 -41.88
N SER A 240 -21.16 25.14 -40.61
CA SER A 240 -21.69 24.16 -39.66
C SER A 240 -23.19 24.34 -39.47
N VAL A 241 -23.63 25.57 -39.19
CA VAL A 241 -25.04 25.79 -38.88
C VAL A 241 -25.90 25.57 -40.10
N ALA A 242 -25.44 26.02 -41.28
CA ALA A 242 -26.28 26.05 -42.46
C ALA A 242 -26.13 24.81 -43.32
N PHE A 243 -24.93 24.55 -43.82
CA PHE A 243 -24.70 23.56 -44.86
C PHE A 243 -24.53 22.14 -44.32
N GLY A 244 -24.59 21.95 -43.01
CA GLY A 244 -24.41 20.63 -42.45
C GLY A 244 -22.99 20.17 -42.33
N GLY A 245 -22.01 21.05 -42.57
CA GLY A 245 -20.62 20.70 -42.41
C GLY A 245 -20.04 19.95 -43.60
N LEU A 246 -20.01 20.59 -44.76
CA LEU A 246 -19.35 20.00 -45.92
C LEU A 246 -17.84 19.95 -45.70
N GLU A 247 -17.20 18.97 -46.33
CA GLU A 247 -15.76 18.75 -46.19
C GLU A 247 -15.03 18.73 -47.52
N GLY A 248 -15.61 18.13 -48.55
CA GLY A 248 -14.90 17.91 -49.79
C GLY A 248 -14.46 19.18 -50.48
N SER A 249 -13.94 19.03 -51.70
CA SER A 249 -13.50 20.19 -52.48
C SER A 249 -14.62 21.20 -52.68
N GLY A 250 -15.88 20.75 -52.63
CA GLY A 250 -16.98 21.70 -52.69
C GLY A 250 -16.88 22.73 -51.59
N ARG A 251 -16.48 22.30 -50.39
CA ARG A 251 -16.19 23.26 -49.33
C ARG A 251 -15.11 24.23 -49.78
N ASN A 252 -14.06 23.71 -50.42
CA ASN A 252 -13.03 24.58 -50.98
C ASN A 252 -13.64 25.55 -51.99
N ALA A 253 -14.59 25.08 -52.79
CA ALA A 253 -15.31 25.98 -53.69
C ALA A 253 -16.13 26.99 -52.89
N LEU A 254 -16.73 26.56 -51.78
CA LEU A 254 -17.54 27.47 -50.98
C LEU A 254 -16.69 28.54 -50.32
N ILE A 255 -15.61 28.14 -49.65
CA ILE A 255 -14.72 29.13 -49.06
C ILE A 255 -14.12 30.01 -50.15
N ASP A 256 -14.03 29.50 -51.37
CA ASP A 256 -13.61 30.33 -52.49
C ASP A 256 -14.78 31.16 -53.02
N LYS A 257 -15.94 30.53 -53.22
CA LYS A 257 -17.09 31.26 -53.76
C LYS A 257 -17.48 32.41 -52.84
N ILE A 258 -17.44 32.18 -51.53
CA ILE A 258 -17.73 33.27 -50.59
C ILE A 258 -16.74 34.40 -50.77
N TYR A 259 -15.47 34.07 -51.07
CA TYR A 259 -14.44 35.10 -51.13
C TYR A 259 -14.72 36.10 -52.24
N GLU A 260 -15.00 35.64 -53.45
CA GLU A 260 -15.31 36.56 -54.53
C GLU A 260 -16.54 37.39 -54.19
N LEU A 261 -17.57 36.75 -53.63
CA LEU A 261 -18.73 37.50 -53.17
C LEU A 261 -18.33 38.50 -52.10
N LYS A 262 -17.52 38.07 -51.13
CA LYS A 262 -17.00 38.97 -50.12
C LYS A 262 -16.07 40.01 -50.74
N LEU A 263 -15.21 39.58 -51.66
CA LEU A 263 -14.23 40.48 -52.27
C LEU A 263 -14.92 41.56 -53.09
N GLN A 264 -15.87 41.16 -53.95
CA GLN A 264 -16.52 42.12 -54.83
C GLN A 264 -17.37 43.12 -54.06
N THR A 265 -17.61 42.88 -52.77
CA THR A 265 -18.48 43.75 -52.00
C THR A 265 -17.82 45.08 -51.67
N LEU A 266 -16.53 45.08 -51.33
CA LEU A 266 -15.91 46.28 -50.79
C LEU A 266 -15.99 47.44 -51.77
N LYS A 267 -15.89 47.16 -53.07
CA LYS A 267 -16.04 48.23 -54.06
C LYS A 267 -17.44 48.82 -54.03
N ARG A 268 -18.45 48.03 -53.65
CA ARG A 268 -19.81 48.56 -53.57
C ARG A 268 -20.22 48.72 -52.11
N LEU A 279 -6.77 43.64 -45.66
CA LEU A 279 -7.79 42.90 -46.39
C LEU A 279 -7.73 41.42 -46.00
N THR A 280 -8.88 40.84 -45.67
CA THR A 280 -8.94 39.46 -45.19
C THR A 280 -10.21 38.79 -45.70
N VAL A 281 -10.46 37.59 -45.18
CA VAL A 281 -11.63 36.81 -45.58
C VAL A 281 -12.70 36.75 -44.50
N ASP A 282 -12.36 37.04 -43.24
CA ASP A 282 -13.32 37.03 -42.15
C ASP A 282 -13.77 38.42 -41.76
N THR A 283 -13.44 39.43 -42.56
CA THR A 283 -13.81 40.80 -42.23
C THR A 283 -15.33 40.92 -42.11
N PRO A 284 -15.84 41.44 -40.99
CA PRO A 284 -17.30 41.59 -40.86
C PRO A 284 -17.90 42.70 -41.71
N ILE A 285 -17.98 42.49 -43.01
CA ILE A 285 -18.66 43.39 -43.93
C ILE A 285 -19.85 42.65 -44.52
N PRO A 286 -21.00 43.29 -44.68
CA PRO A 286 -22.15 42.58 -45.25
C PRO A 286 -21.84 42.10 -46.66
N PHE A 287 -22.38 40.92 -46.99
CA PHE A 287 -22.29 40.39 -48.35
C PHE A 287 -23.63 39.76 -48.70
N SER A 288 -23.94 39.78 -49.99
CA SER A 288 -25.21 39.23 -50.48
C SER A 288 -25.27 37.72 -50.24
N ALA A 382 -32.64 36.09 -46.08
CA ALA A 382 -33.34 35.91 -44.81
C ALA A 382 -32.57 36.59 -43.69
N ASP A 383 -33.30 37.01 -42.66
CA ASP A 383 -32.67 37.69 -41.53
C ASP A 383 -31.72 36.77 -40.77
N ASP A 384 -31.95 35.47 -40.81
CA ASP A 384 -31.04 34.52 -40.17
C ASP A 384 -30.64 33.39 -41.10
N TRP A 385 -31.54 32.92 -41.95
CA TRP A 385 -31.25 31.82 -42.87
C TRP A 385 -30.49 32.32 -44.09
N LEU A 397 -22.90 47.38 -39.23
CA LEU A 397 -23.57 46.86 -38.05
C LEU A 397 -23.53 47.87 -36.92
N ASP A 398 -23.24 49.13 -37.24
CA ASP A 398 -23.05 50.13 -36.21
C ASP A 398 -24.26 50.21 -35.28
N ALA A 399 -25.46 50.36 -35.85
CA ALA A 399 -26.65 50.50 -35.04
C ALA A 399 -26.92 49.25 -34.21
N LEU A 400 -26.76 48.08 -34.82
CA LEU A 400 -27.09 46.83 -34.14
C LEU A 400 -26.41 46.74 -32.78
N LEU A 401 -25.12 47.12 -32.72
CA LEU A 401 -24.43 47.08 -31.44
C LEU A 401 -25.09 48.00 -30.42
N GLU A 402 -25.48 49.20 -30.85
CA GLU A 402 -26.08 50.14 -29.91
C GLU A 402 -27.32 49.53 -29.25
N THR A 403 -28.17 48.87 -30.03
CA THR A 403 -29.37 48.28 -29.46
C THR A 403 -29.03 47.26 -28.39
N TRP A 404 -28.07 46.37 -28.68
CA TRP A 404 -27.75 45.31 -27.73
C TRP A 404 -27.02 45.84 -26.50
N VAL A 405 -26.02 46.67 -26.70
CA VAL A 405 -25.12 47.04 -25.60
C VAL A 405 -25.15 48.54 -25.35
N GLY A 406 -25.48 49.32 -26.38
CA GLY A 406 -25.52 50.76 -26.24
C GLY A 406 -26.88 51.33 -25.94
N SER A 407 -27.94 50.52 -25.97
CA SER A 407 -29.29 51.02 -25.78
C SER A 407 -29.41 51.72 -24.44
N GLU A 408 -30.37 52.65 -24.35
CA GLU A 408 -30.51 53.46 -23.15
C GLU A 408 -30.83 52.60 -21.93
N GLU A 409 -31.70 51.61 -22.09
CA GLU A 409 -32.08 50.78 -20.96
C GLU A 409 -30.91 49.90 -20.53
N SER A 410 -30.76 49.74 -19.21
CA SER A 410 -29.60 49.03 -18.68
C SER A 410 -29.59 47.57 -19.10
N ILE A 411 -30.68 46.86 -18.84
CA ILE A 411 -30.71 45.41 -18.98
C ILE A 411 -31.24 45.05 -20.36
N SER A 412 -30.89 43.85 -20.81
CA SER A 412 -31.43 43.30 -22.03
C SER A 412 -31.77 41.83 -21.81
N ILE A 413 -32.68 41.32 -22.63
CA ILE A 413 -33.09 39.92 -22.59
C ILE A 413 -33.03 39.39 -24.01
N PHE A 414 -32.86 38.06 -24.12
CA PHE A 414 -32.76 37.42 -25.42
C PHE A 414 -33.41 36.04 -25.33
N ASP A 415 -34.67 35.96 -25.73
CA ASP A 415 -35.43 34.72 -25.68
C ASP A 415 -35.21 33.89 -26.95
N LEU A 416 -34.68 32.69 -26.77
CA LEU A 416 -34.43 31.76 -27.87
C LEU A 416 -35.40 30.60 -27.86
N SER A 417 -36.59 30.80 -27.29
CA SER A 417 -37.54 29.72 -27.14
C SER A 417 -37.91 29.12 -28.49
N GLY A 418 -38.32 29.95 -29.43
CA GLY A 418 -38.86 29.45 -30.69
C GLY A 418 -37.84 28.88 -31.64
N MET A 419 -36.55 29.14 -31.41
CA MET A 419 -35.54 28.67 -32.33
C MET A 419 -35.39 27.16 -32.24
N PRO A 420 -34.84 26.52 -33.27
CA PRO A 420 -34.65 25.07 -33.22
C PRO A 420 -33.74 24.68 -32.07
N SER A 421 -33.99 23.49 -31.53
CA SER A 421 -33.12 22.98 -30.46
C SER A 421 -31.72 22.66 -31.00
N SER A 422 -31.62 22.31 -32.28
CA SER A 422 -30.33 21.87 -32.82
C SER A 422 -29.31 23.02 -32.82
N ILE A 423 -29.71 24.18 -33.32
CA ILE A 423 -28.76 25.27 -33.54
C ILE A 423 -28.71 26.19 -32.32
N LEU A 424 -29.24 25.74 -31.19
CA LEU A 424 -29.21 26.58 -30.01
C LEU A 424 -27.81 26.65 -29.41
N ASP A 425 -27.07 25.54 -29.41
CA ASP A 425 -25.72 25.56 -28.86
C ASP A 425 -24.80 26.45 -29.69
N THR A 426 -24.89 26.36 -31.02
CA THR A 426 -24.02 27.15 -31.87
C THR A 426 -24.47 28.61 -31.94
N LEU A 427 -25.76 28.87 -31.83
CA LEU A 427 -26.24 30.25 -31.89
C LEU A 427 -25.79 31.03 -30.65
N ILE A 428 -25.96 30.45 -29.46
CA ILE A 428 -25.45 31.11 -28.27
C ILE A 428 -23.95 31.30 -28.38
N GLY A 429 -23.26 30.39 -29.08
CA GLY A 429 -21.84 30.56 -29.29
C GLY A 429 -21.52 31.79 -30.11
N ILE A 430 -22.30 32.03 -31.18
CA ILE A 430 -22.06 33.19 -32.01
C ILE A 430 -22.26 34.47 -31.21
N LEU A 431 -23.36 34.54 -30.45
CA LEU A 431 -23.72 35.79 -29.79
C LEU A 431 -22.67 36.17 -28.75
N ILE A 432 -22.23 35.20 -27.94
CA ILE A 432 -21.25 35.51 -26.91
C ILE A 432 -19.93 35.94 -27.53
N ARG A 433 -19.55 35.33 -28.65
CA ARG A 433 -18.30 35.70 -29.30
C ARG A 433 -18.33 37.15 -29.76
N ILE A 434 -19.45 37.58 -30.34
CA ILE A 434 -19.53 38.94 -30.87
C ILE A 434 -19.44 39.96 -29.74
N LEU A 435 -20.01 39.65 -28.58
CA LEU A 435 -19.93 40.58 -27.47
C LEU A 435 -18.50 40.72 -26.96
N TYR A 436 -17.85 39.59 -26.69
CA TYR A 436 -16.48 39.63 -26.17
C TYR A 436 -15.52 40.26 -27.18
N ASP A 437 -15.59 39.79 -28.43
CA ASP A 437 -14.64 40.25 -29.44
C ASP A 437 -14.82 41.75 -29.70
N SER A 438 -16.06 42.23 -29.67
CA SER A 438 -16.30 43.65 -29.87
C SER A 438 -15.73 44.48 -28.73
N LEU A 439 -15.85 44.01 -27.50
CA LEU A 439 -15.35 44.74 -26.34
C LEU A 439 -13.89 44.42 -26.02
N PHE A 440 -13.21 43.69 -26.90
CA PHE A 440 -11.79 43.42 -26.73
C PHE A 440 -10.93 44.49 -27.42
N TRP A 441 -11.23 44.78 -28.69
CA TRP A 441 -10.45 45.76 -29.41
C TRP A 441 -10.74 47.19 -28.94
N SER A 442 -11.86 47.41 -28.27
CA SER A 442 -12.25 48.73 -27.80
C SER A 442 -11.72 49.04 -26.40
N ARG A 443 -10.63 48.41 -25.97
CA ARG A 443 -10.12 48.65 -24.62
C ARG A 443 -9.84 50.11 -24.35
N ASN A 444 -9.46 50.89 -25.37
CA ASN A 444 -9.05 52.27 -25.20
C ASN A 444 -10.12 53.26 -25.67
N GLN A 445 -11.38 52.96 -25.43
CA GLN A 445 -12.50 53.81 -25.81
C GLN A 445 -13.44 54.00 -24.63
N PRO A 446 -14.22 55.09 -24.63
CA PRO A 446 -15.21 55.27 -23.54
C PRO A 446 -16.24 54.16 -23.47
N GLU A 447 -16.58 53.54 -24.61
CA GLU A 447 -17.62 52.52 -24.65
C GLU A 447 -17.10 51.12 -24.39
N GLY A 448 -15.78 50.93 -24.34
CA GLY A 448 -15.22 49.60 -24.22
C GLY A 448 -15.44 49.00 -22.85
N GLY A 449 -15.18 47.70 -22.78
CA GLY A 449 -15.37 46.98 -21.53
C GLY A 449 -14.59 47.56 -20.38
N ARG A 450 -13.47 48.21 -20.66
CA ARG A 450 -12.66 48.80 -19.60
C ARG A 450 -13.38 49.96 -18.91
N GLU A 451 -14.37 50.56 -19.55
CA GLU A 451 -15.04 51.75 -19.02
C GLU A 451 -16.47 51.49 -18.55
N ARG A 452 -17.20 50.58 -19.19
CA ARG A 452 -18.54 50.19 -18.74
C ARG A 452 -18.60 48.67 -18.76
N PRO A 453 -18.10 48.02 -17.71
CA PRO A 453 -18.00 46.56 -17.74
C PRO A 453 -19.35 45.89 -17.93
N LEU A 454 -19.32 44.77 -18.63
CA LEU A 454 -20.48 44.00 -19.04
C LEU A 454 -20.68 42.80 -18.12
N LEU A 455 -21.87 42.20 -18.18
CA LEU A 455 -22.16 40.98 -17.45
C LEU A 455 -23.08 40.10 -18.28
N VAL A 456 -22.67 38.86 -18.52
CA VAL A 456 -23.45 37.88 -19.27
C VAL A 456 -23.97 36.85 -18.28
N VAL A 457 -25.27 36.54 -18.36
CA VAL A 457 -25.90 35.54 -17.52
C VAL A 457 -26.76 34.64 -18.38
N LEU A 458 -26.67 33.34 -18.15
CA LEU A 458 -27.55 32.38 -18.82
C LEU A 458 -28.03 31.37 -17.80
N GLU A 459 -29.24 30.86 -18.03
CA GLU A 459 -29.87 29.89 -17.16
C GLU A 459 -29.98 28.54 -17.86
N GLU A 460 -30.22 27.50 -17.05
CA GLU A 460 -30.23 26.13 -17.55
C GLU A 460 -28.89 25.79 -18.19
N ALA A 461 -27.81 26.06 -17.45
CA ALA A 461 -26.47 25.90 -17.99
C ALA A 461 -26.04 24.45 -18.09
N HIS A 462 -26.59 23.57 -17.26
CA HIS A 462 -26.08 22.20 -17.20
C HIS A 462 -26.25 21.47 -18.53
N THR A 463 -27.10 21.97 -19.43
CA THR A 463 -27.21 21.39 -20.76
C THR A 463 -26.18 21.93 -21.74
N TYR A 464 -25.42 22.96 -21.35
CA TYR A 464 -24.43 23.58 -22.22
C TYR A 464 -23.00 23.34 -21.77
N LEU A 465 -22.76 23.25 -20.47
CA LEU A 465 -21.43 23.07 -19.91
C LEU A 465 -21.17 21.61 -19.54
N GLY A 466 -21.66 20.69 -20.37
CA GLY A 466 -21.48 19.27 -20.12
C GLY A 466 -20.05 18.90 -19.84
N LYS A 467 -19.83 17.70 -19.27
CA LYS A 467 -18.48 17.32 -18.87
C LYS A 467 -17.52 17.35 -20.05
N ASP A 468 -17.96 16.84 -21.20
CA ASP A 468 -17.15 16.82 -22.40
C ASP A 468 -17.97 17.27 -23.60
N SER A 469 -18.77 18.32 -23.42
CA SER A 469 -19.58 18.84 -24.50
C SER A 469 -18.68 19.28 -25.66
N ARG A 470 -19.12 18.97 -26.88
CA ARG A 470 -18.35 19.25 -28.08
C ARG A 470 -18.83 20.52 -28.79
N GLY A 471 -19.83 21.21 -28.23
CA GLY A 471 -20.34 22.39 -28.86
C GLY A 471 -19.42 23.59 -28.70
N ILE A 472 -19.73 24.65 -29.45
CA ILE A 472 -18.93 25.87 -29.38
C ILE A 472 -19.27 26.70 -28.16
N ALA A 473 -20.41 26.44 -27.51
CA ALA A 473 -20.79 27.22 -26.34
C ALA A 473 -19.79 27.04 -25.21
N ILE A 474 -19.28 25.83 -25.03
CA ILE A 474 -18.35 25.58 -23.93
C ILE A 474 -17.12 26.45 -24.06
N ASP A 475 -16.55 26.53 -25.27
CA ASP A 475 -15.30 27.25 -25.45
C ASP A 475 -15.46 28.73 -25.11
N GLY A 476 -16.54 29.35 -25.59
CA GLY A 476 -16.75 30.75 -25.29
C GLY A 476 -16.81 31.01 -23.80
N VAL A 477 -17.57 30.18 -23.07
CA VAL A 477 -17.64 30.33 -21.63
C VAL A 477 -16.30 30.04 -20.99
N ARG A 478 -15.49 29.17 -21.60
CA ARG A 478 -14.17 28.91 -21.06
C ARG A 478 -13.29 30.15 -21.16
N LYS A 479 -13.35 30.85 -22.30
CA LYS A 479 -12.53 32.05 -22.46
C LYS A 479 -12.91 33.12 -21.47
N ILE A 480 -14.21 33.45 -21.38
CA ILE A 480 -14.67 34.45 -20.42
C ILE A 480 -14.38 33.99 -19.00
N VAL A 481 -14.31 32.68 -18.78
CA VAL A 481 -13.89 32.19 -17.48
C VAL A 481 -12.40 32.43 -17.27
N LYS A 482 -11.60 32.30 -18.34
CA LYS A 482 -10.14 32.42 -18.22
C LYS A 482 -9.67 33.84 -18.49
N GLU A 483 -9.90 34.33 -19.70
CA GLU A 483 -9.32 35.58 -20.16
C GLU A 483 -10.26 36.76 -20.00
N GLY A 484 -11.52 36.54 -19.60
CA GLY A 484 -12.46 37.64 -19.50
C GLY A 484 -12.14 38.61 -18.39
N ARG A 485 -11.34 38.21 -17.41
CA ARG A 485 -11.08 39.07 -16.27
C ARG A 485 -10.34 40.34 -16.67
N LYS A 486 -9.41 40.23 -17.62
CA LYS A 486 -8.62 41.39 -17.99
C LYS A 486 -9.48 42.48 -18.61
N TYR A 487 -10.44 42.10 -19.45
CA TYR A 487 -11.20 43.06 -20.25
C TYR A 487 -12.56 43.36 -19.66
N GLY A 488 -12.73 43.19 -18.35
CA GLY A 488 -13.94 43.60 -17.69
C GLY A 488 -15.20 42.97 -18.23
N ILE A 489 -15.19 41.66 -18.44
CA ILE A 489 -16.37 40.91 -18.84
C ILE A 489 -16.60 39.81 -17.81
N GLY A 490 -17.77 39.82 -17.19
CA GLY A 490 -18.13 38.87 -16.16
C GLY A 490 -18.84 37.66 -16.73
N MET A 491 -19.48 36.90 -15.83
CA MET A 491 -20.28 35.77 -16.22
C MET A 491 -21.16 35.38 -15.05
N MET A 492 -22.30 34.75 -15.35
CA MET A 492 -23.20 34.23 -14.33
C MET A 492 -23.87 32.98 -14.88
N LEU A 493 -23.59 31.84 -14.26
CA LEU A 493 -24.17 30.57 -14.66
C LEU A 493 -25.31 30.23 -13.72
N VAL A 494 -26.53 30.18 -14.25
CA VAL A 494 -27.70 29.72 -13.52
C VAL A 494 -28.05 28.34 -14.04
N SER A 495 -28.22 27.41 -13.12
CA SER A 495 -28.52 26.03 -13.47
C SER A 495 -29.19 25.39 -12.28
N GLN A 496 -30.14 24.51 -12.55
CA GLN A 496 -30.94 23.90 -11.50
C GLN A 496 -30.52 22.47 -11.24
N ARG A 497 -29.40 22.04 -11.81
CA ARG A 497 -28.95 20.65 -11.75
C ARG A 497 -27.44 20.64 -11.99
N PRO A 498 -26.64 20.79 -10.94
CA PRO A 498 -25.20 21.01 -11.12
C PRO A 498 -24.41 19.77 -11.49
N SER A 499 -25.02 18.58 -11.54
CA SER A 499 -24.23 17.38 -11.75
C SER A 499 -23.54 17.34 -13.10
N GLU A 500 -24.01 18.11 -14.08
CA GLU A 500 -23.53 17.99 -15.45
C GLU A 500 -22.54 19.08 -15.83
N ILE A 501 -22.28 20.05 -14.95
CA ILE A 501 -21.29 21.08 -15.23
C ILE A 501 -19.91 20.52 -14.89
N ASP A 502 -19.00 20.54 -15.85
CA ASP A 502 -17.66 20.01 -15.60
C ASP A 502 -17.03 20.73 -14.42
N SER A 503 -16.48 19.94 -13.49
CA SER A 503 -15.98 20.52 -12.26
C SER A 503 -14.88 21.53 -12.51
N THR A 504 -14.18 21.43 -13.64
CA THR A 504 -13.13 22.39 -13.93
C THR A 504 -13.68 23.79 -14.02
N ILE A 505 -14.77 23.98 -14.77
CA ILE A 505 -15.34 25.31 -14.93
C ILE A 505 -16.07 25.74 -13.67
N LEU A 506 -16.88 24.85 -13.10
CA LEU A 506 -17.61 25.20 -11.88
C LEU A 506 -16.67 25.48 -10.73
N SER A 507 -15.47 24.90 -10.74
CA SER A 507 -14.52 25.15 -9.66
C SER A 507 -13.87 26.51 -9.77
N GLN A 508 -13.96 27.16 -10.93
CA GLN A 508 -13.35 28.46 -11.14
C GLN A 508 -14.31 29.63 -10.88
N CYS A 509 -15.60 29.36 -10.78
CA CYS A 509 -16.55 30.43 -10.48
C CYS A 509 -16.33 30.93 -9.06
N GLY A 510 -16.05 32.22 -8.94
CA GLY A 510 -15.70 32.77 -7.63
C GLY A 510 -16.84 32.68 -6.63
N THR A 511 -18.03 33.06 -7.05
CA THR A 511 -19.19 33.12 -6.17
C THR A 511 -20.22 32.09 -6.59
N LEU A 512 -20.76 31.35 -5.62
CA LEU A 512 -21.75 30.32 -5.87
C LEU A 512 -22.97 30.60 -5.01
N PHE A 513 -24.13 30.76 -5.65
CA PHE A 513 -25.39 30.91 -4.95
C PHE A 513 -26.04 29.53 -4.83
N ALA A 514 -26.28 29.09 -3.60
CA ALA A 514 -26.85 27.78 -3.33
C ALA A 514 -28.30 27.93 -2.89
N LEU A 515 -29.15 27.03 -3.36
CA LEU A 515 -30.56 27.04 -2.99
C LEU A 515 -30.97 25.67 -2.48
N ARG A 516 -32.26 25.45 -2.29
CA ARG A 516 -32.73 24.14 -1.83
C ARG A 516 -32.27 23.06 -2.79
N MET A 517 -31.72 21.97 -2.25
CA MET A 517 -31.22 20.87 -3.05
C MET A 517 -31.50 19.56 -2.33
N ASN A 518 -32.20 18.65 -3.00
CA ASN A 518 -32.68 17.42 -2.38
C ASN A 518 -31.72 16.25 -2.58
N ASN A 519 -31.47 15.86 -3.82
CA ASN A 519 -30.73 14.65 -4.10
C ASN A 519 -29.25 14.80 -3.74
N SER A 520 -28.68 13.71 -3.23
CA SER A 520 -27.30 13.71 -2.76
C SER A 520 -26.29 13.66 -3.89
N SER A 521 -26.71 13.30 -5.11
CA SER A 521 -25.78 13.29 -6.24
C SER A 521 -25.26 14.69 -6.52
N ASP A 522 -26.12 15.70 -6.37
CA ASP A 522 -25.74 17.09 -6.56
C ASP A 522 -25.16 17.71 -5.30
N ARG A 523 -25.66 17.31 -4.12
CA ARG A 523 -25.12 17.86 -2.88
C ARG A 523 -23.65 17.53 -2.73
N ASN A 524 -23.21 16.37 -3.21
CA ASN A 524 -21.78 16.03 -3.13
C ASN A 524 -20.98 16.75 -4.21
N HIS A 525 -21.56 16.92 -5.40
CA HIS A 525 -20.83 17.56 -6.49
C HIS A 525 -20.46 18.99 -6.14
N VAL A 526 -21.40 19.74 -5.56
CA VAL A 526 -21.14 21.13 -5.21
C VAL A 526 -20.01 21.21 -4.18
N LEU A 527 -20.06 20.35 -3.17
CA LEU A 527 -19.08 20.43 -2.09
C LEU A 527 -17.66 20.17 -2.56
N GLY A 528 -17.50 19.48 -3.70
CA GLY A 528 -16.16 19.30 -4.26
C GLY A 528 -15.67 20.47 -5.08
N ALA A 529 -16.52 21.46 -5.34
CA ALA A 529 -16.19 22.59 -6.18
C ALA A 529 -16.46 23.89 -5.44
N VAL A 530 -15.98 23.98 -4.20
CA VAL A 530 -16.10 25.18 -3.39
C VAL A 530 -14.73 25.49 -2.79
N SER A 531 -14.30 26.75 -2.93
CA SER A 531 -13.05 27.17 -2.33
C SER A 531 -13.17 27.34 -0.82
N ASP A 532 -14.39 27.43 -0.30
CA ASP A 532 -14.63 27.57 1.13
C ASP A 532 -15.71 26.58 1.54
N SER A 533 -15.79 26.32 2.83
CA SER A 533 -16.83 25.42 3.35
C SER A 533 -16.78 25.43 4.87
N PHE A 534 -17.96 25.27 5.47
CA PHE A 534 -18.11 25.19 6.92
C PHE A 534 -18.99 24.02 7.29
N GLU A 535 -18.79 23.50 8.50
CA GLU A 535 -19.62 22.40 8.97
C GLU A 535 -21.08 22.80 9.01
N GLY A 536 -21.37 24.07 9.27
CA GLY A 536 -22.74 24.55 9.35
C GLY A 536 -23.31 24.96 8.02
N LEU A 537 -22.84 24.32 6.93
CA LEU A 537 -23.35 24.60 5.60
C LEU A 537 -23.51 23.31 4.79
N MET A 538 -23.70 22.19 5.44
CA MET A 538 -23.71 20.89 4.78
C MET A 538 -25.05 20.17 4.88
N GLY A 539 -25.70 20.24 6.04
CA GLY A 539 -26.91 19.47 6.26
C GLY A 539 -28.20 20.19 5.88
N MET A 540 -28.18 21.51 5.84
CA MET A 540 -29.40 22.28 5.61
C MET A 540 -29.55 22.73 4.16
N LEU A 541 -28.86 22.06 3.23
CA LEU A 541 -29.11 22.32 1.82
C LEU A 541 -30.55 21.98 1.42
N PRO A 542 -31.10 20.82 1.77
CA PRO A 542 -32.43 20.46 1.28
C PRO A 542 -33.59 21.14 2.00
N THR A 543 -33.37 21.67 3.19
CA THR A 543 -34.44 22.20 4.02
C THR A 543 -34.64 23.70 3.85
N LEU A 544 -33.95 24.32 2.89
CA LEU A 544 -34.01 25.76 2.76
C LEU A 544 -35.41 26.22 2.40
N ARG A 545 -35.85 27.30 3.04
CA ARG A 545 -37.11 27.93 2.67
C ARG A 545 -36.98 28.55 1.30
N THR A 546 -38.06 28.50 0.52
CA THR A 546 -38.05 29.11 -0.81
C THR A 546 -37.75 30.60 -0.70
N GLY A 547 -36.82 31.06 -1.54
CA GLY A 547 -36.36 32.43 -1.49
C GLY A 547 -35.05 32.62 -0.74
N GLU A 548 -34.63 31.62 0.03
CA GLU A 548 -33.36 31.67 0.75
C GLU A 548 -32.24 31.23 -0.18
N ALA A 549 -31.02 31.64 0.18
CA ALA A 549 -29.84 31.23 -0.56
C ALA A 549 -28.64 31.28 0.37
N ILE A 550 -27.63 30.47 0.03
CA ILE A 550 -26.38 30.40 0.77
C ILE A 550 -25.27 30.83 -0.18
N ILE A 551 -24.50 31.84 0.22
CA ILE A 551 -23.47 32.43 -0.62
C ILE A 551 -22.12 31.93 -0.12
N ILE A 552 -21.33 31.37 -1.03
CA ILE A 552 -19.95 30.97 -0.75
C ILE A 552 -19.08 31.38 -1.92
N GLY A 553 -17.92 31.93 -1.62
CA GLY A 553 -17.03 32.45 -2.63
C GLY A 553 -16.15 33.52 -2.02
N GLU A 554 -15.41 34.21 -2.90
CA GLU A 554 -14.53 35.29 -2.47
C GLU A 554 -15.20 36.65 -2.59
N SER A 555 -16.47 36.70 -2.96
CA SER A 555 -17.22 37.95 -3.00
C SER A 555 -17.89 38.26 -1.67
N VAL A 556 -17.71 37.41 -0.66
CA VAL A 556 -18.30 37.62 0.66
C VAL A 556 -17.25 37.35 1.72
N ARG A 557 -17.19 38.23 2.73
CA ARG A 557 -16.25 38.02 3.82
C ARG A 557 -16.37 36.62 4.37
N LEU A 558 -17.54 36.29 4.91
CA LEU A 558 -17.86 34.97 5.44
C LEU A 558 -19.10 34.46 4.71
N PRO A 559 -19.28 33.14 4.67
CA PRO A 559 -20.40 32.59 3.89
C PRO A 559 -21.72 33.07 4.45
N MET A 560 -22.72 33.15 3.57
CA MET A 560 -23.96 33.84 3.89
C MET A 560 -25.10 32.83 3.94
N ARG A 561 -26.13 33.18 4.72
CA ARG A 561 -27.49 32.70 4.53
C ARG A 561 -28.41 33.91 4.51
N THR A 562 -29.10 34.13 3.39
CA THR A 562 -29.81 35.37 3.17
C THR A 562 -31.07 35.14 2.36
N ILE A 563 -31.94 36.14 2.38
CA ILE A 563 -33.16 36.17 1.57
C ILE A 563 -33.05 37.34 0.62
N ILE A 564 -33.13 37.05 -0.67
CA ILE A 564 -32.99 38.07 -1.71
C ILE A 564 -34.35 38.73 -1.93
N SER A 565 -34.38 40.06 -1.84
CA SER A 565 -35.62 40.81 -1.92
C SER A 565 -35.48 41.96 -2.90
N PRO A 566 -36.53 42.29 -3.64
CA PRO A 566 -36.47 43.44 -4.55
C PRO A 566 -36.39 44.74 -3.78
N PRO A 567 -36.01 45.84 -4.45
CA PRO A 567 -35.97 47.16 -3.81
C PRO A 567 -37.36 47.70 -3.48
N SER B 11 7.62 35.28 36.49
CA SER B 11 7.25 33.97 37.00
C SER B 11 7.66 32.88 36.01
N THR B 12 8.95 32.55 36.02
CA THR B 12 9.49 31.52 35.13
C THR B 12 9.30 30.13 35.78
N TYR B 13 8.04 29.78 35.97
CA TYR B 13 7.69 28.51 36.59
C TYR B 13 6.30 28.11 36.12
N ILE B 14 6.12 26.82 35.82
CA ILE B 14 4.82 26.26 35.48
C ILE B 14 4.41 25.18 36.47
N GLY B 15 5.28 24.20 36.70
CA GLY B 15 4.93 23.12 37.59
C GLY B 15 5.85 21.91 37.46
N THR B 16 5.26 20.74 37.30
CA THR B 16 6.02 19.49 37.19
C THR B 16 5.39 18.61 36.13
N VAL B 17 6.24 17.94 35.34
CA VAL B 17 5.76 16.95 34.39
C VAL B 17 5.19 15.77 35.15
N GLN B 18 4.10 15.19 34.63
CA GLN B 18 3.43 14.09 35.29
C GLN B 18 3.28 12.86 34.40
N ASP B 19 3.81 12.88 33.19
CA ASP B 19 3.88 11.70 32.35
C ASP B 19 5.06 11.86 31.41
N VAL B 20 5.74 10.75 31.11
CA VAL B 20 6.90 10.77 30.23
C VAL B 20 6.85 9.60 29.26
N ASN B 21 6.35 9.82 28.05
CA ASN B 21 6.39 8.81 27.01
C ASN B 21 7.66 8.90 26.17
N GLY B 22 8.66 9.65 26.63
CA GLY B 22 9.89 9.80 25.89
C GLY B 22 9.85 10.93 24.87
N ALA B 23 8.89 10.88 23.95
CA ALA B 23 8.74 11.91 22.94
C ALA B 23 7.46 12.71 23.08
N ASN B 24 6.68 12.48 24.14
CA ASN B 24 5.43 13.22 24.34
C ASN B 24 5.19 13.33 25.84
N ILE B 25 5.63 14.42 26.44
CA ILE B 25 5.46 14.61 27.87
C ILE B 25 4.14 15.33 28.13
N ARG B 26 3.67 15.28 29.38
CA ARG B 26 2.48 16.01 29.79
C ARG B 26 2.79 16.77 31.08
N VAL B 27 1.99 17.80 31.35
CA VAL B 27 2.18 18.64 32.52
C VAL B 27 0.82 19.09 33.02
N VAL B 28 0.78 19.53 34.28
CA VAL B 28 -0.41 20.05 34.92
C VAL B 28 -0.17 21.50 35.31
N LEU B 29 -0.95 22.41 34.76
CA LEU B 29 -0.86 23.81 35.14
C LEU B 29 -1.23 23.96 36.62
N ASP B 30 -0.59 24.92 37.29
CA ASP B 30 -0.89 25.18 38.69
C ASP B 30 -2.31 25.72 38.86
N SER B 35 -1.54 29.86 37.73
CA SER B 35 -2.61 29.93 38.71
C SER B 35 -3.79 30.71 38.13
N SER B 36 -3.48 31.72 37.33
CA SER B 36 -4.49 32.52 36.64
C SER B 36 -3.91 33.05 35.34
N LEU B 37 -4.79 33.41 34.42
CA LEU B 37 -4.39 33.91 33.11
C LEU B 37 -4.62 35.41 33.04
N LYS B 38 -3.58 36.15 32.66
CA LYS B 38 -3.64 37.59 32.50
C LYS B 38 -3.19 37.95 31.10
N PHE B 39 -4.07 38.58 30.32
CA PHE B 39 -3.74 39.00 28.97
C PHE B 39 -2.87 40.25 29.07
N VAL B 40 -1.56 40.07 28.97
CA VAL B 40 -0.61 41.16 29.11
C VAL B 40 -0.97 42.26 28.13
N ASP B 41 -1.30 43.45 28.65
CA ASP B 41 -1.68 44.57 27.81
C ASP B 41 -0.45 45.20 27.17
N GLY B 42 -0.70 46.08 26.23
CA GLY B 42 0.38 46.74 25.49
C GLY B 42 0.78 46.04 24.21
N GLN B 43 1.05 44.73 24.29
CA GLN B 43 1.45 43.95 23.13
C GLN B 43 0.40 42.91 22.78
N GLY B 44 0.03 42.03 23.71
CA GLY B 44 -1.02 41.06 23.47
C GLY B 44 -0.57 39.63 23.59
N TYR B 45 0.53 39.39 24.28
CA TYR B 45 1.09 38.06 24.43
C TYR B 45 0.64 37.45 25.75
N ARG B 46 0.03 36.26 25.69
CA ARG B 46 -0.45 35.58 26.87
C ARG B 46 0.61 34.62 27.42
N ILE B 47 0.43 34.23 28.67
CA ILE B 47 1.46 33.43 29.36
C ILE B 47 1.62 32.08 28.66
N GLY B 48 0.52 31.37 28.43
CA GLY B 48 0.60 30.04 27.85
C GLY B 48 -0.34 29.85 26.68
N GLN B 49 0.23 29.67 25.49
CA GLN B 49 -0.53 29.54 24.26
C GLN B 49 -0.51 28.09 23.78
N ILE B 50 -1.07 27.84 22.60
CA ILE B 50 -1.08 26.50 22.04
C ILE B 50 0.18 26.19 21.25
N GLY B 51 0.81 27.19 20.65
CA GLY B 51 2.03 26.97 19.91
C GLY B 51 3.28 27.42 20.66
N SER B 52 3.08 28.07 21.80
CA SER B 52 4.19 28.67 22.52
C SER B 52 5.15 27.60 23.03
N PHE B 53 6.42 27.98 23.11
CA PHE B 53 7.46 27.08 23.55
C PHE B 53 7.48 26.97 25.07
N VAL B 54 8.22 25.97 25.56
CA VAL B 54 8.49 25.80 26.98
C VAL B 54 9.89 25.23 27.12
N ARG B 55 10.47 25.40 28.30
CA ARG B 55 11.83 24.92 28.54
C ARG B 55 11.90 24.16 29.86
N ILE B 56 12.78 23.17 29.91
CA ILE B 56 12.94 22.28 31.04
C ILE B 56 14.39 22.33 31.48
N PRO B 57 14.73 22.98 32.59
CA PRO B 57 16.11 22.91 33.09
C PRO B 57 16.35 21.58 33.78
N ILE B 58 17.28 20.79 33.25
CA ILE B 58 17.67 19.51 33.84
C ILE B 58 19.16 19.59 34.15
N GLY B 59 19.47 19.73 35.44
CA GLY B 59 20.83 19.60 35.92
C GLY B 59 21.70 20.76 35.52
N TYR B 60 22.06 20.79 34.24
CA TYR B 60 22.87 21.89 33.72
C TYR B 60 22.55 22.21 32.26
N ILE B 61 21.52 21.59 31.68
CA ILE B 61 21.19 21.75 30.27
C ILE B 61 19.69 22.05 30.19
N ASN B 62 19.25 22.47 28.99
CA ASN B 62 17.87 22.94 28.80
C ASN B 62 17.20 22.15 27.68
N LEU B 63 16.09 21.48 28.02
CA LEU B 63 15.30 20.71 27.07
C LEU B 63 14.08 21.54 26.67
N PHE B 64 14.08 22.04 25.43
CA PHE B 64 13.00 22.89 24.96
C PHE B 64 11.95 22.07 24.21
N GLY B 65 10.69 22.43 24.40
CA GLY B 65 9.59 21.70 23.81
C GLY B 65 8.47 22.61 23.38
N ILE B 66 7.52 22.04 22.64
CA ILE B 66 6.38 22.75 22.10
C ILE B 66 5.11 22.24 22.77
N VAL B 67 4.24 23.15 23.16
CA VAL B 67 2.91 22.80 23.63
C VAL B 67 2.07 22.41 22.42
N SER B 68 1.39 21.28 22.49
CA SER B 68 0.57 20.89 21.35
C SER B 68 -0.77 20.25 21.69
N GLN B 69 -1.14 20.12 22.96
CA GLN B 69 -2.55 19.89 23.26
C GLN B 69 -2.90 20.60 24.56
N VAL B 70 -4.08 21.18 24.60
CA VAL B 70 -4.56 21.93 25.76
C VAL B 70 -5.98 21.49 26.06
N GLY B 71 -6.28 21.32 27.34
CA GLY B 71 -7.63 20.98 27.76
C GLY B 71 -7.79 19.52 28.15
N ALA B 72 -8.96 18.97 27.87
CA ALA B 72 -9.26 17.58 28.20
C ALA B 72 -8.63 16.58 27.26
N GLY B 73 -7.86 17.04 26.26
CA GLY B 73 -7.11 16.15 25.41
C GLY B 73 -5.72 15.80 25.89
N ALA B 74 -5.32 16.32 27.05
CA ALA B 74 -3.96 16.16 27.56
C ALA B 74 -3.87 15.31 28.81
N VAL B 75 -4.94 15.20 29.60
CA VAL B 75 -4.89 14.47 30.85
C VAL B 75 -4.56 13.01 30.52
N PRO B 76 -3.79 12.32 31.36
CA PRO B 76 -3.54 10.89 31.11
C PRO B 76 -4.85 10.13 31.00
N ASP B 77 -4.87 9.17 30.09
CA ASP B 77 -6.12 8.51 29.70
C ASP B 77 -6.96 8.14 30.92
N LYS B 78 -6.48 7.21 31.73
CA LYS B 78 -7.29 6.67 32.81
C LYS B 78 -7.67 7.72 33.84
N LEU B 79 -6.89 8.80 33.98
CA LEU B 79 -7.25 9.84 34.94
C LEU B 79 -8.63 10.41 34.63
N LEU B 80 -9.08 10.33 33.37
CA LEU B 80 -10.42 10.79 33.05
C LEU B 80 -11.46 10.07 33.89
N GLU B 81 -11.28 8.75 34.08
CA GLU B 81 -12.18 8.01 34.94
C GLU B 81 -12.13 8.52 36.36
N VAL B 82 -10.93 8.86 36.84
CA VAL B 82 -10.76 9.26 38.24
C VAL B 82 -11.46 10.59 38.48
N GLU B 83 -11.21 11.57 37.62
CA GLU B 83 -11.81 12.90 37.73
C GLU B 83 -12.52 13.19 36.41
N PRO B 84 -13.79 12.81 36.28
CA PRO B 84 -14.46 12.94 34.97
C PRO B 84 -14.44 14.34 34.40
N TYR B 85 -14.57 15.37 35.24
CA TYR B 85 -14.71 16.74 34.76
C TYR B 85 -13.56 17.65 35.14
N GLY B 86 -12.76 17.31 36.14
CA GLY B 86 -11.60 18.14 36.47
C GLY B 86 -10.54 18.01 35.40
N HIS B 87 -10.38 19.04 34.57
CA HIS B 87 -9.45 19.01 33.46
C HIS B 87 -8.58 20.27 33.51
N ARG B 88 -7.28 20.08 33.70
CA ARG B 88 -6.33 21.18 33.70
C ARG B 88 -5.03 20.82 33.00
N TRP B 89 -5.01 19.76 32.21
CA TRP B 89 -3.76 19.18 31.74
C TRP B 89 -3.36 19.75 30.40
N ILE B 90 -2.05 19.76 30.15
CA ILE B 90 -1.47 20.18 28.87
C ILE B 90 -0.50 19.11 28.42
N SER B 91 -0.40 18.91 27.11
CA SER B 91 0.50 17.92 26.54
C SER B 91 1.54 18.64 25.71
N VAL B 92 2.81 18.46 26.08
CA VAL B 92 3.94 19.14 25.47
C VAL B 92 4.80 18.09 24.78
N GLN B 93 5.07 18.30 23.50
CA GLN B 93 6.00 17.49 22.75
C GLN B 93 7.35 18.18 22.72
N LEU B 94 8.40 17.51 23.24
CA LEU B 94 9.70 18.15 23.37
C LEU B 94 10.51 17.97 22.09
N VAL B 95 11.20 19.04 21.69
CA VAL B 95 11.68 19.21 20.32
C VAL B 95 13.19 19.15 20.22
N GLY B 96 13.91 19.78 21.15
CA GLY B 96 15.35 19.84 21.04
C GLY B 96 15.99 20.17 22.36
N GLU B 97 17.20 20.72 22.28
CA GLU B 97 17.94 21.07 23.49
C GLU B 97 18.95 22.16 23.14
N GLU B 98 19.38 22.90 24.16
CA GLU B 98 20.44 23.88 24.03
C GLU B 98 21.69 23.35 24.69
N GLY B 99 22.84 23.62 24.08
CA GLY B 99 24.09 23.10 24.58
C GLY B 99 24.45 23.70 25.93
N ILE B 100 25.62 23.33 26.42
CA ILE B 100 26.15 23.89 27.65
C ILE B 100 26.86 25.19 27.27
N LYS B 101 26.08 26.26 27.12
CA LYS B 101 26.59 27.52 26.59
C LYS B 101 27.27 27.29 25.24
N LYS B 102 26.74 26.36 24.45
CA LYS B 102 27.33 26.01 23.16
C LYS B 102 26.43 26.37 21.99
N GLU B 103 25.23 25.79 21.90
CA GLU B 103 24.39 25.97 20.73
C GLU B 103 23.10 25.20 20.94
N PHE B 104 22.10 25.51 20.12
CA PHE B 104 20.86 24.74 20.08
C PHE B 104 21.02 23.62 19.06
N GLU B 105 20.80 22.39 19.51
CA GLU B 105 20.80 21.24 18.62
C GLU B 105 19.56 20.40 18.91
N ARG B 106 19.05 19.77 17.87
CA ARG B 106 17.85 18.97 18.03
C ARG B 106 18.20 17.63 18.69
N GLY B 107 17.17 16.95 19.16
CA GLY B 107 17.37 15.68 19.84
C GLY B 107 17.87 15.88 21.25
N VAL B 108 17.39 15.06 22.17
CA VAL B 108 17.61 15.26 23.60
C VAL B 108 18.65 14.24 24.06
N SER B 109 19.75 14.74 24.62
CA SER B 109 20.77 13.85 25.14
C SER B 109 20.22 12.97 26.25
N GLN B 110 19.37 13.52 27.12
CA GLN B 110 18.88 12.77 28.27
C GLN B 110 17.46 13.22 28.56
N TYR B 111 16.54 12.28 28.62
CA TYR B 111 15.12 12.59 28.74
C TYR B 111 14.76 13.01 30.17
N PRO B 112 13.62 13.66 30.35
CA PRO B 112 13.20 14.08 31.68
C PRO B 112 12.35 13.01 32.37
N THR B 113 12.17 13.21 33.68
CA THR B 113 11.42 12.30 34.52
C THR B 113 10.37 13.08 35.30
N ILE B 114 9.75 12.41 36.27
CA ILE B 114 8.64 12.98 37.02
C ILE B 114 9.15 14.02 38.01
N GLY B 115 8.28 14.95 38.36
CA GLY B 115 8.54 15.86 39.46
C GLY B 115 9.62 16.88 39.21
N ASP B 116 10.11 16.99 37.97
CA ASP B 116 11.07 18.04 37.65
C ASP B 116 10.33 19.36 37.50
N LYS B 117 11.05 20.39 37.09
CA LYS B 117 10.50 21.72 36.88
C LYS B 117 10.32 21.98 35.40
N VAL B 118 9.48 22.95 35.08
CA VAL B 118 9.25 23.33 33.69
C VAL B 118 8.98 24.82 33.63
N HIS B 119 9.82 25.55 32.88
CA HIS B 119 9.80 26.99 32.84
C HIS B 119 9.42 27.48 31.45
N ILE B 120 8.85 28.69 31.42
CA ILE B 120 8.35 29.30 30.19
C ILE B 120 9.50 30.00 29.47
N VAL B 121 9.49 29.92 28.14
CA VAL B 121 10.56 30.50 27.34
C VAL B 121 10.55 32.02 27.49
N THR B 122 11.74 32.60 27.65
CA THR B 122 11.91 34.03 27.83
C THR B 122 12.74 34.61 26.68
N GLU B 123 13.02 35.90 26.76
CA GLU B 123 13.64 36.61 25.63
C GLU B 123 14.98 36.02 25.22
N PRO B 124 15.96 35.86 26.10
CA PRO B 124 17.25 35.30 25.65
C PRO B 124 17.12 33.90 25.09
N ASP B 125 16.21 33.10 25.65
CA ASP B 125 15.96 31.78 25.09
C ASP B 125 15.35 31.88 23.70
N LEU B 126 14.48 32.86 23.46
CA LEU B 126 14.03 33.11 22.09
C LEU B 126 15.23 33.40 21.20
N LYS B 127 16.15 34.24 21.67
CA LYS B 127 17.32 34.57 20.86
C LYS B 127 18.14 33.33 20.53
N LYS B 128 18.37 32.48 21.52
CA LYS B 128 19.21 31.30 21.30
C LYS B 128 18.51 30.27 20.42
N ILE B 129 17.22 30.03 20.66
CA ILE B 129 16.47 29.09 19.85
C ILE B 129 16.46 29.54 18.39
N TYR B 130 16.18 30.82 18.17
CA TYR B 130 16.00 31.35 16.82
C TYR B 130 17.23 32.06 16.29
N GLY B 131 18.04 32.65 17.17
CA GLY B 131 19.20 33.42 16.72
C GLY B 131 20.39 32.53 16.46
N THR B 132 21.02 32.72 15.32
CA THR B 132 22.18 31.94 14.91
C THR B 132 23.22 32.86 14.27
N GLN B 133 24.48 32.45 14.37
CA GLN B 133 25.60 33.26 13.91
C GLN B 133 26.10 32.86 12.53
N ASN B 134 25.50 31.85 11.90
CA ASN B 134 25.88 31.51 10.53
C ASN B 134 25.53 32.65 9.59
N LYS B 135 26.44 32.95 8.68
CA LYS B 135 26.29 34.13 7.83
C LYS B 135 25.29 33.92 6.70
N LYS B 136 24.92 32.68 6.41
CA LYS B 136 23.99 32.41 5.32
C LYS B 136 22.61 32.99 5.60
N TYR B 137 22.19 32.94 6.86
CA TYR B 137 20.81 33.29 7.21
C TYR B 137 20.52 34.76 6.94
N ILE B 138 19.23 35.06 6.73
CA ILE B 138 18.73 36.41 6.54
C ILE B 138 17.36 36.51 7.19
N SER B 139 16.77 37.70 7.15
CA SER B 139 15.52 38.01 7.84
C SER B 139 14.40 38.24 6.84
N LEU B 140 13.25 37.60 7.09
CA LEU B 140 12.07 37.70 6.22
C LEU B 140 10.81 37.88 7.07
N GLY B 141 10.84 38.83 7.98
CA GLY B 141 9.71 39.10 8.84
C GLY B 141 9.90 38.53 10.24
N ASN B 142 9.22 39.12 11.21
CA ASN B 142 9.40 38.74 12.59
C ASN B 142 8.43 37.62 12.97
N ILE B 143 8.65 37.07 14.16
CA ILE B 143 7.91 35.91 14.65
C ILE B 143 6.78 36.36 15.56
N ALA B 144 5.66 35.65 15.48
CA ALA B 144 4.50 35.98 16.28
C ALA B 144 4.74 35.57 17.73
N SER B 145 3.83 36.01 18.60
CA SER B 145 3.79 35.64 20.02
C SER B 145 4.97 36.19 20.81
N VAL B 146 5.80 37.03 20.22
CA VAL B 146 6.95 37.60 20.91
C VAL B 146 7.44 38.79 20.09
N ASP B 147 8.20 39.68 20.74
CA ASP B 147 8.54 40.97 20.17
C ASP B 147 9.91 40.91 19.50
N SER B 148 9.95 41.29 18.22
CA SER B 148 11.19 41.58 17.51
C SER B 148 12.13 40.36 17.47
N ILE B 149 11.67 39.31 16.81
CA ILE B 149 12.45 38.11 16.59
C ILE B 149 12.52 37.84 15.10
N PRO B 150 13.59 38.26 14.43
CA PRO B 150 13.68 38.03 12.98
C PRO B 150 13.56 36.55 12.64
N ALA B 151 12.87 36.27 11.55
CA ALA B 151 12.72 34.90 11.05
C ALA B 151 13.91 34.59 10.15
N LEU B 152 14.82 33.75 10.65
CA LEU B 152 16.06 33.47 9.94
C LEU B 152 15.83 32.26 9.03
N VAL B 153 15.84 32.50 7.73
CA VAL B 153 15.64 31.47 6.72
C VAL B 153 16.96 31.27 6.00
N ASN B 154 17.51 30.06 6.05
CA ASN B 154 18.74 29.78 5.33
C ASN B 154 18.53 30.04 3.85
N ILE B 155 19.44 30.79 3.25
CA ILE B 155 19.25 31.22 1.87
C ILE B 155 19.84 30.21 0.90
N ASP B 156 21.01 29.66 1.20
CA ASP B 156 21.60 28.66 0.32
C ASP B 156 20.65 27.49 0.12
N THR B 157 20.12 26.97 1.23
CA THR B 157 19.21 25.84 1.16
C THR B 157 17.92 26.23 0.44
N LEU B 158 17.32 27.35 0.85
CA LEU B 158 16.05 27.76 0.25
C LEU B 158 16.18 27.94 -1.25
N VAL B 159 17.37 28.29 -1.73
CA VAL B 159 17.55 28.51 -3.16
C VAL B 159 17.83 27.20 -3.88
N THR B 160 18.82 26.44 -3.40
CA THR B 160 19.18 25.20 -4.07
C THR B 160 18.24 24.04 -3.76
N ARG B 161 17.42 24.17 -2.71
CA ARG B 161 16.55 23.08 -2.27
C ARG B 161 15.07 23.36 -2.48
N HIS B 162 14.72 24.38 -3.28
CA HIS B 162 13.35 24.59 -3.72
C HIS B 162 12.41 24.96 -2.58
N SER B 163 11.29 25.61 -2.93
CA SER B 163 10.34 26.11 -1.95
C SER B 163 8.96 26.18 -2.60
N ALA B 164 7.95 26.50 -1.80
CA ALA B 164 6.59 26.63 -2.31
C ALA B 164 5.71 27.29 -1.26
N VAL B 165 4.79 28.14 -1.73
CA VAL B 165 3.88 28.89 -0.86
C VAL B 165 2.47 28.39 -1.12
N LEU B 166 1.72 28.17 -0.05
CA LEU B 166 0.36 27.67 -0.14
C LEU B 166 -0.55 28.47 0.77
N GLY B 167 -1.79 28.67 0.33
CA GLY B 167 -2.75 29.42 1.13
C GLY B 167 -4.07 29.55 0.42
N SER B 168 -4.99 30.26 1.07
CA SER B 168 -6.31 30.52 0.52
C SER B 168 -6.25 31.69 -0.47
N THR B 169 -7.38 31.94 -1.14
CA THR B 169 -7.38 32.94 -2.21
C THR B 169 -7.01 34.32 -1.70
N GLY B 170 -7.57 34.72 -0.56
CA GLY B 170 -7.30 36.02 0.02
C GLY B 170 -6.24 36.02 1.09
N SER B 171 -5.52 34.92 1.28
CA SER B 171 -4.55 34.82 2.36
C SER B 171 -3.43 35.84 2.24
N GLY B 172 -3.13 36.28 1.02
CA GLY B 172 -2.10 37.29 0.83
C GLY B 172 -0.74 36.69 0.55
N LYS B 173 -0.67 35.80 -0.43
CA LYS B 173 0.59 35.13 -0.72
C LYS B 173 1.43 35.87 -1.75
N SER B 174 0.79 36.56 -2.71
CA SER B 174 1.55 37.30 -3.70
C SER B 174 2.37 38.41 -3.05
N THR B 175 1.78 39.08 -2.06
CA THR B 175 2.54 40.07 -1.30
C THR B 175 3.72 39.42 -0.58
N THR B 176 3.54 38.21 -0.07
CA THR B 176 4.65 37.51 0.57
C THR B 176 5.77 37.21 -0.42
N VAL B 177 5.41 36.74 -1.63
CA VAL B 177 6.43 36.46 -2.63
C VAL B 177 7.17 37.73 -3.02
N THR B 178 6.44 38.83 -3.14
CA THR B 178 7.11 40.10 -3.43
C THR B 178 8.03 40.52 -2.30
N SER B 179 7.59 40.33 -1.05
CA SER B 179 8.46 40.64 0.08
C SER B 179 9.76 39.86 0.01
N ILE B 180 9.67 38.58 -0.32
CA ILE B 180 10.87 37.75 -0.41
C ILE B 180 11.78 38.23 -1.54
N LEU B 181 11.21 38.41 -2.74
CA LEU B 181 12.04 38.85 -3.87
C LEU B 181 12.66 40.22 -3.61
N GLN B 182 12.04 41.03 -2.75
CA GLN B 182 12.66 42.28 -2.34
C GLN B 182 13.83 42.04 -1.41
N ARG B 183 13.58 41.36 -0.29
CA ARG B 183 14.60 41.20 0.74
C ARG B 183 15.74 40.30 0.29
N ILE B 184 15.60 39.62 -0.84
CA ILE B 184 16.62 38.69 -1.30
C ILE B 184 17.58 39.31 -2.30
N SER B 185 17.23 40.45 -2.90
CA SER B 185 17.98 40.96 -4.05
C SER B 185 18.29 42.46 -3.91
N ASP B 186 18.53 42.92 -2.69
CA ASP B 186 19.01 44.29 -2.52
C ASP B 186 20.50 44.35 -2.81
N MET B 187 20.90 45.38 -3.56
CA MET B 187 22.29 45.48 -4.00
C MET B 187 23.26 45.73 -2.84
N SER B 188 22.75 46.06 -1.66
CA SER B 188 23.65 46.29 -0.53
C SER B 188 24.44 45.03 -0.20
N GLN B 189 23.79 43.87 -0.25
CA GLN B 189 24.43 42.60 0.12
C GLN B 189 24.70 41.70 -1.07
N PHE B 190 23.73 41.52 -1.97
CA PHE B 190 23.82 40.57 -3.07
C PHE B 190 23.79 41.30 -4.40
N PRO B 191 24.81 42.11 -4.69
CA PRO B 191 24.81 42.88 -5.94
C PRO B 191 24.78 42.03 -7.19
N SER B 192 25.18 40.75 -7.11
CA SER B 192 25.15 39.87 -8.27
C SER B 192 23.99 38.89 -8.21
N ALA B 193 22.93 39.23 -7.45
CA ALA B 193 21.76 38.37 -7.39
C ALA B 193 21.19 38.16 -8.79
N ARG B 194 20.19 37.29 -8.87
CA ARG B 194 19.60 36.92 -10.15
C ARG B 194 18.31 36.18 -9.87
N ILE B 195 17.21 36.61 -10.50
CA ILE B 195 15.89 36.03 -10.26
C ILE B 195 15.06 36.17 -11.53
N ILE B 196 14.08 35.29 -11.69
CA ILE B 196 13.11 35.38 -12.78
C ILE B 196 11.73 35.06 -12.22
N VAL B 197 10.72 35.79 -12.71
CA VAL B 197 9.35 35.68 -12.21
C VAL B 197 8.42 35.43 -13.38
N PHE B 198 7.60 34.39 -13.27
CA PHE B 198 6.58 34.08 -14.27
C PHE B 198 5.24 34.64 -13.82
N ASP B 199 5.14 35.96 -13.86
CA ASP B 199 3.90 36.63 -13.49
C ASP B 199 2.80 36.28 -14.48
N ILE B 200 1.62 35.92 -13.96
CA ILE B 200 0.49 35.52 -14.78
C ILE B 200 -0.57 36.62 -14.84
N HIS B 201 -1.15 36.97 -13.69
CA HIS B 201 -2.15 38.02 -13.66
C HIS B 201 -1.54 39.40 -13.93
N GLY B 202 -0.24 39.56 -13.75
CA GLY B 202 0.42 40.80 -14.07
C GLY B 202 0.27 41.85 -12.99
N GLU B 203 0.58 41.49 -11.75
CA GLU B 203 0.50 42.41 -10.62
C GLU B 203 1.84 42.66 -9.96
N TYR B 204 2.91 41.98 -10.38
CA TYR B 204 4.23 42.30 -9.86
C TYR B 204 4.81 43.55 -10.48
N ALA B 205 4.48 43.84 -11.74
CA ALA B 205 5.10 44.96 -12.41
C ALA B 205 4.91 46.25 -11.64
N ALA B 206 3.86 46.33 -10.83
CA ALA B 206 3.61 47.53 -10.03
C ALA B 206 4.44 47.57 -8.76
N ALA B 207 4.86 46.42 -8.23
CA ALA B 207 5.58 46.41 -6.96
C ALA B 207 6.99 46.98 -7.12
N PHE B 208 7.71 46.56 -8.15
CA PHE B 208 9.05 47.05 -8.42
C PHE B 208 8.91 48.19 -9.44
N LYS B 209 8.99 49.42 -8.95
CA LYS B 209 8.74 50.58 -9.79
C LYS B 209 9.74 50.65 -10.94
N GLY B 210 11.02 50.85 -10.62
CA GLY B 210 12.04 50.92 -11.65
C GLY B 210 13.26 50.13 -11.27
N LYS B 211 13.10 49.19 -10.34
CA LYS B 211 14.19 48.35 -9.86
C LYS B 211 14.20 46.98 -10.51
N ALA B 212 13.41 46.77 -11.57
CA ALA B 212 13.35 45.49 -12.25
C ALA B 212 12.84 45.72 -13.66
N LYS B 213 13.11 44.76 -14.53
CA LYS B 213 12.63 44.82 -15.89
C LYS B 213 11.29 44.11 -16.00
N VAL B 214 10.47 44.55 -16.94
CA VAL B 214 9.17 43.96 -17.18
C VAL B 214 8.93 43.87 -18.68
N TYR B 215 8.41 42.74 -19.13
CA TYR B 215 8.21 42.46 -20.54
C TYR B 215 6.75 42.06 -20.76
N LYS B 216 6.08 42.75 -21.67
CA LYS B 216 4.67 42.55 -21.93
C LYS B 216 4.47 42.19 -23.41
N VAL B 217 3.20 42.09 -23.81
CA VAL B 217 2.86 41.91 -25.21
C VAL B 217 2.31 43.19 -25.84
N THR B 218 1.88 44.15 -25.03
CA THR B 218 1.39 45.45 -25.49
C THR B 218 2.17 46.50 -24.72
N PRO B 219 3.42 46.76 -25.12
CA PRO B 219 4.32 47.56 -24.27
C PRO B 219 3.80 48.97 -24.06
N SER B 220 4.38 49.62 -23.06
CA SER B 220 4.11 51.01 -22.76
C SER B 220 5.24 51.88 -23.29
N ASN B 221 5.20 53.17 -22.97
CA ASN B 221 6.20 54.10 -23.49
C ASN B 221 7.60 53.79 -22.95
N ASN B 222 7.69 53.25 -21.74
CA ASN B 222 8.97 53.00 -21.07
C ASN B 222 9.09 51.54 -20.65
N GLU B 223 8.71 50.62 -21.53
CA GLU B 223 8.72 49.20 -21.21
C GLU B 223 9.07 48.39 -22.45
N LEU B 224 9.59 47.19 -22.22
CA LEU B 224 10.09 46.35 -23.29
C LEU B 224 9.01 45.38 -23.76
N LYS B 225 9.09 45.01 -25.02
CA LYS B 225 8.15 44.08 -25.62
C LYS B 225 8.68 42.66 -25.44
N LEU B 226 7.97 41.85 -24.67
CA LEU B 226 8.37 40.47 -24.48
C LEU B 226 8.48 39.78 -25.83
N SER B 227 9.68 39.32 -26.16
CA SER B 227 9.95 38.65 -27.42
C SER B 227 10.56 37.30 -27.14
N ILE B 228 9.99 36.26 -27.75
CA ILE B 228 10.51 34.90 -27.65
C ILE B 228 10.65 34.37 -29.07
N PRO B 229 11.76 34.63 -29.76
CA PRO B 229 11.83 34.29 -31.18
C PRO B 229 11.41 32.84 -31.41
N TYR B 230 10.58 32.64 -32.42
CA TYR B 230 10.01 31.32 -32.65
C TYR B 230 11.07 30.29 -33.02
N TRP B 231 12.23 30.71 -33.50
CA TRP B 231 13.23 29.74 -33.94
C TRP B 231 14.05 29.18 -32.79
N ALA B 232 13.99 29.78 -31.62
CA ALA B 232 14.64 29.18 -30.46
C ALA B 232 14.03 27.84 -30.10
N LEU B 233 12.76 27.61 -30.44
CA LEU B 233 12.06 26.43 -29.96
C LEU B 233 12.59 25.18 -30.64
N THR B 234 12.26 24.04 -30.04
CA THR B 234 12.57 22.74 -30.62
C THR B 234 11.53 22.41 -31.70
N CYS B 235 11.56 21.18 -32.19
CA CYS B 235 10.52 20.75 -33.13
C CYS B 235 9.19 20.56 -32.41
N ASP B 236 9.21 19.84 -31.29
CA ASP B 236 7.95 19.56 -30.59
C ASP B 236 7.31 20.83 -30.05
N GLU B 237 8.10 21.71 -29.45
CA GLU B 237 7.56 22.95 -28.91
C GLU B 237 6.91 23.78 -30.01
N PHE B 238 7.64 24.00 -31.11
CA PHE B 238 7.11 24.83 -32.19
C PHE B 238 5.87 24.21 -32.79
N LEU B 239 5.88 22.89 -33.01
CA LEU B 239 4.70 22.24 -33.56
C LEU B 239 3.52 22.35 -32.62
N SER B 240 3.75 22.21 -31.31
CA SER B 240 2.66 22.33 -30.34
C SER B 240 2.05 23.72 -30.37
N VAL B 241 2.89 24.75 -30.30
CA VAL B 241 2.36 26.11 -30.24
C VAL B 241 1.68 26.49 -31.54
N ALA B 242 2.28 26.12 -32.67
CA ALA B 242 1.80 26.61 -33.96
C ALA B 242 0.61 25.81 -34.46
N PHE B 243 0.79 24.51 -34.69
CA PHE B 243 -0.20 23.70 -35.38
C PHE B 243 -1.06 22.86 -34.47
N GLY B 244 -0.61 22.58 -33.24
CA GLY B 244 -1.34 21.73 -32.34
C GLY B 244 -0.86 20.30 -32.23
N GLY B 245 0.29 19.97 -32.83
CA GLY B 245 0.85 18.65 -32.69
C GLY B 245 0.45 17.66 -33.76
N LEU B 246 0.67 18.01 -35.02
CA LEU B 246 0.43 17.07 -36.13
C LEU B 246 1.16 15.76 -35.86
N GLU B 247 0.73 14.68 -36.53
CA GLU B 247 1.34 13.37 -36.30
C GLU B 247 1.64 12.58 -37.56
N GLY B 248 0.97 12.83 -38.68
CA GLY B 248 1.14 12.03 -39.87
C GLY B 248 2.34 12.46 -40.69
N SER B 249 2.30 12.11 -41.98
CA SER B 249 3.36 12.50 -42.88
C SER B 249 3.52 14.00 -42.96
N GLY B 250 2.48 14.75 -42.59
CA GLY B 250 2.62 16.20 -42.51
C GLY B 250 3.70 16.60 -41.54
N ARG B 251 3.83 15.88 -40.42
CA ARG B 251 4.90 16.18 -39.48
C ARG B 251 6.27 15.90 -40.09
N ASN B 252 6.39 14.82 -40.85
CA ASN B 252 7.63 14.55 -41.58
C ASN B 252 7.97 15.71 -42.52
N ALA B 253 6.96 16.18 -43.26
CA ALA B 253 7.19 17.29 -44.17
C ALA B 253 7.65 18.53 -43.42
N LEU B 254 6.98 18.85 -42.30
CA LEU B 254 7.33 20.04 -41.55
C LEU B 254 8.75 19.95 -41.01
N ILE B 255 9.11 18.81 -40.43
CA ILE B 255 10.45 18.66 -39.87
C ILE B 255 11.50 18.77 -40.98
N ASP B 256 11.26 18.11 -42.11
CA ASP B 256 12.22 18.18 -43.21
C ASP B 256 12.38 19.60 -43.71
N LYS B 257 11.26 20.35 -43.79
CA LYS B 257 11.35 21.73 -44.24
C LYS B 257 12.11 22.60 -43.25
N ILE B 258 11.89 22.39 -41.95
CA ILE B 258 12.64 23.15 -40.96
C ILE B 258 14.13 22.87 -41.10
N TYR B 259 14.50 21.59 -41.25
CA TYR B 259 15.90 21.25 -41.44
C TYR B 259 16.46 21.90 -42.70
N GLU B 260 15.69 21.87 -43.79
CA GLU B 260 16.14 22.47 -45.02
C GLU B 260 16.45 23.94 -44.83
N LEU B 261 15.54 24.66 -44.17
CA LEU B 261 15.74 26.10 -43.97
C LEU B 261 16.93 26.37 -43.07
N LYS B 262 17.09 25.59 -42.00
CA LYS B 262 18.22 25.82 -41.09
C LYS B 262 19.55 25.56 -41.78
N LEU B 263 19.65 24.47 -42.55
CA LEU B 263 20.88 24.22 -43.30
C LEU B 263 21.12 25.32 -44.33
N GLN B 264 20.05 25.80 -44.97
CA GLN B 264 20.19 26.86 -45.95
C GLN B 264 20.78 28.12 -45.31
N THR B 265 20.24 28.52 -44.15
CA THR B 265 20.80 29.70 -43.48
C THR B 265 22.23 29.46 -43.03
N LEU B 266 22.54 28.27 -42.53
CA LEU B 266 23.92 28.00 -42.12
C LEU B 266 24.87 28.13 -43.31
N LYS B 267 24.48 27.58 -44.46
CA LYS B 267 25.31 27.74 -45.65
C LYS B 267 25.46 29.21 -46.01
N ARG B 268 24.39 29.99 -45.88
CA ARG B 268 24.45 31.39 -46.25
C ARG B 268 25.36 32.19 -45.33
N GLN B 269 25.26 31.96 -44.02
CA GLN B 269 26.02 32.72 -43.04
C GLN B 269 26.65 31.75 -42.03
N GLU B 270 27.82 32.13 -41.54
CA GLU B 270 28.62 31.25 -40.69
C GLU B 270 28.36 31.51 -39.22
N TYR B 271 28.24 30.43 -38.45
CA TYR B 271 28.12 30.48 -37.01
C TYR B 271 29.34 29.81 -36.40
N GLU B 272 29.37 29.73 -35.07
CA GLU B 272 30.56 29.31 -34.34
C GLU B 272 30.63 27.79 -34.27
N GLY B 273 31.53 27.20 -35.04
CA GLY B 273 31.85 25.78 -34.90
C GLY B 273 30.69 24.84 -35.16
N ILE B 274 29.86 25.13 -36.15
CA ILE B 274 28.76 24.27 -36.53
C ILE B 274 28.81 24.05 -38.04
N ASN B 275 28.48 22.83 -38.46
CA ASN B 275 28.52 22.48 -39.87
C ASN B 275 27.44 21.45 -40.16
N GLU B 276 27.37 21.01 -41.42
CA GLU B 276 26.34 20.07 -41.81
C GLU B 276 26.43 18.77 -41.03
N ASP B 277 27.62 18.47 -40.48
CA ASP B 277 27.77 17.23 -39.72
C ASP B 277 27.00 17.27 -38.41
N SER B 278 26.94 18.43 -37.77
CA SER B 278 26.38 18.57 -36.43
C SER B 278 25.14 19.45 -36.44
N LEU B 279 24.35 19.38 -37.50
CA LEU B 279 23.15 20.20 -37.64
C LEU B 279 21.92 19.33 -37.39
N THR B 280 21.08 19.74 -36.45
CA THR B 280 19.81 19.09 -36.15
C THR B 280 18.72 20.15 -36.11
N VAL B 281 17.48 19.70 -35.98
CA VAL B 281 16.36 20.62 -35.84
C VAL B 281 16.43 21.35 -34.50
N ASP B 282 16.90 20.66 -33.46
CA ASP B 282 16.94 21.26 -32.13
C ASP B 282 17.95 22.39 -32.03
N THR B 283 18.81 22.56 -33.02
CA THR B 283 19.80 23.64 -32.98
C THR B 283 19.09 24.99 -32.99
N PRO B 284 19.35 25.88 -32.01
CA PRO B 284 18.73 27.23 -32.04
C PRO B 284 19.38 28.21 -33.01
N ILE B 285 18.95 28.14 -34.27
CA ILE B 285 19.41 29.06 -35.30
C ILE B 285 18.20 29.61 -36.02
N PRO B 286 18.32 30.77 -36.65
CA PRO B 286 17.16 31.42 -37.27
C PRO B 286 16.70 30.72 -38.55
N PHE B 287 15.41 30.84 -38.82
CA PHE B 287 14.85 30.44 -40.12
C PHE B 287 13.61 31.27 -40.38
N SER B 288 13.24 31.36 -41.66
CA SER B 288 12.18 32.27 -42.10
C SER B 288 10.84 31.54 -42.04
N ILE B 289 10.02 31.86 -41.02
CA ILE B 289 8.70 31.26 -40.92
C ILE B 289 7.81 31.71 -42.06
N HIS B 290 7.94 32.97 -42.48
CA HIS B 290 7.15 33.45 -43.61
C HIS B 290 7.46 32.65 -44.86
N LYS B 291 8.75 32.41 -45.12
CA LYS B 291 9.12 31.61 -46.29
C LYS B 291 8.62 30.17 -46.16
N LEU B 292 8.68 29.62 -44.95
CA LEU B 292 8.13 28.29 -44.70
C LEU B 292 6.67 28.22 -45.13
N TRP B 293 5.86 29.14 -44.61
CA TRP B 293 4.44 29.13 -44.95
C TRP B 293 4.24 29.36 -46.44
N PHE B 294 4.99 30.30 -47.00
CA PHE B 294 4.80 30.66 -48.40
C PHE B 294 5.04 29.46 -49.30
N ASP B 295 6.14 28.73 -49.09
CA ASP B 295 6.45 27.60 -49.95
C ASP B 295 5.55 26.40 -49.66
N LEU B 296 5.26 26.11 -48.39
CA LEU B 296 4.40 24.99 -48.08
C LEU B 296 2.97 25.22 -48.56
N TYR B 297 2.59 26.47 -48.80
CA TYR B 297 1.29 26.72 -49.42
C TYR B 297 1.39 26.81 -50.94
N ARG B 298 2.52 27.26 -51.48
CA ARG B 298 2.70 27.24 -52.92
C ARG B 298 2.63 25.81 -53.46
N ALA B 299 3.23 24.86 -52.75
CA ALA B 299 3.23 23.49 -53.20
C ALA B 299 1.82 22.90 -53.30
N GLU B 300 0.80 23.62 -52.84
CA GLU B 300 -0.58 23.14 -52.88
C GLU B 300 -1.44 23.85 -53.92
N ILE B 301 -0.82 24.63 -54.80
CA ILE B 301 -1.58 25.36 -55.81
C ILE B 301 -0.81 25.41 -57.12
N SER B 331 4.44 37.63 -49.24
CA SER B 331 5.18 37.08 -48.11
C SER B 331 5.04 37.99 -46.90
N LEU B 332 5.68 39.15 -46.93
CA LEU B 332 5.51 40.13 -45.87
C LEU B 332 4.02 40.42 -45.67
N LYS B 333 3.37 40.96 -46.70
CA LYS B 333 1.93 40.82 -46.82
C LYS B 333 1.63 39.40 -47.28
N VAL B 334 0.47 38.90 -46.90
CA VAL B 334 0.16 37.48 -47.04
C VAL B 334 -0.71 37.21 -48.26
N VAL B 335 -0.71 38.11 -49.24
CA VAL B 335 -1.40 37.84 -50.50
C VAL B 335 -0.61 36.73 -51.19
N PRO B 336 -1.20 35.54 -51.43
CA PRO B 336 -0.44 34.44 -52.00
C PRO B 336 -0.49 34.42 -53.52
N ASN B 359 -0.01 17.01 -48.02
CA ASN B 359 -1.44 17.18 -47.82
C ASN B 359 -1.73 17.80 -46.46
N ILE B 360 -1.24 19.01 -46.26
CA ILE B 360 -1.38 19.72 -44.99
C ILE B 360 -2.09 21.05 -45.21
N ARG B 361 -3.03 21.09 -46.15
CA ARG B 361 -3.73 22.33 -46.45
C ARG B 361 -4.30 22.96 -45.18
N LYS B 362 -5.07 22.19 -44.42
CA LYS B 362 -5.80 22.77 -43.29
C LYS B 362 -4.87 23.38 -42.25
N PRO B 363 -3.81 22.72 -41.78
CA PRO B 363 -2.95 23.34 -40.76
C PRO B 363 -2.38 24.69 -41.20
N LEU B 364 -2.06 24.86 -42.48
CA LEU B 364 -1.44 26.11 -42.90
C LEU B 364 -2.37 27.30 -42.73
N GLU B 365 -3.64 27.17 -43.13
CA GLU B 365 -4.57 28.28 -42.90
C GLU B 365 -4.68 28.60 -41.42
N GLY B 366 -4.59 27.57 -40.57
CA GLY B 366 -4.51 27.82 -39.14
C GLY B 366 -3.29 28.65 -38.79
N LEU B 367 -2.18 28.41 -39.48
CA LEU B 367 -1.00 29.27 -39.31
C LEU B 367 -1.23 30.62 -39.98
N ALA B 368 -1.82 30.62 -41.17
CA ALA B 368 -2.04 31.88 -41.88
C ALA B 368 -2.72 32.91 -41.00
N SER B 369 -3.70 32.47 -40.22
CA SER B 369 -4.35 33.38 -39.28
C SER B 369 -3.37 33.90 -38.25
N LEU B 370 -2.47 33.02 -37.77
CA LEU B 370 -1.51 33.44 -36.77
C LEU B 370 -0.55 34.50 -37.31
N LEU B 371 -0.11 34.34 -38.56
CA LEU B 371 0.84 35.31 -39.13
C LEU B 371 0.25 36.71 -39.16
N LYS B 372 -1.01 36.83 -39.57
CA LYS B 372 -1.72 38.12 -39.52
C LYS B 372 -2.56 38.18 -38.24
N ASP B 373 -1.89 38.44 -37.13
CA ASP B 373 -2.64 38.55 -35.90
C ASP B 373 -1.87 39.39 -34.88
N PRO B 374 -2.43 40.50 -34.41
CA PRO B 374 -1.72 41.30 -33.40
C PRO B 374 -1.68 40.66 -32.03
N ARG B 375 -2.39 39.56 -31.82
CA ARG B 375 -2.21 38.81 -30.59
C ARG B 375 -0.94 37.99 -30.61
N TYR B 376 -0.55 37.49 -31.77
CA TYR B 376 0.68 36.72 -31.95
C TYR B 376 1.80 37.59 -32.50
N GLU B 377 2.22 38.57 -31.70
CA GLU B 377 3.36 39.41 -32.03
C GLU B 377 4.56 39.10 -31.14
N PHE B 378 4.38 38.32 -30.09
CA PHE B 378 5.48 37.92 -29.23
C PHE B 378 6.31 36.79 -29.81
N LEU B 379 5.86 36.16 -30.90
CA LEU B 379 6.62 35.12 -31.56
C LEU B 379 7.14 35.54 -32.92
N PHE B 380 6.23 35.93 -33.83
CA PHE B 380 6.55 36.02 -35.24
C PHE B 380 6.96 37.40 -35.70
N ASN B 381 6.77 38.43 -34.88
CA ASN B 381 7.17 39.78 -35.26
C ASN B 381 7.81 40.49 -34.07
N ALA B 382 8.69 39.80 -33.37
CA ALA B 382 9.43 40.42 -32.27
C ALA B 382 10.08 41.71 -32.74
N ASP B 383 10.42 42.59 -31.81
CA ASP B 383 10.84 43.95 -32.17
C ASP B 383 11.91 43.92 -33.25
N ASP B 384 13.05 43.28 -32.98
CA ASP B 384 14.11 43.16 -33.97
C ASP B 384 14.61 41.73 -34.14
N TRP B 385 14.02 40.76 -33.44
CA TRP B 385 14.31 39.36 -33.71
C TRP B 385 13.53 38.82 -34.88
N SER B 386 12.70 39.65 -35.50
CA SER B 386 12.12 39.29 -36.78
C SER B 386 13.22 38.91 -37.75
N VAL B 387 13.01 37.86 -38.52
CA VAL B 387 14.03 37.30 -39.39
C VAL B 387 13.68 37.66 -40.82
N ASN B 388 14.66 38.23 -41.53
CA ASN B 388 14.47 38.55 -42.94
C ASN B 388 14.29 37.26 -43.74
N LEU B 389 13.94 37.42 -45.02
CA LEU B 389 13.77 36.26 -45.89
C LEU B 389 15.06 35.47 -46.06
N ASP B 390 16.21 36.07 -45.75
CA ASP B 390 17.49 35.39 -45.83
C ASP B 390 17.89 34.74 -44.52
N GLY B 391 17.06 34.83 -43.49
CA GLY B 391 17.43 34.34 -42.18
C GLY B 391 18.39 35.24 -41.45
N LYS B 392 18.58 36.47 -41.92
CA LYS B 392 19.49 37.42 -41.30
C LYS B 392 18.74 38.25 -40.26
N THR B 393 19.31 38.37 -39.08
CA THR B 393 18.70 39.10 -37.98
C THR B 393 19.60 40.25 -37.57
N ASN B 394 18.98 41.31 -37.05
CA ASN B 394 19.76 42.43 -36.54
C ASN B 394 20.56 42.02 -35.31
N LYS B 395 20.00 41.15 -34.47
CA LYS B 395 20.64 40.73 -33.24
C LYS B 395 20.53 39.21 -33.10
N ASP B 396 21.45 38.64 -32.34
CA ASP B 396 21.49 37.22 -32.06
C ASP B 396 21.06 36.98 -30.61
N LEU B 397 21.05 35.71 -30.21
CA LEU B 397 20.68 35.37 -28.84
C LEU B 397 21.55 36.05 -27.81
N ASP B 398 22.65 36.69 -28.20
CA ASP B 398 23.48 37.39 -27.24
C ASP B 398 22.66 38.38 -26.43
N ALA B 399 21.92 39.25 -27.11
CA ALA B 399 21.12 40.24 -26.40
C ALA B 399 20.00 39.58 -25.62
N LEU B 400 19.36 38.57 -26.21
CA LEU B 400 18.18 37.98 -25.58
C LEU B 400 18.52 37.41 -24.21
N LEU B 401 19.55 36.55 -24.15
CA LEU B 401 19.97 36.01 -22.87
C LEU B 401 20.40 37.12 -21.93
N GLU B 402 21.22 38.04 -22.43
CA GLU B 402 21.71 39.13 -21.60
C GLU B 402 20.58 39.99 -21.07
N THR B 403 19.40 39.91 -21.68
CA THR B 403 18.28 40.74 -21.25
C THR B 403 17.48 40.05 -20.15
N TRP B 404 17.07 38.79 -20.37
CA TRP B 404 16.29 38.08 -19.36
C TRP B 404 17.11 37.84 -18.09
N VAL B 405 18.38 37.47 -18.24
CA VAL B 405 19.18 37.01 -17.11
C VAL B 405 20.46 37.79 -16.90
N GLY B 406 20.97 38.53 -17.89
CA GLY B 406 22.21 39.26 -17.74
C GLY B 406 22.09 40.76 -17.71
N SER B 407 20.90 41.32 -17.50
CA SER B 407 20.71 42.76 -17.55
C SER B 407 21.26 43.41 -16.30
N GLU B 408 21.47 44.72 -16.38
CA GLU B 408 21.94 45.47 -15.23
C GLU B 408 21.00 45.34 -14.06
N GLU B 409 19.72 45.08 -14.34
CA GLU B 409 18.72 44.86 -13.30
C GLU B 409 18.71 43.39 -12.91
N SER B 410 18.58 43.13 -11.61
CA SER B 410 18.62 41.76 -11.13
C SER B 410 17.35 41.01 -11.49
N ILE B 411 16.20 41.47 -11.00
CA ILE B 411 14.94 40.78 -11.17
C ILE B 411 14.33 41.15 -12.51
N SER B 412 13.93 40.14 -13.28
CA SER B 412 13.19 40.34 -14.52
C SER B 412 11.83 39.67 -14.38
N ILE B 413 10.80 40.33 -14.88
CA ILE B 413 9.41 39.89 -14.69
C ILE B 413 8.80 39.62 -16.05
N PHE B 414 8.17 38.47 -16.20
CA PHE B 414 7.33 38.17 -17.35
C PHE B 414 5.88 38.19 -16.87
N ASP B 415 5.09 39.14 -17.37
CA ASP B 415 3.65 39.16 -17.11
C ASP B 415 2.95 38.75 -18.40
N LEU B 416 2.48 37.50 -18.43
CA LEU B 416 1.91 36.89 -19.62
C LEU B 416 0.39 37.02 -19.65
N SER B 417 -0.16 38.02 -18.95
CA SER B 417 -1.61 38.16 -18.90
C SER B 417 -2.19 38.40 -20.28
N GLY B 418 -1.54 39.25 -21.07
CA GLY B 418 -2.02 39.49 -22.42
C GLY B 418 -1.58 38.41 -23.37
N MET B 419 -1.80 37.16 -22.99
CA MET B 419 -1.34 36.01 -23.75
C MET B 419 -2.50 35.03 -23.93
N PRO B 420 -2.67 34.48 -25.13
CA PRO B 420 -3.79 33.54 -25.33
C PRO B 420 -3.77 32.41 -24.31
N SER B 421 -4.85 32.25 -23.56
CA SER B 421 -4.89 31.20 -22.55
C SER B 421 -4.79 29.81 -23.15
N SER B 422 -4.99 29.68 -24.46
CA SER B 422 -4.87 28.37 -25.09
C SER B 422 -3.43 27.89 -25.12
N ILE B 423 -2.46 28.79 -25.16
CA ILE B 423 -1.05 28.44 -25.26
C ILE B 423 -0.26 28.92 -24.05
N LEU B 424 -0.94 29.22 -22.95
CA LEU B 424 -0.24 29.67 -21.75
C LEU B 424 0.48 28.55 -21.04
N ASP B 425 0.29 27.30 -21.45
CA ASP B 425 0.98 26.17 -20.84
C ASP B 425 2.25 25.81 -21.60
N THR B 426 2.17 25.69 -22.92
CA THR B 426 3.36 25.45 -23.71
C THR B 426 4.35 26.60 -23.58
N LEU B 427 3.88 27.79 -23.21
CA LEU B 427 4.77 28.95 -23.10
C LEU B 427 5.60 28.90 -21.82
N ILE B 428 5.00 28.49 -20.70
CA ILE B 428 5.75 28.39 -19.46
C ILE B 428 6.89 27.38 -19.63
N GLY B 429 6.59 26.24 -20.22
CA GLY B 429 7.61 25.22 -20.39
C GLY B 429 8.76 25.68 -21.26
N ILE B 430 8.46 26.44 -22.33
CA ILE B 430 9.50 26.86 -23.26
C ILE B 430 10.53 27.71 -22.53
N LEU B 431 10.07 28.67 -21.74
CA LEU B 431 11.02 29.59 -21.11
C LEU B 431 11.92 28.87 -20.12
N ILE B 432 11.37 27.94 -19.33
CA ILE B 432 12.19 27.24 -18.35
C ILE B 432 13.24 26.38 -19.05
N ARG B 433 12.87 25.75 -20.16
CA ARG B 433 13.84 24.94 -20.88
C ARG B 433 15.03 25.78 -21.35
N ILE B 434 14.75 26.95 -21.92
CA ILE B 434 15.83 27.79 -22.42
C ILE B 434 16.66 28.34 -21.27
N LEU B 435 16.02 28.68 -20.15
CA LEU B 435 16.79 29.09 -18.98
C LEU B 435 17.66 27.97 -18.46
N TYR B 436 17.16 26.73 -18.52
CA TYR B 436 17.89 25.61 -17.95
C TYR B 436 19.00 25.11 -18.86
N ASP B 437 18.77 25.01 -20.16
CA ASP B 437 19.82 24.53 -21.06
C ASP B 437 21.02 25.44 -21.05
N SER B 438 20.80 26.75 -21.17
CA SER B 438 21.91 27.67 -21.30
C SER B 438 22.69 27.83 -20.01
N LEU B 439 22.11 27.47 -18.86
CA LEU B 439 22.82 27.47 -17.59
C LEU B 439 23.41 26.11 -17.26
N PHE B 440 23.24 25.12 -18.12
CA PHE B 440 23.84 23.80 -17.93
C PHE B 440 25.11 23.62 -18.75
N TRP B 441 25.11 24.02 -20.02
CA TRP B 441 26.34 23.87 -20.78
C TRP B 441 27.34 24.97 -20.47
N SER B 442 26.96 25.95 -19.65
CA SER B 442 27.84 27.06 -19.30
C SER B 442 28.15 27.05 -17.82
N ARG B 443 28.36 25.87 -17.23
CA ARG B 443 28.52 25.83 -15.78
C ARG B 443 29.97 26.01 -15.35
N ASN B 444 30.91 26.16 -16.28
CA ASN B 444 32.31 26.39 -15.96
C ASN B 444 32.72 27.85 -16.06
N GLN B 445 32.01 28.66 -16.84
CA GLN B 445 32.37 30.05 -17.01
C GLN B 445 31.70 30.89 -15.93
N PRO B 446 32.10 32.16 -15.78
CA PRO B 446 31.62 32.95 -14.64
C PRO B 446 30.19 33.44 -14.76
N GLU B 447 29.43 32.95 -15.73
CA GLU B 447 28.05 33.34 -15.93
C GLU B 447 27.11 32.13 -15.89
N GLY B 448 27.56 31.01 -15.36
CA GLY B 448 26.75 29.81 -15.29
C GLY B 448 26.02 29.70 -13.98
N GLY B 449 25.35 28.55 -13.81
CA GLY B 449 24.68 28.28 -12.55
C GLY B 449 25.66 28.13 -11.40
N ARG B 450 26.80 27.49 -11.66
CA ARG B 450 27.74 27.20 -10.58
C ARG B 450 28.40 28.45 -10.02
N GLU B 451 28.38 29.57 -10.75
CA GLU B 451 28.97 30.81 -10.28
C GLU B 451 27.95 31.89 -9.95
N ARG B 452 26.84 31.98 -10.70
CA ARG B 452 25.79 32.96 -10.45
C ARG B 452 24.45 32.24 -10.49
N PRO B 453 24.11 31.50 -9.44
CA PRO B 453 22.88 30.69 -9.46
C PRO B 453 21.61 31.51 -9.65
N LEU B 454 20.58 30.83 -10.16
CA LEU B 454 19.32 31.42 -10.58
C LEU B 454 18.18 30.96 -9.68
N LEU B 455 17.10 31.73 -9.66
CA LEU B 455 15.86 31.36 -8.97
C LEU B 455 14.68 31.64 -9.88
N VAL B 456 13.72 30.73 -9.91
CA VAL B 456 12.56 30.82 -10.80
C VAL B 456 11.31 30.79 -9.95
N VAL B 457 10.41 31.76 -10.17
CA VAL B 457 9.15 31.87 -9.43
C VAL B 457 8.01 31.46 -10.36
N LEU B 458 6.85 31.18 -9.76
CA LEU B 458 5.68 30.80 -10.54
C LEU B 458 4.42 30.98 -9.69
N GLU B 459 3.47 31.76 -10.20
CA GLU B 459 2.15 31.93 -9.60
C GLU B 459 1.12 30.96 -10.17
N GLU B 460 0.15 30.59 -9.34
CA GLU B 460 -0.91 29.64 -9.70
C GLU B 460 -0.33 28.47 -10.50
N ALA B 461 0.48 27.69 -9.78
CA ALA B 461 1.08 26.50 -10.38
C ALA B 461 0.11 25.33 -10.45
N HIS B 462 -0.92 25.31 -9.60
CA HIS B 462 -1.79 24.15 -9.55
C HIS B 462 -2.48 23.87 -10.87
N THR B 463 -2.61 24.87 -11.73
CA THR B 463 -3.25 24.64 -13.03
C THR B 463 -2.34 23.88 -13.97
N TYR B 464 -1.03 24.06 -13.87
CA TYR B 464 -0.08 23.41 -14.76
C TYR B 464 0.57 22.17 -14.16
N LEU B 465 0.52 22.00 -12.84
CA LEU B 465 1.17 20.88 -12.17
C LEU B 465 0.16 19.83 -11.69
N GLY B 466 -1.02 19.77 -12.31
CA GLY B 466 -1.99 18.76 -11.91
C GLY B 466 -1.44 17.37 -12.08
N LYS B 467 -1.91 16.46 -11.23
CA LYS B 467 -1.38 15.10 -11.23
C LYS B 467 -1.53 14.45 -12.59
N ASP B 468 -2.68 14.63 -13.24
CA ASP B 468 -2.91 14.09 -14.57
C ASP B 468 -2.57 15.08 -15.68
N SER B 469 -2.01 16.25 -15.33
CA SER B 469 -1.69 17.23 -16.34
C SER B 469 -0.74 16.63 -17.38
N ARG B 470 -1.04 16.90 -18.65
CA ARG B 470 -0.29 16.33 -19.76
C ARG B 470 0.47 17.39 -20.56
N GLY B 471 0.58 18.61 -20.04
CA GLY B 471 1.36 19.64 -20.70
C GLY B 471 2.84 19.42 -20.49
N ILE B 472 3.64 20.29 -21.12
CA ILE B 472 5.08 20.21 -20.99
C ILE B 472 5.61 21.01 -19.82
N ALA B 473 4.77 21.84 -19.18
CA ALA B 473 5.23 22.57 -18.01
C ALA B 473 5.61 21.62 -16.89
N ILE B 474 4.82 20.58 -16.67
CA ILE B 474 5.12 19.64 -15.60
C ILE B 474 6.48 18.98 -15.83
N ASP B 475 6.80 18.67 -17.09
CA ASP B 475 8.09 18.06 -17.39
C ASP B 475 9.24 19.01 -17.07
N GLY B 476 9.10 20.28 -17.44
CA GLY B 476 10.15 21.23 -17.15
C GLY B 476 10.33 21.46 -15.67
N VAL B 477 9.23 21.62 -14.93
CA VAL B 477 9.33 21.83 -13.50
C VAL B 477 9.88 20.61 -12.80
N ARG B 478 9.56 19.42 -13.29
CA ARG B 478 10.01 18.21 -12.63
C ARG B 478 11.53 18.05 -12.70
N LYS B 479 12.16 18.56 -13.76
CA LYS B 479 13.61 18.44 -13.88
C LYS B 479 14.33 19.42 -12.96
N ILE B 480 13.83 20.65 -12.84
CA ILE B 480 14.47 21.61 -11.95
C ILE B 480 14.40 21.11 -10.52
N VAL B 481 13.36 20.37 -10.17
CA VAL B 481 13.23 19.84 -8.82
C VAL B 481 14.26 18.73 -8.58
N LYS B 482 14.43 17.84 -9.57
CA LYS B 482 15.29 16.68 -9.37
C LYS B 482 16.76 16.98 -9.64
N GLU B 483 17.06 17.86 -10.59
CA GLU B 483 18.43 18.05 -11.06
C GLU B 483 18.89 19.49 -10.93
N GLY B 484 18.30 20.26 -10.04
CA GLY B 484 18.67 21.66 -9.90
C GLY B 484 19.69 21.88 -8.81
N ARG B 485 19.92 20.87 -7.98
CA ARG B 485 20.87 21.03 -6.88
C ARG B 485 22.29 21.21 -7.41
N LYS B 486 22.67 20.43 -8.42
CA LYS B 486 24.03 20.53 -8.94
C LYS B 486 24.30 21.88 -9.57
N TYR B 487 23.33 22.40 -10.34
CA TYR B 487 23.52 23.60 -11.13
C TYR B 487 22.97 24.85 -10.44
N GLY B 488 22.63 24.76 -9.16
CA GLY B 488 22.23 25.92 -8.39
C GLY B 488 21.00 26.63 -8.92
N ILE B 489 19.99 25.88 -9.35
CA ILE B 489 18.74 26.44 -9.84
C ILE B 489 17.65 26.10 -8.84
N GLY B 490 16.94 27.11 -8.35
CA GLY B 490 15.85 26.91 -7.44
C GLY B 490 14.52 26.80 -8.16
N MET B 491 13.45 26.85 -7.36
CA MET B 491 12.08 26.83 -7.87
C MET B 491 11.16 27.22 -6.73
N MET B 492 10.28 28.18 -6.98
CA MET B 492 9.31 28.64 -6.00
C MET B 492 7.92 28.47 -6.59
N LEU B 493 7.04 27.78 -5.87
CA LEU B 493 5.69 27.49 -6.33
C LEU B 493 4.70 28.25 -5.44
N VAL B 494 3.97 29.18 -6.04
CA VAL B 494 2.89 29.89 -5.38
C VAL B 494 1.59 29.30 -5.91
N SER B 495 0.73 28.82 -5.01
CA SER B 495 -0.49 28.15 -5.43
C SER B 495 -1.60 28.43 -4.42
N GLN B 496 -2.80 27.98 -4.76
CA GLN B 496 -3.99 28.18 -3.94
C GLN B 496 -4.65 26.88 -3.53
N ARG B 497 -4.51 25.82 -4.32
CA ARG B 497 -5.21 24.56 -4.12
C ARG B 497 -4.16 23.45 -4.16
N PRO B 498 -3.49 23.18 -3.05
CA PRO B 498 -2.39 22.21 -3.08
C PRO B 498 -2.81 20.85 -3.62
N SER B 499 -4.00 20.37 -3.24
CA SER B 499 -4.38 19.01 -3.60
C SER B 499 -4.33 18.78 -5.10
N GLU B 500 -4.50 19.84 -5.88
CA GLU B 500 -4.36 19.71 -7.32
C GLU B 500 -2.92 19.39 -7.71
N ILE B 501 -1.94 20.00 -7.04
CA ILE B 501 -0.55 19.83 -7.45
C ILE B 501 -0.16 18.37 -7.29
N ASP B 502 0.52 17.83 -8.30
CA ASP B 502 0.93 16.44 -8.27
C ASP B 502 1.71 16.16 -6.99
N SER B 503 1.31 15.12 -6.27
CA SER B 503 1.92 14.84 -4.99
C SER B 503 3.38 14.41 -5.11
N THR B 504 3.81 13.95 -6.28
CA THR B 504 5.21 13.56 -6.46
C THR B 504 6.13 14.77 -6.59
N ILE B 505 5.59 15.94 -6.88
CA ILE B 505 6.40 17.16 -6.97
C ILE B 505 6.37 17.94 -5.68
N LEU B 506 5.19 18.10 -5.07
CA LEU B 506 5.11 18.83 -3.81
C LEU B 506 5.90 18.13 -2.72
N SER B 507 6.23 16.86 -2.88
CA SER B 507 6.98 16.13 -1.86
C SER B 507 8.48 16.35 -1.96
N GLN B 508 8.97 16.94 -3.05
CA GLN B 508 10.39 17.20 -3.23
C GLN B 508 10.79 18.62 -2.92
N CYS B 509 9.84 19.52 -2.70
CA CYS B 509 10.17 20.88 -2.30
C CYS B 509 10.73 20.87 -0.88
N GLY B 510 11.90 21.48 -0.72
CA GLY B 510 12.55 21.46 0.58
C GLY B 510 11.76 22.15 1.67
N THR B 511 11.32 23.37 1.42
CA THR B 511 10.66 24.19 2.42
C THR B 511 9.29 24.63 1.93
N LEU B 512 8.36 24.75 2.87
CA LEU B 512 6.99 25.14 2.57
C LEU B 512 6.57 26.33 3.43
N PHE B 513 5.88 27.27 2.80
CA PHE B 513 5.25 28.39 3.49
C PHE B 513 3.77 28.11 3.58
N ALA B 514 3.30 27.71 4.76
CA ALA B 514 1.88 27.49 4.95
C ALA B 514 1.19 28.81 5.29
N LEU B 515 -0.10 28.87 4.98
CA LEU B 515 -0.91 30.06 5.23
C LEU B 515 -2.30 29.59 5.66
N ARG B 516 -3.26 30.51 5.71
CA ARG B 516 -4.62 30.12 6.04
C ARG B 516 -5.21 29.26 4.94
N MET B 517 -5.88 28.18 5.33
CA MET B 517 -6.56 27.30 4.39
C MET B 517 -7.94 26.96 4.92
N ASN B 518 -8.92 26.92 4.01
CA ASN B 518 -10.31 26.70 4.36
C ASN B 518 -10.76 25.27 4.12
N ASN B 519 -10.54 24.74 2.92
CA ASN B 519 -10.96 23.39 2.61
C ASN B 519 -10.35 22.41 3.61
N SER B 520 -11.15 21.44 4.03
CA SER B 520 -10.60 20.31 4.77
C SER B 520 -10.07 19.22 3.84
N SER B 521 -10.28 19.37 2.53
CA SER B 521 -9.75 18.44 1.55
C SER B 521 -8.37 18.85 1.04
N ASP B 522 -7.85 19.99 1.51
CA ASP B 522 -6.50 20.42 1.17
C ASP B 522 -5.55 20.39 2.35
N ARG B 523 -6.00 20.80 3.53
CA ARG B 523 -5.14 20.75 4.71
C ARG B 523 -4.55 19.37 4.86
N ASN B 524 -5.39 18.33 4.79
CA ASN B 524 -4.91 16.97 4.95
C ASN B 524 -3.87 16.62 3.89
N HIS B 525 -3.97 17.21 2.70
CA HIS B 525 -2.97 16.94 1.67
C HIS B 525 -1.62 17.56 2.04
N VAL B 526 -1.62 18.78 2.56
CA VAL B 526 -0.38 19.39 3.02
C VAL B 526 0.10 18.70 4.29
N LEU B 527 -0.82 18.42 5.22
CA LEU B 527 -0.43 17.70 6.43
C LEU B 527 0.19 16.35 6.09
N GLY B 528 -0.19 15.76 4.95
CA GLY B 528 0.30 14.45 4.60
C GLY B 528 1.64 14.42 3.91
N ALA B 529 2.15 15.57 3.47
CA ALA B 529 3.38 15.65 2.70
C ALA B 529 4.29 16.73 3.24
N VAL B 530 4.44 16.78 4.55
CA VAL B 530 5.34 17.72 5.22
C VAL B 530 6.45 16.93 5.88
N SER B 531 7.70 17.34 5.63
CA SER B 531 8.84 16.57 6.09
C SER B 531 8.82 16.41 7.61
N ASP B 532 8.68 17.51 8.32
CA ASP B 532 8.77 17.53 9.79
C ASP B 532 7.40 17.92 10.34
N SER B 533 6.50 16.93 10.39
CA SER B 533 5.11 17.20 10.73
C SER B 533 4.96 17.46 12.23
N PHE B 534 4.97 18.74 12.62
CA PHE B 534 4.64 19.12 13.99
C PHE B 534 3.15 19.33 14.08
N GLU B 535 2.55 18.88 15.18
CA GLU B 535 1.11 19.03 15.36
C GLU B 535 0.77 20.25 16.23
N GLY B 536 1.75 20.81 16.94
CA GLY B 536 1.49 22.05 17.66
C GLY B 536 1.24 23.23 16.73
N LEU B 537 2.07 23.37 15.69
CA LEU B 537 1.99 24.50 14.78
C LEU B 537 1.14 24.21 13.55
N MET B 538 0.71 22.98 13.33
CA MET B 538 -0.04 22.62 12.15
C MET B 538 -1.49 22.32 12.45
N GLY B 539 -1.94 22.55 13.68
CA GLY B 539 -3.34 22.49 14.04
C GLY B 539 -4.07 23.80 13.91
N MET B 540 -3.39 24.85 13.45
CA MET B 540 -3.99 26.17 13.25
C MET B 540 -3.88 26.61 11.81
N LEU B 541 -3.94 25.68 10.87
CA LEU B 541 -3.89 26.05 9.47
C LEU B 541 -5.02 26.97 9.07
N PRO B 542 -6.28 26.74 9.47
CA PRO B 542 -7.39 27.50 8.90
C PRO B 542 -7.74 28.78 9.65
N THR B 543 -6.88 29.23 10.55
CA THR B 543 -7.16 30.45 11.31
C THR B 543 -6.00 31.43 11.36
N LEU B 544 -4.99 31.28 10.50
CA LEU B 544 -3.90 32.24 10.48
C LEU B 544 -4.39 33.60 10.02
N ARG B 545 -3.61 34.63 10.33
CA ARG B 545 -3.95 36.00 9.96
C ARG B 545 -3.79 36.14 8.46
N THR B 546 -3.88 37.36 7.96
CA THR B 546 -3.56 37.67 6.57
C THR B 546 -2.08 38.00 6.47
N GLY B 547 -1.32 37.17 5.75
CA GLY B 547 0.11 37.31 5.66
C GLY B 547 0.89 36.45 6.64
N GLU B 548 0.25 35.99 7.70
CA GLU B 548 0.90 35.09 8.65
C GLU B 548 1.19 33.76 7.98
N ALA B 549 2.40 33.25 8.17
CA ALA B 549 2.85 32.05 7.48
C ALA B 549 3.60 31.12 8.43
N ILE B 550 3.28 29.84 8.37
CA ILE B 550 3.95 28.80 9.14
C ILE B 550 5.01 28.19 8.24
N ILE B 551 6.28 28.43 8.53
CA ILE B 551 7.38 27.88 7.75
C ILE B 551 7.75 26.52 8.31
N ILE B 552 7.79 25.52 7.44
CA ILE B 552 8.19 24.17 7.80
C ILE B 552 9.12 23.63 6.72
N GLY B 553 10.25 23.09 7.12
CA GLY B 553 11.17 22.50 6.17
C GLY B 553 12.59 22.58 6.70
N GLU B 554 13.50 21.99 5.92
CA GLU B 554 14.90 22.00 6.30
C GLU B 554 15.55 23.35 6.11
N SER B 555 14.94 24.24 5.33
CA SER B 555 15.53 25.55 5.11
C SER B 555 15.64 26.35 6.40
N VAL B 556 14.95 25.93 7.46
CA VAL B 556 15.02 26.57 8.76
C VAL B 556 15.49 25.55 9.78
N ARG B 557 15.98 26.06 10.92
CA ARG B 557 16.33 25.18 12.02
C ARG B 557 15.10 24.48 12.58
N LEU B 558 14.01 25.21 12.70
CA LEU B 558 12.77 24.69 13.29
C LEU B 558 11.61 25.34 12.58
N PRO B 559 10.40 24.79 12.74
CA PRO B 559 9.23 25.46 12.17
C PRO B 559 9.03 26.84 12.77
N MET B 560 8.51 27.76 11.96
CA MET B 560 8.31 29.14 12.36
C MET B 560 6.86 29.52 12.14
N ARG B 561 6.34 30.40 12.99
CA ARG B 561 5.03 31.02 12.82
C ARG B 561 5.27 32.51 12.61
N THR B 562 5.52 32.89 11.35
CA THR B 562 6.02 34.21 11.01
C THR B 562 4.95 35.02 10.31
N ILE B 563 4.80 36.28 10.72
CA ILE B 563 3.98 37.25 10.00
C ILE B 563 4.90 38.10 9.16
N ILE B 564 4.75 38.02 7.84
CA ILE B 564 5.66 38.70 6.94
C ILE B 564 5.50 40.21 7.10
N SER B 565 6.61 40.90 7.29
CA SER B 565 6.58 42.36 7.39
C SER B 565 6.05 42.91 6.08
N PRO B 566 4.86 43.52 6.07
CA PRO B 566 4.28 43.98 4.80
C PRO B 566 5.21 44.96 4.11
N PRO B 567 5.28 44.95 2.78
CA PRO B 567 6.04 45.98 2.10
C PRO B 567 5.42 47.34 2.34
N PRO B 568 6.23 48.41 2.32
CA PRO B 568 5.69 49.73 2.61
C PRO B 568 4.64 50.15 1.58
N PHE B 569 3.70 50.96 2.03
CA PHE B 569 2.61 51.41 1.16
C PHE B 569 3.19 52.08 -0.08
N GLY B 570 2.54 51.84 -1.22
CA GLY B 570 3.03 52.30 -2.49
C GLY B 570 3.93 51.32 -3.20
N ARG B 571 4.43 50.32 -2.49
CA ARG B 571 5.19 49.21 -3.06
C ARG B 571 4.42 47.94 -2.77
N ARG B 572 3.44 47.65 -3.61
CA ARG B 572 2.57 46.49 -3.44
C ARG B 572 2.08 46.05 -4.81
N PRO B 573 1.74 44.78 -4.97
CA PRO B 573 1.23 44.32 -6.26
C PRO B 573 -0.28 44.46 -6.35
N ASP B 574 -0.74 44.94 -7.50
CA ASP B 574 -2.18 45.03 -7.76
C ASP B 574 -2.38 45.11 -9.26
N SER B 575 -3.02 44.09 -9.83
CA SER B 575 -3.38 44.16 -11.23
C SER B 575 -4.38 45.29 -11.44
N LEU B 576 -4.19 46.05 -12.51
CA LEU B 576 -5.03 47.21 -12.79
C LEU B 576 -6.34 46.75 -13.44
N ASP B 577 -7.17 46.12 -12.62
CA ASP B 577 -8.46 45.60 -13.07
C ASP B 577 -9.48 46.74 -13.20
N PRO B 578 -10.42 46.63 -14.14
CA PRO B 578 -11.50 47.61 -14.20
C PRO B 578 -12.37 47.53 -12.96
N ASP B 579 -12.77 48.68 -12.44
CA ASP B 579 -13.65 48.75 -11.27
C ASP B 579 -15.07 48.99 -11.76
N VAL B 580 -15.92 47.98 -11.59
CA VAL B 580 -17.30 48.11 -12.05
C VAL B 580 -18.06 49.16 -11.25
N THR B 581 -17.78 49.27 -9.95
CA THR B 581 -18.52 50.23 -9.12
C THR B 581 -18.34 51.65 -9.64
N ALA B 582 -17.09 52.08 -9.81
CA ALA B 582 -16.85 53.43 -10.28
C ALA B 582 -17.13 53.57 -11.77
N LYS B 583 -16.97 52.48 -12.53
CA LYS B 583 -17.22 52.52 -13.97
C LYS B 583 -18.70 52.42 -14.31
N TRP B 584 -19.57 52.19 -13.33
CA TRP B 584 -21.01 52.27 -13.51
C TRP B 584 -21.63 53.45 -12.79
N SER B 585 -20.90 54.10 -11.89
CA SER B 585 -21.45 55.21 -11.14
C SER B 585 -21.52 56.50 -11.96
N ASN B 586 -20.59 56.70 -12.88
CA ASN B 586 -20.59 57.92 -13.66
C ASN B 586 -21.86 58.00 -14.52
N ASN B 587 -22.32 59.23 -14.77
CA ASN B 587 -23.50 59.42 -15.58
C ASN B 587 -23.23 58.99 -17.01
N ARG B 588 -24.21 58.29 -17.59
CA ARG B 588 -24.03 57.76 -18.94
C ARG B 588 -23.81 58.89 -19.93
N VAL B 589 -22.95 58.64 -20.90
CA VAL B 589 -22.64 59.61 -21.95
C VAL B 589 -22.77 58.93 -23.30
N GLN B 590 -23.27 59.67 -24.28
CA GLN B 590 -23.49 59.10 -25.60
C GLN B 590 -22.19 58.52 -26.15
N GLY B 591 -22.29 57.32 -26.71
CA GLY B 591 -21.14 56.60 -27.25
C GLY B 591 -21.21 56.53 -28.76
N ASP B 592 -20.04 56.61 -29.41
CA ASP B 592 -19.92 56.57 -30.86
C ASP B 592 -19.53 55.14 -31.24
N TYR B 593 -20.52 54.37 -31.70
CA TYR B 593 -20.31 52.95 -31.95
C TYR B 593 -19.94 52.63 -33.39
N LYS B 594 -19.79 53.64 -34.25
CA LYS B 594 -19.25 53.36 -35.58
C LYS B 594 -17.75 53.21 -35.55
N GLU B 595 -17.07 53.92 -34.65
CA GLU B 595 -15.61 53.84 -34.59
C GLU B 595 -15.16 52.48 -34.09
N VAL B 596 -15.88 51.89 -33.15
CA VAL B 596 -15.54 50.55 -32.69
C VAL B 596 -15.52 49.59 -33.87
N LEU B 597 -16.57 49.60 -34.68
CA LEU B 597 -16.63 48.70 -35.83
C LEU B 597 -15.43 48.90 -36.74
N THR B 598 -15.14 50.15 -37.10
CA THR B 598 -13.93 50.41 -37.88
C THR B 598 -12.69 50.05 -37.08
N LEU B 599 -12.71 50.31 -35.77
CA LEU B 599 -11.66 49.84 -34.88
C LEU B 599 -11.75 48.34 -34.62
N TRP B 600 -12.86 47.71 -35.02
CA TRP B 600 -13.05 46.27 -34.83
C TRP B 600 -12.67 45.50 -36.08
N ARG B 601 -12.98 46.03 -37.27
CA ARG B 601 -12.55 45.37 -38.50
C ARG B 601 -11.04 45.32 -38.59
N GLN B 602 -10.38 46.44 -38.28
CA GLN B 602 -8.97 46.62 -38.60
C GLN B 602 -8.05 45.86 -37.66
N LYS B 603 -8.56 45.30 -36.57
CA LYS B 603 -7.74 44.53 -35.64
C LYS B 603 -6.61 45.39 -35.08
N LYS B 604 -6.98 46.48 -34.43
CA LYS B 604 -5.98 47.31 -33.77
C LYS B 604 -6.63 48.00 -32.58
N VAL B 605 -5.77 48.53 -31.71
CA VAL B 605 -6.21 49.05 -30.42
C VAL B 605 -6.03 50.56 -30.30
N ARG B 606 -5.45 51.21 -31.30
CA ARG B 606 -5.28 52.66 -31.27
C ARG B 606 -6.45 53.38 -31.94
N SER B 636 -6.70 59.43 -9.59
CA SER B 636 -7.08 60.72 -9.02
C SER B 636 -5.92 61.70 -9.07
N ASN B 637 -4.89 61.45 -8.27
CA ASN B 637 -3.74 62.34 -8.20
C ASN B 637 -3.10 62.47 -9.58
N ILE B 638 -2.76 63.70 -9.95
CA ILE B 638 -2.13 64.02 -11.22
C ILE B 638 -0.76 64.62 -10.93
N LEU B 639 0.24 64.20 -11.71
CA LEU B 639 1.59 64.73 -11.59
C LEU B 639 1.99 65.63 -12.73
N SER B 640 1.43 65.42 -13.92
CA SER B 640 1.76 66.24 -15.09
C SER B 640 0.52 66.40 -15.94
N ILE B 641 0.50 67.47 -16.72
CA ILE B 641 -0.58 67.76 -17.64
C ILE B 641 0.01 68.22 -18.96
N GLY B 642 -0.51 67.68 -20.06
CA GLY B 642 -0.05 68.10 -21.37
C GLY B 642 -0.33 69.56 -21.61
N TYR B 643 0.56 70.18 -22.38
CA TYR B 643 0.46 71.60 -22.72
C TYR B 643 0.51 71.73 -24.24
N GLU B 644 -0.64 72.02 -24.84
CA GLU B 644 -0.69 72.27 -26.28
C GLU B 644 -1.87 73.18 -26.57
N ALA B 645 -1.71 74.05 -27.57
CA ALA B 645 -2.71 75.06 -27.87
C ALA B 645 -3.00 75.16 -29.37
N ASP B 646 -2.79 74.09 -30.12
CA ASP B 646 -3.01 74.12 -31.56
C ASP B 646 -3.95 73.03 -32.06
N SER B 647 -3.91 71.85 -31.45
CA SER B 647 -4.71 70.72 -31.92
C SER B 647 -6.03 70.58 -31.18
N MET B 648 -6.36 71.52 -30.30
CA MET B 648 -7.62 71.49 -29.55
C MET B 648 -7.73 70.15 -28.80
N THR B 649 -6.65 69.80 -28.09
CA THR B 649 -6.53 68.53 -27.41
C THR B 649 -5.89 68.74 -26.05
N LEU B 650 -6.05 67.75 -25.17
CA LEU B 650 -5.45 67.77 -23.86
C LEU B 650 -4.82 66.41 -23.57
N GLU B 651 -3.85 66.41 -22.67
CA GLU B 651 -3.26 65.17 -22.17
C GLU B 651 -3.04 65.30 -20.67
N ILE B 652 -3.44 64.26 -19.93
CA ILE B 652 -3.29 64.22 -18.48
C ILE B 652 -2.66 62.88 -18.12
N GLU B 653 -1.74 62.90 -17.15
CA GLU B 653 -1.04 61.71 -16.70
C GLU B 653 -1.33 61.47 -15.23
N PHE B 654 -1.96 60.34 -14.93
CA PHE B 654 -2.26 59.95 -13.56
C PHE B 654 -1.12 59.12 -13.00
N ASN B 655 -1.36 58.48 -11.85
CA ASN B 655 -0.43 57.49 -11.32
C ASN B 655 -0.44 56.25 -12.20
N HIS B 656 0.56 55.40 -11.99
CA HIS B 656 0.66 54.11 -12.67
C HIS B 656 0.87 54.25 -14.18
N GLY B 657 1.35 55.40 -14.63
CA GLY B 657 1.66 55.58 -16.03
C GLY B 657 0.46 55.50 -16.95
N LEU B 658 -0.62 56.19 -16.58
CA LEU B 658 -1.82 56.25 -17.41
C LEU B 658 -1.84 57.58 -18.15
N VAL B 659 -2.05 57.51 -19.46
CA VAL B 659 -2.07 58.69 -20.32
C VAL B 659 -3.43 58.76 -21.00
N TYR B 660 -4.09 59.90 -20.85
CA TYR B 660 -5.42 60.14 -21.41
C TYR B 660 -5.36 61.31 -22.39
N GLN B 661 -6.06 61.17 -23.50
CA GLN B 661 -6.12 62.22 -24.53
C GLN B 661 -7.57 62.60 -24.75
N TYR B 662 -7.99 63.73 -24.18
CA TYR B 662 -9.33 64.25 -24.35
C TYR B 662 -9.40 65.03 -25.66
N TYR B 663 -10.38 64.70 -26.50
CA TYR B 663 -10.52 65.33 -27.80
C TYR B 663 -11.54 66.45 -27.77
N ASP B 664 -11.37 67.39 -28.70
CA ASP B 664 -12.31 68.50 -28.88
C ASP B 664 -12.47 69.30 -27.59
N VAL B 665 -11.33 69.69 -27.01
CA VAL B 665 -11.29 70.52 -25.81
C VAL B 665 -10.78 71.90 -26.24
N PRO B 666 -11.58 72.96 -26.11
CA PRO B 666 -11.07 74.29 -26.47
C PRO B 666 -9.85 74.65 -25.63
N GLU B 667 -8.88 75.30 -26.28
CA GLU B 667 -7.65 75.67 -25.61
C GLU B 667 -7.85 76.81 -24.63
N THR B 668 -8.96 77.54 -24.75
CA THR B 668 -9.25 78.59 -23.76
C THR B 668 -9.39 78.00 -22.38
N LEU B 669 -10.08 76.86 -22.27
CA LEU B 669 -10.17 76.17 -20.99
C LEU B 669 -8.81 75.59 -20.60
N HIS B 670 -8.01 75.17 -21.58
CA HIS B 670 -6.71 74.58 -21.29
C HIS B 670 -5.88 75.49 -20.40
N THR B 671 -5.72 76.75 -20.79
CA THR B 671 -5.01 77.69 -19.94
C THR B 671 -5.74 77.90 -18.61
N GLU B 672 -7.08 77.92 -18.65
CA GLU B 672 -7.84 78.10 -17.42
C GLU B 672 -7.58 76.96 -16.45
N LEU B 673 -7.53 75.72 -16.95
CA LEU B 673 -7.20 74.59 -16.10
C LEU B 673 -5.79 74.73 -15.54
N LEU B 674 -4.82 74.97 -16.42
CA LEU B 674 -3.43 75.11 -15.97
C LEU B 674 -3.29 76.27 -15.00
N ALA B 675 -3.90 77.40 -15.31
CA ALA B 675 -3.83 78.56 -14.42
C ALA B 675 -4.66 78.36 -13.16
N ALA B 676 -5.66 77.48 -13.19
CA ALA B 676 -6.50 77.29 -12.02
C ALA B 676 -5.72 76.81 -10.81
N GLU B 677 -4.63 76.06 -11.05
CA GLU B 677 -3.84 75.50 -9.95
C GLU B 677 -4.72 74.64 -9.05
N SER B 678 -5.78 74.08 -9.64
CA SER B 678 -6.74 73.24 -8.93
C SER B 678 -6.72 71.88 -9.58
N HIS B 679 -5.81 71.02 -9.14
CA HIS B 679 -5.72 69.65 -9.61
C HIS B 679 -6.50 68.75 -8.67
N GLY B 680 -7.44 67.99 -9.22
CA GLY B 680 -8.26 67.11 -8.44
C GLY B 680 -9.59 67.69 -8.00
N LYS B 681 -9.75 69.01 -8.04
CA LYS B 681 -11.03 69.65 -7.73
C LYS B 681 -11.62 70.33 -8.96
N PHE B 682 -10.89 71.28 -9.57
CA PHE B 682 -11.35 71.88 -10.81
C PHE B 682 -11.50 70.81 -11.88
N PHE B 683 -10.58 69.86 -11.90
CA PHE B 683 -10.71 68.72 -12.82
C PHE B 683 -11.93 67.86 -12.49
N ASN B 684 -12.36 67.83 -11.22
CA ASN B 684 -13.61 67.14 -10.90
C ASN B 684 -14.82 67.98 -11.27
N SER B 685 -14.68 69.30 -11.27
CA SER B 685 -15.85 70.16 -11.41
C SER B 685 -16.60 69.87 -12.69
N GLN B 686 -15.96 70.09 -13.85
CA GLN B 686 -16.67 69.94 -15.11
C GLN B 686 -15.79 69.42 -16.24
N ILE B 687 -14.86 68.51 -15.96
CA ILE B 687 -13.91 68.07 -16.99
C ILE B 687 -13.93 66.57 -17.22
N LYS B 688 -14.33 65.74 -16.26
CA LYS B 688 -14.41 64.31 -16.53
C LYS B 688 -15.36 63.95 -17.68
N ASN B 689 -16.66 64.15 -17.49
CA ASN B 689 -17.66 63.63 -18.41
C ASN B 689 -18.30 64.74 -19.25
N ASN B 690 -17.48 65.61 -19.82
CA ASN B 690 -17.96 66.63 -20.76
C ASN B 690 -17.38 66.47 -22.16
N TYR B 691 -16.26 65.78 -22.32
CA TYR B 691 -15.60 65.66 -23.61
C TYR B 691 -15.24 64.21 -23.89
N ARG B 692 -15.02 63.93 -25.17
CA ARG B 692 -14.57 62.61 -25.60
C ARG B 692 -13.13 62.37 -25.19
N PHE B 693 -12.73 61.09 -25.18
CA PHE B 693 -11.37 60.74 -24.83
C PHE B 693 -11.08 59.34 -25.38
N SER B 694 -9.79 58.99 -25.38
CA SER B 694 -9.36 57.65 -25.78
C SER B 694 -7.99 57.42 -25.13
N ARG B 695 -7.94 56.51 -24.17
CA ARG B 695 -6.72 56.28 -23.41
C ARG B 695 -5.56 55.91 -24.33
N ILE B 696 -4.43 56.57 -24.14
CA ILE B 696 -3.23 56.28 -24.90
C ILE B 696 -2.05 56.17 -23.94
N SER C 11 -29.47 -26.81 61.36
CA SER C 11 -29.47 -25.52 62.05
C SER C 11 -28.16 -24.79 61.82
N THR C 12 -27.77 -24.66 60.55
CA THR C 12 -26.54 -23.97 60.17
C THR C 12 -26.78 -22.46 60.10
N TYR C 13 -27.12 -21.89 61.26
CA TYR C 13 -27.34 -20.44 61.34
C TYR C 13 -26.09 -19.69 60.92
N ILE C 14 -26.25 -18.71 60.04
CA ILE C 14 -25.12 -17.96 59.52
C ILE C 14 -25.28 -16.49 59.87
N GLY C 15 -26.36 -15.86 59.40
CA GLY C 15 -26.53 -14.44 59.65
C GLY C 15 -27.96 -13.99 59.47
N THR C 16 -28.26 -12.82 60.03
CA THR C 16 -29.57 -12.22 59.98
C THR C 16 -29.47 -10.76 59.56
N VAL C 17 -30.49 -10.28 58.86
CA VAL C 17 -30.50 -8.93 58.32
C VAL C 17 -30.49 -7.91 59.46
N GLN C 18 -29.70 -6.85 59.29
CA GLN C 18 -29.68 -5.75 60.25
C GLN C 18 -29.66 -4.37 59.62
N ASP C 19 -29.41 -4.22 58.32
CA ASP C 19 -29.31 -2.91 57.70
C ASP C 19 -29.85 -3.05 56.27
N VAL C 20 -31.06 -2.57 56.04
CA VAL C 20 -31.70 -2.59 54.73
C VAL C 20 -31.64 -1.18 54.15
N ASN C 21 -31.00 -1.05 52.99
CA ASN C 21 -30.84 0.24 52.34
C ASN C 21 -31.51 0.23 50.97
N GLY C 22 -32.72 -0.33 50.91
CA GLY C 22 -33.44 -0.47 49.65
C GLY C 22 -33.21 -1.80 48.98
N ALA C 23 -32.05 -2.01 48.37
CA ALA C 23 -31.72 -3.26 47.70
C ALA C 23 -30.47 -3.93 48.24
N ASN C 24 -29.43 -3.16 48.54
CA ASN C 24 -28.16 -3.72 49.01
C ASN C 24 -28.25 -3.92 50.52
N ILE C 25 -28.92 -5.01 50.90
CA ILE C 25 -29.12 -5.29 52.32
C ILE C 25 -27.79 -5.66 52.97
N ARG C 26 -27.80 -5.66 54.31
CA ARG C 26 -26.65 -6.06 55.10
C ARG C 26 -27.12 -6.97 56.23
N VAL C 27 -26.31 -7.98 56.53
CA VAL C 27 -26.64 -8.97 57.55
C VAL C 27 -25.43 -9.20 58.44
N VAL C 28 -25.68 -9.37 59.73
CA VAL C 28 -24.65 -9.69 60.71
C VAL C 28 -24.74 -11.17 61.05
N LEU C 29 -23.58 -11.81 61.15
CA LEU C 29 -23.50 -13.25 61.42
C LEU C 29 -23.10 -13.50 62.87
N ASP C 30 -23.23 -14.75 63.28
CA ASP C 30 -22.86 -15.16 64.63
C ASP C 30 -21.39 -15.57 64.67
N GLY C 48 -23.66 -24.73 51.47
CA GLY C 48 -23.88 -23.43 50.84
C GLY C 48 -23.09 -23.27 49.56
N GLN C 49 -23.37 -24.13 48.59
CA GLN C 49 -22.63 -24.10 47.33
C GLN C 49 -22.88 -22.78 46.60
N ILE C 50 -22.01 -22.49 45.63
CA ILE C 50 -22.10 -21.23 44.90
C ILE C 50 -23.39 -21.17 44.09
N GLY C 51 -23.69 -22.22 43.33
CA GLY C 51 -24.86 -22.21 42.48
C GLY C 51 -26.08 -22.81 43.14
N SER C 52 -26.28 -22.52 44.43
CA SER C 52 -27.35 -23.12 45.23
C SER C 52 -28.27 -22.02 45.76
N PHE C 53 -29.57 -22.27 45.67
CA PHE C 53 -30.55 -21.32 46.19
C PHE C 53 -30.52 -21.30 47.71
N VAL C 54 -31.42 -20.50 48.30
CA VAL C 54 -31.49 -20.33 49.75
C VAL C 54 -32.94 -20.30 50.19
N ARG C 55 -33.16 -20.64 51.46
CA ARG C 55 -34.48 -20.68 52.07
C ARG C 55 -34.64 -19.55 53.07
N ILE C 56 -35.70 -18.76 52.89
CA ILE C 56 -36.00 -17.62 53.76
C ILE C 56 -37.50 -17.59 54.03
N PRO C 57 -37.99 -18.27 55.07
CA PRO C 57 -39.41 -18.18 55.39
C PRO C 57 -39.77 -16.85 56.02
N ILE C 58 -40.88 -16.28 55.59
CA ILE C 58 -41.40 -15.02 56.13
C ILE C 58 -42.85 -15.27 56.54
N GLY C 59 -43.06 -15.72 57.77
CA GLY C 59 -44.39 -15.88 58.31
C GLY C 59 -45.11 -17.09 57.74
N TYR C 60 -45.54 -16.99 56.49
CA TYR C 60 -46.25 -18.07 55.83
C TYR C 60 -45.66 -18.35 54.45
N ILE C 61 -45.02 -17.36 53.85
CA ILE C 61 -44.48 -17.46 52.50
C ILE C 61 -42.97 -17.67 52.59
N ASN C 62 -42.47 -18.65 51.84
CA ASN C 62 -41.05 -18.95 51.77
C ASN C 62 -40.45 -18.26 50.55
N LEU C 63 -39.30 -17.61 50.75
CA LEU C 63 -38.63 -16.86 49.70
C LEU C 63 -37.38 -17.61 49.28
N PHE C 64 -37.29 -17.92 47.98
CA PHE C 64 -36.14 -18.60 47.40
C PHE C 64 -35.51 -17.72 46.33
N GLY C 65 -34.19 -17.77 46.24
CA GLY C 65 -33.47 -17.03 45.23
C GLY C 65 -31.99 -17.34 45.28
N ILE C 66 -31.26 -16.71 44.37
CA ILE C 66 -29.81 -16.87 44.29
C ILE C 66 -29.18 -15.68 45.01
N VAL C 67 -28.56 -15.94 46.15
CA VAL C 67 -27.69 -14.97 46.81
C VAL C 67 -26.27 -15.34 46.37
N SER C 68 -25.84 -14.76 45.26
CA SER C 68 -24.52 -15.01 44.70
C SER C 68 -23.43 -14.25 45.42
N GLN C 69 -23.79 -13.37 46.37
CA GLN C 69 -22.82 -12.61 47.15
C GLN C 69 -22.96 -13.03 48.61
N VAL C 70 -21.91 -13.64 49.15
CA VAL C 70 -21.92 -14.10 50.54
C VAL C 70 -20.48 -14.08 51.04
N GLY C 71 -20.30 -13.70 52.29
CA GLY C 71 -19.00 -13.76 52.92
C GLY C 71 -17.93 -12.90 52.29
N ALA C 72 -16.98 -13.54 51.61
CA ALA C 72 -15.74 -12.87 51.24
C ALA C 72 -16.00 -11.60 50.43
N GLY C 73 -16.74 -11.72 49.34
CA GLY C 73 -17.09 -10.56 48.55
C GLY C 73 -18.28 -9.79 49.09
N ALA C 74 -19.04 -10.39 50.00
CA ALA C 74 -20.24 -9.78 50.56
C ALA C 74 -19.93 -8.83 51.70
N VAL C 75 -18.72 -8.85 52.24
CA VAL C 75 -18.39 -7.91 53.31
C VAL C 75 -18.50 -6.49 52.76
N PRO C 76 -19.19 -5.57 53.44
CA PRO C 76 -19.36 -4.22 52.88
C PRO C 76 -18.07 -3.42 53.03
N ASP C 77 -17.69 -2.74 51.94
CA ASP C 77 -16.44 -1.97 51.95
C ASP C 77 -16.47 -0.88 53.01
N LYS C 78 -17.66 -0.37 53.34
CA LYS C 78 -17.75 0.73 54.29
C LYS C 78 -17.29 0.30 55.68
N LEU C 79 -17.83 -0.81 56.18
CA LEU C 79 -17.54 -1.25 57.55
C LEU C 79 -16.23 -2.00 57.67
N LEU C 80 -15.58 -2.36 56.54
CA LEU C 80 -14.38 -3.19 56.60
C LEU C 80 -13.32 -2.60 57.53
N GLU C 81 -13.21 -1.28 57.61
CA GLU C 81 -12.14 -0.68 58.41
C GLU C 81 -12.21 -1.11 59.86
N VAL C 82 -13.40 -1.48 60.34
CA VAL C 82 -13.54 -1.89 61.74
C VAL C 82 -12.95 -3.28 61.96
N GLU C 83 -13.37 -4.25 61.15
CA GLU C 83 -12.92 -5.64 61.27
C GLU C 83 -12.61 -6.18 59.88
N PRO C 84 -11.43 -5.89 59.32
CA PRO C 84 -11.03 -6.49 58.06
C PRO C 84 -10.68 -7.97 58.14
N TYR C 85 -10.83 -8.61 59.29
CA TYR C 85 -10.38 -9.98 59.51
C TYR C 85 -11.51 -11.00 59.45
N GLY C 86 -12.71 -10.60 59.03
CA GLY C 86 -13.83 -11.51 58.93
C GLY C 86 -14.72 -11.16 57.76
N HIS C 87 -15.43 -12.18 57.28
CA HIS C 87 -16.37 -12.02 56.15
C HIS C 87 -17.59 -12.89 56.45
N ARG C 88 -18.58 -12.30 57.12
CA ARG C 88 -19.80 -12.97 57.53
C ARG C 88 -21.01 -12.11 57.19
N TRP C 89 -21.03 -11.57 55.97
CA TRP C 89 -22.10 -10.71 55.51
C TRP C 89 -22.76 -11.34 54.29
N ILE C 90 -24.07 -11.12 54.16
CA ILE C 90 -24.83 -11.65 53.05
C ILE C 90 -25.82 -10.59 52.58
N SER C 91 -25.91 -10.39 51.27
CA SER C 91 -26.81 -9.40 50.68
C SER C 91 -27.94 -10.13 49.98
N VAL C 92 -29.18 -9.78 50.32
CA VAL C 92 -30.36 -10.51 49.90
C VAL C 92 -30.98 -9.79 48.70
N GLN C 93 -31.12 -10.52 47.59
CA GLN C 93 -31.83 -10.04 46.41
C GLN C 93 -32.39 -11.28 45.72
N LEU C 94 -33.70 -11.48 45.87
CA LEU C 94 -34.33 -12.76 45.55
C LEU C 94 -34.59 -12.87 44.04
N VAL C 95 -35.09 -14.04 43.64
CA VAL C 95 -35.49 -14.28 42.25
C VAL C 95 -37.00 -14.49 42.19
N GLY C 96 -37.56 -15.11 43.22
CA GLY C 96 -38.98 -15.39 43.24
C GLY C 96 -39.48 -15.68 44.64
N GLU C 97 -40.79 -15.92 44.72
CA GLU C 97 -41.48 -16.17 45.98
C GLU C 97 -42.37 -17.40 45.84
N GLU C 98 -42.58 -18.09 46.95
CA GLU C 98 -43.50 -19.22 47.00
C GLU C 98 -44.91 -18.69 47.26
N GLY C 99 -45.85 -19.09 46.41
CA GLY C 99 -47.21 -18.62 46.52
C GLY C 99 -47.89 -19.13 47.78
N ILE C 100 -49.21 -18.99 47.79
CA ILE C 100 -50.02 -19.42 48.94
C ILE C 100 -50.34 -20.89 48.69
N LYS C 101 -49.41 -21.75 49.06
CA LYS C 101 -49.53 -23.21 48.94
C LYS C 101 -49.77 -23.67 47.51
N LYS C 102 -49.68 -22.78 46.53
CA LYS C 102 -50.04 -23.11 45.16
C LYS C 102 -48.83 -23.52 44.33
N GLU C 103 -47.87 -22.63 44.16
CA GLU C 103 -46.65 -22.93 43.40
C GLU C 103 -45.63 -21.84 43.69
N PHE C 104 -44.54 -21.86 42.94
CA PHE C 104 -43.45 -20.89 43.04
C PHE C 104 -43.39 -20.09 41.75
N GLU C 105 -43.44 -18.77 41.86
CA GLU C 105 -43.45 -17.91 40.68
C GLU C 105 -42.45 -16.77 40.85
N ARG C 106 -41.91 -16.31 39.73
CA ARG C 106 -40.89 -15.29 39.73
C ARG C 106 -41.38 -14.04 40.44
N GLY C 107 -40.45 -13.14 40.71
CA GLY C 107 -40.77 -11.88 41.37
C GLY C 107 -41.17 -12.09 42.82
N VAL C 108 -41.06 -11.03 43.62
CA VAL C 108 -41.40 -11.08 45.03
C VAL C 108 -42.28 -9.87 45.36
N SER C 109 -43.38 -10.11 46.07
CA SER C 109 -44.27 -9.02 46.45
C SER C 109 -43.72 -8.22 47.63
N GLN C 110 -42.80 -8.79 48.40
CA GLN C 110 -42.20 -8.10 49.54
C GLN C 110 -40.74 -8.48 49.65
N TYR C 111 -39.93 -7.57 50.25
CA TYR C 111 -38.51 -7.84 50.41
C TYR C 111 -38.19 -8.21 51.86
N PRO C 112 -37.16 -9.03 52.10
CA PRO C 112 -36.83 -9.41 53.47
C PRO C 112 -36.50 -8.20 54.34
N THR C 113 -36.76 -8.35 55.63
CA THR C 113 -36.62 -7.27 56.60
C THR C 113 -35.89 -7.80 57.82
N ILE C 114 -35.90 -7.02 58.90
CA ILE C 114 -35.21 -7.41 60.12
C ILE C 114 -35.87 -8.62 60.74
N GLY C 115 -35.05 -9.52 61.28
CA GLY C 115 -35.51 -10.69 61.99
C GLY C 115 -35.57 -11.96 61.15
N ASP C 116 -35.56 -11.83 59.83
CA ASP C 116 -35.60 -13.00 58.97
C ASP C 116 -34.30 -13.78 59.08
N LYS C 117 -34.42 -15.11 59.10
CA LYS C 117 -33.28 -16.02 59.14
C LYS C 117 -33.33 -16.90 57.90
N VAL C 118 -32.15 -17.16 57.34
CA VAL C 118 -32.01 -17.89 56.08
C VAL C 118 -31.52 -19.30 56.38
N HIS C 119 -32.21 -20.29 55.82
CA HIS C 119 -31.85 -21.70 55.92
C HIS C 119 -31.34 -22.20 54.58
N ILE C 120 -31.10 -23.51 54.52
CA ILE C 120 -30.76 -24.18 53.27
C ILE C 120 -32.03 -24.83 52.73
N VAL C 121 -32.17 -24.81 51.40
CA VAL C 121 -33.34 -25.40 50.78
C VAL C 121 -33.31 -26.92 50.96
N THR C 122 -34.50 -27.52 50.92
CA THR C 122 -34.66 -28.96 51.15
C THR C 122 -35.18 -29.64 49.90
N GLU C 123 -35.11 -30.97 49.91
CA GLU C 123 -35.53 -31.77 48.76
C GLU C 123 -36.97 -31.49 48.33
N PRO C 124 -37.95 -31.48 49.23
CA PRO C 124 -39.32 -31.16 48.77
C PRO C 124 -39.40 -29.81 48.08
N ASP C 125 -38.67 -28.81 48.58
CA ASP C 125 -38.67 -27.51 47.95
C ASP C 125 -38.09 -27.57 46.54
N LEU C 126 -37.00 -28.31 46.37
CA LEU C 126 -36.43 -28.47 45.03
C LEU C 126 -37.41 -29.21 44.12
N LYS C 127 -38.10 -30.22 44.65
CA LYS C 127 -39.09 -30.92 43.85
C LYS C 127 -40.19 -29.98 43.38
N LYS C 128 -40.72 -29.17 44.30
CA LYS C 128 -41.86 -28.33 43.97
C LYS C 128 -41.44 -27.09 43.19
N ILE C 129 -40.27 -26.52 43.50
CA ILE C 129 -39.82 -25.32 42.81
C ILE C 129 -39.60 -25.62 41.33
N TYR C 130 -38.96 -26.75 41.04
CA TYR C 130 -38.80 -27.19 39.66
C TYR C 130 -39.95 -28.08 39.19
N GLY C 131 -40.79 -28.54 40.11
CA GLY C 131 -41.91 -29.37 39.73
C GLY C 131 -42.99 -28.58 39.02
N THR C 132 -43.78 -29.31 38.23
CA THR C 132 -44.86 -28.72 37.47
C THR C 132 -45.94 -29.77 37.21
N GLN C 133 -47.18 -29.31 37.15
CA GLN C 133 -48.31 -30.17 36.81
C GLN C 133 -48.62 -30.14 35.31
N ASN C 134 -47.82 -29.44 34.52
CA ASN C 134 -48.04 -29.34 33.09
C ASN C 134 -47.35 -30.49 32.37
N LYS C 135 -48.09 -31.16 31.49
CA LYS C 135 -47.53 -32.24 30.68
C LYS C 135 -46.69 -31.73 29.53
N LYS C 136 -46.79 -30.44 29.19
CA LYS C 136 -46.03 -29.90 28.06
C LYS C 136 -44.54 -30.12 28.24
N TYR C 137 -44.04 -29.99 29.46
CA TYR C 137 -42.62 -30.08 29.70
C TYR C 137 -42.12 -31.52 29.52
N ILE C 138 -40.81 -31.64 29.38
CA ILE C 138 -40.13 -32.92 29.17
C ILE C 138 -38.89 -32.95 30.05
N SER C 139 -38.65 -34.11 30.67
CA SER C 139 -37.45 -34.30 31.48
C SER C 139 -36.30 -34.79 30.61
N LEU C 140 -35.17 -34.08 30.68
CA LEU C 140 -33.97 -34.46 29.94
C LEU C 140 -32.82 -34.84 30.86
N GLY C 141 -32.38 -33.93 31.73
CA GLY C 141 -31.26 -34.16 32.60
C GLY C 141 -31.65 -34.17 34.06
N ASN C 142 -30.65 -33.97 34.91
CA ASN C 142 -30.83 -34.00 36.35
C ASN C 142 -30.06 -32.84 36.97
N ILE C 143 -30.49 -32.42 38.16
CA ILE C 143 -29.84 -31.30 38.83
C ILE C 143 -28.60 -31.80 39.55
N ALA C 144 -27.65 -30.89 39.76
CA ALA C 144 -26.39 -31.27 40.38
C ALA C 144 -26.57 -31.69 41.82
N SER C 145 -27.43 -30.99 42.57
CA SER C 145 -27.61 -31.27 44.00
C SER C 145 -28.00 -32.73 44.23
N VAL C 146 -29.17 -33.12 43.75
CA VAL C 146 -29.64 -34.50 43.82
C VAL C 146 -30.17 -34.88 42.45
N ASP C 147 -29.57 -35.90 41.83
CA ASP C 147 -29.98 -36.29 40.49
C ASP C 147 -31.42 -36.78 40.44
N SER C 148 -32.00 -37.13 41.59
CA SER C 148 -33.37 -37.60 41.60
C SER C 148 -34.31 -36.59 40.95
N ILE C 149 -34.01 -35.32 41.06
CA ILE C 149 -34.83 -34.29 40.42
C ILE C 149 -34.65 -34.39 38.91
N PRO C 150 -35.71 -34.58 38.13
CA PRO C 150 -35.58 -34.48 36.68
C PRO C 150 -35.71 -33.03 36.22
N ALA C 151 -34.89 -32.69 35.23
CA ALA C 151 -34.87 -31.34 34.68
C ALA C 151 -35.87 -31.25 33.55
N LEU C 152 -36.97 -30.55 33.79
CA LEU C 152 -38.04 -30.42 32.81
C LEU C 152 -37.78 -29.21 31.92
N VAL C 153 -38.03 -29.37 30.62
CA VAL C 153 -37.84 -28.30 29.66
C VAL C 153 -39.01 -28.32 28.68
N ASN C 154 -39.53 -27.13 28.38
CA ASN C 154 -40.61 -27.02 27.42
C ASN C 154 -40.18 -27.60 26.07
N ILE C 155 -41.17 -28.02 25.28
CA ILE C 155 -40.89 -28.63 23.98
C ILE C 155 -41.45 -27.75 22.88
N ASP C 156 -42.54 -27.04 23.15
CA ASP C 156 -43.08 -26.12 22.16
C ASP C 156 -42.22 -24.87 22.05
N THR C 157 -41.78 -24.34 23.18
CA THR C 157 -40.82 -23.24 23.16
C THR C 157 -39.51 -23.66 22.53
N LEU C 158 -39.08 -24.89 22.79
CA LEU C 158 -37.83 -25.39 22.22
C LEU C 158 -37.89 -25.44 20.69
N VAL C 159 -39.07 -25.72 20.15
CA VAL C 159 -39.22 -25.84 18.70
C VAL C 159 -39.73 -24.57 18.04
N THR C 160 -40.20 -23.60 18.83
CA THR C 160 -40.71 -22.34 18.29
C THR C 160 -39.76 -21.17 18.53
N ARG C 161 -39.10 -21.12 19.68
CA ARG C 161 -38.24 -20.01 20.03
C ARG C 161 -36.78 -20.25 19.68
N HIS C 162 -36.46 -21.36 19.01
CA HIS C 162 -35.10 -21.61 18.56
C HIS C 162 -34.14 -21.73 19.74
N SER C 163 -32.97 -22.32 19.50
CA SER C 163 -32.00 -22.56 20.56
C SER C 163 -30.66 -22.88 19.91
N ALA C 164 -29.64 -23.03 20.75
CA ALA C 164 -28.31 -23.37 20.26
C ALA C 164 -27.52 -24.02 21.38
N VAL C 165 -26.45 -24.71 20.99
CA VAL C 165 -25.58 -25.42 21.91
C VAL C 165 -24.17 -24.84 21.74
N LEU C 166 -23.53 -24.51 22.86
CA LEU C 166 -22.19 -23.96 22.84
C LEU C 166 -21.36 -24.65 23.90
N GLY C 167 -20.05 -24.60 23.71
CA GLY C 167 -19.12 -25.27 24.61
C GLY C 167 -17.75 -25.39 23.99
N SER C 168 -16.80 -25.76 24.82
CA SER C 168 -15.45 -26.01 24.34
C SER C 168 -15.42 -27.31 23.54
N THR C 169 -14.37 -27.46 22.73
CA THR C 169 -14.27 -28.62 21.84
C THR C 169 -14.25 -29.92 22.62
N GLY C 170 -13.72 -29.91 23.84
CA GLY C 170 -13.65 -31.09 24.68
C GLY C 170 -14.84 -31.30 25.58
N SER C 171 -15.91 -30.53 25.41
CA SER C 171 -17.08 -30.61 26.26
C SER C 171 -18.10 -31.58 25.67
N GLY C 172 -19.30 -31.63 26.26
CA GLY C 172 -20.33 -32.54 25.81
C GLY C 172 -20.65 -32.38 24.34
N LYS C 173 -21.13 -31.20 23.96
CA LYS C 173 -21.35 -30.88 22.55
C LYS C 173 -22.21 -31.92 21.86
N SER C 174 -21.57 -32.85 21.14
CA SER C 174 -22.32 -33.83 20.35
C SER C 174 -22.88 -34.96 21.18
N THR C 175 -22.36 -35.16 22.40
CA THR C 175 -22.92 -36.18 23.27
C THR C 175 -24.22 -35.72 23.92
N THR C 176 -24.42 -34.41 24.06
CA THR C 176 -25.66 -33.91 24.62
C THR C 176 -26.78 -33.89 23.59
N VAL C 177 -26.49 -33.45 22.37
CA VAL C 177 -27.54 -33.31 21.37
C VAL C 177 -28.17 -34.67 21.06
N THR C 178 -27.36 -35.73 21.05
CA THR C 178 -27.92 -37.05 20.80
C THR C 178 -28.90 -37.45 21.89
N SER C 179 -28.58 -37.13 23.15
CA SER C 179 -29.49 -37.44 24.24
C SER C 179 -30.82 -36.71 24.07
N ILE C 180 -30.77 -35.44 23.66
CA ILE C 180 -31.99 -34.68 23.45
C ILE C 180 -32.82 -35.33 22.35
N LEU C 181 -32.19 -35.60 21.20
CA LEU C 181 -32.95 -36.16 20.08
C LEU C 181 -33.44 -37.56 20.39
N GLN C 182 -32.72 -38.31 21.23
CA GLN C 182 -33.15 -39.66 21.57
C GLN C 182 -34.31 -39.63 22.55
N ARG C 183 -34.30 -38.69 23.49
CA ARG C 183 -35.43 -38.56 24.41
C ARG C 183 -36.65 -37.99 23.71
N ILE C 184 -36.46 -36.93 22.91
CA ILE C 184 -37.59 -36.30 22.24
C ILE C 184 -38.15 -37.20 21.15
N SER C 185 -37.31 -38.04 20.53
CA SER C 185 -37.76 -38.94 19.48
C SER C 185 -38.33 -40.24 20.01
N ASP C 186 -38.75 -40.28 21.28
CA ASP C 186 -39.35 -41.49 21.83
C ASP C 186 -40.70 -41.74 21.18
N MET C 187 -40.91 -42.96 20.68
CA MET C 187 -42.13 -43.26 19.96
C MET C 187 -43.34 -43.31 20.89
N SER C 188 -43.16 -43.78 22.12
CA SER C 188 -44.30 -43.96 23.01
C SER C 188 -44.96 -42.63 23.33
N GLN C 189 -44.17 -41.59 23.55
CA GLN C 189 -44.68 -40.29 23.96
C GLN C 189 -44.88 -39.32 22.80
N PHE C 190 -44.11 -39.47 21.73
CA PHE C 190 -44.18 -38.59 20.57
C PHE C 190 -44.18 -39.43 19.30
N PRO C 191 -45.26 -40.19 19.05
CA PRO C 191 -45.27 -41.12 17.92
C PRO C 191 -45.26 -40.44 16.55
N SER C 192 -45.29 -39.11 16.49
CA SER C 192 -45.27 -38.41 15.20
C SER C 192 -44.30 -37.24 15.26
N ALA C 193 -43.15 -37.42 15.89
CA ALA C 193 -42.12 -36.40 15.85
C ALA C 193 -41.53 -36.30 14.44
N ARG C 194 -40.96 -35.14 14.14
CA ARG C 194 -40.43 -34.86 12.82
C ARG C 194 -39.32 -33.83 12.97
N ILE C 195 -38.06 -34.27 12.83
CA ILE C 195 -36.92 -33.37 12.93
C ILE C 195 -35.89 -33.77 11.89
N ILE C 196 -34.94 -32.87 11.65
CA ILE C 196 -33.86 -33.09 10.70
C ILE C 196 -32.55 -32.68 11.35
N VAL C 197 -31.47 -33.34 10.96
CA VAL C 197 -30.14 -33.07 11.50
C VAL C 197 -29.15 -32.91 10.36
N PHE C 198 -28.27 -31.93 10.50
CA PHE C 198 -27.15 -31.72 9.61
C PHE C 198 -25.87 -32.06 10.35
N ASP C 199 -25.13 -33.04 9.85
CA ASP C 199 -23.85 -33.44 10.42
C ASP C 199 -22.78 -33.37 9.34
N ILE C 200 -21.62 -32.84 9.70
CA ILE C 200 -20.53 -32.73 8.73
C ILE C 200 -19.51 -33.85 8.90
N HIS C 201 -19.30 -34.34 10.12
CA HIS C 201 -18.39 -35.44 10.38
C HIS C 201 -19.05 -36.80 10.25
N GLY C 202 -20.37 -36.84 10.13
CA GLY C 202 -21.08 -38.11 10.15
C GLY C 202 -20.88 -38.84 11.47
N GLU C 203 -20.88 -38.10 12.57
CA GLU C 203 -20.60 -38.67 13.89
C GLU C 203 -21.87 -39.09 14.64
N TYR C 204 -23.05 -38.91 14.05
CA TYR C 204 -24.29 -39.22 14.75
C TYR C 204 -24.98 -40.49 14.25
N ALA C 205 -24.54 -41.06 13.13
CA ALA C 205 -25.21 -42.25 12.62
C ALA C 205 -25.10 -43.41 13.61
N ALA C 206 -23.92 -43.61 14.18
CA ALA C 206 -23.70 -44.79 15.01
C ALA C 206 -24.56 -44.79 16.26
N ALA C 207 -24.88 -43.63 16.81
CA ALA C 207 -25.72 -43.58 18.01
C ALA C 207 -27.08 -44.19 17.74
N PHE C 208 -27.68 -43.87 16.59
CA PHE C 208 -28.99 -44.40 16.19
C PHE C 208 -28.72 -45.46 15.11
N LYS C 209 -28.50 -46.69 15.56
CA LYS C 209 -28.05 -47.75 14.65
C LYS C 209 -29.06 -47.99 13.54
N GLY C 210 -30.33 -48.18 13.90
CA GLY C 210 -31.36 -48.47 12.91
C GLY C 210 -32.65 -47.73 13.18
N LYS C 211 -32.60 -46.70 14.01
CA LYS C 211 -33.77 -45.90 14.35
C LYS C 211 -33.88 -44.64 13.51
N ALA C 212 -32.91 -44.35 12.67
CA ALA C 212 -32.84 -43.08 11.96
C ALA C 212 -32.55 -43.33 10.49
N LYS C 213 -33.10 -42.46 9.64
CA LYS C 213 -32.78 -42.47 8.22
C LYS C 213 -31.54 -41.60 8.01
N VAL C 214 -30.43 -42.24 7.66
CA VAL C 214 -29.15 -41.56 7.51
C VAL C 214 -28.72 -41.70 6.05
N TYR C 215 -28.47 -40.57 5.40
CA TYR C 215 -28.13 -40.54 3.98
C TYR C 215 -26.71 -40.02 3.83
N LYS C 216 -25.92 -40.68 3.00
CA LYS C 216 -24.54 -40.26 2.75
C LYS C 216 -24.27 -40.24 1.26
N VAL C 217 -23.10 -39.69 0.90
CA VAL C 217 -22.72 -39.57 -0.50
C VAL C 217 -22.15 -40.89 -1.01
N THR C 218 -21.23 -41.49 -0.26
CA THR C 218 -20.70 -42.80 -0.63
C THR C 218 -21.63 -43.85 -0.05
N PRO C 219 -22.49 -44.45 -0.86
CA PRO C 219 -23.54 -45.32 -0.30
C PRO C 219 -22.95 -46.59 0.31
N SER C 220 -23.68 -47.11 1.29
CA SER C 220 -23.31 -48.36 1.95
C SER C 220 -24.42 -49.39 1.78
N ASN C 221 -24.30 -50.53 2.45
CA ASN C 221 -25.28 -51.60 2.27
C ASN C 221 -26.67 -51.15 2.70
N ASN C 222 -26.77 -50.44 3.83
CA ASN C 222 -28.07 -50.04 4.37
C ASN C 222 -28.18 -48.53 4.46
N GLU C 223 -27.73 -47.81 3.44
CA GLU C 223 -27.82 -46.36 3.41
C GLU C 223 -28.15 -45.90 1.99
N LEU C 224 -29.07 -44.95 1.90
CA LEU C 224 -29.48 -44.40 0.62
C LEU C 224 -28.45 -43.36 0.17
N LYS C 225 -28.81 -42.59 -0.85
CA LYS C 225 -27.97 -41.53 -1.39
C LYS C 225 -28.53 -40.17 -0.98
N LEU C 226 -27.73 -39.38 -0.28
CA LEU C 226 -28.12 -38.01 0.01
C LEU C 226 -28.03 -37.21 -1.28
N SER C 227 -29.14 -37.13 -2.01
CA SER C 227 -29.15 -36.49 -3.32
C SER C 227 -30.02 -35.24 -3.28
N ILE C 228 -29.53 -34.18 -3.90
CA ILE C 228 -30.25 -32.91 -3.98
C ILE C 228 -30.43 -32.57 -5.45
N PRO C 229 -31.57 -32.91 -6.06
CA PRO C 229 -31.76 -32.59 -7.49
C PRO C 229 -31.40 -31.15 -7.81
N TYR C 230 -30.43 -30.97 -8.70
CA TYR C 230 -29.93 -29.62 -9.00
C TYR C 230 -31.01 -28.73 -9.57
N TRP C 231 -31.96 -29.29 -10.32
CA TRP C 231 -33.11 -28.51 -10.77
C TRP C 231 -34.05 -28.11 -9.64
N ALA C 232 -33.73 -28.43 -8.37
CA ALA C 232 -34.49 -27.93 -7.24
C ALA C 232 -33.94 -26.59 -6.74
N LEU C 233 -33.31 -25.82 -7.62
CA LEU C 233 -32.60 -24.61 -7.26
C LEU C 233 -33.13 -23.43 -8.05
N THR C 234 -33.01 -22.25 -7.46
CA THR C 234 -33.25 -21.01 -8.18
C THR C 234 -32.07 -20.68 -9.09
N CYS C 235 -32.30 -19.79 -10.04
CA CYS C 235 -31.25 -19.45 -11.01
C CYS C 235 -29.99 -18.97 -10.29
N ASP C 236 -30.16 -18.15 -9.26
CA ASP C 236 -28.99 -17.64 -8.54
C ASP C 236 -28.18 -18.77 -7.93
N GLU C 237 -28.85 -19.65 -7.16
CA GLU C 237 -28.12 -20.72 -6.48
C GLU C 237 -27.40 -21.62 -7.47
N PHE C 238 -28.08 -21.98 -8.56
CA PHE C 238 -27.42 -22.77 -9.59
C PHE C 238 -26.24 -22.03 -10.19
N LEU C 239 -26.38 -20.73 -10.42
CA LEU C 239 -25.27 -19.93 -10.96
C LEU C 239 -24.17 -19.72 -9.93
N SER C 240 -24.44 -20.00 -8.65
CA SER C 240 -23.46 -19.77 -7.59
C SER C 240 -22.67 -21.03 -7.23
N VAL C 241 -22.89 -22.14 -7.92
CA VAL C 241 -22.18 -23.40 -7.64
C VAL C 241 -21.34 -23.85 -8.81
N ALA C 242 -21.89 -23.85 -10.03
CA ALA C 242 -21.20 -24.38 -11.19
C ALA C 242 -20.55 -23.30 -12.05
N PHE C 243 -20.65 -22.03 -11.66
CA PHE C 243 -20.10 -20.95 -12.45
C PHE C 243 -19.28 -19.95 -11.64
N GLY C 244 -19.43 -19.91 -10.32
CA GLY C 244 -18.65 -19.01 -9.50
C GLY C 244 -19.09 -17.56 -9.56
N GLY C 245 -20.26 -17.26 -10.13
CA GLY C 245 -20.75 -15.91 -10.13
C GLY C 245 -20.38 -15.09 -11.35
N LEU C 246 -20.73 -15.59 -12.53
CA LEU C 246 -20.49 -14.84 -13.76
C LEU C 246 -21.10 -13.44 -13.64
N GLU C 247 -20.34 -12.45 -14.09
CA GLU C 247 -20.71 -11.04 -13.95
C GLU C 247 -20.50 -10.31 -15.27
N GLY C 248 -20.99 -10.88 -16.36
CA GLY C 248 -20.86 -10.26 -17.67
C GLY C 248 -22.13 -10.44 -18.47
N SER C 249 -22.12 -9.89 -19.69
CA SER C 249 -23.26 -10.04 -20.57
C SER C 249 -23.59 -11.51 -20.80
N GLY C 250 -22.58 -12.37 -20.79
CA GLY C 250 -22.83 -13.80 -20.94
C GLY C 250 -23.70 -14.37 -19.84
N ARG C 251 -23.64 -13.77 -18.65
CA ARG C 251 -24.45 -14.26 -17.54
C ARG C 251 -25.94 -14.22 -17.90
N ASN C 252 -26.39 -13.11 -18.48
CA ASN C 252 -27.80 -13.00 -18.85
C ASN C 252 -28.17 -14.04 -19.89
N ALA C 253 -27.24 -14.38 -20.79
CA ALA C 253 -27.54 -15.37 -21.80
C ALA C 253 -27.88 -16.72 -21.18
N LEU C 254 -27.14 -17.12 -20.15
CA LEU C 254 -27.45 -18.37 -19.46
C LEU C 254 -28.85 -18.32 -18.86
N ILE C 255 -29.21 -17.21 -18.23
CA ILE C 255 -30.57 -17.04 -17.74
C ILE C 255 -31.56 -17.09 -18.91
N ASP C 256 -31.21 -16.46 -20.02
CA ASP C 256 -32.03 -16.58 -21.22
C ASP C 256 -32.05 -18.02 -21.73
N LYS C 257 -30.87 -18.64 -21.82
CA LYS C 257 -30.78 -19.99 -22.37
C LYS C 257 -31.59 -20.99 -21.54
N ILE C 258 -31.47 -20.92 -20.21
CA ILE C 258 -32.23 -21.84 -19.37
C ILE C 258 -33.72 -21.59 -19.55
N TYR C 259 -34.12 -20.36 -19.85
CA TYR C 259 -35.54 -20.03 -19.93
C TYR C 259 -36.22 -20.85 -21.03
N GLU C 260 -35.65 -20.86 -22.24
CA GLU C 260 -36.26 -21.62 -23.32
C GLU C 260 -36.27 -23.11 -22.99
N LEU C 261 -35.16 -23.62 -22.44
CA LEU C 261 -35.11 -25.03 -22.08
C LEU C 261 -36.17 -25.36 -21.04
N LYS C 262 -36.33 -24.52 -20.03
CA LYS C 262 -37.39 -24.73 -19.05
C LYS C 262 -38.76 -24.43 -19.64
N LEU C 263 -38.81 -23.57 -20.66
CA LEU C 263 -40.06 -23.34 -21.38
C LEU C 263 -40.37 -24.52 -22.31
N GLN C 264 -39.36 -25.05 -22.98
CA GLN C 264 -39.58 -26.14 -23.92
C GLN C 264 -40.13 -27.38 -23.22
N THR C 265 -39.59 -27.71 -22.05
CA THR C 265 -40.11 -28.86 -21.30
C THR C 265 -41.57 -28.66 -20.92
N LEU C 266 -41.99 -27.42 -20.66
CA LEU C 266 -43.37 -27.17 -20.28
C LEU C 266 -44.33 -27.54 -21.42
N LYS C 267 -43.99 -27.15 -22.65
CA LYS C 267 -44.85 -27.47 -23.79
C LYS C 267 -44.92 -28.97 -24.00
N ARG C 268 -43.76 -29.64 -24.02
CA ARG C 268 -43.74 -31.06 -24.36
C ARG C 268 -44.49 -31.89 -23.32
N GLN C 269 -44.28 -31.61 -22.04
CA GLN C 269 -44.94 -32.33 -20.96
C GLN C 269 -45.81 -31.36 -20.18
N GLU C 270 -47.06 -31.74 -19.94
CA GLU C 270 -48.03 -30.87 -19.31
C GLU C 270 -47.97 -30.99 -17.79
N TYR C 271 -47.80 -29.86 -17.11
CA TYR C 271 -47.83 -29.79 -15.66
C TYR C 271 -49.02 -28.95 -15.22
N GLU C 272 -49.69 -29.39 -14.16
CA GLU C 272 -50.90 -28.74 -13.70
C GLU C 272 -50.58 -27.51 -12.88
N GLY C 273 -51.32 -26.43 -13.11
CA GLY C 273 -51.24 -25.22 -12.32
C GLY C 273 -50.38 -24.12 -12.92
N ILE C 274 -49.54 -24.42 -13.91
CA ILE C 274 -48.62 -23.45 -14.48
C ILE C 274 -48.72 -23.51 -16.00
N ASN C 275 -48.72 -22.35 -16.63
CA ASN C 275 -48.70 -22.26 -18.09
C ASN C 275 -47.56 -21.34 -18.53
N GLU C 276 -47.53 -21.02 -19.84
CA GLU C 276 -46.44 -20.20 -20.35
C GLU C 276 -46.45 -18.79 -19.75
N ASP C 277 -47.64 -18.21 -19.57
CA ASP C 277 -47.73 -16.81 -19.19
C ASP C 277 -47.06 -16.56 -17.83
N SER C 278 -47.33 -17.41 -16.85
CA SER C 278 -46.84 -17.21 -15.50
C SER C 278 -45.56 -17.98 -15.21
N LEU C 279 -44.88 -18.45 -16.25
CA LEU C 279 -43.60 -19.13 -16.04
C LEU C 279 -42.60 -18.18 -15.40
N THR C 280 -41.83 -18.70 -14.45
CA THR C 280 -40.77 -17.96 -13.79
C THR C 280 -39.51 -18.80 -13.79
N VAL C 281 -38.38 -18.15 -14.10
CA VAL C 281 -37.13 -18.88 -14.25
C VAL C 281 -36.71 -19.58 -12.96
N ASP C 282 -37.28 -19.18 -11.82
CA ASP C 282 -36.91 -19.74 -10.53
C ASP C 282 -37.85 -20.86 -10.07
N THR C 283 -38.77 -21.30 -10.92
CA THR C 283 -39.66 -22.39 -10.51
C THR C 283 -39.05 -23.75 -10.88
N PRO C 284 -39.20 -24.77 -10.03
CA PRO C 284 -38.56 -26.07 -10.31
C PRO C 284 -39.29 -26.89 -11.36
N ILE C 285 -38.95 -26.69 -12.63
CA ILE C 285 -39.46 -27.47 -13.75
C ILE C 285 -38.29 -28.27 -14.33
N PRO C 286 -38.43 -29.58 -14.52
CA PRO C 286 -37.27 -30.39 -14.89
C PRO C 286 -36.63 -29.94 -16.20
N PHE C 287 -35.30 -30.06 -16.25
CA PHE C 287 -34.53 -29.77 -17.45
C PHE C 287 -33.26 -30.60 -17.38
N SER C 288 -32.76 -30.99 -18.54
CA SER C 288 -31.55 -31.81 -18.64
C SER C 288 -30.36 -30.86 -18.83
N ILE C 289 -29.53 -30.75 -17.79
CA ILE C 289 -28.35 -29.89 -17.87
C ILE C 289 -27.43 -30.37 -18.98
N HIS C 290 -27.47 -31.67 -19.28
CA HIS C 290 -26.66 -32.20 -20.38
C HIS C 290 -26.98 -31.50 -21.68
N LYS C 291 -28.27 -31.32 -22.00
CA LYS C 291 -28.64 -30.75 -23.29
C LYS C 291 -28.10 -29.33 -23.43
N LEU C 292 -28.19 -28.53 -22.38
CA LEU C 292 -27.76 -27.13 -22.47
C LEU C 292 -26.30 -27.03 -22.92
N TRP C 293 -25.40 -27.74 -22.24
CA TRP C 293 -23.98 -27.64 -22.58
C TRP C 293 -23.72 -28.14 -24.00
N PHE C 294 -24.31 -29.27 -24.37
CA PHE C 294 -24.08 -29.79 -25.72
C PHE C 294 -24.57 -28.81 -26.77
N ASP C 295 -25.74 -28.23 -26.55
CA ASP C 295 -26.24 -27.20 -27.47
C ASP C 295 -25.44 -25.91 -27.34
N LEU C 296 -25.21 -25.46 -26.10
CA LEU C 296 -24.57 -24.16 -25.89
C LEU C 296 -23.13 -24.16 -26.37
N TYR C 297 -22.34 -25.14 -25.94
CA TYR C 297 -20.93 -25.15 -26.30
C TYR C 297 -20.73 -25.43 -27.78
N ARG C 298 -21.54 -26.34 -28.35
CA ARG C 298 -21.38 -26.70 -29.75
C ARG C 298 -21.49 -25.46 -30.64
N ALA C 299 -22.43 -24.57 -30.32
CA ALA C 299 -22.60 -23.34 -31.10
C ALA C 299 -21.44 -22.37 -30.94
N GLU C 300 -20.54 -22.60 -29.98
CA GLU C 300 -19.42 -21.68 -29.79
C GLU C 300 -18.31 -21.93 -30.81
N ILE C 301 -17.94 -23.18 -31.04
CA ILE C 301 -16.86 -23.54 -31.94
C ILE C 301 -17.38 -24.58 -32.93
N SER C 302 -17.32 -24.25 -34.22
CA SER C 302 -17.68 -25.18 -35.28
C SER C 302 -17.42 -24.51 -36.62
N THR C 303 -17.07 -25.32 -37.61
CA THR C 303 -16.90 -24.80 -38.96
C THR C 303 -18.27 -24.51 -39.58
N HIS C 304 -18.37 -23.36 -40.25
CA HIS C 304 -19.57 -22.97 -40.97
C HIS C 304 -19.31 -23.06 -42.46
N TYR C 305 -20.11 -23.88 -43.15
CA TYR C 305 -19.92 -24.07 -44.58
C TYR C 305 -20.14 -22.76 -45.34
N VAL C 306 -21.17 -22.01 -44.97
CA VAL C 306 -21.50 -20.74 -45.61
C VAL C 306 -21.11 -19.62 -44.65
N GLN C 307 -20.29 -18.70 -45.13
CA GLN C 307 -19.87 -17.58 -44.30
C GLN C 307 -21.09 -16.79 -43.84
N GLY C 308 -21.13 -16.48 -42.54
CA GLY C 308 -22.23 -15.74 -41.96
C GLY C 308 -23.46 -16.57 -41.65
N SER C 309 -23.41 -17.89 -41.83
CA SER C 309 -24.55 -18.77 -41.58
C SER C 309 -24.37 -19.40 -40.21
N HIS C 310 -25.24 -19.04 -39.27
CA HIS C 310 -25.17 -19.52 -37.90
C HIS C 310 -26.03 -20.75 -37.65
N SER C 311 -26.71 -21.27 -38.67
CA SER C 311 -27.54 -22.44 -38.48
C SER C 311 -26.68 -23.66 -38.13
N GLU C 312 -27.29 -24.57 -37.37
CA GLU C 312 -26.60 -25.81 -37.01
C GLU C 312 -26.42 -26.76 -38.17
N GLU C 313 -27.13 -26.55 -39.29
CA GLU C 313 -27.02 -27.43 -40.43
C GLU C 313 -25.76 -27.19 -41.25
N ASN C 314 -25.06 -26.08 -41.05
CA ASN C 314 -23.83 -25.79 -41.76
C ASN C 314 -22.60 -26.37 -41.07
N GLU C 315 -22.77 -27.06 -39.95
CA GLU C 315 -21.65 -27.61 -39.22
C GLU C 315 -21.11 -28.86 -39.93
N ALA C 316 -19.78 -28.96 -39.99
CA ALA C 316 -19.12 -30.10 -40.61
C ALA C 316 -18.04 -30.65 -39.70
N SER C 331 -24.14 -38.71 -29.57
CA SER C 331 -24.81 -37.91 -28.55
C SER C 331 -24.89 -38.65 -27.23
N LEU C 332 -24.95 -39.98 -27.29
CA LEU C 332 -25.01 -40.78 -26.07
C LEU C 332 -23.75 -40.58 -25.23
N LYS C 333 -22.60 -40.59 -25.88
CA LYS C 333 -21.33 -40.36 -25.20
C LYS C 333 -20.92 -38.90 -25.32
N VAL C 334 -20.09 -38.45 -24.37
CA VAL C 334 -19.66 -37.06 -24.34
C VAL C 334 -18.72 -36.71 -25.49
N VAL C 335 -18.04 -37.70 -26.06
CA VAL C 335 -17.02 -37.48 -27.08
C VAL C 335 -17.55 -36.55 -28.17
N PRO C 336 -17.07 -35.31 -28.27
CA PRO C 336 -17.49 -34.45 -29.38
C PRO C 336 -16.80 -34.88 -30.67
N PRO C 337 -17.52 -34.90 -31.79
CA PRO C 337 -16.85 -35.23 -33.06
C PRO C 337 -15.84 -34.16 -33.44
N ILE C 338 -14.76 -34.60 -34.09
CA ILE C 338 -13.75 -33.66 -34.57
C ILE C 338 -14.33 -32.81 -35.69
N TYR C 339 -13.74 -31.63 -35.87
CA TYR C 339 -14.17 -30.70 -36.90
C TYR C 339 -12.94 -30.12 -37.59
N MET C 340 -13.13 -29.67 -38.83
CA MET C 340 -12.02 -29.12 -39.59
C MET C 340 -11.54 -27.80 -38.98
N PRO C 341 -10.26 -27.48 -39.13
CA PRO C 341 -9.76 -26.22 -38.56
C PRO C 341 -10.39 -25.02 -39.24
N HIS C 342 -10.51 -23.93 -38.48
CA HIS C 342 -11.08 -22.69 -38.99
C HIS C 342 -10.27 -22.18 -40.18
N TYR C 352 -16.67 -20.93 -41.41
CA TYR C 352 -15.79 -20.32 -40.41
C TYR C 352 -16.24 -20.67 -38.99
N LEU C 353 -15.73 -19.93 -38.02
CA LEU C 353 -16.17 -20.10 -36.65
C LEU C 353 -17.60 -19.57 -36.50
N SER C 354 -18.41 -20.30 -35.73
CA SER C 354 -19.80 -19.93 -35.54
C SER C 354 -19.90 -18.55 -34.91
N ASN C 355 -20.81 -17.73 -35.43
CA ASN C 355 -21.01 -16.38 -34.95
C ASN C 355 -21.95 -16.28 -33.77
N ARG C 356 -22.51 -17.41 -33.32
CA ARG C 356 -23.43 -17.44 -32.18
C ARG C 356 -22.63 -17.90 -30.96
N GLY C 357 -21.90 -16.97 -30.35
CA GLY C 357 -21.06 -17.27 -29.22
C GLY C 357 -20.60 -16.00 -28.55
N LYS C 358 -19.99 -16.16 -27.38
CA LYS C 358 -19.59 -15.02 -26.57
C LYS C 358 -18.30 -15.38 -25.85
N ASN C 359 -17.97 -14.61 -24.80
CA ASN C 359 -16.76 -14.79 -24.02
C ASN C 359 -16.96 -15.74 -22.85
N ILE C 360 -17.93 -16.66 -22.95
CA ILE C 360 -18.22 -17.59 -21.87
C ILE C 360 -17.54 -18.92 -22.16
N ARG C 361 -16.47 -18.88 -22.96
CA ARG C 361 -15.76 -20.11 -23.30
C ARG C 361 -15.19 -20.77 -22.05
N LYS C 362 -14.61 -19.99 -21.14
CA LYS C 362 -14.01 -20.57 -19.95
C LYS C 362 -15.03 -21.28 -19.07
N PRO C 363 -16.15 -20.66 -18.70
CA PRO C 363 -17.15 -21.40 -17.91
C PRO C 363 -17.66 -22.66 -18.60
N LEU C 364 -17.80 -22.62 -19.93
CA LEU C 364 -18.29 -23.79 -20.65
C LEU C 364 -17.36 -24.97 -20.46
N GLU C 365 -16.07 -24.79 -20.72
CA GLU C 365 -15.11 -25.84 -20.44
C GLU C 365 -14.99 -26.09 -18.94
N GLY C 366 -15.23 -25.04 -18.14
CA GLY C 366 -15.25 -25.23 -16.69
C GLY C 366 -16.41 -26.10 -16.24
N LEU C 367 -17.60 -25.87 -16.81
CA LEU C 367 -18.77 -26.66 -16.44
C LEU C 367 -18.60 -28.11 -16.83
N ALA C 368 -18.14 -28.37 -18.06
CA ALA C 368 -18.03 -29.75 -18.53
C ALA C 368 -17.20 -30.59 -17.56
N SER C 369 -16.17 -29.99 -16.98
CA SER C 369 -15.36 -30.71 -16.01
C SER C 369 -16.19 -31.13 -14.81
N LEU C 370 -17.09 -30.25 -14.34
CA LEU C 370 -17.89 -30.57 -13.16
C LEU C 370 -18.82 -31.75 -13.39
N LEU C 371 -19.10 -32.10 -14.65
CA LEU C 371 -19.92 -33.26 -14.96
C LEU C 371 -19.11 -34.54 -15.10
N LYS C 372 -17.79 -34.47 -15.04
CA LYS C 372 -16.94 -35.63 -15.27
C LYS C 372 -16.57 -36.34 -13.97
N ASP C 373 -16.01 -35.60 -13.01
CA ASP C 373 -15.53 -36.24 -11.79
C ASP C 373 -16.69 -36.89 -11.04
N PRO C 374 -16.49 -38.06 -10.44
CA PRO C 374 -17.59 -38.73 -9.74
C PRO C 374 -17.86 -38.20 -8.34
N ARG C 375 -17.06 -37.25 -7.86
CA ARG C 375 -17.28 -36.71 -6.52
C ARG C 375 -18.57 -35.91 -6.42
N TYR C 376 -19.07 -35.38 -7.54
CA TYR C 376 -20.31 -34.62 -7.57
C TYR C 376 -21.51 -35.46 -8.02
N GLU C 377 -21.35 -36.79 -8.11
CA GLU C 377 -22.41 -37.62 -8.67
C GLU C 377 -23.70 -37.51 -7.88
N PHE C 378 -23.62 -37.13 -6.60
CA PHE C 378 -24.84 -36.92 -5.83
C PHE C 378 -25.73 -35.87 -6.47
N LEU C 379 -25.15 -34.91 -7.20
CA LEU C 379 -25.85 -33.74 -7.68
C LEU C 379 -26.26 -33.86 -9.14
N PHE C 380 -25.30 -34.05 -10.04
CA PHE C 380 -25.57 -34.00 -11.47
C PHE C 380 -25.88 -35.35 -12.08
N ASN C 381 -25.82 -36.44 -11.30
CA ASN C 381 -26.15 -37.77 -11.79
C ASN C 381 -26.96 -38.53 -10.75
N ALA C 382 -27.95 -37.84 -10.18
CA ALA C 382 -28.87 -38.50 -9.26
C ALA C 382 -29.42 -39.76 -9.90
N ASP C 383 -29.19 -40.90 -9.25
CA ASP C 383 -29.47 -42.20 -9.87
C ASP C 383 -30.92 -42.27 -10.36
N ASP C 384 -31.87 -42.23 -9.42
CA ASP C 384 -33.27 -42.28 -9.82
C ASP C 384 -33.71 -40.97 -10.47
N TRP C 385 -33.25 -39.84 -9.95
CA TRP C 385 -33.59 -38.54 -10.51
C TRP C 385 -32.67 -38.16 -11.67
N SER C 386 -31.98 -39.13 -12.26
CA SER C 386 -31.19 -38.85 -13.45
C SER C 386 -32.09 -38.33 -14.55
N VAL C 387 -31.70 -37.20 -15.14
CA VAL C 387 -32.49 -36.54 -16.18
C VAL C 387 -31.99 -37.01 -17.53
N ASN C 388 -32.92 -37.42 -18.39
CA ASN C 388 -32.57 -37.98 -19.69
C ASN C 388 -32.28 -36.86 -20.68
N LEU C 389 -32.04 -37.24 -21.94
CA LEU C 389 -31.75 -36.25 -22.97
C LEU C 389 -32.93 -35.32 -23.19
N ASP C 390 -34.15 -35.86 -23.19
CA ASP C 390 -35.35 -35.07 -23.43
C ASP C 390 -35.83 -34.33 -22.19
N GLY C 391 -35.18 -34.52 -21.05
CA GLY C 391 -35.52 -33.78 -19.85
C GLY C 391 -36.54 -34.45 -18.94
N LYS C 392 -37.08 -35.59 -19.34
CA LYS C 392 -38.09 -36.28 -18.54
C LYS C 392 -37.39 -37.16 -17.52
N THR C 393 -37.71 -36.96 -16.24
CA THR C 393 -37.11 -37.73 -15.16
C THR C 393 -38.03 -38.89 -14.76
N ASN C 394 -37.47 -39.80 -13.97
CA ASN C 394 -38.24 -40.97 -13.55
C ASN C 394 -39.31 -40.61 -12.51
N LYS C 395 -39.00 -39.67 -11.63
CA LYS C 395 -39.89 -39.32 -10.53
C LYS C 395 -39.97 -37.81 -10.38
N ASP C 396 -40.72 -37.36 -9.37
CA ASP C 396 -40.81 -35.96 -8.98
C ASP C 396 -40.24 -35.80 -7.57
N LEU C 397 -40.28 -34.56 -7.07
CA LEU C 397 -39.68 -34.26 -5.78
C LEU C 397 -40.53 -34.76 -4.61
N ASP C 398 -41.79 -35.11 -4.84
CA ASP C 398 -42.64 -35.53 -3.72
C ASP C 398 -42.04 -36.74 -3.03
N ALA C 399 -41.54 -37.71 -3.79
CA ALA C 399 -40.84 -38.83 -3.16
C ALA C 399 -39.61 -38.36 -2.40
N LEU C 400 -38.86 -37.43 -2.99
CA LEU C 400 -37.67 -36.91 -2.31
C LEU C 400 -38.02 -36.36 -0.95
N LEU C 401 -39.05 -35.52 -0.88
CA LEU C 401 -39.53 -35.04 0.40
C LEU C 401 -40.04 -36.20 1.25
N GLU C 402 -40.71 -37.16 0.62
CA GLU C 402 -41.18 -38.33 1.36
C GLU C 402 -40.00 -39.10 1.96
N THR C 403 -38.90 -39.20 1.21
CA THR C 403 -37.73 -39.91 1.73
C THR C 403 -37.06 -39.10 2.83
N TRP C 404 -36.86 -37.80 2.61
CA TRP C 404 -36.19 -36.97 3.60
C TRP C 404 -37.00 -36.88 4.89
N VAL C 405 -38.29 -36.58 4.76
CA VAL C 405 -39.15 -36.35 5.92
C VAL C 405 -40.39 -37.23 5.96
N GLY C 406 -40.88 -37.74 4.83
CA GLY C 406 -42.08 -38.54 4.86
C GLY C 406 -41.88 -39.96 5.33
N SER C 407 -40.65 -40.37 5.59
CA SER C 407 -40.39 -41.70 6.10
C SER C 407 -41.02 -41.88 7.48
N GLU C 408 -41.44 -43.11 7.76
CA GLU C 408 -42.05 -43.40 9.05
C GLU C 408 -41.12 -43.10 10.22
N GLU C 409 -39.82 -43.09 9.98
CA GLU C 409 -38.86 -42.82 11.05
C GLU C 409 -38.84 -41.33 11.38
N SER C 410 -38.47 -41.02 12.62
CA SER C 410 -38.49 -39.64 13.08
C SER C 410 -37.28 -38.86 12.60
N ILE C 411 -36.08 -39.39 12.86
CA ILE C 411 -34.85 -38.67 12.59
C ILE C 411 -34.54 -38.70 11.10
N SER C 412 -33.88 -37.66 10.62
CA SER C 412 -33.26 -37.64 9.31
C SER C 412 -31.86 -37.07 9.47
N ILE C 413 -30.86 -37.78 8.96
CA ILE C 413 -29.47 -37.39 9.10
C ILE C 413 -28.85 -37.26 7.73
N PHE C 414 -28.22 -36.12 7.46
CA PHE C 414 -27.50 -35.87 6.21
C PHE C 414 -26.04 -35.63 6.57
N ASP C 415 -25.22 -36.67 6.55
CA ASP C 415 -23.81 -36.55 6.89
C ASP C 415 -23.04 -36.06 5.68
N LEU C 416 -22.38 -34.92 5.83
CA LEU C 416 -21.76 -34.21 4.71
C LEU C 416 -20.24 -34.35 4.68
N SER C 417 -19.69 -35.34 5.38
CA SER C 417 -18.24 -35.47 5.44
C SER C 417 -17.62 -35.64 4.06
N GLY C 418 -18.19 -36.54 3.25
CA GLY C 418 -17.69 -36.77 1.91
C GLY C 418 -18.00 -35.64 0.95
N MET C 419 -18.75 -34.65 1.38
CA MET C 419 -19.10 -33.54 0.51
C MET C 419 -17.86 -32.68 0.28
N PRO C 420 -17.61 -32.19 -0.94
CA PRO C 420 -16.49 -31.26 -1.13
C PRO C 420 -16.65 -30.06 -0.21
N SER C 421 -15.55 -29.65 0.42
CA SER C 421 -15.62 -28.57 1.39
C SER C 421 -15.67 -27.19 0.76
N SER C 422 -15.40 -27.08 -0.55
CA SER C 422 -15.40 -25.77 -1.19
C SER C 422 -16.81 -25.23 -1.39
N ILE C 423 -17.79 -26.11 -1.58
CA ILE C 423 -19.16 -25.69 -1.85
C ILE C 423 -20.08 -26.19 -0.75
N LEU C 424 -19.54 -26.42 0.44
CA LEU C 424 -20.37 -26.90 1.53
C LEU C 424 -21.38 -25.84 1.96
N ASP C 425 -20.92 -24.59 2.13
CA ASP C 425 -21.81 -23.53 2.61
C ASP C 425 -22.97 -23.32 1.65
N THR C 426 -22.68 -23.21 0.35
CA THR C 426 -23.73 -23.01 -0.63
C THR C 426 -24.80 -24.10 -0.49
N LEU C 427 -24.39 -25.35 -0.31
CA LEU C 427 -25.35 -26.44 -0.20
C LEU C 427 -26.23 -26.29 1.04
N ILE C 428 -25.63 -25.89 2.16
CA ILE C 428 -26.41 -25.72 3.38
C ILE C 428 -27.58 -24.79 3.15
N GLY C 429 -27.32 -23.64 2.51
CA GLY C 429 -28.40 -22.74 2.19
C GLY C 429 -29.45 -23.36 1.31
N ILE C 430 -29.03 -24.25 0.41
CA ILE C 430 -29.97 -24.92 -0.47
C ILE C 430 -30.89 -25.84 0.32
N LEU C 431 -30.34 -26.57 1.29
CA LEU C 431 -31.15 -27.53 2.03
C LEU C 431 -32.17 -26.83 2.92
N ILE C 432 -31.82 -25.68 3.49
CA ILE C 432 -32.78 -24.94 4.30
C ILE C 432 -33.86 -24.31 3.41
N ARG C 433 -33.46 -23.75 2.27
CA ARG C 433 -34.42 -23.05 1.42
C ARG C 433 -35.51 -23.99 0.91
N ILE C 434 -35.12 -25.18 0.45
CA ILE C 434 -36.09 -26.08 -0.16
C ILE C 434 -37.15 -26.50 0.84
N LEU C 435 -36.74 -26.86 2.06
CA LEU C 435 -37.70 -27.31 3.06
C LEU C 435 -38.72 -26.22 3.37
N TYR C 436 -38.26 -24.97 3.53
CA TYR C 436 -39.17 -23.90 3.89
C TYR C 436 -40.28 -23.76 2.86
N ASP C 437 -39.91 -23.62 1.58
CA ASP C 437 -40.92 -23.51 0.54
C ASP C 437 -41.76 -24.77 0.43
N SER C 438 -41.27 -25.89 0.98
CA SER C 438 -42.10 -27.08 1.05
C SER C 438 -43.16 -26.94 2.14
N LEU C 439 -42.80 -26.34 3.27
CA LEU C 439 -43.72 -26.20 4.40
C LEU C 439 -44.51 -24.90 4.37
N PHE C 440 -43.98 -23.85 3.75
CA PHE C 440 -44.66 -22.56 3.74
C PHE C 440 -45.86 -22.58 2.82
N TRP C 441 -45.75 -23.26 1.67
CA TRP C 441 -46.87 -23.42 0.76
C TRP C 441 -47.77 -24.58 1.15
N SER C 442 -47.46 -25.31 2.22
CA SER C 442 -48.26 -26.43 2.66
C SER C 442 -48.62 -26.29 4.13
N ARG C 443 -48.69 -25.06 4.64
CA ARG C 443 -49.04 -24.85 6.04
C ARG C 443 -50.46 -25.33 6.34
N ASN C 444 -51.38 -25.13 5.40
CA ASN C 444 -52.76 -25.57 5.62
C ASN C 444 -52.89 -27.08 5.44
N GLN C 445 -52.06 -27.69 4.61
CA GLN C 445 -52.17 -29.11 4.34
C GLN C 445 -51.83 -29.91 5.60
N PRO C 446 -52.27 -31.16 5.68
CA PRO C 446 -52.10 -31.95 6.90
C PRO C 446 -50.72 -32.55 7.11
N GLU C 447 -49.74 -32.23 6.26
CA GLU C 447 -48.37 -32.68 6.45
C GLU C 447 -47.41 -31.52 6.66
N GLY C 448 -47.90 -30.33 6.97
CA GLY C 448 -47.08 -29.14 7.09
C GLY C 448 -46.50 -28.99 8.48
N GLY C 449 -45.91 -27.81 8.72
CA GLY C 449 -45.29 -27.53 10.00
C GLY C 449 -46.24 -27.06 11.08
N ARG C 450 -47.46 -26.68 10.70
CA ARG C 450 -48.43 -26.22 11.71
C ARG C 450 -48.94 -27.37 12.55
N GLU C 451 -49.31 -28.48 11.91
CA GLU C 451 -49.80 -29.66 12.61
C GLU C 451 -48.70 -30.68 12.86
N ARG C 452 -47.48 -30.42 12.40
CA ARG C 452 -46.36 -31.32 12.56
C ARG C 452 -45.07 -30.53 12.50
N PRO C 453 -44.69 -29.86 13.58
CA PRO C 453 -43.56 -28.92 13.53
C PRO C 453 -42.24 -29.62 13.26
N LEU C 454 -41.34 -28.87 12.62
CA LEU C 454 -40.01 -29.31 12.26
C LEU C 454 -39.00 -28.82 13.29
N LEU C 455 -37.77 -29.34 13.20
CA LEU C 455 -36.67 -28.88 14.04
C LEU C 455 -35.37 -29.14 13.29
N VAL C 456 -34.84 -28.10 12.65
CA VAL C 456 -33.61 -28.22 11.88
C VAL C 456 -32.42 -28.07 12.83
N VAL C 457 -31.48 -29.01 12.75
CA VAL C 457 -30.29 -29.00 13.59
C VAL C 457 -29.08 -28.85 12.68
N LEU C 458 -28.16 -27.95 13.08
CA LEU C 458 -27.01 -27.59 12.25
C LEU C 458 -25.74 -27.79 13.07
N GLU C 459 -24.76 -28.49 12.48
CA GLU C 459 -23.52 -28.81 13.18
C GLU C 459 -22.40 -27.85 12.78
N GLU C 460 -21.73 -27.27 13.79
CA GLU C 460 -20.71 -26.24 13.60
C GLU C 460 -21.26 -25.09 12.75
N ALA C 461 -22.18 -24.36 13.35
CA ALA C 461 -22.76 -23.21 12.67
C ALA C 461 -21.79 -22.04 12.56
N HIS C 462 -20.84 -21.91 13.50
CA HIS C 462 -20.07 -20.68 13.57
C HIS C 462 -19.24 -20.43 12.33
N THR C 463 -19.05 -21.42 11.47
CA THR C 463 -18.38 -21.22 10.19
C THR C 463 -19.34 -20.74 9.10
N TYR C 464 -20.62 -20.57 9.43
CA TYR C 464 -21.60 -20.14 8.45
C TYR C 464 -22.47 -18.99 8.94
N LEU C 465 -22.20 -18.45 10.14
CA LEU C 465 -22.91 -17.30 10.68
C LEU C 465 -21.93 -16.18 11.00
N GLY C 466 -20.91 -16.04 10.15
CA GLY C 466 -19.96 -14.95 10.35
C GLY C 466 -20.63 -13.60 10.23
N LYS C 467 -20.16 -12.65 11.05
CA LYS C 467 -20.73 -11.31 10.98
C LYS C 467 -20.61 -10.72 9.58
N ASP C 468 -19.53 -11.05 8.87
CA ASP C 468 -19.28 -10.54 7.54
C ASP C 468 -19.45 -11.60 6.46
N SER C 469 -20.02 -12.76 6.81
CA SER C 469 -20.20 -13.82 5.81
C SER C 469 -21.08 -13.32 4.68
N ARG C 470 -20.73 -13.72 3.46
CA ARG C 470 -21.43 -13.29 2.25
C ARG C 470 -22.03 -14.46 1.49
N GLY C 471 -22.30 -15.57 2.18
CA GLY C 471 -22.83 -16.77 1.54
C GLY C 471 -24.35 -16.78 1.50
N ILE C 472 -24.88 -17.97 1.24
CA ILE C 472 -26.32 -18.17 1.19
C ILE C 472 -26.86 -18.80 2.48
N ALA C 473 -26.01 -19.42 3.29
CA ALA C 473 -26.49 -20.09 4.49
C ALA C 473 -27.04 -19.08 5.50
N ILE C 474 -26.32 -17.99 5.73
CA ILE C 474 -26.76 -17.02 6.74
C ILE C 474 -28.09 -16.42 6.36
N ASP C 475 -28.26 -16.03 5.09
CA ASP C 475 -29.54 -15.46 4.66
C ASP C 475 -30.66 -16.48 4.79
N GLY C 476 -30.39 -17.73 4.41
CA GLY C 476 -31.40 -18.77 4.57
C GLY C 476 -31.74 -19.02 6.03
N VAL C 477 -30.71 -19.08 6.88
CA VAL C 477 -30.96 -19.32 8.29
C VAL C 477 -31.70 -18.15 8.93
N ARG C 478 -31.28 -16.93 8.61
CA ARG C 478 -31.94 -15.76 9.19
C ARG C 478 -33.42 -15.74 8.86
N LYS C 479 -33.77 -16.09 7.63
CA LYS C 479 -35.16 -16.08 7.19
C LYS C 479 -36.02 -17.01 8.03
N ILE C 480 -35.53 -18.22 8.29
CA ILE C 480 -36.28 -19.16 9.12
C ILE C 480 -36.47 -18.59 10.52
N VAL C 481 -35.41 -18.01 11.09
CA VAL C 481 -35.50 -17.49 12.46
C VAL C 481 -36.58 -16.41 12.54
N LYS C 482 -36.63 -15.54 11.54
CA LYS C 482 -37.58 -14.43 11.59
C LYS C 482 -39.01 -14.89 11.31
N GLU C 483 -39.19 -15.77 10.33
CA GLU C 483 -40.53 -16.11 9.85
C GLU C 483 -40.95 -17.54 10.14
N GLY C 484 -40.02 -18.44 10.47
CA GLY C 484 -40.41 -19.80 10.78
C GLY C 484 -41.24 -19.94 12.03
N ARG C 485 -41.32 -18.88 12.83
CA ARG C 485 -42.02 -18.94 14.11
C ARG C 485 -43.45 -19.46 13.94
N LYS C 486 -44.21 -18.85 13.04
CA LYS C 486 -45.60 -19.18 12.86
C LYS C 486 -45.83 -20.35 11.92
N TYR C 487 -44.78 -20.88 11.30
CA TYR C 487 -44.88 -22.02 10.42
C TYR C 487 -44.44 -23.31 11.08
N GLY C 488 -44.18 -23.27 12.38
CA GLY C 488 -43.80 -24.47 13.09
C GLY C 488 -42.39 -24.96 12.82
N ILE C 489 -41.51 -24.08 12.36
CA ILE C 489 -40.14 -24.44 12.02
C ILE C 489 -39.23 -23.91 13.12
N GLY C 490 -38.61 -24.81 13.87
CA GLY C 490 -37.69 -24.43 14.92
C GLY C 490 -36.26 -24.30 14.41
N MET C 491 -35.33 -24.26 15.34
CA MET C 491 -33.91 -24.21 14.99
C MET C 491 -33.02 -24.50 16.19
N MET C 492 -32.06 -25.42 16.00
CA MET C 492 -31.02 -25.70 16.97
C MET C 492 -29.68 -25.52 16.29
N LEU C 493 -28.76 -24.80 16.94
CA LEU C 493 -27.44 -24.54 16.40
C LEU C 493 -26.37 -25.18 17.26
N VAL C 494 -25.32 -25.67 16.61
CA VAL C 494 -24.17 -26.28 17.28
C VAL C 494 -22.91 -25.57 16.80
N SER C 495 -22.07 -25.14 17.74
CA SER C 495 -20.84 -24.45 17.38
C SER C 495 -19.95 -24.35 18.60
N GLN C 496 -18.64 -24.49 18.38
CA GLN C 496 -17.65 -24.48 19.45
C GLN C 496 -16.96 -23.13 19.60
N ARG C 497 -17.46 -22.09 18.93
CA ARG C 497 -16.83 -20.79 18.99
C ARG C 497 -17.83 -19.71 18.59
N PRO C 498 -18.72 -19.32 19.49
CA PRO C 498 -19.79 -18.38 19.11
C PRO C 498 -19.29 -17.02 18.65
N SER C 499 -18.04 -16.66 18.95
CA SER C 499 -17.57 -15.31 18.63
C SER C 499 -17.79 -14.99 17.15
N GLU C 500 -17.63 -15.98 16.28
CA GLU C 500 -17.84 -15.76 14.86
C GLU C 500 -19.32 -15.69 14.49
N ILE C 501 -20.21 -16.23 15.32
CA ILE C 501 -21.63 -16.18 15.00
C ILE C 501 -22.09 -14.73 15.00
N ASP C 502 -22.97 -14.41 14.04
CA ASP C 502 -23.48 -13.05 13.93
C ASP C 502 -24.16 -12.62 15.23
N SER C 503 -23.92 -11.38 15.63
CA SER C 503 -24.44 -10.91 16.91
C SER C 503 -25.97 -10.95 16.94
N THR C 504 -26.61 -10.50 15.86
CA THR C 504 -28.06 -10.52 15.82
C THR C 504 -28.60 -11.95 15.88
N ILE C 505 -28.04 -12.85 15.06
CA ILE C 505 -28.59 -14.19 14.95
C ILE C 505 -28.56 -14.91 16.29
N LEU C 506 -27.45 -14.79 17.01
CA LEU C 506 -27.33 -15.47 18.29
C LEU C 506 -28.34 -14.95 19.30
N SER C 507 -28.59 -13.64 19.31
CA SER C 507 -29.41 -13.06 20.37
C SER C 507 -30.84 -13.60 20.35
N GLN C 508 -31.45 -13.71 19.17
CA GLN C 508 -32.84 -14.10 19.08
C GLN C 508 -33.08 -15.57 19.44
N CYS C 509 -32.02 -16.34 19.66
CA CYS C 509 -32.19 -17.73 20.07
C CYS C 509 -33.00 -17.80 21.36
N GLY C 510 -33.89 -18.78 21.44
CA GLY C 510 -34.73 -18.92 22.61
C GLY C 510 -33.96 -19.31 23.85
N THR C 511 -33.41 -20.52 23.87
CA THR C 511 -32.69 -21.04 25.01
C THR C 511 -31.32 -21.55 24.56
N LEU C 512 -30.32 -21.38 25.42
CA LEU C 512 -28.95 -21.76 25.10
C LEU C 512 -28.43 -22.78 26.10
N PHE C 513 -27.92 -23.89 25.59
CA PHE C 513 -27.26 -24.91 26.41
C PHE C 513 -25.78 -24.55 26.47
N ALA C 514 -25.33 -24.03 27.60
CA ALA C 514 -23.99 -23.48 27.75
C ALA C 514 -23.09 -24.49 28.45
N LEU C 515 -22.25 -25.18 27.68
CA LEU C 515 -21.29 -26.11 28.25
C LEU C 515 -20.09 -25.33 28.78
N ARG C 516 -19.00 -26.02 29.06
CA ARG C 516 -17.78 -25.36 29.55
C ARG C 516 -17.12 -24.55 28.44
N MET C 517 -16.69 -23.33 28.78
CA MET C 517 -15.99 -22.44 27.85
C MET C 517 -14.72 -21.91 28.51
N ASN C 518 -13.58 -22.05 27.80
CA ASN C 518 -12.30 -21.65 28.34
C ASN C 518 -11.89 -20.25 27.88
N ASN C 519 -11.87 -20.01 26.58
CA ASN C 519 -11.45 -18.72 26.05
C ASN C 519 -12.34 -17.60 26.57
N SER C 520 -11.71 -16.45 26.83
CA SER C 520 -12.44 -15.30 27.36
C SER C 520 -13.18 -14.52 26.29
N SER C 521 -12.90 -14.77 25.01
CA SER C 521 -13.60 -14.04 23.96
C SER C 521 -15.02 -14.53 23.82
N ASP C 522 -15.22 -15.85 23.82
CA ASP C 522 -16.57 -16.39 23.61
C ASP C 522 -17.47 -16.12 24.81
N ARG C 523 -16.92 -16.23 26.03
CA ARG C 523 -17.75 -16.05 27.22
C ARG C 523 -18.43 -14.70 27.21
N ASN C 524 -17.66 -13.62 27.03
CA ASN C 524 -18.25 -12.29 27.04
C ASN C 524 -19.31 -12.15 25.94
N HIS C 525 -19.04 -12.71 24.76
CA HIS C 525 -20.02 -12.61 23.68
C HIS C 525 -21.34 -13.26 24.06
N VAL C 526 -21.28 -14.44 24.66
CA VAL C 526 -22.51 -15.10 25.12
C VAL C 526 -23.08 -14.35 26.31
N LEU C 527 -22.23 -13.96 27.26
CA LEU C 527 -22.71 -13.29 28.47
C LEU C 527 -23.45 -12.00 28.15
N GLY C 528 -23.23 -11.43 26.97
CA GLY C 528 -23.95 -10.25 26.54
C GLY C 528 -25.27 -10.51 25.84
N ALA C 529 -25.57 -11.75 25.50
CA ALA C 529 -26.77 -12.12 24.75
C ALA C 529 -27.63 -13.10 25.55
N VAL C 530 -27.82 -12.80 26.83
CA VAL C 530 -28.58 -13.65 27.75
C VAL C 530 -29.78 -12.85 28.24
N SER C 531 -30.98 -13.37 27.98
CA SER C 531 -32.20 -12.66 28.34
C SER C 531 -32.39 -12.63 29.85
N ASP C 532 -32.27 -13.78 30.51
CA ASP C 532 -32.47 -13.92 31.95
C ASP C 532 -31.25 -14.62 32.51
N SER C 533 -30.27 -13.85 32.94
CA SER C 533 -29.01 -14.37 33.45
C SER C 533 -28.80 -13.96 34.90
N PHE C 534 -27.98 -14.75 35.59
CA PHE C 534 -27.77 -14.62 37.02
C PHE C 534 -26.28 -14.51 37.30
N GLU C 535 -25.93 -13.61 38.22
CA GLU C 535 -24.53 -13.48 38.63
C GLU C 535 -24.05 -14.68 39.43
N GLY C 536 -24.94 -15.57 39.86
CA GLY C 536 -24.56 -16.74 40.60
C GLY C 536 -24.35 -17.97 39.74
N LEU C 537 -24.92 -17.97 38.54
CA LEU C 537 -24.86 -19.14 37.67
C LEU C 537 -23.90 -18.98 36.50
N MET C 538 -23.66 -17.76 36.04
CA MET C 538 -22.82 -17.52 34.87
C MET C 538 -21.36 -17.26 35.24
N GLY C 539 -21.03 -17.14 36.52
CA GLY C 539 -19.63 -17.03 36.91
C GLY C 539 -18.91 -18.35 36.93
N MET C 540 -19.63 -19.44 36.69
CA MET C 540 -19.13 -20.80 36.77
C MET C 540 -18.90 -21.43 35.41
N LEU C 541 -19.12 -20.68 34.33
CA LEU C 541 -19.12 -21.30 33.01
C LEU C 541 -17.80 -21.97 32.65
N PRO C 542 -16.63 -21.39 32.92
CA PRO C 542 -15.38 -21.97 32.43
C PRO C 542 -14.85 -23.14 33.26
N THR C 543 -15.65 -23.74 34.15
CA THR C 543 -15.16 -24.82 34.98
C THR C 543 -16.16 -25.96 35.13
N LEU C 544 -17.18 -26.03 34.28
CA LEU C 544 -18.13 -27.13 34.35
C LEU C 544 -17.44 -28.42 33.95
N ARG C 545 -17.68 -29.49 34.71
CA ARG C 545 -17.12 -30.77 34.34
C ARG C 545 -17.78 -31.27 33.05
N THR C 546 -17.12 -32.22 32.40
CA THR C 546 -17.56 -32.66 31.09
C THR C 546 -18.98 -33.18 31.16
N GLY C 547 -19.73 -32.94 30.08
CA GLY C 547 -21.09 -33.44 29.97
C GLY C 547 -22.14 -32.46 30.45
N GLU C 548 -22.03 -32.02 31.69
CA GLU C 548 -23.06 -31.16 32.27
C GLU C 548 -23.09 -29.82 31.58
N ALA C 549 -24.30 -29.31 31.37
CA ALA C 549 -24.53 -28.05 30.67
C ALA C 549 -25.42 -27.16 31.53
N ILE C 550 -25.68 -25.95 31.02
CA ILE C 550 -26.57 -24.99 31.68
C ILE C 550 -27.60 -24.56 30.65
N ILE C 551 -28.88 -24.61 31.04
CA ILE C 551 -29.99 -24.28 30.15
C ILE C 551 -30.57 -22.95 30.58
N ILE C 552 -30.60 -22.00 29.65
CA ILE C 552 -31.01 -20.62 29.96
C ILE C 552 -31.84 -20.10 28.80
N GLY C 553 -32.94 -19.43 29.13
CA GLY C 553 -33.80 -18.82 28.14
C GLY C 553 -35.24 -18.88 28.57
N GLU C 554 -36.13 -18.74 27.59
CA GLU C 554 -37.58 -18.74 27.81
C GLU C 554 -38.20 -20.12 27.70
N SER C 555 -37.39 -21.17 27.53
CA SER C 555 -37.91 -22.52 27.44
C SER C 555 -38.03 -23.20 28.80
N VAL C 556 -37.56 -22.57 29.86
CA VAL C 556 -37.65 -23.12 31.21
C VAL C 556 -38.12 -22.04 32.16
N ARG C 557 -38.77 -22.47 33.24
CA ARG C 557 -39.19 -21.53 34.29
C ARG C 557 -37.98 -20.85 34.90
N LEU C 558 -36.94 -21.63 35.20
CA LEU C 558 -35.70 -21.13 35.76
C LEU C 558 -34.53 -21.66 34.96
N PRO C 559 -33.40 -20.95 34.93
CA PRO C 559 -32.17 -21.51 34.37
C PRO C 559 -31.47 -22.37 35.41
N MET C 560 -31.20 -23.62 35.06
CA MET C 560 -30.64 -24.58 35.99
C MET C 560 -29.44 -25.28 35.36
N ARG C 561 -28.52 -25.71 36.23
CA ARG C 561 -27.31 -26.41 35.83
C ARG C 561 -27.57 -27.91 35.91
N THR C 562 -27.71 -28.56 34.76
CA THR C 562 -28.13 -29.95 34.69
C THR C 562 -27.02 -30.81 34.12
N ILE C 563 -27.03 -32.08 34.52
CA ILE C 563 -26.11 -33.09 34.00
C ILE C 563 -26.89 -33.91 32.99
N ILE C 564 -26.70 -33.64 31.70
CA ILE C 564 -27.43 -34.39 30.69
C ILE C 564 -27.09 -35.86 30.82
N SER C 565 -28.11 -36.70 30.87
CA SER C 565 -27.91 -38.12 31.10
C SER C 565 -27.19 -38.75 29.91
N PRO C 566 -26.06 -39.43 30.12
CA PRO C 566 -25.38 -40.07 29.00
C PRO C 566 -26.26 -41.13 28.36
N PRO C 567 -26.26 -41.25 27.04
CA PRO C 567 -27.06 -42.29 26.39
C PRO C 567 -26.46 -43.66 26.65
N PRO C 568 -27.22 -44.74 26.39
CA PRO C 568 -26.70 -46.08 26.66
C PRO C 568 -25.42 -46.35 25.89
N PHE C 569 -24.51 -47.09 26.50
CA PHE C 569 -23.28 -47.47 25.83
C PHE C 569 -23.60 -48.31 24.60
N GLY C 570 -22.86 -48.08 23.52
CA GLY C 570 -23.19 -48.62 22.23
C GLY C 570 -24.12 -47.74 21.43
N ARG C 571 -24.69 -46.69 22.04
CA ARG C 571 -25.46 -45.68 21.35
C ARG C 571 -24.84 -44.33 21.73
N ARG C 572 -23.79 -43.95 21.02
CA ARG C 572 -23.09 -42.70 21.21
C ARG C 572 -22.63 -42.21 19.84
N PRO C 573 -22.42 -40.90 19.69
CA PRO C 573 -21.97 -40.38 18.40
C PRO C 573 -20.48 -40.64 18.20
N ASP C 574 -20.17 -41.45 17.20
CA ASP C 574 -18.81 -41.88 16.93
C ASP C 574 -18.44 -41.59 15.48
N SER C 575 -17.22 -41.10 15.28
CA SER C 575 -16.64 -40.89 13.96
C SER C 575 -15.46 -41.83 13.80
N LEU C 576 -15.42 -42.54 12.68
CA LEU C 576 -14.40 -43.58 12.47
C LEU C 576 -13.22 -43.00 11.69
N ASP C 577 -12.46 -42.16 12.38
CA ASP C 577 -11.25 -41.61 11.79
C ASP C 577 -10.09 -42.59 11.94
N PRO C 578 -9.11 -42.54 11.04
CA PRO C 578 -7.98 -43.47 11.13
C PRO C 578 -7.19 -43.28 12.42
N ASP C 579 -6.70 -44.38 12.96
CA ASP C 579 -5.93 -44.38 14.20
C ASP C 579 -4.46 -44.55 13.84
N VAL C 580 -3.71 -43.45 13.90
CA VAL C 580 -2.30 -43.50 13.49
C VAL C 580 -1.52 -44.42 14.41
N THR C 581 -1.74 -44.32 15.72
CA THR C 581 -0.97 -45.12 16.67
C THR C 581 -1.13 -46.61 16.41
N ALA C 582 -2.36 -47.04 16.14
CA ALA C 582 -2.59 -48.45 15.80
C ALA C 582 -2.17 -48.75 14.37
N LYS C 583 -2.38 -47.82 13.45
CA LYS C 583 -2.10 -48.06 12.04
C LYS C 583 -0.64 -47.82 11.67
N TRP C 584 0.13 -47.17 12.53
CA TRP C 584 1.57 -47.05 12.31
C TRP C 584 2.35 -48.11 13.08
N SER C 585 1.79 -48.63 14.17
CA SER C 585 2.54 -49.58 14.99
C SER C 585 2.84 -50.87 14.25
N ASN C 586 1.98 -51.27 13.31
CA ASN C 586 2.21 -52.52 12.60
C ASN C 586 3.46 -52.42 11.72
N ASN C 587 4.05 -53.57 11.46
CA ASN C 587 5.30 -53.62 10.70
C ASN C 587 5.04 -53.22 9.25
N ARG C 588 6.13 -52.94 8.54
CA ARG C 588 6.02 -52.46 7.16
C ARG C 588 5.45 -53.55 6.25
N VAL C 589 4.96 -53.11 5.10
CA VAL C 589 4.46 -53.99 4.06
C VAL C 589 4.93 -53.44 2.71
N GLN C 590 5.29 -54.33 1.81
CA GLN C 590 5.74 -53.94 0.47
C GLN C 590 4.52 -53.51 -0.33
N GLY C 591 4.16 -52.23 -0.21
CA GLY C 591 3.02 -51.73 -0.93
C GLY C 591 3.22 -51.80 -2.43
N ASP C 592 2.15 -52.07 -3.15
CA ASP C 592 2.16 -52.17 -4.61
C ASP C 592 1.57 -50.87 -5.15
N TYR C 593 2.44 -49.88 -5.35
CA TYR C 593 1.98 -48.56 -5.77
C TYR C 593 1.51 -48.53 -7.22
N LYS C 594 1.63 -49.61 -7.98
CA LYS C 594 1.12 -49.60 -9.34
C LYS C 594 -0.39 -49.40 -9.39
N GLU C 595 -1.11 -49.93 -8.39
CA GLU C 595 -2.56 -49.71 -8.36
C GLU C 595 -2.91 -48.29 -7.93
N VAL C 596 -2.19 -47.75 -6.95
CA VAL C 596 -2.51 -46.41 -6.46
C VAL C 596 -2.48 -45.40 -7.60
N LEU C 597 -1.67 -45.63 -8.62
CA LEU C 597 -1.64 -44.73 -9.76
C LEU C 597 -2.86 -44.94 -10.65
N THR C 598 -3.28 -46.19 -10.86
CA THR C 598 -4.42 -46.45 -11.72
C THR C 598 -5.71 -45.88 -11.12
N LEU C 599 -5.91 -46.04 -9.81
CA LEU C 599 -7.09 -45.47 -9.18
C LEU C 599 -7.08 -43.96 -9.29
N TRP C 600 -5.94 -43.33 -9.04
CA TRP C 600 -5.83 -41.88 -9.16
C TRP C 600 -6.10 -41.42 -10.59
N ARG C 601 -5.54 -42.12 -11.57
CA ARG C 601 -5.81 -41.78 -12.97
C ARG C 601 -7.28 -41.98 -13.30
N GLN C 602 -7.86 -43.10 -12.87
CA GLN C 602 -9.22 -43.47 -13.24
C GLN C 602 -10.26 -42.75 -12.41
N LYS C 603 -9.88 -42.04 -11.36
CA LYS C 603 -10.83 -41.34 -10.50
C LYS C 603 -11.84 -42.31 -9.90
N LYS C 604 -11.37 -43.51 -9.58
CA LYS C 604 -12.18 -44.52 -8.94
C LYS C 604 -11.63 -44.78 -7.53
N VAL C 605 -12.34 -45.62 -6.78
CA VAL C 605 -11.92 -45.99 -5.45
C VAL C 605 -12.03 -47.50 -5.20
N ARG C 606 -12.54 -48.26 -6.16
CA ARG C 606 -12.70 -49.70 -6.04
C ARG C 606 -11.79 -50.40 -7.03
N SER C 607 -11.06 -51.40 -6.56
CA SER C 607 -10.19 -52.18 -7.42
C SER C 607 -11.00 -53.21 -8.20
N GLN C 608 -10.44 -53.63 -9.34
CA GLN C 608 -11.10 -54.64 -10.17
C GLN C 608 -11.11 -56.02 -9.53
N ARG C 609 -10.40 -56.21 -8.42
CA ARG C 609 -10.22 -57.51 -7.79
C ARG C 609 -11.21 -57.73 -6.64
N ILE C 610 -12.36 -57.07 -6.68
CA ILE C 610 -13.33 -57.16 -5.58
C ILE C 610 -14.28 -58.33 -5.83
N VAL C 611 -14.81 -58.88 -4.74
CA VAL C 611 -15.80 -59.95 -4.79
C VAL C 611 -17.10 -59.43 -4.20
N GLU C 612 -18.21 -59.73 -4.88
CA GLU C 612 -19.51 -59.15 -4.55
C GLU C 612 -20.49 -60.16 -3.99
N ASN C 613 -20.58 -61.33 -4.60
CA ASN C 613 -21.67 -62.29 -4.32
C ASN C 613 -21.25 -63.37 -3.34
N ILE C 614 -20.41 -63.04 -2.37
CA ILE C 614 -19.99 -64.00 -1.35
C ILE C 614 -20.92 -63.88 -0.14
N LYS C 615 -21.47 -65.00 0.30
CA LYS C 615 -22.35 -65.03 1.44
C LYS C 615 -21.57 -64.98 2.74
N ARG C 616 -22.26 -64.65 3.83
CA ARG C 616 -21.66 -64.56 5.16
C ARG C 616 -22.56 -65.25 6.17
N LEU C 617 -21.92 -65.75 7.24
CA LEU C 617 -22.63 -66.40 8.33
C LEU C 617 -22.17 -65.79 9.65
N PRO C 618 -23.08 -65.54 10.59
CA PRO C 618 -22.66 -64.92 11.85
C PRO C 618 -21.75 -65.84 12.66
N VAL C 619 -20.91 -65.23 13.47
CA VAL C 619 -19.98 -65.97 14.31
C VAL C 619 -20.74 -66.93 15.22
N SER C 636 -11.20 -57.77 17.02
CA SER C 636 -11.41 -58.39 18.32
C SER C 636 -12.79 -59.04 18.38
N ASN C 637 -13.83 -58.20 18.34
CA ASN C 637 -15.21 -58.67 18.35
C ASN C 637 -15.62 -59.01 16.93
N ILE C 638 -15.22 -60.20 16.48
CA ILE C 638 -15.60 -60.67 15.15
C ILE C 638 -17.09 -60.96 15.13
N LEU C 639 -17.77 -60.47 14.09
CA LEU C 639 -19.21 -60.66 13.95
C LEU C 639 -19.54 -61.65 12.84
N SER C 640 -19.05 -61.43 11.62
CA SER C 640 -19.34 -62.29 10.49
C SER C 640 -18.08 -62.54 9.70
N ILE C 641 -18.07 -63.64 8.96
CA ILE C 641 -16.91 -64.02 8.15
C ILE C 641 -17.40 -64.78 6.91
N GLY C 642 -16.72 -64.55 5.79
CA GLY C 642 -16.92 -65.32 4.58
C GLY C 642 -15.62 -65.95 4.13
N TYR C 643 -15.72 -66.69 3.02
CA TYR C 643 -14.54 -67.31 2.41
C TYR C 643 -14.92 -67.98 1.10
N GLU C 644 -13.96 -68.11 0.19
CA GLU C 644 -14.24 -68.69 -1.13
C GLU C 644 -12.96 -69.32 -1.65
N ALA C 645 -13.04 -70.61 -2.00
CA ALA C 645 -11.90 -71.33 -2.55
C ALA C 645 -11.76 -71.14 -4.06
N ASP C 646 -12.79 -70.62 -4.73
CA ASP C 646 -12.69 -70.38 -6.17
C ASP C 646 -11.57 -69.41 -6.48
N SER C 647 -11.53 -68.28 -5.77
CA SER C 647 -10.51 -67.27 -5.96
C SER C 647 -9.66 -67.05 -4.71
N MET C 648 -9.77 -67.93 -3.71
CA MET C 648 -8.98 -67.81 -2.50
C MET C 648 -9.17 -66.45 -1.83
N THR C 649 -10.40 -65.93 -1.90
CA THR C 649 -10.74 -64.64 -1.33
C THR C 649 -11.47 -64.84 -0.01
N LEU C 650 -11.00 -64.16 1.03
CA LEU C 650 -11.57 -64.28 2.37
C LEU C 650 -12.23 -62.96 2.75
N GLU C 651 -13.51 -63.04 3.11
CA GLU C 651 -14.26 -61.87 3.56
C GLU C 651 -14.42 -61.93 5.07
N ILE C 652 -14.17 -60.81 5.74
CA ILE C 652 -14.25 -60.71 7.19
C ILE C 652 -15.04 -59.47 7.55
N GLU C 653 -15.86 -59.56 8.59
CA GLU C 653 -16.70 -58.45 9.03
C GLU C 653 -16.55 -58.27 10.53
N PHE C 654 -16.38 -57.03 10.96
CA PHE C 654 -16.25 -56.67 12.37
C PHE C 654 -17.35 -55.68 12.74
N ASN C 655 -17.24 -55.12 13.94
CA ASN C 655 -18.22 -54.14 14.40
C ASN C 655 -18.11 -52.85 13.60
N HIS C 656 -19.21 -52.08 13.62
CA HIS C 656 -19.31 -50.80 12.93
C HIS C 656 -19.35 -50.94 11.42
N GLY C 657 -19.67 -52.12 10.90
CA GLY C 657 -19.78 -52.29 9.46
C GLY C 657 -18.47 -52.33 8.73
N LEU C 658 -17.37 -52.63 9.42
CA LEU C 658 -16.06 -52.74 8.78
C LEU C 658 -15.93 -54.13 8.16
N VAL C 659 -15.69 -54.18 6.85
CA VAL C 659 -15.61 -55.45 6.12
C VAL C 659 -14.36 -55.42 5.25
N TYR C 660 -13.36 -56.22 5.61
CA TYR C 660 -12.16 -56.37 4.82
C TYR C 660 -12.33 -57.48 3.79
N GLN C 661 -11.29 -57.71 3.01
CA GLN C 661 -11.21 -58.88 2.13
C GLN C 661 -9.73 -59.21 1.96
N TYR C 662 -9.24 -60.18 2.73
CA TYR C 662 -7.86 -60.60 2.63
C TYR C 662 -7.69 -61.56 1.45
N TYR C 663 -6.74 -61.27 0.58
CA TYR C 663 -6.58 -61.99 -0.68
C TYR C 663 -5.44 -63.00 -0.59
N ASP C 664 -5.45 -63.95 -1.53
CA ASP C 664 -4.41 -64.97 -1.64
C ASP C 664 -4.22 -65.65 -0.28
N VAL C 665 -5.27 -66.33 0.18
CA VAL C 665 -5.30 -66.99 1.47
C VAL C 665 -5.76 -68.43 1.26
N PRO C 666 -4.94 -69.43 1.58
CA PRO C 666 -5.45 -70.82 1.57
C PRO C 666 -6.55 -71.01 2.60
N GLU C 667 -7.47 -71.92 2.29
CA GLU C 667 -8.60 -72.19 3.17
C GLU C 667 -8.26 -73.14 4.30
N THR C 668 -7.01 -73.62 4.37
CA THR C 668 -6.60 -74.40 5.53
C THR C 668 -6.73 -73.59 6.81
N LEU C 669 -6.32 -72.32 6.77
CA LEU C 669 -6.49 -71.45 7.93
C LEU C 669 -7.97 -71.24 8.25
N HIS C 670 -8.82 -71.16 7.23
CA HIS C 670 -10.24 -70.99 7.47
C HIS C 670 -10.78 -72.07 8.39
N THR C 671 -10.48 -73.34 8.09
CA THR C 671 -10.91 -74.43 8.96
C THR C 671 -10.27 -74.29 10.33
N GLU C 672 -8.99 -73.89 10.38
CA GLU C 672 -8.33 -73.67 11.65
C GLU C 672 -9.02 -72.57 12.45
N LEU C 673 -9.38 -71.47 11.79
CA LEU C 673 -10.03 -70.36 12.49
C LEU C 673 -11.36 -70.79 13.10
N LEU C 674 -12.17 -71.53 12.34
CA LEU C 674 -13.44 -72.01 12.87
C LEU C 674 -13.21 -72.92 14.08
N ALA C 675 -12.23 -73.81 14.00
CA ALA C 675 -11.91 -74.69 15.11
C ALA C 675 -10.97 -74.04 16.13
N ALA C 676 -10.41 -72.88 15.81
CA ALA C 676 -9.52 -72.21 16.77
C ALA C 676 -10.25 -71.78 18.03
N GLU C 677 -11.54 -71.48 17.92
CA GLU C 677 -12.38 -71.05 19.04
C GLU C 677 -11.62 -70.06 19.93
N SER C 678 -10.78 -69.23 19.33
CA SER C 678 -10.01 -68.21 20.04
C SER C 678 -10.07 -66.89 19.28
N HIS C 679 -11.27 -66.52 18.85
CA HIS C 679 -11.43 -65.32 18.03
C HIS C 679 -10.97 -64.08 18.78
N GLY C 680 -10.38 -63.15 18.04
CA GLY C 680 -9.87 -61.93 18.63
C GLY C 680 -8.41 -62.01 18.99
N LYS C 681 -8.07 -62.90 19.92
CA LYS C 681 -6.67 -63.09 20.31
C LYS C 681 -5.91 -64.02 19.36
N PHE C 682 -6.61 -64.70 18.46
CA PHE C 682 -5.97 -65.65 17.55
C PHE C 682 -5.99 -65.20 16.09
N PHE C 683 -6.93 -64.33 15.70
CA PHE C 683 -7.00 -63.88 14.32
C PHE C 683 -5.74 -63.11 13.92
N ASN C 684 -5.25 -62.24 14.80
CA ASN C 684 -4.06 -61.46 14.51
C ASN C 684 -2.79 -62.30 14.45
N SER C 685 -2.85 -63.56 14.88
CA SER C 685 -1.65 -64.39 14.93
C SER C 685 -1.04 -64.57 13.55
N GLN C 686 -1.88 -64.85 12.54
CA GLN C 686 -1.36 -65.15 11.21
C GLN C 686 -2.16 -64.52 10.08
N ILE C 687 -3.00 -63.52 10.35
CA ILE C 687 -3.75 -62.86 9.29
C ILE C 687 -3.57 -61.35 9.27
N LYS C 688 -3.15 -60.74 10.38
CA LYS C 688 -3.18 -59.28 10.47
C LYS C 688 -2.28 -58.63 9.43
N ASN C 689 -1.04 -59.11 9.32
CA ASN C 689 -0.02 -58.48 8.49
C ASN C 689 0.73 -59.54 7.70
N ASN C 690 0.01 -60.43 7.03
CA ASN C 690 0.62 -61.53 6.31
C ASN C 690 0.12 -61.68 4.87
N TYR C 691 -0.93 -60.97 4.48
CA TYR C 691 -1.50 -61.13 3.14
C TYR C 691 -1.98 -59.78 2.64
N ARG C 692 -2.22 -59.72 1.33
CA ARG C 692 -2.65 -58.49 0.70
C ARG C 692 -4.16 -58.37 0.82
N PHE C 693 -4.65 -57.25 1.32
CA PHE C 693 -6.08 -57.02 1.47
C PHE C 693 -6.45 -55.66 0.90
N SER C 694 -7.66 -55.59 0.34
CA SER C 694 -8.21 -54.34 -0.20
C SER C 694 -9.51 -54.09 0.53
N ARG C 695 -9.43 -53.43 1.68
CA ARG C 695 -10.59 -53.21 2.53
C ARG C 695 -11.75 -52.62 1.74
N ILE C 696 -12.96 -52.96 2.15
CA ILE C 696 -14.17 -52.40 1.56
C ILE C 696 -15.08 -51.86 2.64
N SER D 11 22.37 3.72 47.75
CA SER D 11 23.10 2.60 47.17
C SER D 11 22.45 2.14 45.87
N THR D 12 22.91 1.02 45.33
CA THR D 12 22.35 0.51 44.08
C THR D 12 20.93 -0.01 44.25
N TYR D 13 20.50 -0.28 45.48
CA TYR D 13 19.18 -0.85 45.73
C TYR D 13 18.13 0.22 45.45
N ILE D 14 17.53 0.18 44.26
CA ILE D 14 16.56 1.21 43.89
C ILE D 14 15.16 0.89 44.42
N GLY D 15 14.92 -0.32 44.89
CA GLY D 15 13.63 -0.63 45.48
C GLY D 15 13.31 -2.11 45.33
N THR D 16 12.03 -2.41 45.44
CA THR D 16 11.54 -3.77 45.30
C THR D 16 10.33 -3.78 44.39
N VAL D 17 10.27 -4.78 43.51
CA VAL D 17 9.13 -4.93 42.62
C VAL D 17 7.87 -5.12 43.45
N GLN D 18 6.80 -4.43 43.06
CA GLN D 18 5.50 -4.55 43.71
C GLN D 18 4.41 -4.92 42.71
N ASP D 19 4.78 -5.64 41.66
CA ASP D 19 3.84 -6.23 40.73
C ASP D 19 4.56 -7.11 39.71
N VAL D 20 3.91 -8.17 39.25
CA VAL D 20 4.46 -9.05 38.23
C VAL D 20 3.32 -9.69 37.48
N ASN D 21 3.33 -9.56 36.15
CA ASN D 21 2.29 -10.08 35.28
C ASN D 21 2.87 -11.11 34.32
N GLY D 22 3.95 -11.76 34.71
CA GLY D 22 4.61 -12.75 33.86
C GLY D 22 5.71 -12.16 33.00
N ALA D 23 5.33 -11.27 32.07
CA ALA D 23 6.31 -10.63 31.19
C ALA D 23 6.25 -9.12 31.37
N ASN D 24 6.26 -8.69 32.62
CA ASN D 24 6.20 -7.28 32.97
C ASN D 24 6.37 -7.17 34.46
N ILE D 25 6.93 -6.05 34.91
CA ILE D 25 6.95 -5.73 36.33
C ILE D 25 6.96 -4.22 36.50
N ARG D 26 6.82 -3.76 37.74
CA ARG D 26 6.82 -2.34 38.05
C ARG D 26 7.57 -2.16 39.37
N VAL D 27 7.88 -0.90 39.70
CA VAL D 27 8.69 -0.60 40.87
C VAL D 27 8.28 0.79 41.38
N VAL D 28 8.65 1.06 42.63
CA VAL D 28 8.39 2.35 43.25
C VAL D 28 9.70 3.10 43.43
N LEU D 29 9.60 4.38 43.75
CA LEU D 29 10.77 5.23 43.94
C LEU D 29 11.62 4.71 45.09
N ASP D 30 12.75 5.36 45.34
CA ASP D 30 13.61 5.01 46.45
C ASP D 30 12.84 5.03 47.76
N SER D 35 12.98 8.76 49.56
CA SER D 35 13.85 9.92 49.52
C SER D 35 13.78 10.61 48.16
N SER D 36 14.45 11.75 48.04
CA SER D 36 14.47 12.51 46.81
C SER D 36 15.48 11.89 45.85
N LEU D 37 15.80 12.60 44.77
CA LEU D 37 16.75 12.10 43.79
C LEU D 37 18.08 11.79 44.46
N LYS D 38 18.67 10.65 44.07
CA LYS D 38 19.94 10.18 44.63
C LYS D 38 20.91 9.98 43.49
N PHE D 39 21.96 10.80 43.43
CA PHE D 39 22.97 10.74 42.38
C PHE D 39 24.21 10.05 42.92
N VAL D 40 24.77 9.13 42.13
CA VAL D 40 25.84 8.24 42.57
C VAL D 40 27.06 8.43 41.67
N ASP D 41 28.24 8.39 42.29
CA ASP D 41 29.56 8.43 41.69
C ASP D 41 29.95 9.84 41.23
N GLY D 42 29.06 10.81 41.27
CA GLY D 42 29.41 12.20 41.02
C GLY D 42 29.22 12.67 39.59
N GLN D 43 29.14 11.77 38.62
CA GLN D 43 28.94 12.19 37.24
C GLN D 43 27.51 12.67 37.05
N GLY D 44 27.20 13.10 35.83
CA GLY D 44 25.86 13.54 35.51
C GLY D 44 25.00 12.39 35.05
N TYR D 45 24.24 11.81 35.99
CA TYR D 45 23.34 10.70 35.70
C TYR D 45 22.22 10.74 36.71
N ARG D 46 21.10 10.11 36.37
CA ARG D 46 19.88 10.25 37.14
C ARG D 46 19.18 8.90 37.25
N ILE D 47 18.05 8.90 37.97
CA ILE D 47 17.33 7.66 38.22
C ILE D 47 16.97 7.00 36.88
N GLY D 48 16.69 5.70 36.95
CA GLY D 48 16.41 4.93 35.76
C GLY D 48 15.45 5.59 34.81
N GLN D 49 15.95 5.96 33.64
CA GLN D 49 15.17 6.69 32.65
C GLN D 49 14.52 5.70 31.68
N ILE D 50 14.04 6.18 30.55
CA ILE D 50 13.26 5.33 29.65
C ILE D 50 14.11 4.21 29.07
N GLY D 51 15.38 4.48 28.78
CA GLY D 51 16.23 3.46 28.21
C GLY D 51 17.04 2.66 29.21
N SER D 52 17.05 3.08 30.48
CA SER D 52 17.95 2.50 31.47
C SER D 52 17.72 0.99 31.59
N PHE D 53 18.63 0.35 32.33
CA PHE D 53 18.52 -1.07 32.64
C PHE D 53 18.60 -1.24 34.15
N VAL D 54 17.92 -2.28 34.65
CA VAL D 54 17.86 -2.55 36.09
C VAL D 54 18.18 -4.02 36.31
N ARG D 55 18.63 -4.32 37.54
CA ARG D 55 19.08 -5.66 37.92
C ARG D 55 18.16 -6.25 38.98
N ILE D 56 17.92 -7.55 38.89
CA ILE D 56 17.08 -8.30 39.82
C ILE D 56 17.81 -9.56 40.25
N PRO D 57 18.53 -9.57 41.37
CA PRO D 57 19.18 -10.82 41.80
C PRO D 57 18.16 -11.86 42.27
N ILE D 58 18.44 -13.12 41.93
CA ILE D 58 17.63 -14.25 42.38
C ILE D 58 18.57 -15.38 42.79
N GLY D 59 18.84 -15.49 44.09
CA GLY D 59 19.53 -16.65 44.63
C GLY D 59 21.00 -16.71 44.22
N TYR D 60 21.23 -17.02 42.95
CA TYR D 60 22.58 -17.07 42.40
C TYR D 60 22.70 -16.42 41.03
N ILE D 61 21.58 -16.00 40.42
CA ILE D 61 21.59 -15.46 39.07
C ILE D 61 20.99 -14.06 39.11
N ASN D 62 20.84 -13.41 37.95
CA ASN D 62 20.23 -12.09 37.90
C ASN D 62 19.39 -11.94 36.64
N LEU D 63 18.30 -11.20 36.77
CA LEU D 63 17.39 -10.88 35.68
C LEU D 63 17.46 -9.39 35.40
N PHE D 64 17.71 -9.03 34.16
CA PHE D 64 17.85 -7.63 33.79
C PHE D 64 16.57 -7.13 33.13
N GLY D 65 16.32 -5.84 33.27
CA GLY D 65 15.09 -5.25 32.77
C GLY D 65 15.36 -3.91 32.11
N ILE D 66 14.43 -3.53 31.25
CA ILE D 66 14.50 -2.27 30.51
C ILE D 66 13.21 -1.50 30.76
N VAL D 67 13.34 -0.20 31.01
CA VAL D 67 12.18 0.59 31.43
C VAL D 67 11.20 0.73 30.28
N SER D 68 9.95 1.04 30.62
CA SER D 68 8.86 1.14 29.66
C SER D 68 8.29 2.54 29.57
N GLN D 69 8.02 3.18 30.71
CA GLN D 69 7.73 4.60 30.78
C GLN D 69 7.61 4.96 32.25
N VAL D 70 7.76 6.25 32.55
CA VAL D 70 7.91 6.71 33.93
C VAL D 70 6.79 7.70 34.23
N GLY D 71 5.92 7.35 35.17
CA GLY D 71 4.85 8.24 35.59
C GLY D 71 3.53 7.55 35.87
N ALA D 72 2.43 8.29 35.70
CA ALA D 72 1.11 7.75 35.97
C ALA D 72 0.74 6.59 35.06
N GLY D 73 1.56 6.28 34.06
CA GLY D 73 1.31 5.09 33.24
C GLY D 73 1.79 3.80 33.85
N ALA D 74 2.49 3.84 34.98
CA ALA D 74 3.01 2.65 35.64
C ALA D 74 2.36 2.42 37.00
N VAL D 75 1.42 3.27 37.42
CA VAL D 75 0.69 3.04 38.64
C VAL D 75 -0.33 1.93 38.39
N PRO D 76 -0.45 0.95 39.28
CA PRO D 76 -1.57 0.02 39.17
C PRO D 76 -2.89 0.78 39.21
N ASP D 77 -3.86 0.28 38.43
CA ASP D 77 -5.13 0.98 38.28
C ASP D 77 -5.72 1.34 39.65
N LYS D 78 -5.80 0.36 40.54
CA LYS D 78 -6.61 0.52 41.74
C LYS D 78 -6.01 1.53 42.70
N LEU D 79 -4.69 1.49 42.89
CA LEU D 79 -4.06 2.45 43.79
C LEU D 79 -4.16 3.87 43.23
N LEU D 80 -4.13 4.03 41.92
CA LEU D 80 -4.39 5.36 41.36
C LEU D 80 -5.82 5.78 41.63
N GLU D 81 -6.77 4.85 41.55
CA GLU D 81 -8.14 5.17 41.93
C GLU D 81 -8.20 5.66 43.37
N VAL D 82 -7.47 5.00 44.26
CA VAL D 82 -7.49 5.38 45.67
C VAL D 82 -6.93 6.79 45.86
N GLU D 83 -5.74 7.05 45.29
CA GLU D 83 -5.07 8.32 45.46
C GLU D 83 -4.75 8.91 44.09
N PRO D 84 -5.03 10.19 43.85
CA PRO D 84 -4.73 10.78 42.54
C PRO D 84 -3.28 11.23 42.42
N TYR D 85 -2.66 11.57 43.56
CA TYR D 85 -1.31 12.10 43.56
C TYR D 85 -0.24 11.01 43.70
N GLY D 86 -0.64 9.75 43.74
CA GLY D 86 0.33 8.67 43.88
C GLY D 86 1.17 8.48 42.62
N HIS D 87 1.83 9.54 42.19
CA HIS D 87 2.64 9.52 40.97
C HIS D 87 4.10 9.26 41.36
N ARG D 88 4.37 8.01 41.75
CA ARG D 88 5.70 7.61 42.17
C ARG D 88 6.05 6.22 41.66
N TRP D 89 5.51 5.83 40.51
CA TRP D 89 5.62 4.47 40.01
C TRP D 89 6.33 4.44 38.67
N ILE D 90 7.20 3.46 38.49
CA ILE D 90 7.90 3.22 37.22
C ILE D 90 7.59 1.81 36.78
N SER D 91 7.68 1.57 35.47
CA SER D 91 7.40 0.27 34.90
C SER D 91 8.62 -0.24 34.17
N VAL D 92 8.96 -1.52 34.38
CA VAL D 92 10.12 -2.13 33.74
C VAL D 92 9.73 -3.51 33.23
N GLN D 93 10.25 -3.86 32.06
CA GLN D 93 9.94 -5.11 31.39
C GLN D 93 11.19 -5.96 31.35
N LEU D 94 11.04 -7.24 31.70
CA LEU D 94 12.18 -8.15 31.77
C LEU D 94 12.73 -8.45 30.39
N VAL D 95 14.05 -8.51 30.27
CA VAL D 95 14.71 -8.77 29.00
C VAL D 95 15.35 -10.16 28.96
N GLY D 96 15.99 -10.57 30.05
CA GLY D 96 16.68 -11.85 30.02
C GLY D 96 17.30 -12.20 31.36
N GLU D 97 18.21 -13.17 31.32
CA GLU D 97 18.84 -13.71 32.51
C GLU D 97 20.30 -14.03 32.20
N GLU D 98 21.12 -14.04 33.24
CA GLU D 98 22.50 -14.50 33.14
C GLU D 98 22.61 -15.87 33.78
N GLY D 99 23.41 -16.74 33.16
CA GLY D 99 23.61 -18.08 33.68
C GLY D 99 24.40 -18.09 34.97
N ILE D 100 24.93 -19.26 35.34
CA ILE D 100 25.75 -19.38 36.56
C ILE D 100 27.17 -19.00 36.15
N LYS D 101 27.42 -17.69 36.12
CA LYS D 101 28.70 -17.17 35.67
C LYS D 101 29.10 -17.75 34.32
N LYS D 102 28.10 -18.00 33.47
CA LYS D 102 28.34 -18.49 32.12
C LYS D 102 28.22 -17.36 31.09
N GLU D 103 27.07 -16.70 31.03
CA GLU D 103 26.82 -15.65 30.05
C GLU D 103 25.45 -15.03 30.26
N PHE D 104 25.12 -14.00 29.48
CA PHE D 104 23.77 -13.45 29.45
C PHE D 104 23.00 -14.17 28.35
N GLU D 105 22.11 -15.07 28.75
CA GLU D 105 21.23 -15.76 27.82
C GLU D 105 19.81 -15.27 28.03
N ARG D 106 19.19 -14.81 26.96
CA ARG D 106 17.85 -14.26 27.06
C ARG D 106 16.86 -15.34 27.47
N GLY D 107 15.77 -14.92 28.09
CA GLY D 107 14.80 -15.85 28.62
C GLY D 107 15.03 -16.14 30.09
N VAL D 108 14.01 -15.91 30.91
CA VAL D 108 14.11 -16.03 32.34
C VAL D 108 13.90 -17.47 32.79
N SER D 109 14.61 -17.85 33.86
CA SER D 109 14.44 -19.18 34.46
C SER D 109 13.51 -19.18 35.66
N GLN D 110 13.43 -18.08 36.39
CA GLN D 110 12.58 -18.01 37.58
C GLN D 110 12.14 -16.56 37.74
N TYR D 111 10.86 -16.30 37.54
CA TYR D 111 10.36 -14.94 37.51
C TYR D 111 10.44 -14.30 38.89
N PRO D 112 10.53 -12.98 38.97
CA PRO D 112 10.57 -12.31 40.26
C PRO D 112 9.20 -12.27 40.92
N THR D 113 9.21 -12.04 42.23
CA THR D 113 8.00 -11.97 43.04
C THR D 113 7.98 -10.67 43.81
N ILE D 114 6.80 -10.35 44.35
CA ILE D 114 6.64 -9.12 45.11
C ILE D 114 7.58 -9.13 46.32
N GLY D 115 8.23 -8.00 46.55
CA GLY D 115 9.13 -7.84 47.68
C GLY D 115 10.59 -8.10 47.36
N ASP D 116 10.89 -8.76 46.25
CA ASP D 116 12.28 -9.01 45.89
C ASP D 116 12.98 -7.72 45.49
N LYS D 117 14.31 -7.76 45.54
CA LYS D 117 15.11 -6.56 45.35
C LYS D 117 15.25 -6.22 43.87
N VAL D 118 15.58 -4.95 43.62
CA VAL D 118 15.94 -4.48 42.28
C VAL D 118 17.03 -3.43 42.44
N HIS D 119 18.13 -3.59 41.70
CA HIS D 119 19.29 -2.72 41.84
C HIS D 119 19.62 -2.07 40.51
N ILE D 120 20.25 -0.91 40.58
CA ILE D 120 20.72 -0.24 39.37
C ILE D 120 21.84 -1.06 38.74
N VAL D 121 21.90 -1.01 37.42
CA VAL D 121 22.95 -1.70 36.68
C VAL D 121 24.22 -0.88 36.73
N THR D 122 25.34 -1.53 36.99
CA THR D 122 26.63 -0.87 37.10
C THR D 122 27.48 -1.17 35.87
N GLU D 123 28.69 -0.59 35.84
CA GLU D 123 29.53 -0.66 34.65
C GLU D 123 29.91 -2.09 34.28
N PRO D 124 30.43 -2.93 35.18
CA PRO D 124 30.86 -4.27 34.74
C PRO D 124 29.71 -5.15 34.31
N ASP D 125 28.56 -5.06 34.99
CA ASP D 125 27.40 -5.84 34.57
C ASP D 125 26.92 -5.41 33.18
N LEU D 126 26.93 -4.11 32.92
CA LEU D 126 26.57 -3.63 31.59
C LEU D 126 27.58 -4.10 30.56
N LYS D 127 28.86 -4.13 30.91
CA LYS D 127 29.86 -4.65 30.00
C LYS D 127 29.61 -6.12 29.70
N LYS D 128 29.24 -6.90 30.72
CA LYS D 128 28.93 -8.30 30.51
C LYS D 128 27.71 -8.46 29.60
N ILE D 129 26.68 -7.66 29.83
CA ILE D 129 25.48 -7.73 28.99
C ILE D 129 25.84 -7.40 27.55
N TYR D 130 26.65 -6.37 27.35
CA TYR D 130 27.03 -5.94 26.01
C TYR D 130 28.27 -6.65 25.48
N GLY D 131 29.18 -7.07 26.35
CA GLY D 131 30.39 -7.72 25.90
C GLY D 131 30.11 -9.11 25.36
N THR D 132 31.12 -9.67 24.68
CA THR D 132 31.01 -11.01 24.13
C THR D 132 32.38 -11.55 23.79
N GLN D 133 32.52 -12.87 23.85
CA GLN D 133 33.76 -13.55 23.55
C GLN D 133 33.92 -13.93 22.08
N ASN D 134 32.81 -14.14 21.37
CA ASN D 134 32.88 -14.54 19.96
C ASN D 134 33.77 -13.58 19.19
N LYS D 135 34.25 -14.05 18.04
CA LYS D 135 35.20 -13.31 17.22
C LYS D 135 34.57 -12.67 15.99
N LYS D 136 33.33 -13.02 15.67
CA LYS D 136 32.66 -12.46 14.49
C LYS D 136 32.03 -11.10 14.77
N TYR D 137 32.22 -10.54 15.95
CA TYR D 137 31.66 -9.25 16.33
C TYR D 137 32.68 -8.14 16.12
N ILE D 138 32.21 -7.00 15.63
CA ILE D 138 33.05 -5.82 15.37
C ILE D 138 32.29 -4.59 15.85
N SER D 139 33.01 -3.66 16.46
CA SER D 139 32.37 -2.47 17.01
C SER D 139 32.13 -1.44 15.91
N LEU D 140 30.91 -0.92 15.85
CA LEU D 140 30.50 0.07 14.87
C LEU D 140 29.87 1.28 15.55
N GLY D 141 30.42 1.68 16.69
CA GLY D 141 29.88 2.83 17.40
C GLY D 141 30.32 2.96 18.83
N ASN D 142 29.35 3.14 19.72
CA ASN D 142 29.58 3.37 21.13
C ASN D 142 28.21 3.39 21.81
N ILE D 143 28.20 3.29 23.14
CA ILE D 143 26.95 3.27 23.89
C ILE D 143 26.84 4.55 24.70
N ALA D 144 25.59 4.90 25.02
CA ALA D 144 25.25 6.21 25.56
C ALA D 144 25.46 6.31 27.07
N SER D 145 24.79 5.44 27.85
CA SER D 145 24.75 5.62 29.30
C SER D 145 26.13 5.49 29.92
N VAL D 146 26.93 4.53 29.47
CA VAL D 146 28.24 4.23 30.05
C VAL D 146 29.31 4.59 29.04
N ASP D 147 30.34 5.29 29.51
CA ASP D 147 31.41 5.73 28.61
C ASP D 147 32.20 4.54 28.08
N SER D 148 32.58 4.62 26.81
CA SER D 148 33.52 3.69 26.19
C SER D 148 33.05 2.25 26.30
N ILE D 149 31.91 1.97 25.66
CA ILE D 149 31.41 0.61 25.48
C ILE D 149 31.19 0.40 23.99
N PRO D 150 31.83 -0.57 23.36
CA PRO D 150 31.61 -0.78 21.93
C PRO D 150 30.24 -1.36 21.63
N ALA D 151 29.86 -1.24 20.36
CA ALA D 151 28.59 -1.77 19.85
C ALA D 151 28.92 -2.92 18.92
N LEU D 152 29.05 -4.11 19.49
CA LEU D 152 29.50 -5.27 18.75
C LEU D 152 28.42 -5.76 17.78
N VAL D 153 28.44 -5.26 16.56
CA VAL D 153 27.54 -5.76 15.54
C VAL D 153 28.15 -6.98 14.89
N ASN D 154 27.31 -7.91 14.45
CA ASN D 154 27.76 -9.16 13.85
C ASN D 154 27.87 -8.96 12.35
N ILE D 155 29.10 -8.90 11.84
CA ILE D 155 29.29 -8.66 10.41
C ILE D 155 28.74 -9.81 9.59
N ASP D 156 28.96 -11.05 10.05
CA ASP D 156 28.39 -12.20 9.35
C ASP D 156 26.89 -12.01 9.14
N THR D 157 26.14 -11.89 10.23
CA THR D 157 24.69 -11.77 10.12
C THR D 157 24.29 -10.50 9.39
N LEU D 158 24.97 -9.39 9.66
CA LEU D 158 24.61 -8.12 9.04
C LEU D 158 24.75 -8.19 7.52
N VAL D 159 25.82 -8.80 7.04
CA VAL D 159 26.00 -8.92 5.60
C VAL D 159 25.02 -9.93 5.01
N THR D 160 24.78 -11.03 5.70
CA THR D 160 23.99 -12.12 5.13
C THR D 160 22.50 -12.01 5.43
N ARG D 161 22.05 -10.92 6.06
CA ARG D 161 20.64 -10.74 6.29
C ARG D 161 20.17 -9.30 6.07
N HIS D 162 20.98 -8.47 5.41
CA HIS D 162 20.53 -7.16 4.95
C HIS D 162 20.26 -6.22 6.11
N SER D 163 20.53 -4.93 5.92
CA SER D 163 20.23 -3.93 6.94
C SER D 163 19.57 -2.72 6.29
N ALA D 164 19.40 -1.65 7.05
CA ALA D 164 18.80 -0.43 6.50
C ALA D 164 18.93 0.69 7.51
N VAL D 165 19.32 1.88 7.02
CA VAL D 165 19.43 3.08 7.83
C VAL D 165 18.27 3.99 7.48
N LEU D 166 17.55 4.46 8.49
CA LEU D 166 16.32 5.21 8.28
C LEU D 166 16.26 6.40 9.25
N GLY D 167 15.74 7.51 8.77
CA GLY D 167 15.65 8.70 9.61
C GLY D 167 15.26 9.91 8.79
N SER D 168 15.33 11.06 9.44
CA SER D 168 15.04 12.32 8.79
C SER D 168 16.26 12.80 7.99
N THR D 169 16.12 13.97 7.35
CA THR D 169 17.17 14.45 6.45
C THR D 169 18.43 14.83 7.19
N GLY D 170 18.30 15.62 8.25
CA GLY D 170 19.45 16.13 8.96
C GLY D 170 20.04 15.21 9.99
N SER D 171 19.51 13.99 10.14
CA SER D 171 20.02 13.08 11.17
C SER D 171 21.40 12.55 10.86
N GLY D 172 21.78 12.50 9.58
CA GLY D 172 23.11 12.06 9.22
C GLY D 172 23.21 10.59 8.84
N LYS D 173 22.42 10.18 7.85
CA LYS D 173 22.56 8.82 7.34
C LYS D 173 23.91 8.61 6.67
N SER D 174 24.32 9.54 5.80
CA SER D 174 25.50 9.31 4.98
C SER D 174 26.76 9.21 5.83
N THR D 175 26.87 10.03 6.88
CA THR D 175 28.03 9.92 7.75
C THR D 175 28.07 8.55 8.42
N THR D 176 26.92 8.02 8.85
CA THR D 176 26.89 6.70 9.46
C THR D 176 27.29 5.62 8.47
N VAL D 177 26.78 5.70 7.24
CA VAL D 177 27.15 4.70 6.24
C VAL D 177 28.64 4.76 5.97
N THR D 178 29.20 5.97 5.89
CA THR D 178 30.64 6.11 5.70
C THR D 178 31.39 5.49 6.87
N SER D 179 30.97 5.76 8.10
CA SER D 179 31.71 5.23 9.25
C SER D 179 31.69 3.71 9.24
N ILE D 180 30.53 3.12 8.95
CA ILE D 180 30.43 1.67 8.93
C ILE D 180 31.30 1.08 7.83
N LEU D 181 31.25 1.65 6.62
CA LEU D 181 32.07 1.10 5.54
C LEU D 181 33.56 1.38 5.74
N GLN D 182 33.92 2.37 6.54
CA GLN D 182 35.31 2.52 6.96
C GLN D 182 35.71 1.39 7.89
N ARG D 183 34.87 1.08 8.87
CA ARG D 183 35.25 0.06 9.84
C ARG D 183 35.26 -1.33 9.23
N ILE D 184 34.40 -1.60 8.24
CA ILE D 184 34.37 -2.93 7.64
C ILE D 184 35.68 -3.23 6.91
N SER D 185 36.11 -2.34 6.03
CA SER D 185 37.09 -2.68 5.00
C SER D 185 38.52 -2.31 5.37
N ASP D 186 38.88 -2.41 6.66
CA ASP D 186 40.26 -2.22 7.05
C ASP D 186 41.12 -3.37 6.53
N MET D 187 42.30 -3.04 6.02
CA MET D 187 43.19 -4.07 5.51
C MET D 187 43.84 -4.88 6.61
N SER D 188 43.83 -4.37 7.85
CA SER D 188 44.43 -5.11 8.96
C SER D 188 43.57 -6.28 9.41
N GLN D 189 42.25 -6.15 9.33
CA GLN D 189 41.33 -7.22 9.73
C GLN D 189 40.70 -7.95 8.54
N PHE D 190 40.38 -7.24 7.47
CA PHE D 190 39.71 -7.83 6.31
C PHE D 190 40.45 -7.43 5.05
N PRO D 191 41.66 -7.95 4.86
CA PRO D 191 42.46 -7.56 3.69
C PRO D 191 41.86 -7.99 2.36
N SER D 192 40.77 -8.74 2.38
CA SER D 192 40.12 -9.17 1.14
C SER D 192 38.64 -8.81 1.14
N ALA D 193 38.28 -7.72 1.80
CA ALA D 193 36.88 -7.30 1.86
C ALA D 193 36.38 -6.95 0.46
N ARG D 194 35.11 -6.61 0.34
CA ARG D 194 34.51 -6.32 -0.96
C ARG D 194 33.21 -5.56 -0.73
N ILE D 195 33.17 -4.31 -1.19
CA ILE D 195 32.03 -3.42 -0.95
C ILE D 195 31.66 -2.75 -2.26
N ILE D 196 30.42 -2.26 -2.34
CA ILE D 196 29.98 -1.40 -3.43
C ILE D 196 29.03 -0.35 -2.86
N VAL D 197 28.99 0.81 -3.51
CA VAL D 197 28.13 1.91 -3.07
C VAL D 197 27.51 2.58 -4.30
N PHE D 198 26.22 2.90 -4.21
CA PHE D 198 25.52 3.67 -5.22
C PHE D 198 25.28 5.07 -4.66
N ASP D 199 25.83 6.08 -5.33
CA ASP D 199 25.65 7.47 -4.92
C ASP D 199 24.64 8.14 -5.83
N ILE D 200 23.68 8.83 -5.23
CA ILE D 200 22.79 9.71 -5.94
C ILE D 200 23.32 11.14 -5.97
N HIS D 201 23.84 11.61 -4.84
CA HIS D 201 24.36 12.96 -4.72
C HIS D 201 25.87 13.04 -4.76
N GLY D 202 26.57 11.90 -4.82
CA GLY D 202 28.01 11.91 -4.92
C GLY D 202 28.68 12.53 -3.72
N GLU D 203 28.26 12.13 -2.51
CA GLU D 203 28.79 12.68 -1.28
C GLU D 203 29.65 11.69 -0.51
N TYR D 204 30.24 10.69 -1.18
CA TYR D 204 31.18 9.79 -0.54
C TYR D 204 32.57 9.87 -1.15
N ALA D 205 32.71 10.30 -2.39
CA ALA D 205 34.02 10.41 -3.00
C ALA D 205 34.94 11.34 -2.22
N ALA D 206 34.38 12.24 -1.42
CA ALA D 206 35.18 13.17 -0.65
C ALA D 206 35.57 12.63 0.72
N ALA D 207 34.97 11.53 1.18
CA ALA D 207 35.35 10.93 2.45
C ALA D 207 36.56 10.03 2.28
N PHE D 208 36.42 8.97 1.48
CA PHE D 208 37.54 8.08 1.16
C PHE D 208 38.44 8.83 0.19
N LYS D 209 39.37 9.61 0.73
CA LYS D 209 40.17 10.49 -0.11
C LYS D 209 40.96 9.71 -1.15
N GLY D 210 41.71 8.70 -0.71
CA GLY D 210 42.57 7.97 -1.63
C GLY D 210 42.56 6.47 -1.39
N LYS D 211 41.45 5.93 -0.91
CA LYS D 211 41.31 4.50 -0.65
C LYS D 211 40.03 3.96 -1.27
N ALA D 212 39.73 4.35 -2.50
CA ALA D 212 38.54 3.90 -3.20
C ALA D 212 38.73 4.15 -4.68
N LYS D 213 37.86 3.54 -5.48
CA LYS D 213 37.83 3.77 -6.92
C LYS D 213 36.51 4.45 -7.25
N VAL D 214 36.54 5.76 -7.46
CA VAL D 214 35.35 6.53 -7.74
C VAL D 214 35.15 6.61 -9.24
N TYR D 215 33.98 6.21 -9.71
CA TYR D 215 33.66 6.19 -11.13
C TYR D 215 32.55 7.21 -11.37
N LYS D 216 32.76 8.11 -12.33
CA LYS D 216 31.85 9.20 -12.60
C LYS D 216 31.48 9.20 -14.08
N VAL D 217 30.56 10.10 -14.46
CA VAL D 217 30.24 10.28 -15.86
C VAL D 217 31.17 11.29 -16.49
N THR D 218 31.51 12.36 -15.76
CA THR D 218 32.48 13.34 -16.23
C THR D 218 33.83 13.04 -15.59
N PRO D 219 34.81 12.53 -16.32
CA PRO D 219 36.09 12.18 -15.68
C PRO D 219 36.75 13.39 -15.06
N SER D 220 37.82 13.11 -14.30
CA SER D 220 38.69 14.14 -13.77
C SER D 220 40.13 13.63 -13.88
N ASN D 221 41.05 14.34 -13.25
CA ASN D 221 42.46 13.99 -13.39
C ASN D 221 42.76 12.58 -12.87
N ASN D 222 42.21 12.23 -11.69
CA ASN D 222 42.55 10.96 -11.05
C ASN D 222 41.29 10.20 -10.63
N GLU D 223 40.24 10.24 -11.44
CA GLU D 223 39.02 9.48 -11.19
C GLU D 223 38.58 8.81 -12.48
N LEU D 224 38.33 7.52 -12.42
CA LEU D 224 37.99 6.77 -13.61
C LEU D 224 36.63 7.18 -14.15
N LYS D 225 36.43 6.94 -15.44
CA LYS D 225 35.18 7.27 -16.10
C LYS D 225 34.25 6.06 -15.99
N LEU D 226 33.15 6.21 -15.26
CA LEU D 226 32.20 5.12 -15.11
C LEU D 226 31.68 4.71 -16.48
N SER D 227 31.75 3.42 -16.77
CA SER D 227 31.29 2.88 -18.04
C SER D 227 30.36 1.71 -17.78
N ILE D 228 29.22 1.72 -18.47
CA ILE D 228 28.27 0.62 -18.41
C ILE D 228 28.01 0.19 -19.85
N PRO D 229 28.90 -0.59 -20.46
CA PRO D 229 28.77 -0.88 -21.89
C PRO D 229 27.36 -1.34 -22.22
N TYR D 230 26.81 -0.79 -23.30
CA TYR D 230 25.43 -1.04 -23.66
C TYR D 230 25.16 -2.46 -24.09
N TRP D 231 26.19 -3.27 -24.35
CA TRP D 231 25.98 -4.66 -24.72
C TRP D 231 26.03 -5.59 -23.51
N ALA D 232 26.40 -5.09 -22.34
CA ALA D 232 26.30 -5.88 -21.12
C ALA D 232 24.87 -6.07 -20.67
N LEU D 233 23.90 -5.48 -21.36
CA LEU D 233 22.51 -5.53 -20.95
C LEU D 233 21.78 -6.68 -21.63
N THR D 234 20.58 -6.95 -21.14
CA THR D 234 19.70 -7.93 -21.76
C THR D 234 19.04 -7.28 -22.97
N CYS D 235 17.97 -7.89 -23.49
CA CYS D 235 17.21 -7.25 -24.54
C CYS D 235 16.21 -6.25 -23.96
N ASP D 236 15.44 -6.68 -22.97
CA ASP D 236 14.39 -5.80 -22.44
C ASP D 236 14.97 -4.56 -21.78
N GLU D 237 16.05 -4.71 -21.00
CA GLU D 237 16.63 -3.53 -20.35
C GLU D 237 17.14 -2.54 -21.39
N PHE D 238 17.81 -3.04 -22.43
CA PHE D 238 18.29 -2.17 -23.49
C PHE D 238 17.13 -1.45 -24.17
N LEU D 239 16.05 -2.18 -24.46
CA LEU D 239 14.90 -1.55 -25.08
C LEU D 239 14.31 -0.46 -24.18
N SER D 240 14.22 -0.74 -22.88
CA SER D 240 13.66 0.24 -21.96
C SER D 240 14.51 1.50 -21.91
N VAL D 241 15.83 1.34 -21.86
CA VAL D 241 16.68 2.52 -21.67
C VAL D 241 16.83 3.31 -22.96
N ALA D 242 16.88 2.64 -24.11
CA ALA D 242 17.18 3.32 -25.36
C ALA D 242 15.93 3.87 -26.04
N PHE D 243 14.96 3.01 -26.35
CA PHE D 243 13.81 3.40 -27.16
C PHE D 243 12.56 3.67 -26.35
N GLY D 244 12.60 3.50 -25.03
CA GLY D 244 11.45 3.79 -24.22
C GLY D 244 10.24 2.92 -24.51
N GLY D 245 10.46 1.61 -24.62
CA GLY D 245 9.35 0.67 -24.63
C GLY D 245 8.60 0.54 -25.94
N LEU D 246 9.27 0.04 -26.98
CA LEU D 246 8.55 -0.38 -28.18
C LEU D 246 7.67 -1.59 -27.85
N GLU D 247 6.57 -1.72 -28.58
CA GLU D 247 5.61 -2.78 -28.30
C GLU D 247 5.23 -3.56 -29.55
N GLY D 248 5.18 -2.89 -30.70
CA GLY D 248 4.66 -3.49 -31.92
C GLY D 248 5.68 -4.35 -32.63
N SER D 249 5.37 -4.67 -33.89
CA SER D 249 6.26 -5.49 -34.70
C SER D 249 7.63 -4.84 -34.86
N GLY D 250 7.73 -3.52 -34.65
CA GLY D 250 9.03 -2.89 -34.66
C GLY D 250 9.95 -3.49 -33.61
N ARG D 251 9.41 -3.80 -32.43
CA ARG D 251 10.22 -4.44 -31.40
C ARG D 251 10.73 -5.80 -31.87
N ASN D 252 9.88 -6.57 -32.55
CA ASN D 252 10.31 -7.88 -33.05
C ASN D 252 11.40 -7.72 -34.09
N ALA D 253 11.25 -6.76 -35.01
CA ALA D 253 12.30 -6.51 -35.98
C ALA D 253 13.59 -6.11 -35.29
N LEU D 254 13.48 -5.30 -34.23
CA LEU D 254 14.65 -4.84 -33.50
C LEU D 254 15.39 -6.01 -32.87
N ILE D 255 14.64 -6.92 -32.22
CA ILE D 255 15.27 -8.08 -31.60
C ILE D 255 15.91 -8.97 -32.66
N ASP D 256 15.23 -9.15 -33.80
CA ASP D 256 15.80 -9.94 -34.87
C ASP D 256 17.11 -9.35 -35.34
N LYS D 257 17.16 -8.02 -35.47
CA LYS D 257 18.39 -7.37 -35.92
C LYS D 257 19.51 -7.54 -34.88
N ILE D 258 19.18 -7.40 -33.60
CA ILE D 258 20.20 -7.62 -32.57
C ILE D 258 20.74 -9.04 -32.68
N TYR D 259 19.84 -10.01 -32.86
CA TYR D 259 20.25 -11.40 -32.98
C TYR D 259 21.19 -11.60 -34.16
N GLU D 260 20.82 -11.07 -35.32
CA GLU D 260 21.66 -11.26 -36.50
C GLU D 260 23.02 -10.60 -36.31
N LEU D 261 23.04 -9.43 -35.65
CA LEU D 261 24.31 -8.76 -35.42
C LEU D 261 25.20 -9.59 -34.49
N LYS D 262 24.63 -10.19 -33.45
CA LYS D 262 25.44 -11.01 -32.57
C LYS D 262 25.95 -12.26 -33.28
N LEU D 263 25.13 -12.85 -34.16
CA LEU D 263 25.60 -13.95 -35.00
C LEU D 263 26.79 -13.52 -35.86
N GLN D 264 26.68 -12.36 -36.51
CA GLN D 264 27.79 -11.90 -37.34
C GLN D 264 29.02 -11.61 -36.49
N THR D 265 28.81 -11.12 -35.27
CA THR D 265 29.94 -10.92 -34.36
C THR D 265 30.64 -12.25 -34.11
N LEU D 266 29.89 -13.27 -33.69
CA LEU D 266 30.52 -14.52 -33.31
C LEU D 266 31.12 -15.23 -34.51
N LYS D 267 30.61 -14.95 -35.71
CA LYS D 267 31.17 -15.57 -36.91
C LYS D 267 32.66 -15.29 -37.01
N ARG D 268 33.06 -14.03 -36.83
CA ARG D 268 34.43 -13.59 -37.06
C ARG D 268 35.21 -13.34 -35.78
N GLN D 269 34.70 -13.81 -34.64
CA GLN D 269 35.44 -13.78 -33.39
C GLN D 269 35.22 -15.09 -32.66
N GLU D 270 36.20 -15.48 -31.84
CA GLU D 270 36.16 -16.75 -31.13
C GLU D 270 35.81 -16.50 -29.67
N TYR D 271 34.61 -16.92 -29.27
CA TYR D 271 34.21 -16.95 -27.87
C TYR D 271 34.02 -18.39 -27.45
N GLU D 272 34.44 -18.70 -26.23
CA GLU D 272 34.52 -20.07 -25.75
C GLU D 272 33.14 -20.64 -25.48
N GLY D 273 32.87 -21.83 -26.01
CA GLY D 273 31.70 -22.61 -25.62
C GLY D 273 30.37 -22.09 -26.11
N ILE D 274 30.36 -21.09 -26.99
CA ILE D 274 29.13 -20.50 -27.49
C ILE D 274 29.12 -20.61 -29.00
N ASN D 275 27.99 -21.06 -29.55
CA ASN D 275 27.85 -21.21 -30.99
C ASN D 275 26.39 -20.97 -31.35
N GLU D 276 26.01 -21.37 -32.56
CA GLU D 276 24.62 -21.19 -33.00
C GLU D 276 23.65 -21.89 -32.05
N ASP D 277 24.09 -22.92 -31.35
CA ASP D 277 23.22 -23.72 -30.51
C ASP D 277 22.97 -23.10 -29.14
N SER D 278 23.75 -22.10 -28.74
CA SER D 278 23.55 -21.47 -27.44
C SER D 278 23.68 -19.95 -27.49
N LEU D 279 23.68 -19.35 -28.68
CA LEU D 279 23.81 -17.90 -28.82
C LEU D 279 22.41 -17.30 -28.72
N THR D 280 21.91 -17.21 -27.50
CA THR D 280 20.65 -16.56 -27.25
C THR D 280 20.79 -15.05 -27.51
N VAL D 281 19.70 -14.32 -27.27
CA VAL D 281 19.71 -12.86 -27.48
C VAL D 281 20.11 -12.10 -26.23
N ASP D 282 20.19 -12.76 -25.08
CA ASP D 282 20.53 -12.08 -23.84
C ASP D 282 21.94 -12.38 -23.35
N THR D 283 22.73 -13.12 -24.11
CA THR D 283 24.10 -13.39 -23.70
C THR D 283 24.98 -12.17 -23.95
N PRO D 284 25.85 -11.79 -23.00
CA PRO D 284 26.67 -10.56 -23.17
C PRO D 284 27.85 -10.69 -24.14
N ILE D 285 27.56 -10.52 -25.42
CA ILE D 285 28.55 -10.62 -26.50
C ILE D 285 28.43 -9.34 -27.32
N PRO D 286 29.54 -8.71 -27.72
CA PRO D 286 29.45 -7.35 -28.26
C PRO D 286 28.74 -7.27 -29.60
N PHE D 287 28.12 -6.12 -29.82
CA PHE D 287 27.49 -5.79 -31.09
C PHE D 287 27.55 -4.27 -31.26
N SER D 288 27.48 -3.81 -32.52
CA SER D 288 27.64 -2.41 -32.83
C SER D 288 26.29 -1.70 -32.84
N ILE D 289 26.14 -0.69 -31.99
CA ILE D 289 24.88 0.04 -31.89
C ILE D 289 24.76 1.04 -33.03
N HIS D 290 25.85 1.70 -33.39
CA HIS D 290 25.80 2.64 -34.51
C HIS D 290 25.46 1.93 -35.81
N LYS D 291 26.02 0.74 -36.04
CA LYS D 291 25.65 -0.01 -37.23
C LYS D 291 24.17 -0.38 -37.22
N LEU D 292 23.65 -0.78 -36.06
CA LEU D 292 22.23 -1.09 -35.94
C LEU D 292 21.39 0.11 -36.34
N TRP D 293 21.65 1.25 -35.72
CA TRP D 293 20.87 2.44 -36.01
C TRP D 293 20.96 2.79 -37.49
N PHE D 294 22.18 2.82 -38.02
CA PHE D 294 22.38 3.24 -39.40
C PHE D 294 21.66 2.31 -40.37
N ASP D 295 21.79 1.00 -40.14
CA ASP D 295 21.19 0.03 -41.06
C ASP D 295 19.67 0.12 -41.03
N LEU D 296 19.07 0.24 -39.84
CA LEU D 296 17.62 0.38 -39.80
C LEU D 296 17.16 1.67 -40.45
N TYR D 297 17.84 2.78 -40.17
CA TYR D 297 17.39 4.05 -40.71
C TYR D 297 17.60 4.12 -42.21
N ARG D 298 18.60 3.42 -42.74
CA ARG D 298 18.79 3.40 -44.18
C ARG D 298 17.61 2.73 -44.88
N ALA D 299 17.13 1.62 -44.33
CA ALA D 299 15.91 1.02 -44.87
C ALA D 299 14.72 1.94 -44.68
N GLU D 300 14.73 2.76 -43.61
CA GLU D 300 13.69 3.76 -43.47
C GLU D 300 13.72 4.76 -44.63
N ILE D 301 14.90 5.18 -45.06
CA ILE D 301 15.04 6.26 -46.03
C ILE D 301 15.80 5.79 -47.27
N SER D 302 15.65 4.51 -47.61
CA SER D 302 16.23 4.03 -48.85
C SER D 302 15.45 4.58 -50.05
N THR D 303 16.05 4.46 -51.23
CA THR D 303 15.39 4.86 -52.47
C THR D 303 15.87 3.96 -53.59
N HIS D 304 15.08 3.93 -54.66
CA HIS D 304 15.39 3.16 -55.86
C HIS D 304 15.33 4.08 -57.08
N TYR D 305 16.38 4.04 -57.90
CA TYR D 305 16.39 4.86 -59.11
C TYR D 305 15.31 4.41 -60.09
N VAL D 306 14.95 3.13 -60.05
CA VAL D 306 13.93 2.56 -60.92
C VAL D 306 12.79 2.05 -60.05
N GLN D 307 11.56 2.40 -60.43
CA GLN D 307 10.40 1.99 -59.65
C GLN D 307 10.25 0.48 -59.67
N GLY D 308 9.65 -0.05 -58.61
CA GLY D 308 9.50 -1.49 -58.47
C GLY D 308 10.76 -2.19 -58.03
N SER D 309 11.78 -1.46 -57.58
CA SER D 309 13.03 -2.03 -57.13
C SER D 309 13.32 -1.56 -55.72
N HIS D 310 13.89 -2.44 -54.91
CA HIS D 310 14.26 -2.15 -53.52
C HIS D 310 15.72 -2.52 -53.30
N SER D 311 16.57 -2.11 -54.23
CA SER D 311 17.99 -2.45 -54.21
C SER D 311 18.80 -1.30 -53.63
N GLU D 312 19.69 -1.63 -52.69
CA GLU D 312 20.59 -0.62 -52.15
C GLU D 312 21.49 -0.06 -53.24
N GLU D 313 21.75 -0.83 -54.29
CA GLU D 313 22.55 -0.33 -55.40
C GLU D 313 21.77 0.68 -56.24
N ASN D 314 20.45 0.54 -56.31
CA ASN D 314 19.61 1.44 -57.08
C ASN D 314 19.30 2.75 -56.34
N GLU D 315 20.07 3.07 -55.30
CA GLU D 315 19.84 4.32 -54.58
C GLU D 315 20.07 5.50 -55.51
N ALA D 316 19.03 6.33 -55.68
CA ALA D 316 19.12 7.54 -56.50
C ALA D 316 19.72 8.65 -55.64
N LEU D 317 21.04 8.68 -55.60
CA LEU D 317 21.76 9.62 -54.75
C LEU D 317 22.07 10.91 -55.51
N LEU D 318 22.14 12.01 -54.77
CA LEU D 318 22.30 13.34 -55.34
C LEU D 318 23.75 13.53 -55.78
N LEU D 319 24.05 13.01 -56.97
CA LEU D 319 25.39 13.16 -57.53
C LEU D 319 25.72 14.63 -57.73
N GLY D 320 26.98 14.98 -57.45
CA GLY D 320 27.45 16.34 -57.55
C GLY D 320 27.92 16.70 -58.95
N GLU D 321 28.78 17.71 -59.01
CA GLU D 321 29.32 18.14 -60.30
C GLU D 321 30.15 17.04 -60.93
N ASP D 322 30.96 16.34 -60.14
CA ASP D 322 31.81 15.26 -60.64
C ASP D 322 31.11 13.91 -60.64
N GLY D 323 29.82 13.86 -60.29
CA GLY D 323 29.08 12.62 -60.23
C GLY D 323 29.02 11.98 -58.88
N ASN D 324 29.93 12.33 -57.97
CA ASN D 324 29.89 11.77 -56.63
C ASN D 324 28.74 12.38 -55.85
N PRO D 325 28.07 11.61 -54.99
CA PRO D 325 26.97 12.17 -54.21
C PRO D 325 27.44 13.28 -53.30
N VAL D 326 26.64 14.35 -53.22
CA VAL D 326 26.99 15.46 -52.34
C VAL D 326 26.94 15.03 -50.89
N GLN D 327 25.91 14.27 -50.52
CA GLN D 327 25.73 13.77 -49.16
C GLN D 327 25.90 12.26 -49.19
N LYS D 328 27.15 11.81 -49.05
CA LYS D 328 27.42 10.38 -49.04
C LYS D 328 26.90 9.73 -47.75
N GLY D 329 26.79 10.50 -46.68
CA GLY D 329 26.37 9.95 -45.40
C GLY D 329 27.54 9.32 -44.66
N ASP D 330 27.25 8.85 -43.45
CA ASP D 330 28.26 8.22 -42.62
C ASP D 330 27.57 7.47 -41.49
N SER D 331 28.09 6.29 -41.17
CA SER D 331 27.49 5.43 -40.17
C SER D 331 28.12 5.62 -38.79
N LEU D 332 29.45 5.60 -38.71
CA LEU D 332 30.10 5.76 -37.42
C LEU D 332 29.64 7.04 -36.75
N LYS D 333 29.71 8.16 -37.47
CA LYS D 333 28.98 9.33 -37.07
C LYS D 333 27.51 9.17 -37.47
N VAL D 334 26.66 10.01 -36.87
CA VAL D 334 25.23 9.72 -36.85
C VAL D 334 24.51 10.62 -37.85
N VAL D 335 25.19 11.00 -38.92
CA VAL D 335 24.59 11.78 -40.00
C VAL D 335 24.14 10.81 -41.08
N PRO D 336 22.84 10.69 -41.35
CA PRO D 336 22.39 9.84 -42.44
C PRO D 336 22.31 10.63 -43.74
N PRO D 337 22.65 10.01 -44.88
CA PRO D 337 22.66 10.76 -46.14
C PRO D 337 21.26 11.12 -46.62
N ILE D 338 21.19 11.72 -47.81
CA ILE D 338 19.92 12.09 -48.44
C ILE D 338 19.88 11.44 -49.82
N TYR D 339 18.70 10.96 -50.20
CA TYR D 339 18.47 10.31 -51.47
C TYR D 339 17.68 11.22 -52.40
N MET D 340 17.48 10.77 -53.63
CA MET D 340 16.75 11.56 -54.61
C MET D 340 15.28 11.67 -54.23
N PRO D 341 14.59 12.69 -54.71
CA PRO D 341 13.19 12.88 -54.33
C PRO D 341 12.32 11.69 -54.75
N HIS D 342 11.29 11.43 -53.96
CA HIS D 342 10.38 10.34 -54.25
C HIS D 342 9.23 10.81 -55.15
N TYR D 352 11.74 6.78 -56.42
CA TYR D 352 10.87 5.70 -55.98
C TYR D 352 11.32 5.15 -54.62
N LEU D 353 10.39 5.12 -53.67
CA LEU D 353 10.70 4.62 -52.34
C LEU D 353 10.93 3.12 -52.37
N SER D 354 11.76 2.66 -51.43
CA SER D 354 12.01 1.23 -51.24
C SER D 354 11.25 0.75 -50.01
N ASN D 355 10.46 -0.30 -50.20
CA ASN D 355 9.56 -0.80 -49.14
C ASN D 355 10.22 -1.98 -48.41
N ARG D 356 11.39 -1.72 -47.82
CA ARG D 356 12.08 -2.73 -47.03
C ARG D 356 12.16 -2.38 -45.55
N GLY D 357 12.06 -1.10 -45.19
CA GLY D 357 12.09 -0.70 -43.80
C GLY D 357 10.73 -0.86 -43.14
N LYS D 358 10.72 -0.62 -41.83
CA LYS D 358 9.52 -0.71 -41.02
C LYS D 358 9.00 0.69 -40.70
N ASN D 359 7.99 0.75 -39.84
CA ASN D 359 7.32 1.99 -39.45
C ASN D 359 7.84 2.51 -38.12
N ILE D 360 9.15 2.39 -37.90
CA ILE D 360 9.78 2.78 -36.64
C ILE D 360 10.55 4.07 -36.85
N ARG D 361 10.08 4.91 -37.77
CA ARG D 361 10.77 6.15 -38.10
C ARG D 361 11.05 6.97 -36.86
N LYS D 362 10.02 7.24 -36.04
CA LYS D 362 10.23 8.07 -34.86
C LYS D 362 11.17 7.42 -33.85
N PRO D 363 11.02 6.14 -33.50
CA PRO D 363 11.97 5.53 -32.55
C PRO D 363 13.43 5.66 -32.96
N LEU D 364 13.75 5.46 -34.25
CA LEU D 364 15.14 5.59 -34.68
C LEU D 364 15.63 7.01 -34.54
N GLU D 365 14.81 7.99 -34.93
CA GLU D 365 15.20 9.38 -34.74
C GLU D 365 15.38 9.70 -33.26
N GLY D 366 14.48 9.19 -32.42
CA GLY D 366 14.65 9.36 -30.99
C GLY D 366 15.97 8.81 -30.50
N LEU D 367 16.40 7.67 -31.03
CA LEU D 367 17.70 7.11 -30.66
C LEU D 367 18.83 8.03 -31.10
N ALA D 368 18.77 8.54 -32.33
CA ALA D 368 19.87 9.33 -32.85
C ALA D 368 20.19 10.49 -31.92
N SER D 369 19.16 11.14 -31.37
CA SER D 369 19.40 12.23 -30.44
C SER D 369 20.15 11.75 -29.20
N LEU D 370 19.99 10.48 -28.83
CA LEU D 370 20.72 9.97 -27.68
C LEU D 370 22.21 9.86 -27.94
N LEU D 371 22.59 9.42 -29.14
CA LEU D 371 24.01 9.31 -29.47
C LEU D 371 24.68 10.68 -29.49
N LYS D 372 23.99 11.69 -30.03
CA LYS D 372 24.55 13.03 -30.06
C LYS D 372 24.81 13.55 -28.65
N ASP D 373 23.89 13.30 -27.74
CA ASP D 373 23.99 13.85 -26.40
C ASP D 373 25.28 13.43 -25.73
N PRO D 374 26.12 14.37 -25.27
CA PRO D 374 27.30 13.98 -24.48
C PRO D 374 26.99 13.48 -23.09
N ARG D 375 25.75 13.60 -22.60
CA ARG D 375 25.39 12.96 -21.34
C ARG D 375 25.15 11.47 -21.49
N TYR D 376 25.07 10.96 -22.72
CA TYR D 376 24.94 9.54 -22.99
C TYR D 376 26.23 8.94 -23.56
N GLU D 377 27.37 9.56 -23.28
CA GLU D 377 28.64 8.97 -23.69
C GLU D 377 29.00 7.79 -22.81
N PHE D 378 28.49 7.74 -21.57
CA PHE D 378 28.82 6.66 -20.67
C PHE D 378 28.21 5.34 -21.10
N LEU D 379 27.21 5.36 -21.97
CA LEU D 379 26.63 4.14 -22.53
C LEU D 379 27.24 3.80 -23.88
N PHE D 380 27.10 4.70 -24.85
CA PHE D 380 27.35 4.36 -26.25
C PHE D 380 28.78 4.64 -26.72
N ASN D 381 29.58 5.34 -25.92
CA ASN D 381 30.95 5.63 -26.29
C ASN D 381 31.87 5.46 -25.09
N ALA D 382 31.69 4.37 -24.34
CA ALA D 382 32.55 4.10 -23.21
C ALA D 382 34.01 4.22 -23.63
N ASP D 383 34.86 4.61 -22.68
CA ASP D 383 36.24 4.94 -23.01
C ASP D 383 36.94 3.77 -23.69
N ASP D 384 36.82 2.58 -23.12
CA ASP D 384 37.57 1.43 -23.58
C ASP D 384 36.73 0.33 -24.18
N TRP D 385 35.46 0.21 -23.78
CA TRP D 385 34.58 -0.85 -24.27
C TRP D 385 33.75 -0.41 -25.47
N SER D 386 33.90 0.82 -25.94
CA SER D 386 33.20 1.24 -27.14
C SER D 386 33.58 0.31 -28.29
N VAL D 387 32.57 -0.17 -29.00
CA VAL D 387 32.78 -1.19 -30.03
C VAL D 387 32.70 -0.54 -31.39
N ASN D 388 33.66 -0.88 -32.25
CA ASN D 388 33.72 -0.36 -33.59
C ASN D 388 32.69 -1.07 -34.47
N LEU D 389 32.73 -0.81 -35.78
CA LEU D 389 31.71 -1.35 -36.68
C LEU D 389 31.76 -2.86 -36.73
N ASP D 390 32.95 -3.45 -36.80
CA ASP D 390 33.06 -4.89 -36.98
C ASP D 390 32.78 -5.68 -35.71
N GLY D 391 32.72 -5.03 -34.55
CA GLY D 391 32.45 -5.71 -33.30
C GLY D 391 33.65 -5.83 -32.39
N LYS D 392 34.86 -5.61 -32.90
CA LYS D 392 36.06 -5.76 -32.08
C LYS D 392 36.05 -4.74 -30.94
N THR D 393 36.70 -5.10 -29.84
CA THR D 393 36.75 -4.27 -28.66
C THR D 393 38.17 -4.25 -28.10
N ASN D 394 38.52 -3.17 -27.41
CA ASN D 394 39.85 -3.04 -26.85
C ASN D 394 40.03 -3.93 -25.63
N LYS D 395 39.04 -3.96 -24.73
CA LYS D 395 39.06 -4.79 -23.55
C LYS D 395 37.73 -5.49 -23.38
N ASP D 396 37.76 -6.71 -22.86
CA ASP D 396 36.56 -7.51 -22.69
C ASP D 396 35.99 -7.31 -21.29
N LEU D 397 34.78 -7.85 -21.08
CA LEU D 397 34.07 -7.58 -19.83
C LEU D 397 34.83 -8.07 -18.60
N ASP D 398 35.79 -8.98 -18.77
CA ASP D 398 36.54 -9.47 -17.61
C ASP D 398 37.26 -8.31 -16.92
N ALA D 399 37.89 -7.44 -17.69
CA ALA D 399 38.53 -6.27 -17.11
C ALA D 399 37.50 -5.35 -16.48
N LEU D 400 36.27 -5.35 -17.01
CA LEU D 400 35.23 -4.48 -16.44
C LEU D 400 34.94 -4.87 -15.01
N LEU D 401 34.65 -6.15 -14.77
CA LEU D 401 34.32 -6.59 -13.42
C LEU D 401 35.49 -6.41 -12.47
N GLU D 402 36.71 -6.68 -12.94
CA GLU D 402 37.87 -6.59 -12.06
C GLU D 402 38.01 -5.19 -11.49
N THR D 403 37.67 -4.16 -12.27
CA THR D 403 37.74 -2.80 -11.75
C THR D 403 36.66 -2.56 -10.71
N TRP D 404 35.42 -2.94 -11.02
CA TRP D 404 34.30 -2.65 -10.13
C TRP D 404 34.48 -3.34 -8.79
N VAL D 405 34.84 -4.63 -8.81
CA VAL D 405 34.84 -5.44 -7.60
C VAL D 405 36.11 -6.23 -7.38
N GLY D 406 36.94 -6.46 -8.40
CA GLY D 406 38.15 -7.25 -8.25
C GLY D 406 39.43 -6.44 -8.32
N SER D 407 39.35 -5.15 -7.97
CA SER D 407 40.50 -4.25 -8.07
C SER D 407 41.40 -4.44 -6.86
N GLU D 408 42.39 -3.56 -6.72
CA GLU D 408 43.31 -3.66 -5.58
C GLU D 408 42.68 -3.12 -4.30
N GLU D 409 41.69 -2.25 -4.41
CA GLU D 409 41.06 -1.62 -3.27
C GLU D 409 39.68 -2.19 -3.03
N SER D 410 39.22 -2.12 -1.78
CA SER D 410 37.98 -2.77 -1.39
C SER D 410 36.76 -1.97 -1.83
N ILE D 411 36.60 -0.76 -1.29
CA ILE D 411 35.38 0.01 -1.52
C ILE D 411 35.38 0.55 -2.95
N SER D 412 34.30 0.29 -3.67
CA SER D 412 34.08 0.86 -4.99
C SER D 412 32.88 1.79 -4.90
N ILE D 413 33.08 3.06 -5.25
CA ILE D 413 32.06 4.08 -5.14
C ILE D 413 31.60 4.45 -6.55
N PHE D 414 30.29 4.37 -6.78
CA PHE D 414 29.71 4.78 -8.04
C PHE D 414 29.01 6.11 -7.84
N ASP D 415 29.27 7.06 -8.73
CA ASP D 415 28.67 8.39 -8.67
C ASP D 415 27.61 8.49 -9.77
N LEU D 416 26.38 8.77 -9.36
CA LEU D 416 25.26 8.87 -10.30
C LEU D 416 24.67 10.27 -10.37
N SER D 417 25.27 11.26 -9.69
CA SER D 417 24.69 12.60 -9.68
C SER D 417 24.61 13.18 -11.09
N GLY D 418 25.66 13.00 -11.88
CA GLY D 418 25.66 13.51 -13.24
C GLY D 418 24.81 12.72 -14.20
N MET D 419 24.28 11.57 -13.77
CA MET D 419 23.45 10.77 -14.64
C MET D 419 22.14 11.51 -14.93
N PRO D 420 21.62 11.42 -16.16
CA PRO D 420 20.29 11.98 -16.41
C PRO D 420 19.26 11.35 -15.49
N SER D 421 18.32 12.17 -15.02
CA SER D 421 17.36 11.72 -14.03
C SER D 421 16.21 10.92 -14.63
N SER D 422 16.10 10.85 -15.95
CA SER D 422 15.02 10.11 -16.59
C SER D 422 15.34 8.63 -16.79
N ILE D 423 16.59 8.22 -16.58
CA ILE D 423 16.94 6.81 -16.64
C ILE D 423 17.79 6.45 -15.43
N LEU D 424 17.71 7.24 -14.37
CA LEU D 424 18.45 6.90 -13.17
C LEU D 424 17.89 5.66 -12.50
N ASP D 425 16.59 5.41 -12.67
CA ASP D 425 15.97 4.26 -12.02
C ASP D 425 16.36 2.95 -12.69
N THR D 426 16.40 2.93 -14.02
CA THR D 426 16.71 1.69 -14.73
C THR D 426 18.15 1.24 -14.44
N LEU D 427 19.10 2.17 -14.39
CA LEU D 427 20.49 1.79 -14.19
C LEU D 427 20.70 1.08 -12.86
N ILE D 428 20.05 1.57 -11.80
CA ILE D 428 20.16 0.90 -10.51
C ILE D 428 19.70 -0.54 -10.60
N GLY D 429 18.88 -0.87 -11.59
CA GLY D 429 18.46 -2.24 -11.81
C GLY D 429 19.42 -3.01 -12.69
N ILE D 430 20.02 -2.33 -13.67
CA ILE D 430 20.99 -2.99 -14.54
C ILE D 430 22.21 -3.43 -13.75
N LEU D 431 22.78 -2.53 -12.95
CA LEU D 431 24.02 -2.84 -12.26
C LEU D 431 23.81 -3.96 -11.23
N ILE D 432 22.65 -3.96 -10.57
CA ILE D 432 22.36 -5.03 -9.62
C ILE D 432 22.14 -6.36 -10.32
N ARG D 433 21.75 -6.33 -11.60
CA ARG D 433 21.59 -7.57 -12.36
C ARG D 433 22.94 -8.13 -12.80
N ILE D 434 23.89 -7.26 -13.16
CA ILE D 434 25.19 -7.75 -13.62
C ILE D 434 25.98 -8.32 -12.46
N LEU D 435 25.96 -7.65 -11.31
CA LEU D 435 26.69 -8.16 -10.15
C LEU D 435 26.14 -9.51 -9.71
N TYR D 436 24.82 -9.64 -9.65
CA TYR D 436 24.22 -10.88 -9.14
C TYR D 436 24.56 -12.06 -10.03
N ASP D 437 24.49 -11.89 -11.35
CA ASP D 437 24.72 -13.01 -12.25
C ASP D 437 26.17 -13.48 -12.19
N SER D 438 27.13 -12.56 -12.31
CA SER D 438 28.52 -12.96 -12.34
C SER D 438 28.92 -13.69 -11.05
N LEU D 439 28.44 -13.22 -9.91
CA LEU D 439 28.71 -13.86 -8.64
C LEU D 439 27.87 -15.11 -8.40
N PHE D 440 26.91 -15.39 -9.28
CA PHE D 440 26.04 -16.55 -9.12
C PHE D 440 26.65 -17.79 -9.77
N TRP D 441 26.86 -17.75 -11.08
CA TRP D 441 27.34 -18.93 -11.79
C TRP D 441 28.70 -19.39 -11.29
N SER D 442 29.46 -18.52 -10.63
CA SER D 442 30.83 -18.82 -10.24
C SER D 442 30.94 -18.86 -8.73
N ARG D 443 29.99 -19.51 -8.07
CA ARG D 443 29.93 -19.51 -6.60
C ARG D 443 30.82 -20.58 -5.99
N ASN D 444 31.49 -21.40 -6.78
CA ASN D 444 32.46 -22.35 -6.26
C ASN D 444 33.87 -21.78 -6.21
N GLN D 445 34.24 -20.95 -7.18
CA GLN D 445 35.59 -20.44 -7.28
C GLN D 445 35.87 -19.44 -6.16
N PRO D 446 37.15 -19.15 -5.89
CA PRO D 446 37.47 -18.23 -4.80
C PRO D 446 37.13 -16.78 -5.11
N GLU D 447 36.44 -16.55 -6.22
CA GLU D 447 36.01 -15.21 -6.62
C GLU D 447 34.52 -14.98 -6.46
N GLY D 448 33.69 -16.01 -6.58
CA GLY D 448 32.27 -15.87 -6.45
C GLY D 448 31.88 -15.35 -5.08
N GLY D 449 30.57 -15.23 -4.84
CA GLY D 449 30.11 -14.66 -3.60
C GLY D 449 30.21 -15.57 -2.39
N ARG D 450 30.47 -16.86 -2.60
CA ARG D 450 30.54 -17.80 -1.50
C ARG D 450 31.96 -18.01 -0.98
N GLU D 451 32.92 -17.24 -1.46
CA GLU D 451 34.29 -17.30 -0.99
C GLU D 451 34.85 -15.94 -0.58
N ARG D 452 34.23 -14.84 -1.00
CA ARG D 452 34.65 -13.49 -0.61
C ARG D 452 33.44 -12.59 -0.72
N PRO D 453 32.44 -12.80 0.13
CA PRO D 453 31.11 -12.21 -0.11
C PRO D 453 31.11 -10.72 -0.38
N LEU D 454 30.01 -10.25 -0.97
CA LEU D 454 29.86 -8.89 -1.47
C LEU D 454 28.77 -8.16 -0.71
N LEU D 455 28.93 -6.85 -0.57
CA LEU D 455 27.94 -6.00 0.07
C LEU D 455 27.61 -4.83 -0.84
N VAL D 456 26.32 -4.55 -1.01
CA VAL D 456 25.86 -3.50 -1.90
C VAL D 456 25.13 -2.45 -1.06
N VAL D 457 25.30 -1.18 -1.43
CA VAL D 457 24.65 -0.08 -0.73
C VAL D 457 23.83 0.72 -1.73
N LEU D 458 22.81 1.40 -1.22
CA LEU D 458 21.89 2.15 -2.06
C LEU D 458 21.34 3.32 -1.24
N GLU D 459 21.65 4.54 -1.66
CA GLU D 459 21.11 5.73 -1.01
C GLU D 459 19.89 6.24 -1.76
N GLU D 460 18.99 6.88 -1.02
CA GLU D 460 17.69 7.33 -1.54
C GLU D 460 16.93 6.16 -2.15
N ALA D 461 16.58 5.23 -1.27
CA ALA D 461 15.85 4.03 -1.67
C ALA D 461 14.37 4.29 -1.89
N HIS D 462 13.78 5.28 -1.23
CA HIS D 462 12.33 5.45 -1.32
C HIS D 462 11.88 5.73 -2.74
N THR D 463 12.64 6.52 -3.49
CA THR D 463 12.25 6.82 -4.86
C THR D 463 12.27 5.59 -5.76
N TYR D 464 12.90 4.49 -5.34
CA TYR D 464 13.05 3.31 -6.17
C TYR D 464 12.31 2.09 -5.65
N LEU D 465 12.11 1.99 -4.34
CA LEU D 465 11.41 0.86 -3.73
C LEU D 465 10.00 1.24 -3.29
N GLY D 466 9.31 2.03 -4.10
CA GLY D 466 7.97 2.47 -3.73
C GLY D 466 6.97 1.33 -3.70
N LYS D 467 5.83 1.61 -3.08
CA LYS D 467 4.83 0.58 -2.83
C LYS D 467 4.38 -0.08 -4.13
N ASP D 468 4.02 0.72 -5.12
CA ASP D 468 3.58 0.23 -6.42
C ASP D 468 4.52 0.69 -7.54
N SER D 469 5.79 0.93 -7.20
CA SER D 469 6.72 1.43 -8.19
C SER D 469 6.80 0.47 -9.36
N ARG D 470 6.79 1.04 -10.57
CA ARG D 470 6.89 0.26 -11.80
C ARG D 470 8.31 0.09 -12.27
N GLY D 471 9.29 0.59 -11.52
CA GLY D 471 10.67 0.53 -11.96
C GLY D 471 11.22 -0.88 -11.91
N ILE D 472 12.39 -1.03 -12.52
CA ILE D 472 13.07 -2.32 -12.53
C ILE D 472 13.96 -2.51 -11.30
N ALA D 473 14.29 -1.44 -10.60
CA ALA D 473 15.17 -1.58 -9.43
C ALA D 473 14.51 -2.42 -8.35
N ILE D 474 13.20 -2.29 -8.18
CA ILE D 474 12.53 -2.97 -7.08
C ILE D 474 12.66 -4.48 -7.23
N ASP D 475 12.46 -5.00 -8.45
CA ASP D 475 12.62 -6.43 -8.66
C ASP D 475 14.03 -6.88 -8.32
N GLY D 476 15.03 -6.13 -8.76
CA GLY D 476 16.40 -6.52 -8.46
C GLY D 476 16.69 -6.54 -6.98
N VAL D 477 16.22 -5.52 -6.25
CA VAL D 477 16.47 -5.49 -4.81
C VAL D 477 15.63 -6.51 -4.06
N ARG D 478 14.50 -6.93 -4.63
CA ARG D 478 13.74 -8.01 -4.01
C ARG D 478 14.50 -9.32 -4.09
N LYS D 479 15.10 -9.60 -5.25
CA LYS D 479 15.78 -10.87 -5.44
C LYS D 479 16.99 -11.01 -4.52
N ILE D 480 17.75 -9.93 -4.32
CA ILE D 480 18.88 -10.00 -3.40
C ILE D 480 18.41 -10.14 -1.96
N VAL D 481 17.31 -9.46 -1.61
CA VAL D 481 16.82 -9.55 -0.24
C VAL D 481 16.40 -10.96 0.09
N LYS D 482 16.04 -11.75 -0.92
CA LYS D 482 15.49 -13.08 -0.72
C LYS D 482 16.53 -14.18 -0.91
N GLU D 483 17.16 -14.24 -2.08
CA GLU D 483 18.12 -15.28 -2.42
C GLU D 483 19.57 -14.89 -2.13
N GLY D 484 19.81 -13.75 -1.51
CA GLY D 484 21.17 -13.38 -1.19
C GLY D 484 21.77 -14.10 -0.02
N ARG D 485 20.94 -14.74 0.81
CA ARG D 485 21.45 -15.42 1.99
C ARG D 485 22.39 -16.56 1.62
N LYS D 486 22.17 -17.19 0.47
CA LYS D 486 22.93 -18.37 0.07
C LYS D 486 24.18 -18.00 -0.72
N TYR D 487 24.03 -17.20 -1.78
CA TYR D 487 25.12 -16.87 -2.68
C TYR D 487 25.98 -15.72 -2.18
N GLY D 488 25.92 -15.42 -0.90
CA GLY D 488 26.80 -14.40 -0.34
C GLY D 488 26.66 -13.05 -1.01
N ILE D 489 25.49 -12.42 -0.89
CA ILE D 489 25.28 -11.05 -1.33
C ILE D 489 24.48 -10.34 -0.24
N GLY D 490 25.00 -9.21 0.21
CA GLY D 490 24.37 -8.43 1.25
C GLY D 490 23.46 -7.36 0.68
N MET D 491 23.23 -6.33 1.48
CA MET D 491 22.42 -5.19 1.06
C MET D 491 22.48 -4.14 2.16
N MET D 492 22.16 -2.90 1.79
CA MET D 492 22.02 -1.83 2.77
C MET D 492 21.13 -0.76 2.15
N LEU D 493 20.06 -0.40 2.84
CA LEU D 493 19.08 0.56 2.33
C LEU D 493 19.13 1.83 3.16
N VAL D 494 19.29 2.97 2.48
CA VAL D 494 19.32 4.28 3.11
C VAL D 494 18.20 5.09 2.48
N SER D 495 17.27 5.57 3.31
CA SER D 495 16.15 6.35 2.81
C SER D 495 15.53 7.13 3.96
N GLN D 496 15.10 8.34 3.66
CA GLN D 496 14.56 9.26 4.65
C GLN D 496 13.05 9.18 4.77
N ARG D 497 12.39 8.35 3.97
CA ARG D 497 10.93 8.27 3.92
C ARG D 497 10.53 6.80 4.03
N PRO D 498 10.62 6.22 5.22
CA PRO D 498 10.34 4.77 5.34
C PRO D 498 8.96 4.38 4.83
N SER D 499 7.95 5.20 5.08
CA SER D 499 6.58 4.82 4.76
C SER D 499 6.35 4.67 3.26
N GLU D 500 7.32 5.05 2.43
CA GLU D 500 7.21 4.81 1.00
C GLU D 500 7.91 3.54 0.56
N ILE D 501 8.88 3.04 1.33
CA ILE D 501 9.49 1.75 1.00
C ILE D 501 8.44 0.67 1.17
N ASP D 502 8.34 -0.21 0.18
CA ASP D 502 7.35 -1.28 0.25
C ASP D 502 7.55 -2.10 1.51
N SER D 503 6.45 -2.38 2.21
CA SER D 503 6.56 -3.04 3.50
C SER D 503 6.99 -4.49 3.37
N THR D 504 6.76 -5.12 2.22
CA THR D 504 7.24 -6.48 2.03
C THR D 504 8.76 -6.52 1.94
N ILE D 505 9.37 -5.56 1.24
CA ILE D 505 10.83 -5.49 1.17
C ILE D 505 11.40 -5.06 2.50
N LEU D 506 10.78 -4.08 3.15
CA LEU D 506 11.31 -3.59 4.43
C LEU D 506 11.20 -4.62 5.53
N SER D 507 10.32 -5.61 5.40
CA SER D 507 10.16 -6.60 6.46
C SER D 507 11.28 -7.63 6.47
N GLN D 508 11.91 -7.84 5.33
CA GLN D 508 12.90 -8.91 5.18
C GLN D 508 14.32 -8.47 5.52
N CYS D 509 14.52 -7.21 5.91
CA CYS D 509 15.84 -6.77 6.33
C CYS D 509 16.05 -7.14 7.80
N GLY D 510 17.09 -7.92 8.07
CA GLY D 510 17.30 -8.41 9.42
C GLY D 510 17.58 -7.29 10.41
N THR D 511 18.48 -6.38 10.06
CA THR D 511 18.93 -5.33 10.96
C THR D 511 18.37 -3.98 10.55
N LEU D 512 18.17 -3.11 11.53
CA LEU D 512 17.69 -1.76 11.27
C LEU D 512 18.46 -0.76 12.11
N PHE D 513 18.67 0.42 11.55
CA PHE D 513 19.20 1.57 12.28
C PHE D 513 18.10 2.61 12.30
N ALA D 514 17.63 2.95 13.50
CA ALA D 514 16.46 3.81 13.66
C ALA D 514 16.90 5.20 14.13
N LEU D 515 17.22 6.06 13.17
CA LEU D 515 17.69 7.41 13.48
C LEU D 515 16.49 8.27 13.87
N ARG D 516 16.68 9.58 13.92
CA ARG D 516 15.60 10.49 14.31
C ARG D 516 14.53 10.52 13.23
N MET D 517 13.27 10.43 13.64
CA MET D 517 12.12 10.42 12.73
C MET D 517 11.04 11.34 13.29
N ASN D 518 10.55 12.26 12.46
CA ASN D 518 9.60 13.27 12.91
C ASN D 518 8.16 12.97 12.50
N ASN D 519 7.90 12.84 11.20
CA ASN D 519 6.52 12.74 10.73
C ASN D 519 5.89 11.43 11.19
N SER D 520 4.70 11.54 11.78
CA SER D 520 4.06 10.41 12.45
C SER D 520 3.52 9.37 11.48
N SER D 521 3.59 9.60 10.17
CA SER D 521 3.22 8.56 9.22
C SER D 521 4.35 7.59 8.93
N ASP D 522 5.58 7.91 9.34
CA ASP D 522 6.72 7.02 9.17
C ASP D 522 7.01 6.24 10.44
N ARG D 523 7.05 6.93 11.58
CA ARG D 523 7.30 6.24 12.84
C ARG D 523 6.36 5.05 12.99
N ASN D 524 5.08 5.24 12.69
CA ASN D 524 4.14 4.13 12.80
C ASN D 524 4.44 3.01 11.81
N HIS D 525 4.98 3.35 10.64
CA HIS D 525 5.27 2.32 9.64
C HIS D 525 6.51 1.53 9.99
N VAL D 526 7.49 2.15 10.65
CA VAL D 526 8.66 1.40 11.08
C VAL D 526 8.32 0.43 12.21
N LEU D 527 7.50 0.88 13.17
CA LEU D 527 7.08 -0.03 14.23
C LEU D 527 6.32 -1.22 13.67
N GLY D 528 5.73 -1.11 12.49
CA GLY D 528 4.98 -2.17 11.88
C GLY D 528 5.79 -3.19 11.13
N ALA D 529 7.11 -2.99 11.01
CA ALA D 529 7.96 -3.93 10.29
C ALA D 529 9.26 -4.18 11.04
N VAL D 530 9.24 -4.09 12.36
CA VAL D 530 10.38 -4.40 13.22
C VAL D 530 9.99 -5.60 14.06
N SER D 531 10.72 -6.71 13.88
CA SER D 531 10.36 -7.95 14.56
C SER D 531 10.34 -7.77 16.07
N ASP D 532 11.49 -7.49 16.66
CA ASP D 532 11.60 -7.39 18.11
C ASP D 532 11.16 -6.03 18.64
N SER D 533 9.95 -5.61 18.33
CA SER D 533 9.46 -4.31 18.76
C SER D 533 9.48 -4.16 20.27
N PHE D 534 10.39 -3.34 20.79
CA PHE D 534 10.28 -2.92 22.19
C PHE D 534 9.39 -1.70 22.33
N GLU D 535 9.01 -1.43 23.57
CA GLU D 535 8.27 -0.23 23.95
C GLU D 535 9.13 0.77 24.69
N GLY D 536 10.17 0.32 25.39
CA GLY D 536 11.03 1.25 26.09
C GLY D 536 11.85 2.12 25.16
N LEU D 537 12.37 1.54 24.07
CA LEU D 537 13.30 2.24 23.20
C LEU D 537 12.69 2.76 21.91
N MET D 538 11.46 2.36 21.58
CA MET D 538 10.81 2.89 20.39
C MET D 538 9.97 4.13 20.68
N GLY D 539 9.82 4.50 21.95
CA GLY D 539 9.19 5.76 22.30
C GLY D 539 10.12 6.96 22.28
N MET D 540 11.42 6.71 22.14
CA MET D 540 12.42 7.76 22.01
C MET D 540 12.92 7.91 20.58
N LEU D 541 12.14 7.44 19.61
CA LEU D 541 12.57 7.51 18.22
C LEU D 541 12.69 8.95 17.72
N PRO D 542 11.72 9.83 17.93
CA PRO D 542 11.71 11.09 17.17
C PRO D 542 12.64 12.17 17.69
N THR D 543 13.22 12.02 18.88
CA THR D 543 14.08 13.06 19.46
C THR D 543 15.49 12.55 19.72
N LEU D 544 15.96 11.62 18.90
CA LEU D 544 17.36 11.25 18.92
C LEU D 544 18.21 12.44 18.53
N ARG D 545 19.44 12.48 19.03
CA ARG D 545 20.36 13.54 18.64
C ARG D 545 20.91 13.24 17.25
N THR D 546 21.83 14.09 16.79
CA THR D 546 22.47 13.92 15.49
C THR D 546 23.67 13.00 15.69
N GLY D 547 23.47 11.71 15.41
CA GLY D 547 24.50 10.71 15.65
C GLY D 547 23.93 9.49 16.34
N GLU D 548 22.93 9.68 17.17
CA GLU D 548 22.28 8.55 17.82
C GLU D 548 21.66 7.63 16.78
N ALA D 549 21.61 6.35 17.10
CA ALA D 549 21.01 5.37 16.21
C ALA D 549 20.64 4.13 17.02
N ILE D 550 19.36 3.83 17.08
CA ILE D 550 18.87 2.63 17.77
C ILE D 550 18.98 1.46 16.80
N ILE D 551 19.77 0.46 17.15
CA ILE D 551 20.00 -0.71 16.30
C ILE D 551 19.12 -1.85 16.79
N ILE D 552 18.33 -2.42 15.90
CA ILE D 552 17.39 -3.49 16.22
C ILE D 552 17.47 -4.54 15.14
N GLY D 553 17.41 -5.80 15.55
CA GLY D 553 17.46 -6.91 14.62
C GLY D 553 18.19 -8.07 15.25
N GLU D 554 18.49 -9.07 14.42
CA GLU D 554 19.25 -10.22 14.89
C GLU D 554 20.75 -9.96 14.89
N SER D 555 21.22 -8.99 14.11
CA SER D 555 22.66 -8.77 14.00
C SER D 555 23.28 -8.41 15.34
N VAL D 556 22.48 -7.99 16.31
CA VAL D 556 22.98 -7.69 17.65
C VAL D 556 22.22 -8.57 18.64
N ARG D 557 22.90 -8.94 19.73
CA ARG D 557 22.24 -9.77 20.74
C ARG D 557 21.00 -9.07 21.27
N LEU D 558 21.16 -7.83 21.73
CA LEU D 558 20.07 -7.00 22.22
C LEU D 558 20.20 -5.63 21.57
N PRO D 559 19.09 -5.00 21.20
CA PRO D 559 19.18 -3.71 20.52
C PRO D 559 19.86 -2.66 21.40
N MET D 560 20.71 -1.86 20.78
CA MET D 560 21.47 -0.80 21.42
C MET D 560 20.98 0.55 20.93
N ARG D 561 21.30 1.58 21.71
CA ARG D 561 21.06 2.97 21.33
C ARG D 561 22.44 3.62 21.29
N THR D 562 23.12 3.50 20.16
CA THR D 562 24.54 3.78 20.07
C THR D 562 24.77 5.09 19.33
N ILE D 563 25.58 5.96 19.92
CA ILE D 563 26.01 7.20 19.28
C ILE D 563 27.10 6.82 18.28
N ILE D 564 26.72 6.64 17.01
CA ILE D 564 27.70 6.21 16.03
C ILE D 564 28.91 7.13 16.07
N SER D 565 30.10 6.55 15.99
CA SER D 565 31.33 7.33 16.08
C SER D 565 31.57 8.06 14.77
N PRO D 566 31.70 9.38 14.78
CA PRO D 566 31.89 10.09 13.51
C PRO D 566 33.24 9.79 12.91
N PRO D 567 33.37 9.79 11.59
CA PRO D 567 34.68 9.71 10.98
C PRO D 567 35.50 10.94 11.32
N PRO D 568 36.84 10.84 11.29
CA PRO D 568 37.65 12.00 11.67
C PRO D 568 37.43 13.16 10.72
N PHE D 569 37.57 14.37 11.27
CA PHE D 569 37.38 15.58 10.46
C PHE D 569 38.26 15.51 9.22
N GLY D 570 37.75 16.08 8.13
CA GLY D 570 38.41 16.02 6.84
C GLY D 570 37.97 14.83 6.02
N ARG D 571 37.81 13.68 6.66
CA ARG D 571 37.29 12.49 6.01
C ARG D 571 35.79 12.37 6.31
N ARG D 572 35.02 13.22 5.64
CA ARG D 572 33.57 13.29 5.81
C ARG D 572 32.90 13.31 4.45
N PRO D 573 31.61 12.96 4.39
CA PRO D 573 30.89 12.98 3.12
C PRO D 573 30.51 14.41 2.76
N ASP D 574 30.70 14.77 1.48
CA ASP D 574 30.42 16.12 1.06
C ASP D 574 30.17 16.16 -0.44
N SER D 575 29.23 17.01 -0.85
CA SER D 575 28.99 17.31 -2.25
C SER D 575 29.24 18.80 -2.46
N LEU D 576 29.76 19.16 -3.63
CA LEU D 576 30.16 20.54 -3.90
C LEU D 576 29.08 21.27 -4.68
N ASP D 577 27.94 21.43 -4.02
CA ASP D 577 26.85 22.24 -4.57
C ASP D 577 27.14 23.72 -4.34
N PRO D 578 26.83 24.59 -5.30
CA PRO D 578 27.17 26.00 -5.14
C PRO D 578 26.48 26.61 -3.92
N ASP D 579 27.20 27.49 -3.23
CA ASP D 579 26.66 28.21 -2.08
C ASP D 579 26.29 29.60 -2.56
N VAL D 580 25.00 29.84 -2.77
CA VAL D 580 24.58 31.07 -3.46
C VAL D 580 25.03 32.29 -2.68
N THR D 581 24.85 32.28 -1.36
CA THR D 581 25.13 33.48 -0.58
C THR D 581 26.57 33.95 -0.77
N ALA D 582 27.50 33.03 -0.98
CA ALA D 582 28.88 33.39 -1.26
C ALA D 582 29.19 33.49 -2.75
N LYS D 583 28.20 33.23 -3.62
CA LYS D 583 28.38 33.39 -5.05
C LYS D 583 27.62 34.58 -5.62
N TRP D 584 26.65 35.12 -4.88
CA TRP D 584 25.98 36.35 -5.27
C TRP D 584 26.63 37.58 -4.65
N SER D 585 27.15 37.46 -3.42
CA SER D 585 27.74 38.63 -2.77
C SER D 585 28.89 39.21 -3.56
N ASN D 586 29.52 38.42 -4.44
CA ASN D 586 30.60 38.93 -5.26
C ASN D 586 30.11 40.10 -6.11
N ASN D 587 30.90 41.17 -6.13
CA ASN D 587 30.57 42.30 -6.98
C ASN D 587 30.45 41.85 -8.43
N ARG D 588 29.42 42.34 -9.10
CA ARG D 588 29.18 41.92 -10.48
C ARG D 588 30.37 42.27 -11.35
N VAL D 589 30.74 41.33 -12.21
CA VAL D 589 31.78 41.54 -13.22
C VAL D 589 31.13 41.45 -14.59
N GLN D 590 31.58 42.29 -15.52
CA GLN D 590 31.01 42.28 -16.85
C GLN D 590 31.10 40.88 -17.45
N GLY D 591 30.01 40.44 -18.06
CA GLY D 591 29.96 39.13 -18.68
C GLY D 591 29.73 39.26 -20.17
N ASP D 592 30.34 38.36 -20.94
CA ASP D 592 30.18 38.29 -22.38
C ASP D 592 29.37 37.03 -22.68
N TYR D 593 28.12 37.20 -23.08
CA TYR D 593 27.26 36.07 -23.35
C TYR D 593 27.45 35.52 -24.75
N LYS D 594 28.35 36.09 -25.55
CA LYS D 594 28.74 35.41 -26.77
C LYS D 594 29.35 34.05 -26.48
N GLU D 595 29.86 33.86 -25.26
CA GLU D 595 30.47 32.59 -24.89
C GLU D 595 29.40 31.57 -24.51
N VAL D 596 28.49 31.95 -23.61
CA VAL D 596 27.45 31.02 -23.15
C VAL D 596 26.64 30.51 -24.32
N LEU D 597 26.31 31.38 -25.27
CA LEU D 597 25.60 30.94 -26.46
C LEU D 597 26.44 29.96 -27.26
N THR D 598 27.74 30.21 -27.36
CA THR D 598 28.61 29.33 -28.14
C THR D 598 28.62 27.93 -27.59
N LEU D 599 28.70 27.78 -26.26
CA LEU D 599 28.70 26.45 -25.66
C LEU D 599 27.38 25.75 -25.89
N TRP D 600 26.26 26.47 -25.74
CA TRP D 600 24.95 25.86 -25.94
C TRP D 600 24.83 25.30 -27.36
N ARG D 601 25.27 26.07 -28.35
CA ARG D 601 25.25 25.56 -29.72
C ARG D 601 26.25 24.41 -29.90
N GLN D 602 27.50 24.64 -29.49
CA GLN D 602 28.52 23.62 -29.67
C GLN D 602 28.20 22.36 -28.90
N LYS D 603 27.40 22.49 -27.85
CA LYS D 603 26.85 21.36 -27.13
C LYS D 603 27.99 20.70 -26.32
N LYS D 604 28.80 21.54 -25.68
CA LYS D 604 29.96 21.11 -24.91
C LYS D 604 30.13 22.03 -23.69
N VAL D 605 30.91 21.57 -22.72
CA VAL D 605 31.10 22.29 -21.46
C VAL D 605 32.52 22.83 -21.32
N ARG D 606 33.38 22.66 -22.31
CA ARG D 606 34.79 23.03 -22.22
C ARG D 606 35.02 24.32 -22.98
N SER D 607 35.55 25.33 -22.29
CA SER D 607 35.91 26.58 -22.94
C SER D 607 37.07 26.35 -23.91
N GLN D 608 36.97 26.96 -25.10
CA GLN D 608 37.95 26.70 -26.14
C GLN D 608 39.30 27.34 -25.86
N ARG D 609 39.38 28.23 -24.88
CA ARG D 609 40.60 28.99 -24.60
C ARG D 609 41.34 28.47 -23.37
N ILE D 610 41.37 27.16 -23.16
CA ILE D 610 42.13 26.58 -22.06
C ILE D 610 43.54 26.27 -22.55
N VAL D 611 44.50 26.32 -21.63
CA VAL D 611 45.89 26.02 -21.95
C VAL D 611 46.10 24.51 -21.95
N GLU D 612 47.05 24.06 -22.78
CA GLU D 612 47.23 22.63 -22.98
C GLU D 612 47.70 21.96 -21.69
N ASN D 613 48.64 22.59 -20.98
CA ASN D 613 49.06 22.08 -19.67
C ASN D 613 50.00 23.08 -19.02
N ILE D 614 50.16 22.94 -17.71
CA ILE D 614 51.05 23.76 -16.90
C ILE D 614 51.65 22.88 -15.81
N LYS D 615 52.87 23.20 -15.39
CA LYS D 615 53.48 22.53 -14.26
C LYS D 615 53.09 23.22 -12.96
N ARG D 616 52.68 22.44 -11.98
CA ARG D 616 52.13 22.98 -10.73
C ARG D 616 53.10 22.73 -9.58
N LEU D 617 53.38 23.78 -8.82
CA LEU D 617 54.26 23.71 -7.65
C LEU D 617 53.46 23.99 -6.39
N PRO D 618 53.81 23.37 -5.26
CA PRO D 618 53.00 23.54 -4.05
C PRO D 618 53.21 24.91 -3.40
N VAL D 619 52.61 25.11 -2.23
CA VAL D 619 52.75 26.36 -1.49
C VAL D 619 54.19 26.53 -1.04
N SER D 636 39.12 30.11 0.70
CA SER D 636 39.83 29.08 1.47
C SER D 636 41.33 29.18 1.21
N ASN D 637 42.04 28.06 1.42
CA ASN D 637 43.48 28.03 1.32
C ASN D 637 43.92 27.72 -0.12
N ILE D 638 45.22 27.87 -0.35
CA ILE D 638 45.86 27.53 -1.62
C ILE D 638 46.98 26.56 -1.34
N LEU D 639 47.07 25.49 -2.14
CA LEU D 639 48.09 24.47 -1.94
C LEU D 639 49.02 24.28 -3.13
N SER D 640 48.76 24.92 -4.27
CA SER D 640 49.69 24.86 -5.39
C SER D 640 49.32 25.88 -6.46
N ILE D 641 50.32 26.60 -6.98
CA ILE D 641 50.13 27.69 -7.92
C ILE D 641 50.98 27.46 -9.15
N GLY D 642 50.42 27.74 -10.33
CA GLY D 642 51.16 27.73 -11.57
C GLY D 642 51.31 29.13 -12.15
N TYR D 643 51.74 29.17 -13.41
CA TYR D 643 51.83 30.44 -14.12
C TYR D 643 52.36 30.19 -15.52
N GLU D 644 52.13 31.17 -16.40
CA GLU D 644 52.70 31.16 -17.74
C GLU D 644 52.64 32.58 -18.29
N ALA D 645 53.66 32.94 -19.06
CA ALA D 645 53.76 34.27 -19.66
C ALA D 645 53.50 34.28 -21.15
N ASP D 646 53.69 33.15 -21.84
CA ASP D 646 53.46 33.10 -23.27
C ASP D 646 52.02 33.49 -23.60
N SER D 647 51.05 32.93 -22.88
CA SER D 647 49.65 33.24 -23.08
C SER D 647 49.08 34.13 -21.99
N MET D 648 49.94 34.67 -21.12
CA MET D 648 49.48 35.53 -20.02
C MET D 648 48.45 34.81 -19.16
N THR D 649 48.62 33.50 -19.01
CA THR D 649 47.67 32.65 -18.32
C THR D 649 48.16 32.31 -16.93
N LEU D 650 47.22 31.95 -16.06
CA LEU D 650 47.52 31.48 -14.72
C LEU D 650 46.72 30.21 -14.44
N GLU D 651 47.18 29.45 -13.45
CA GLU D 651 46.36 28.39 -12.86
C GLU D 651 46.55 28.42 -11.36
N ILE D 652 45.54 27.98 -10.63
CA ILE D 652 45.63 27.81 -9.18
C ILE D 652 44.85 26.57 -8.79
N GLU D 653 45.23 26.02 -7.64
CA GLU D 653 44.58 24.82 -7.11
C GLU D 653 44.07 25.12 -5.71
N PHE D 654 42.90 24.57 -5.39
CA PHE D 654 42.29 24.70 -4.08
C PHE D 654 42.07 23.32 -3.48
N ASN D 655 41.56 23.30 -2.26
CA ASN D 655 41.21 22.04 -1.63
C ASN D 655 40.02 21.40 -2.35
N HIS D 656 39.89 20.09 -2.19
CA HIS D 656 38.83 19.31 -2.84
C HIS D 656 38.98 19.30 -4.35
N GLY D 657 40.18 19.53 -4.87
CA GLY D 657 40.44 19.40 -6.28
C GLY D 657 39.70 20.38 -7.16
N LEU D 658 39.68 21.65 -6.77
CA LEU D 658 39.12 22.73 -7.60
C LEU D 658 40.27 23.43 -8.30
N VAL D 659 40.26 23.41 -9.63
CA VAL D 659 41.32 23.98 -10.44
C VAL D 659 40.75 25.13 -11.25
N TYR D 660 41.28 26.33 -11.06
CA TYR D 660 40.92 27.50 -11.82
C TYR D 660 42.07 27.87 -12.75
N GLN D 661 41.80 28.84 -13.63
CA GLN D 661 42.82 29.34 -14.54
C GLN D 661 42.42 30.75 -14.95
N TYR D 662 43.12 31.75 -14.45
CA TYR D 662 42.74 33.12 -14.72
C TYR D 662 43.47 33.60 -15.96
N TYR D 663 42.85 34.53 -16.68
CA TYR D 663 43.32 34.93 -18.00
C TYR D 663 43.82 36.36 -18.02
N ASP D 664 44.83 36.59 -18.85
CA ASP D 664 45.36 37.93 -19.08
C ASP D 664 45.77 38.60 -17.77
N VAL D 665 46.46 37.84 -16.92
CA VAL D 665 47.05 38.36 -15.69
C VAL D 665 48.55 38.50 -15.93
N PRO D 666 49.11 39.71 -15.91
CA PRO D 666 50.56 39.84 -16.11
C PRO D 666 51.32 39.03 -15.06
N GLU D 667 52.35 38.32 -15.51
CA GLU D 667 53.10 37.48 -14.61
C GLU D 667 53.92 38.28 -13.61
N THR D 668 54.02 39.60 -13.79
CA THR D 668 54.61 40.44 -12.76
C THR D 668 53.81 40.34 -11.46
N LEU D 669 52.49 40.31 -11.57
CA LEU D 669 51.65 40.14 -10.38
C LEU D 669 51.89 38.80 -9.71
N HIS D 670 52.31 37.78 -10.48
CA HIS D 670 52.54 36.47 -9.88
C HIS D 670 53.58 36.54 -8.77
N THR D 671 54.75 37.09 -9.08
CA THR D 671 55.83 37.10 -8.09
C THR D 671 55.45 37.90 -6.86
N GLU D 672 54.57 38.90 -7.01
CA GLU D 672 54.07 39.63 -5.86
C GLU D 672 53.33 38.70 -4.91
N LEU D 673 52.49 37.82 -5.45
CA LEU D 673 51.76 36.88 -4.60
C LEU D 673 52.71 35.97 -3.84
N LEU D 674 53.69 35.39 -4.53
CA LEU D 674 54.65 34.52 -3.86
C LEU D 674 55.43 35.30 -2.82
N ALA D 675 55.90 36.49 -3.18
CA ALA D 675 56.71 37.29 -2.27
C ALA D 675 55.89 37.73 -1.06
N ALA D 676 54.64 38.17 -1.28
CA ALA D 676 53.84 38.72 -0.19
C ALA D 676 53.54 37.69 0.88
N GLU D 677 53.60 36.41 0.56
CA GLU D 677 53.27 35.35 1.51
C GLU D 677 51.85 35.52 2.05
N SER D 678 50.97 36.12 1.24
CA SER D 678 49.58 36.27 1.64
C SER D 678 48.83 34.95 1.51
N HIS D 679 48.78 34.41 0.30
CA HIS D 679 48.14 33.12 0.03
C HIS D 679 46.76 33.06 0.68
N GLY D 680 45.91 33.98 0.24
CA GLY D 680 44.57 34.09 0.79
C GLY D 680 44.10 35.52 0.91
N LYS D 681 45.02 36.48 0.77
CA LYS D 681 44.67 37.90 0.84
C LYS D 681 44.97 38.63 -0.45
N PHE D 682 46.21 38.56 -0.95
CA PHE D 682 46.55 39.25 -2.19
C PHE D 682 45.71 38.71 -3.34
N PHE D 683 45.73 37.40 -3.54
CA PHE D 683 44.88 36.77 -4.54
C PHE D 683 43.40 37.01 -4.24
N ASN D 684 43.00 36.84 -2.99
CA ASN D 684 41.62 37.05 -2.59
C ASN D 684 41.19 38.49 -2.70
N SER D 685 42.13 39.43 -2.89
CA SER D 685 41.83 40.84 -2.92
C SER D 685 42.24 41.54 -4.21
N GLN D 686 43.16 40.98 -4.99
CA GLN D 686 43.71 41.67 -6.15
C GLN D 686 43.17 41.12 -7.47
N ILE D 687 43.31 39.82 -7.71
CA ILE D 687 42.93 39.22 -8.98
C ILE D 687 41.77 38.24 -8.82
N LYS D 688 41.08 38.28 -7.67
CA LYS D 688 39.95 37.37 -7.46
C LYS D 688 38.86 37.61 -8.49
N ASN D 689 38.42 38.86 -8.63
CA ASN D 689 37.29 39.20 -9.48
C ASN D 689 37.63 40.24 -10.54
N ASN D 690 38.90 40.59 -10.70
CA ASN D 690 39.30 41.61 -11.64
C ASN D 690 39.72 41.05 -13.00
N TYR D 691 39.63 39.73 -13.18
CA TYR D 691 40.08 39.10 -14.42
C TYR D 691 39.07 38.05 -14.85
N ARG D 692 38.96 37.87 -16.16
CA ARG D 692 38.08 36.85 -16.70
C ARG D 692 38.63 35.47 -16.37
N PHE D 693 37.83 34.65 -15.69
CA PHE D 693 38.26 33.33 -15.28
C PHE D 693 37.27 32.27 -15.73
N SER D 694 37.78 31.04 -15.86
CA SER D 694 36.94 29.92 -16.27
C SER D 694 37.57 28.65 -15.75
N ARG D 695 36.86 27.93 -14.87
CA ARG D 695 37.34 26.64 -14.41
C ARG D 695 37.59 25.71 -15.59
N ILE D 696 38.30 24.63 -15.32
CA ILE D 696 38.61 23.65 -16.35
C ILE D 696 37.34 22.94 -16.77
N SER E 11 4.70 -27.21 58.44
CA SER E 11 4.04 -27.81 57.29
C SER E 11 4.23 -26.95 56.04
N THR E 12 3.94 -27.53 54.88
CA THR E 12 4.03 -26.80 53.62
C THR E 12 2.69 -26.12 53.40
N TYR E 13 2.49 -24.99 54.06
CA TYR E 13 1.25 -24.23 53.97
C TYR E 13 1.51 -22.93 53.23
N ILE E 14 0.56 -22.54 52.39
CA ILE E 14 0.70 -21.37 51.53
C ILE E 14 -0.09 -20.20 52.11
N GLY E 15 -1.39 -20.39 52.33
CA GLY E 15 -2.20 -19.32 52.90
C GLY E 15 -3.68 -19.59 52.94
N THR E 16 -4.47 -18.52 52.96
CA THR E 16 -5.90 -18.60 53.18
C THR E 16 -6.63 -17.95 52.01
N VAL E 17 -7.74 -18.58 51.59
CA VAL E 17 -8.49 -18.14 50.43
C VAL E 17 -9.59 -17.19 50.93
N GLN E 18 -9.39 -15.90 50.69
CA GLN E 18 -10.37 -14.88 51.07
C GLN E 18 -11.29 -14.50 49.94
N ASP E 19 -11.46 -15.35 48.93
CA ASP E 19 -12.33 -14.96 47.84
C ASP E 19 -12.66 -16.19 47.00
N VAL E 20 -13.76 -16.07 46.25
CA VAL E 20 -14.22 -17.10 45.33
C VAL E 20 -15.17 -16.43 44.34
N ASN E 21 -15.11 -16.87 43.07
CA ASN E 21 -15.98 -16.32 42.05
C ASN E 21 -16.51 -17.37 41.09
N GLY E 22 -16.57 -18.63 41.52
CA GLY E 22 -16.91 -19.71 40.61
C GLY E 22 -15.67 -20.34 40.01
N ALA E 23 -14.92 -19.58 39.21
CA ALA E 23 -13.66 -20.03 38.64
C ALA E 23 -12.48 -19.25 39.20
N ASN E 24 -12.46 -17.93 39.04
CA ASN E 24 -11.35 -17.14 39.54
C ASN E 24 -11.29 -17.18 41.05
N ILE E 25 -10.08 -17.16 41.60
CA ILE E 25 -9.89 -17.18 43.05
C ILE E 25 -8.69 -16.30 43.40
N ARG E 26 -8.77 -15.65 44.55
CA ARG E 26 -7.70 -14.80 45.06
C ARG E 26 -7.37 -15.24 46.48
N VAL E 27 -6.10 -15.51 46.73
CA VAL E 27 -5.66 -16.09 47.99
C VAL E 27 -4.56 -15.20 48.58
N VAL E 28 -4.47 -15.18 49.91
CA VAL E 28 -3.46 -14.38 50.61
C VAL E 28 -2.48 -15.33 51.29
N LEU E 29 -1.19 -15.09 51.07
CA LEU E 29 -0.14 -15.87 51.71
C LEU E 29 -0.06 -15.52 53.19
N ASP E 30 0.23 -16.54 54.00
CA ASP E 30 0.46 -16.37 55.43
C ASP E 30 -0.56 -15.41 56.06
N GLY E 48 4.80 -19.24 46.42
CA GLY E 48 4.07 -19.81 45.31
C GLY E 48 4.49 -19.22 43.98
N GLN E 49 4.94 -20.07 43.06
CA GLN E 49 5.43 -19.60 41.78
C GLN E 49 4.31 -19.01 40.93
N ILE E 50 4.70 -18.26 39.91
CA ILE E 50 3.74 -17.58 39.06
C ILE E 50 3.17 -18.48 37.98
N GLY E 51 3.73 -19.67 37.79
CA GLY E 51 3.20 -20.61 36.82
C GLY E 51 2.81 -21.94 37.43
N SER E 52 3.45 -22.30 38.54
CA SER E 52 3.24 -23.61 39.13
C SER E 52 1.83 -23.74 39.68
N PHE E 53 1.33 -24.98 39.69
CA PHE E 53 -0.04 -25.26 40.11
C PHE E 53 -0.16 -25.07 41.62
N VAL E 54 -1.37 -25.32 42.13
CA VAL E 54 -1.65 -25.32 43.56
C VAL E 54 -2.55 -26.51 43.88
N ARG E 55 -2.58 -26.88 45.16
CA ARG E 55 -3.41 -27.98 45.64
C ARG E 55 -4.35 -27.45 46.72
N ILE E 56 -5.64 -27.75 46.59
CA ILE E 56 -6.66 -27.32 47.55
C ILE E 56 -7.52 -28.51 47.92
N PRO E 57 -7.05 -29.40 48.80
CA PRO E 57 -7.85 -30.60 49.12
C PRO E 57 -9.13 -30.24 49.86
N ILE E 58 -10.16 -31.05 49.63
CA ILE E 58 -11.44 -30.89 50.32
C ILE E 58 -11.93 -32.24 50.82
N GLY E 59 -11.58 -32.58 52.06
CA GLY E 59 -12.11 -33.78 52.69
C GLY E 59 -11.49 -35.06 52.17
N TYR E 60 -11.83 -35.44 50.94
CA TYR E 60 -11.30 -36.66 50.33
C TYR E 60 -10.84 -36.49 48.90
N ILE E 61 -11.16 -35.37 48.25
CA ILE E 61 -10.70 -35.09 46.89
C ILE E 61 -10.06 -33.71 46.88
N ASN E 62 -9.28 -33.46 45.84
CA ASN E 62 -8.44 -32.27 45.78
C ASN E 62 -8.75 -31.44 44.54
N LEU E 63 -8.53 -30.14 44.67
CA LEU E 63 -8.72 -29.17 43.59
C LEU E 63 -7.38 -28.57 43.22
N PHE E 64 -7.04 -28.61 41.95
CA PHE E 64 -5.79 -28.05 41.44
C PHE E 64 -6.09 -26.78 40.66
N GLY E 65 -5.06 -25.94 40.52
CA GLY E 65 -5.29 -24.63 39.95
C GLY E 65 -4.02 -24.03 39.36
N ILE E 66 -4.18 -22.79 38.89
CA ILE E 66 -3.12 -22.04 38.20
C ILE E 66 -3.11 -20.62 38.72
N VAL E 67 -1.90 -20.06 38.87
CA VAL E 67 -1.77 -18.68 39.31
C VAL E 67 -1.89 -17.76 38.10
N SER E 68 -2.25 -16.50 38.37
CA SER E 68 -2.45 -15.51 37.31
C SER E 68 -1.69 -14.20 37.51
N GLN E 69 -1.57 -13.73 38.75
CA GLN E 69 -0.80 -12.53 39.04
C GLN E 69 -0.37 -12.58 40.50
N VAL E 70 0.79 -12.01 40.80
CA VAL E 70 1.32 -11.97 42.16
C VAL E 70 1.63 -10.52 42.51
N GLY E 71 0.93 -10.00 43.53
CA GLY E 71 1.16 -8.65 44.00
C GLY E 71 -0.14 -7.85 44.00
N ALA E 72 -0.03 -6.58 43.61
CA ALA E 72 -1.18 -5.69 43.61
C ALA E 72 -2.24 -6.08 42.60
N GLY E 73 -1.94 -7.01 41.69
CA GLY E 73 -2.95 -7.45 40.74
C GLY E 73 -4.09 -8.20 41.41
N ALA E 74 -3.79 -8.98 42.43
CA ALA E 74 -4.75 -9.89 43.05
C ALA E 74 -5.49 -9.27 44.23
N VAL E 75 -5.21 -8.02 44.60
CA VAL E 75 -5.88 -7.39 45.73
C VAL E 75 -7.33 -7.11 45.36
N PRO E 76 -8.30 -7.41 46.22
CA PRO E 76 -9.67 -6.99 45.93
C PRO E 76 -9.80 -5.47 46.00
N ASP E 77 -10.89 -4.98 45.40
CA ASP E 77 -11.04 -3.55 45.20
C ASP E 77 -11.16 -2.78 46.52
N LYS E 78 -11.38 -3.45 47.64
CA LYS E 78 -11.79 -2.79 48.88
C LYS E 78 -10.97 -3.29 50.06
N LEU E 79 -9.64 -3.32 49.94
CA LEU E 79 -8.84 -3.62 51.13
C LEU E 79 -7.75 -2.59 51.39
N LEU E 80 -7.05 -2.11 50.38
CA LEU E 80 -5.84 -1.34 50.63
C LEU E 80 -6.15 0.08 51.08
N GLU E 81 -7.42 0.46 51.13
CA GLU E 81 -7.78 1.82 51.52
C GLU E 81 -7.36 2.11 52.95
N VAL E 82 -7.19 1.07 53.77
CA VAL E 82 -6.80 1.23 55.17
C VAL E 82 -5.35 0.86 55.41
N GLU E 83 -4.84 -0.14 54.68
CA GLU E 83 -3.47 -0.61 54.81
C GLU E 83 -2.83 -0.60 53.43
N PRO E 84 -2.46 0.58 52.93
CA PRO E 84 -2.05 0.68 51.52
C PRO E 84 -0.83 -0.15 51.16
N TYR E 85 0.01 -0.53 52.12
CA TYR E 85 1.23 -1.27 51.85
C TYR E 85 1.13 -2.76 52.16
N GLY E 86 -0.07 -3.29 52.39
CA GLY E 86 -0.22 -4.71 52.60
C GLY E 86 -0.45 -5.47 51.31
N HIS E 87 0.63 -6.02 50.75
CA HIS E 87 0.60 -6.72 49.47
C HIS E 87 1.19 -8.11 49.65
N ARG E 88 0.33 -9.12 49.72
CA ARG E 88 0.75 -10.51 49.64
C ARG E 88 -0.25 -11.34 48.85
N TRP E 89 -0.93 -10.73 47.88
CA TRP E 89 -2.12 -11.30 47.28
C TRP E 89 -1.75 -12.06 46.01
N ILE E 90 -2.37 -13.24 45.85
CA ILE E 90 -2.15 -14.10 44.69
C ILE E 90 -3.50 -14.37 44.05
N SER E 91 -3.57 -14.24 42.74
CA SER E 91 -4.76 -14.60 41.98
C SER E 91 -4.57 -15.99 41.39
N VAL E 92 -5.51 -16.88 41.66
CA VAL E 92 -5.42 -18.27 41.24
C VAL E 92 -6.71 -18.67 40.55
N GLN E 93 -6.61 -19.65 39.66
CA GLN E 93 -7.73 -20.14 38.87
C GLN E 93 -7.80 -21.65 39.01
N LEU E 94 -9.01 -22.19 38.92
CA LEU E 94 -9.22 -23.63 39.06
C LEU E 94 -9.29 -24.31 37.70
N VAL E 95 -8.73 -25.52 37.63
CA VAL E 95 -8.54 -26.24 36.38
C VAL E 95 -9.36 -27.51 36.32
N GLY E 96 -9.27 -28.33 37.36
CA GLY E 96 -9.92 -29.63 37.35
C GLY E 96 -10.14 -30.17 38.74
N GLU E 97 -10.14 -31.50 38.84
CA GLU E 97 -10.43 -32.18 40.09
C GLU E 97 -10.09 -33.65 39.93
N GLU E 98 -9.48 -34.23 40.97
CA GLU E 98 -9.04 -35.62 40.94
C GLU E 98 -10.06 -36.50 41.64
N GLY E 99 -10.51 -37.54 40.94
CA GLY E 99 -11.58 -38.38 41.45
C GLY E 99 -11.20 -39.18 42.68
N ILE E 100 -12.00 -40.19 43.00
CA ILE E 100 -11.77 -41.02 44.20
C ILE E 100 -10.82 -42.14 43.79
N LYS E 101 -9.52 -41.84 43.84
CA LYS E 101 -8.48 -42.79 43.47
C LYS E 101 -8.65 -43.29 42.04
N LYS E 102 -9.38 -42.55 41.20
CA LYS E 102 -9.65 -42.97 39.83
C LYS E 102 -8.75 -42.26 38.82
N GLU E 103 -8.84 -40.93 38.76
CA GLU E 103 -8.05 -40.17 37.79
C GLU E 103 -8.27 -38.67 37.96
N PHE E 104 -7.56 -37.86 37.18
CA PHE E 104 -7.70 -36.41 37.21
C PHE E 104 -8.76 -36.02 36.18
N GLU E 105 -9.89 -35.54 36.67
CA GLU E 105 -11.01 -35.14 35.82
C GLU E 105 -11.15 -33.63 35.81
N ARG E 106 -11.41 -33.07 34.63
CA ARG E 106 -11.59 -31.64 34.52
C ARG E 106 -12.98 -31.23 34.99
N GLY E 107 -13.07 -30.02 35.54
CA GLY E 107 -14.29 -29.55 36.15
C GLY E 107 -14.12 -29.35 37.64
N VAL E 108 -15.21 -29.35 38.40
CA VAL E 108 -15.13 -29.22 39.85
C VAL E 108 -16.33 -29.91 40.49
N SER E 109 -16.06 -30.80 41.45
CA SER E 109 -17.14 -31.44 42.19
C SER E 109 -17.85 -30.44 43.10
N GLN E 110 -17.08 -29.69 43.88
CA GLN E 110 -17.64 -28.68 44.79
C GLN E 110 -16.55 -27.65 45.04
N TYR E 111 -16.89 -26.37 44.90
CA TYR E 111 -15.89 -25.33 44.87
C TYR E 111 -15.43 -24.94 46.27
N PRO E 112 -14.20 -24.45 46.40
CA PRO E 112 -13.69 -24.04 47.72
C PRO E 112 -14.38 -22.77 48.21
N THR E 113 -14.26 -22.54 49.52
CA THR E 113 -14.88 -21.40 50.17
C THR E 113 -13.89 -20.78 51.15
N ILE E 114 -14.38 -19.81 51.92
CA ILE E 114 -13.52 -19.05 52.81
C ILE E 114 -12.85 -19.98 53.82
N GLY E 115 -11.60 -19.67 54.15
CA GLY E 115 -10.91 -20.36 55.22
C GLY E 115 -10.74 -21.85 55.02
N ASP E 116 -10.31 -22.25 53.83
CA ASP E 116 -10.00 -23.64 53.54
C ASP E 116 -8.49 -23.84 53.41
N LYS E 117 -8.06 -25.07 53.64
CA LYS E 117 -6.63 -25.36 53.70
C LYS E 117 -6.04 -25.48 52.31
N VAL E 118 -4.74 -25.22 52.22
CA VAL E 118 -4.00 -25.22 50.96
C VAL E 118 -2.75 -26.09 51.13
N HIS E 119 -2.22 -26.57 50.02
CA HIS E 119 -1.01 -27.38 50.05
C HIS E 119 -0.25 -27.20 48.74
N ILE E 120 1.03 -27.53 48.77
CA ILE E 120 1.92 -27.36 47.62
C ILE E 120 1.98 -28.65 46.83
N VAL E 121 2.10 -28.52 45.51
CA VAL E 121 2.17 -29.70 44.65
C VAL E 121 3.49 -30.43 44.89
N THR E 122 3.44 -31.76 44.90
CA THR E 122 4.59 -32.60 45.16
C THR E 122 4.90 -33.47 43.95
N GLU E 123 6.02 -34.20 44.04
CA GLU E 123 6.49 -34.97 42.90
C GLU E 123 5.49 -36.04 42.46
N PRO E 124 5.01 -36.93 43.32
CA PRO E 124 4.01 -37.90 42.86
C PRO E 124 2.75 -37.24 42.32
N ASP E 125 2.34 -36.12 42.91
CA ASP E 125 1.13 -35.45 42.47
C ASP E 125 1.26 -34.97 41.03
N LEU E 126 2.42 -34.41 40.68
CA LEU E 126 2.65 -34.04 39.29
C LEU E 126 2.60 -35.27 38.39
N LYS E 127 3.16 -36.39 38.84
CA LYS E 127 3.09 -37.60 38.04
C LYS E 127 1.65 -38.01 37.82
N LYS E 128 0.82 -37.93 38.86
CA LYS E 128 -0.57 -38.37 38.74
C LYS E 128 -1.31 -37.53 37.70
N ILE E 129 -1.24 -36.21 37.82
CA ILE E 129 -1.91 -35.34 36.84
C ILE E 129 -1.33 -35.55 35.46
N TYR E 130 0.00 -35.55 35.35
CA TYR E 130 0.63 -35.70 34.05
C TYR E 130 0.81 -37.16 33.64
N GLY E 131 0.61 -38.10 34.55
CA GLY E 131 0.68 -39.49 34.18
C GLY E 131 -0.49 -39.91 33.31
N THR E 132 -0.28 -40.94 32.51
CA THR E 132 -1.31 -41.46 31.63
C THR E 132 -1.00 -42.91 31.30
N GLN E 133 -1.99 -43.77 31.44
CA GLN E 133 -1.83 -45.19 31.11
C GLN E 133 -2.14 -45.49 29.65
N ASN E 134 -2.70 -44.53 28.91
CA ASN E 134 -2.97 -44.75 27.51
C ASN E 134 -1.67 -44.83 26.73
N LYS E 135 -1.64 -45.69 25.71
CA LYS E 135 -0.46 -45.92 24.91
C LYS E 135 -0.34 -44.98 23.71
N LYS E 136 -1.37 -44.17 23.45
CA LYS E 136 -1.31 -43.24 22.33
C LYS E 136 -0.32 -42.11 22.58
N TYR E 137 -0.07 -41.77 23.83
CA TYR E 137 0.72 -40.59 24.18
C TYR E 137 2.20 -40.87 24.03
N ILE E 138 2.97 -39.79 23.85
CA ILE E 138 4.40 -39.86 23.62
C ILE E 138 5.07 -38.78 24.46
N SER E 139 6.33 -39.01 24.82
CA SER E 139 7.11 -38.03 25.55
C SER E 139 7.98 -37.26 24.57
N LEU E 140 7.73 -35.96 24.45
CA LEU E 140 8.50 -35.08 23.59
C LEU E 140 9.34 -34.07 24.36
N GLY E 141 9.15 -33.95 25.66
CA GLY E 141 9.92 -33.00 26.44
C GLY E 141 9.73 -33.24 27.92
N ASN E 142 10.20 -32.28 28.71
CA ASN E 142 10.08 -32.33 30.16
C ASN E 142 9.54 -31.00 30.67
N ILE E 143 8.82 -31.06 31.77
CA ILE E 143 8.26 -29.85 32.37
C ILE E 143 9.36 -29.06 33.07
N ALA E 144 9.11 -27.77 33.27
CA ALA E 144 10.12 -26.89 33.85
C ALA E 144 10.43 -27.27 35.29
N SER E 145 9.40 -27.59 36.09
CA SER E 145 9.61 -27.82 37.51
C SER E 145 10.59 -28.97 37.77
N VAL E 146 10.23 -30.17 37.32
CA VAL E 146 11.06 -31.36 37.51
C VAL E 146 11.28 -32.00 36.14
N ASP E 147 12.54 -32.15 35.77
CA ASP E 147 12.88 -32.73 34.46
C ASP E 147 12.55 -34.22 34.39
N SER E 148 12.31 -34.87 35.53
CA SER E 148 11.98 -36.29 35.55
C SER E 148 10.58 -36.57 35.02
N ILE E 149 9.78 -35.54 34.77
CA ILE E 149 8.39 -35.72 34.36
C ILE E 149 8.36 -35.80 32.83
N PRO E 150 7.98 -36.94 32.26
CA PRO E 150 7.81 -36.99 30.81
C PRO E 150 6.66 -36.11 30.38
N ALA E 151 6.75 -35.59 29.14
CA ALA E 151 5.73 -34.70 28.59
C ALA E 151 4.89 -35.52 27.62
N LEU E 152 3.89 -36.19 28.18
CA LEU E 152 3.01 -37.05 27.38
C LEU E 152 2.13 -36.16 26.51
N VAL E 153 2.51 -36.01 25.24
CA VAL E 153 1.75 -35.22 24.28
C VAL E 153 1.17 -36.16 23.24
N ASN E 154 -0.15 -36.11 23.08
CA ASN E 154 -0.84 -37.09 22.25
C ASN E 154 -0.31 -37.05 20.83
N ILE E 155 -0.56 -38.15 20.10
CA ILE E 155 -0.18 -38.28 18.70
C ILE E 155 -1.39 -38.52 17.81
N ASP E 156 -2.33 -39.36 18.23
CA ASP E 156 -3.53 -39.56 17.43
C ASP E 156 -4.22 -38.24 17.16
N THR E 157 -4.13 -37.30 18.09
CA THR E 157 -4.71 -35.98 17.93
C THR E 157 -3.73 -34.99 17.30
N LEU E 158 -2.44 -35.12 17.58
CA LEU E 158 -1.44 -34.21 17.03
C LEU E 158 -1.34 -34.34 15.52
N VAL E 159 -1.49 -35.55 14.99
CA VAL E 159 -1.37 -35.77 13.55
C VAL E 159 -2.67 -35.55 12.81
N THR E 160 -3.81 -35.55 13.50
CA THR E 160 -5.10 -35.62 12.84
C THR E 160 -6.00 -34.43 13.13
N ARG E 161 -5.75 -33.66 14.19
CA ARG E 161 -6.49 -32.40 14.29
C ARG E 161 -5.82 -31.34 13.42
N HIS E 162 -4.70 -30.79 13.89
CA HIS E 162 -3.57 -30.22 13.15
C HIS E 162 -2.63 -29.55 14.15
N SER E 163 -1.49 -29.06 13.67
CA SER E 163 -0.47 -28.48 14.53
C SER E 163 0.12 -27.25 13.87
N ALA E 164 0.84 -26.47 14.66
CA ALA E 164 1.55 -25.29 14.15
C ALA E 164 2.53 -24.81 15.19
N VAL E 165 3.74 -24.47 14.75
CA VAL E 165 4.80 -23.97 15.62
C VAL E 165 4.98 -22.48 15.31
N LEU E 166 4.97 -21.66 16.36
CA LEU E 166 5.07 -20.22 16.21
C LEU E 166 6.05 -19.68 17.24
N GLY E 167 6.63 -18.53 16.91
CA GLY E 167 7.59 -17.90 17.79
C GLY E 167 8.40 -16.86 17.04
N SER E 168 9.45 -16.39 17.71
CA SER E 168 10.35 -15.42 17.12
C SER E 168 11.30 -16.15 16.16
N THR E 169 12.36 -15.46 15.73
CA THR E 169 13.25 -15.98 14.71
C THR E 169 14.43 -16.77 15.28
N GLY E 170 15.00 -16.31 16.38
CA GLY E 170 16.14 -17.00 16.98
C GLY E 170 15.74 -17.87 18.15
N SER E 171 14.46 -18.20 18.23
CA SER E 171 13.91 -18.92 19.37
C SER E 171 14.14 -20.42 19.31
N GLY E 172 14.52 -20.96 18.17
CA GLY E 172 14.73 -22.39 18.05
C GLY E 172 13.52 -23.14 17.56
N LYS E 173 12.99 -22.73 16.40
CA LYS E 173 11.87 -23.44 15.83
C LYS E 173 12.29 -24.72 15.14
N SER E 174 13.43 -24.71 14.43
CA SER E 174 13.90 -25.93 13.78
C SER E 174 14.52 -26.90 14.77
N THR E 175 15.25 -26.39 15.76
CA THR E 175 15.77 -27.25 16.81
C THR E 175 14.66 -27.85 17.65
N THR E 176 13.49 -27.20 17.71
CA THR E 176 12.33 -27.72 18.41
C THR E 176 11.36 -28.47 17.50
N VAL E 177 11.49 -28.33 16.19
CA VAL E 177 10.65 -29.08 15.26
C VAL E 177 11.31 -30.38 14.78
N THR E 178 12.63 -30.45 14.80
CA THR E 178 13.29 -31.69 14.40
C THR E 178 13.08 -32.77 15.45
N SER E 179 13.29 -32.44 16.73
CA SER E 179 13.16 -33.45 17.77
C SER E 179 11.74 -33.98 17.84
N ILE E 180 10.76 -33.10 17.72
CA ILE E 180 9.37 -33.54 17.65
C ILE E 180 9.17 -34.46 16.45
N LEU E 181 9.87 -34.19 15.35
CA LEU E 181 9.79 -35.02 14.16
C LEU E 181 10.82 -36.14 14.16
N GLN E 182 11.61 -36.27 15.22
CA GLN E 182 12.60 -37.33 15.35
C GLN E 182 12.21 -38.40 16.35
N ARG E 183 11.45 -38.05 17.39
CA ARG E 183 10.93 -39.06 18.30
C ARG E 183 9.68 -39.72 17.74
N ILE E 184 8.97 -39.04 16.84
CA ILE E 184 7.80 -39.62 16.22
C ILE E 184 8.20 -40.68 15.19
N SER E 185 9.32 -40.50 14.52
CA SER E 185 9.74 -41.37 13.43
C SER E 185 10.74 -42.42 13.86
N ASP E 186 10.76 -42.78 15.15
CA ASP E 186 11.65 -43.83 15.61
C ASP E 186 11.25 -45.17 15.00
N MET E 187 12.25 -46.03 14.80
CA MET E 187 12.04 -47.31 14.14
C MET E 187 11.69 -48.43 15.12
N SER E 188 11.84 -48.21 16.42
CA SER E 188 11.53 -49.25 17.40
C SER E 188 10.10 -49.18 17.90
N GLN E 189 9.41 -48.06 17.74
CA GLN E 189 8.04 -47.92 18.17
C GLN E 189 7.05 -47.73 17.02
N PHE E 190 7.46 -47.06 15.94
CA PHE E 190 6.59 -46.79 14.80
C PHE E 190 7.31 -47.23 13.52
N PRO E 191 7.47 -48.53 13.32
CA PRO E 191 8.20 -49.02 12.14
C PRO E 191 7.49 -48.75 10.82
N SER E 192 6.30 -48.15 10.83
CA SER E 192 5.57 -47.85 9.61
C SER E 192 5.22 -46.37 9.53
N ALA E 193 6.07 -45.51 10.09
CA ALA E 193 5.80 -44.08 10.09
C ALA E 193 5.74 -43.54 8.67
N ARG E 194 5.44 -42.25 8.53
CA ARG E 194 5.35 -41.62 7.21
C ARG E 194 5.36 -40.12 7.44
N ILE E 195 6.33 -39.42 6.86
CA ILE E 195 6.51 -38.00 7.13
C ILE E 195 7.13 -37.34 5.90
N ILE E 196 6.81 -36.05 5.73
CA ILE E 196 7.41 -35.23 4.69
C ILE E 196 7.78 -33.89 5.33
N VAL E 197 8.75 -33.22 4.74
CA VAL E 197 9.21 -31.93 5.24
C VAL E 197 9.38 -30.97 4.06
N PHE E 198 8.88 -29.76 4.23
CA PHE E 198 9.03 -28.67 3.26
C PHE E 198 9.95 -27.65 3.90
N ASP E 199 11.26 -27.85 3.71
CA ASP E 199 12.26 -26.90 4.20
C ASP E 199 12.81 -26.11 3.01
N ILE E 200 12.81 -24.79 3.15
CA ILE E 200 13.20 -23.90 2.07
C ILE E 200 14.63 -23.39 2.22
N HIS E 201 15.18 -23.37 3.43
CA HIS E 201 16.58 -23.03 3.63
C HIS E 201 17.51 -24.24 3.49
N GLY E 202 16.96 -25.45 3.40
CA GLY E 202 17.78 -26.64 3.31
C GLY E 202 18.66 -26.84 4.53
N GLU E 203 18.09 -26.71 5.72
CA GLU E 203 18.87 -26.76 6.97
C GLU E 203 18.48 -27.95 7.84
N TYR E 204 17.82 -28.96 7.29
CA TYR E 204 17.51 -30.17 8.04
C TYR E 204 18.32 -31.38 7.60
N ALA E 205 18.84 -31.37 6.37
CA ALA E 205 19.58 -32.53 5.87
C ALA E 205 20.78 -32.85 6.76
N ALA E 206 21.31 -31.86 7.47
CA ALA E 206 22.43 -32.14 8.37
C ALA E 206 21.99 -32.88 9.62
N ALA E 207 20.74 -32.70 10.04
CA ALA E 207 20.27 -33.33 11.26
C ALA E 207 20.21 -34.85 11.11
N PHE E 208 19.59 -35.33 10.03
CA PHE E 208 19.41 -36.75 9.81
C PHE E 208 20.55 -37.25 8.94
N LYS E 209 21.56 -37.85 9.58
CA LYS E 209 22.71 -38.34 8.83
C LYS E 209 22.30 -39.46 7.86
N GLY E 210 21.61 -40.47 8.36
CA GLY E 210 21.22 -41.60 7.54
C GLY E 210 19.81 -42.08 7.80
N LYS E 211 18.93 -41.16 8.19
CA LYS E 211 17.54 -41.47 8.48
C LYS E 211 16.57 -40.75 7.54
N ALA E 212 17.08 -40.01 6.57
CA ALA E 212 16.26 -39.21 5.68
C ALA E 212 16.69 -39.42 4.24
N LYS E 213 15.78 -39.14 3.31
CA LYS E 213 16.05 -39.22 1.88
C LYS E 213 15.96 -37.78 1.35
N VAL E 214 17.06 -37.06 1.46
CA VAL E 214 17.06 -35.63 1.15
C VAL E 214 17.11 -35.46 -0.36
N TYR E 215 16.16 -34.71 -0.91
CA TYR E 215 16.15 -34.34 -2.31
C TYR E 215 16.44 -32.85 -2.43
N LYS E 216 17.09 -32.47 -3.52
CA LYS E 216 17.45 -31.07 -3.73
C LYS E 216 17.71 -30.88 -5.21
N VAL E 217 18.20 -29.70 -5.58
CA VAL E 217 18.45 -29.38 -6.98
C VAL E 217 19.81 -29.88 -7.43
N THR E 218 20.86 -29.59 -6.68
CA THR E 218 22.19 -30.07 -7.02
C THR E 218 22.37 -31.49 -6.49
N PRO E 219 22.52 -32.49 -7.37
CA PRO E 219 22.71 -33.86 -6.88
C PRO E 219 24.03 -34.01 -6.15
N SER E 220 24.05 -34.94 -5.20
CA SER E 220 25.24 -35.20 -4.41
C SER E 220 25.61 -36.68 -4.46
N ASN E 221 26.54 -37.11 -3.60
CA ASN E 221 27.00 -38.48 -3.63
C ASN E 221 25.86 -39.46 -3.44
N ASN E 222 25.00 -39.22 -2.45
CA ASN E 222 23.90 -40.12 -2.13
C ASN E 222 22.57 -39.43 -1.95
N GLU E 223 22.49 -38.12 -2.15
CA GLU E 223 21.26 -37.36 -2.01
C GLU E 223 20.65 -37.18 -3.40
N LEU E 224 19.53 -37.83 -3.64
CA LEU E 224 18.88 -37.73 -4.93
C LEU E 224 18.49 -36.29 -5.20
N LYS E 225 18.02 -36.04 -6.42
CA LYS E 225 17.66 -34.70 -6.88
C LYS E 225 16.15 -34.60 -7.01
N LEU E 226 15.57 -33.63 -6.32
CA LEU E 226 14.13 -33.43 -6.38
C LEU E 226 13.68 -33.28 -7.83
N SER E 227 12.69 -34.08 -8.21
CA SER E 227 12.19 -34.11 -9.58
C SER E 227 10.67 -34.05 -9.56
N ILE E 228 10.12 -33.12 -10.34
CA ILE E 228 8.68 -32.86 -10.35
C ILE E 228 8.21 -32.91 -11.80
N PRO E 229 7.95 -34.09 -12.35
CA PRO E 229 7.66 -34.19 -13.79
C PRO E 229 6.64 -33.17 -14.27
N TYR E 230 7.04 -32.36 -15.26
CA TYR E 230 6.21 -31.26 -15.72
C TYR E 230 4.86 -31.72 -16.25
N TRP E 231 4.75 -32.97 -16.69
CA TRP E 231 3.48 -33.50 -17.15
C TRP E 231 2.64 -34.08 -16.03
N ALA E 232 3.12 -34.02 -14.79
CA ALA E 232 2.35 -34.42 -13.62
C ALA E 232 1.60 -33.24 -13.00
N LEU E 233 1.16 -32.29 -13.82
CA LEU E 233 0.51 -31.08 -13.36
C LEU E 233 -0.85 -30.93 -14.03
N THR E 234 -1.75 -30.24 -13.34
CA THR E 234 -3.06 -29.94 -13.89
C THR E 234 -2.96 -28.76 -14.85
N CYS E 235 -3.97 -28.64 -15.71
CA CYS E 235 -3.89 -27.67 -16.79
C CYS E 235 -3.69 -26.24 -16.25
N ASP E 236 -4.45 -25.87 -15.23
CA ASP E 236 -4.37 -24.50 -14.73
C ASP E 236 -2.99 -24.20 -14.15
N GLU E 237 -2.44 -25.13 -13.35
CA GLU E 237 -1.15 -24.87 -12.72
C GLU E 237 -0.02 -24.82 -13.74
N PHE E 238 -0.08 -25.67 -14.76
CA PHE E 238 1.00 -25.70 -15.75
C PHE E 238 1.11 -24.36 -16.47
N LEU E 239 -0.03 -23.76 -16.83
CA LEU E 239 0.00 -22.45 -17.47
C LEU E 239 0.62 -21.41 -16.55
N SER E 240 0.34 -21.49 -15.24
CA SER E 240 0.83 -20.48 -14.33
C SER E 240 2.34 -20.59 -14.11
N VAL E 241 2.86 -21.81 -13.98
CA VAL E 241 4.27 -21.98 -13.67
C VAL E 241 5.15 -21.54 -14.84
N ALA E 242 4.76 -21.90 -16.06
CA ALA E 242 5.59 -21.65 -17.23
C ALA E 242 5.30 -20.29 -17.85
N PHE E 243 4.08 -20.07 -18.30
CA PHE E 243 3.75 -18.86 -19.05
C PHE E 243 3.51 -17.65 -18.17
N GLY E 244 3.37 -17.84 -16.86
CA GLY E 244 3.11 -16.71 -15.99
C GLY E 244 1.70 -16.15 -16.08
N GLY E 245 0.82 -16.78 -16.84
CA GLY E 245 -0.57 -16.37 -16.89
C GLY E 245 -0.99 -15.77 -18.21
N LEU E 246 -1.72 -16.55 -19.01
CA LEU E 246 -2.32 -16.07 -20.24
C LEU E 246 -3.83 -15.99 -20.08
N GLU E 247 -4.44 -15.03 -20.79
CA GLU E 247 -5.86 -14.76 -20.61
C GLU E 247 -6.62 -14.83 -21.92
N GLY E 248 -5.98 -14.45 -23.03
CA GLY E 248 -6.68 -14.32 -24.29
C GLY E 248 -6.77 -15.61 -25.07
N SER E 249 -6.49 -15.53 -26.37
CA SER E 249 -6.53 -16.72 -27.22
C SER E 249 -5.37 -17.67 -26.94
N GLY E 250 -4.26 -17.17 -26.42
CA GLY E 250 -3.14 -18.05 -26.12
C GLY E 250 -3.48 -19.09 -25.07
N ARG E 251 -4.11 -18.66 -23.98
CA ARG E 251 -4.60 -19.63 -23.00
C ARG E 251 -5.59 -20.58 -23.64
N ASN E 252 -6.42 -20.09 -24.57
CA ASN E 252 -7.38 -20.93 -25.26
C ASN E 252 -6.69 -21.88 -26.23
N ALA E 253 -5.68 -21.40 -26.95
CA ALA E 253 -5.04 -22.20 -27.99
C ALA E 253 -4.16 -23.29 -27.41
N LEU E 254 -3.39 -22.98 -26.36
CA LEU E 254 -2.45 -23.96 -25.81
C LEU E 254 -3.17 -25.21 -25.36
N ILE E 255 -4.30 -25.05 -24.66
CA ILE E 255 -5.03 -26.22 -24.16
C ILE E 255 -5.43 -27.12 -25.31
N ASP E 256 -5.85 -26.53 -26.44
CA ASP E 256 -6.15 -27.33 -27.62
C ASP E 256 -4.92 -28.13 -28.04
N LYS E 257 -3.72 -27.56 -27.89
CA LYS E 257 -2.52 -28.29 -28.23
C LYS E 257 -2.20 -29.35 -27.18
N ILE E 258 -2.36 -29.02 -25.89
CA ILE E 258 -2.13 -30.02 -24.85
C ILE E 258 -3.09 -31.19 -25.03
N TYR E 259 -4.35 -30.90 -25.32
CA TYR E 259 -5.31 -31.96 -25.56
C TYR E 259 -4.87 -32.84 -26.72
N GLU E 260 -4.44 -32.23 -27.82
CA GLU E 260 -4.03 -33.02 -28.97
C GLU E 260 -2.91 -34.00 -28.59
N LEU E 261 -1.85 -33.50 -27.96
CA LEU E 261 -0.71 -34.35 -27.67
C LEU E 261 -1.09 -35.49 -26.74
N LYS E 262 -1.80 -35.19 -25.64
CA LYS E 262 -2.22 -36.25 -24.74
C LYS E 262 -3.20 -37.21 -25.40
N LEU E 263 -3.89 -36.78 -26.46
CA LEU E 263 -4.63 -37.72 -27.29
C LEU E 263 -3.68 -38.57 -28.15
N GLN E 264 -2.68 -37.93 -28.75
CA GLN E 264 -1.78 -38.67 -29.65
C GLN E 264 -1.00 -39.74 -28.88
N THR E 265 -0.56 -39.42 -27.67
CA THR E 265 0.13 -40.42 -26.87
C THR E 265 -0.79 -41.59 -26.54
N LEU E 266 -2.05 -41.31 -26.20
CA LEU E 266 -2.97 -42.37 -25.80
C LEU E 266 -3.22 -43.35 -26.95
N LYS E 267 -3.46 -42.84 -28.15
CA LYS E 267 -3.66 -43.75 -29.28
C LYS E 267 -2.40 -44.56 -29.55
N ARG E 268 -1.24 -44.01 -29.21
CA ARG E 268 0.04 -44.62 -29.51
C ARG E 268 0.55 -45.54 -28.41
N GLN E 269 0.00 -45.46 -27.19
CA GLN E 269 0.45 -46.31 -26.10
C GLN E 269 -0.74 -46.62 -25.21
N GLU E 270 -0.63 -47.70 -24.45
CA GLU E 270 -1.73 -48.24 -23.66
C GLU E 270 -1.69 -47.68 -22.24
N TYR E 271 -2.77 -47.05 -21.83
CA TYR E 271 -3.00 -46.64 -20.44
C TYR E 271 -4.34 -47.20 -20.01
N GLU E 272 -4.34 -47.99 -18.93
CA GLU E 272 -5.49 -48.80 -18.58
C GLU E 272 -6.62 -47.92 -18.01
N GLY E 273 -7.77 -47.94 -18.68
CA GLY E 273 -8.94 -47.25 -18.19
C GLY E 273 -9.27 -45.99 -18.97
N ILE E 274 -8.25 -45.25 -19.37
CA ILE E 274 -8.45 -43.95 -20.02
C ILE E 274 -8.77 -44.18 -21.49
N ASN E 275 -9.84 -43.54 -21.96
CA ASN E 275 -10.25 -43.58 -23.35
C ASN E 275 -10.38 -42.15 -23.87
N GLU E 276 -10.81 -42.04 -25.13
CA GLU E 276 -11.03 -40.72 -25.74
C GLU E 276 -12.20 -39.98 -25.12
N ASP E 277 -13.02 -40.64 -24.31
CA ASP E 277 -14.11 -39.97 -23.59
C ASP E 277 -13.79 -39.74 -22.12
N SER E 278 -13.03 -40.63 -21.49
CA SER E 278 -12.67 -40.49 -20.09
C SER E 278 -11.42 -39.65 -19.88
N LEU E 279 -10.81 -39.16 -20.95
CA LEU E 279 -9.60 -38.35 -20.85
C LEU E 279 -9.96 -36.88 -20.68
N THR E 280 -9.53 -36.28 -19.58
CA THR E 280 -9.60 -34.85 -19.37
C THR E 280 -8.19 -34.28 -19.37
N VAL E 281 -8.10 -32.97 -19.61
CA VAL E 281 -6.80 -32.35 -19.84
C VAL E 281 -5.88 -32.49 -18.64
N ASP E 282 -6.42 -32.71 -17.44
CA ASP E 282 -5.59 -32.77 -16.23
C ASP E 282 -5.34 -34.20 -15.75
N THR E 283 -5.44 -35.18 -16.64
CA THR E 283 -5.04 -36.54 -16.31
C THR E 283 -3.53 -36.67 -16.51
N PRO E 284 -2.76 -37.09 -15.50
CA PRO E 284 -1.30 -37.11 -15.66
C PRO E 284 -0.82 -38.20 -16.61
N ILE E 285 -0.90 -37.93 -17.91
CA ILE E 285 -0.43 -38.83 -18.95
C ILE E 285 0.69 -38.13 -19.69
N PRO E 286 1.85 -38.75 -19.87
CA PRO E 286 3.02 -38.00 -20.35
C PRO E 286 2.84 -37.43 -21.75
N PHE E 287 3.46 -36.28 -21.97
CA PHE E 287 3.52 -35.63 -23.27
C PHE E 287 4.80 -34.82 -23.33
N SER E 288 5.23 -34.48 -24.54
CA SER E 288 6.50 -33.80 -24.74
C SER E 288 6.30 -32.29 -24.78
N ILE E 289 6.93 -31.58 -23.83
CA ILE E 289 6.89 -30.12 -23.86
C ILE E 289 7.65 -29.61 -25.09
N HIS E 290 8.74 -30.28 -25.45
CA HIS E 290 9.52 -29.84 -26.59
C HIS E 290 8.69 -29.88 -27.88
N LYS E 291 7.92 -30.94 -28.07
CA LYS E 291 7.05 -31.00 -29.24
C LYS E 291 6.04 -29.86 -29.22
N LEU E 292 5.47 -29.59 -28.04
CA LEU E 292 4.50 -28.50 -27.93
C LEU E 292 5.09 -27.18 -28.39
N TRP E 293 6.24 -26.81 -27.83
CA TRP E 293 6.85 -25.53 -28.18
C TRP E 293 7.32 -25.54 -29.63
N PHE E 294 7.99 -26.62 -30.05
CA PHE E 294 8.59 -26.63 -31.38
C PHE E 294 7.54 -26.56 -32.47
N ASP E 295 6.53 -27.44 -32.41
CA ASP E 295 5.51 -27.44 -33.45
C ASP E 295 4.73 -26.13 -33.47
N LEU E 296 4.24 -25.72 -32.30
CA LEU E 296 3.41 -24.51 -32.25
C LEU E 296 4.21 -23.29 -32.67
N TYR E 297 5.46 -23.18 -32.21
CA TYR E 297 6.28 -22.04 -32.59
C TYR E 297 6.70 -22.12 -34.06
N ARG E 298 7.07 -23.30 -34.53
CA ARG E 298 7.47 -23.44 -35.94
C ARG E 298 6.32 -23.07 -36.86
N ALA E 299 5.11 -23.57 -36.58
CA ALA E 299 3.95 -23.17 -37.37
C ALA E 299 3.64 -21.69 -37.19
N GLU E 300 4.12 -21.08 -36.11
CA GLU E 300 3.94 -19.64 -35.92
C GLU E 300 4.95 -18.82 -36.71
N ILE E 301 6.03 -19.45 -37.17
CA ILE E 301 7.05 -18.78 -37.97
C ILE E 301 7.36 -19.72 -39.14
N SER E 302 6.73 -19.46 -40.28
CA SER E 302 6.89 -20.32 -41.45
C SER E 302 6.66 -19.48 -42.70
N THR E 303 7.06 -20.04 -43.84
CA THR E 303 6.96 -19.37 -45.13
C THR E 303 6.26 -20.29 -46.12
N HIS E 304 5.13 -19.83 -46.66
CA HIS E 304 4.42 -20.53 -47.71
C HIS E 304 4.68 -19.78 -49.02
N TYR E 305 5.54 -20.36 -49.87
CA TYR E 305 5.87 -19.71 -51.13
C TYR E 305 4.63 -19.56 -52.02
N VAL E 306 3.80 -20.60 -52.06
CA VAL E 306 2.58 -20.56 -52.87
C VAL E 306 1.54 -19.71 -52.15
N GLN E 307 1.13 -18.61 -52.78
CA GLN E 307 0.17 -17.71 -52.16
C GLN E 307 -1.16 -18.43 -51.93
N GLY E 308 -1.80 -18.13 -50.81
CA GLY E 308 -3.08 -18.72 -50.48
C GLY E 308 -3.01 -20.13 -49.94
N SER E 309 -1.82 -20.66 -49.69
CA SER E 309 -1.65 -22.02 -49.20
C SER E 309 -1.00 -21.99 -47.82
N HIS E 310 -1.37 -22.96 -46.98
CA HIS E 310 -0.84 -23.07 -45.63
C HIS E 310 -0.16 -24.40 -45.36
N SER E 311 -0.07 -25.29 -46.34
CA SER E 311 0.51 -26.61 -46.11
C SER E 311 2.00 -26.49 -45.81
N GLU E 312 2.48 -27.44 -44.99
CA GLU E 312 3.88 -27.42 -44.58
C GLU E 312 4.83 -27.62 -45.75
N GLU E 313 4.38 -28.26 -46.83
CA GLU E 313 5.25 -28.50 -47.98
C GLU E 313 5.72 -27.20 -48.63
N ASN E 314 5.01 -26.10 -48.38
CA ASN E 314 5.39 -24.80 -48.95
C ASN E 314 6.53 -24.13 -48.19
N GLU E 315 7.26 -24.86 -47.36
CA GLU E 315 8.31 -24.28 -46.55
C GLU E 315 9.52 -23.93 -47.42
N ALA E 316 9.54 -22.71 -47.96
CA ALA E 316 10.65 -22.24 -48.77
C ALA E 316 11.73 -21.61 -47.91
N LEU E 317 12.21 -22.36 -46.92
CA LEU E 317 13.26 -21.86 -46.05
C LEU E 317 14.57 -21.76 -46.82
N LEU E 318 15.33 -20.70 -46.52
CA LEU E 318 16.62 -20.50 -47.18
C LEU E 318 17.54 -21.68 -46.90
N LEU E 319 18.20 -22.18 -47.94
CA LEU E 319 19.11 -23.30 -47.84
C LEU E 319 20.49 -22.89 -48.34
N GLY E 320 21.52 -23.33 -47.63
CA GLY E 320 22.88 -22.96 -48.01
C GLY E 320 23.28 -23.55 -49.34
N GLU E 321 24.27 -22.90 -49.97
CA GLU E 321 24.77 -23.38 -51.26
C GLU E 321 25.30 -24.80 -51.19
N ASP E 322 25.68 -25.27 -50.00
CA ASP E 322 26.12 -26.65 -49.84
C ASP E 322 25.03 -27.65 -50.21
N GLY E 323 23.77 -27.23 -50.20
CA GLY E 323 22.67 -28.09 -50.59
C GLY E 323 21.69 -28.33 -49.47
N ASN E 324 22.21 -28.61 -48.28
CA ASN E 324 21.38 -28.81 -47.11
C ASN E 324 20.88 -27.48 -46.57
N PRO E 325 19.75 -27.47 -45.88
CA PRO E 325 19.26 -26.21 -45.30
C PRO E 325 20.28 -25.62 -44.34
N VAL E 326 20.35 -24.29 -44.33
CA VAL E 326 21.32 -23.60 -43.47
C VAL E 326 21.05 -23.93 -42.01
N GLN E 327 19.78 -23.91 -41.61
CA GLN E 327 19.37 -24.21 -40.23
C GLN E 327 18.18 -25.16 -40.31
N LYS E 328 18.49 -26.46 -40.31
CA LYS E 328 17.43 -27.46 -40.26
C LYS E 328 16.62 -27.34 -38.97
N GLY E 329 17.30 -27.12 -37.85
CA GLY E 329 16.65 -26.96 -36.58
C GLY E 329 16.45 -28.28 -35.85
N ASP E 330 16.31 -28.18 -34.53
CA ASP E 330 16.08 -29.34 -33.68
C ASP E 330 14.96 -29.04 -32.70
N SER E 331 14.21 -30.08 -32.34
CA SER E 331 13.13 -29.96 -31.37
C SER E 331 13.60 -30.21 -29.95
N LEU E 332 14.38 -31.28 -29.74
CA LEU E 332 14.96 -31.52 -28.43
C LEU E 332 15.75 -30.30 -27.96
N LYS E 333 16.65 -29.81 -28.80
CA LYS E 333 17.21 -28.49 -28.57
C LYS E 333 16.16 -27.43 -28.93
N VAL E 334 16.34 -26.24 -28.40
CA VAL E 334 15.36 -25.18 -28.58
C VAL E 334 15.79 -24.18 -29.66
N VAL E 335 16.64 -24.61 -30.59
CA VAL E 335 17.03 -23.76 -31.71
C VAL E 335 15.86 -23.73 -32.70
N PRO E 336 15.22 -22.58 -32.91
CA PRO E 336 14.10 -22.52 -33.86
C PRO E 336 14.61 -22.49 -35.29
N PRO E 337 13.99 -23.25 -36.20
CA PRO E 337 14.39 -23.17 -37.61
C PRO E 337 14.12 -21.79 -38.19
N ILE E 338 14.99 -21.38 -39.11
CA ILE E 338 14.84 -20.11 -39.81
C ILE E 338 14.33 -20.37 -41.21
N TYR E 339 13.86 -19.31 -41.86
CA TYR E 339 13.29 -19.41 -43.19
C TYR E 339 13.56 -18.14 -43.96
N MET E 340 13.49 -18.24 -45.29
CA MET E 340 13.76 -17.11 -46.15
C MET E 340 12.69 -16.04 -45.97
N PRO E 341 13.04 -14.76 -46.16
CA PRO E 341 12.06 -13.69 -45.97
C PRO E 341 10.89 -13.81 -46.93
N HIS E 342 9.73 -13.37 -46.48
CA HIS E 342 8.52 -13.39 -47.31
C HIS E 342 7.62 -12.20 -46.99
N TYR E 352 5.71 -16.29 -49.11
CA TYR E 352 4.58 -15.68 -48.41
C TYR E 352 4.46 -16.26 -47.00
N LEU E 353 4.23 -15.40 -46.01
CA LEU E 353 4.08 -15.84 -44.59
C LEU E 353 2.88 -16.78 -44.46
N SER E 354 3.08 -17.93 -43.81
CA SER E 354 1.98 -18.70 -43.18
C SER E 354 1.31 -17.81 -42.12
N ASN E 355 -0.01 -17.89 -41.95
CA ASN E 355 -0.76 -16.98 -41.03
C ASN E 355 -1.49 -17.77 -39.94
N ARG E 356 -1.44 -19.11 -39.95
CA ARG E 356 -2.05 -19.89 -38.89
C ARG E 356 -1.43 -19.61 -37.52
N GLY E 357 -0.27 -18.98 -37.47
CA GLY E 357 0.32 -18.62 -36.20
C GLY E 357 -0.55 -17.60 -35.47
N LYS E 358 -0.86 -17.89 -34.22
CA LYS E 358 -1.71 -17.01 -33.42
C LYS E 358 -0.88 -15.87 -32.86
N ASN E 359 -1.43 -15.15 -31.88
CA ASN E 359 -0.76 -14.00 -31.28
C ASN E 359 0.14 -14.43 -30.13
N ILE E 360 0.63 -15.67 -30.20
CA ILE E 360 1.37 -16.28 -29.11
C ILE E 360 2.87 -16.20 -29.39
N ARG E 361 3.28 -15.23 -30.20
CA ARG E 361 4.71 -15.10 -30.52
C ARG E 361 5.52 -14.80 -29.27
N LYS E 362 5.13 -13.77 -28.51
CA LYS E 362 5.88 -13.46 -27.29
C LYS E 362 5.73 -14.57 -26.25
N PRO E 363 4.53 -15.09 -25.96
CA PRO E 363 4.42 -16.14 -24.93
C PRO E 363 5.36 -17.31 -25.16
N LEU E 364 5.54 -17.75 -26.41
CA LEU E 364 6.46 -18.84 -26.69
C LEU E 364 7.92 -18.42 -26.45
N GLU E 365 8.24 -17.15 -26.69
CA GLU E 365 9.59 -16.67 -26.44
C GLU E 365 9.92 -16.78 -24.96
N GLY E 366 8.97 -16.47 -24.08
CA GLY E 366 9.20 -16.63 -22.65
C GLY E 366 9.36 -18.09 -22.25
N LEU E 367 8.59 -18.98 -22.87
CA LEU E 367 8.73 -20.40 -22.56
C LEU E 367 10.04 -20.97 -23.07
N ALA E 368 10.53 -20.48 -24.21
CA ALA E 368 11.79 -20.99 -24.74
C ALA E 368 12.94 -20.74 -23.78
N SER E 369 12.97 -19.56 -23.16
CA SER E 369 14.05 -19.23 -22.23
C SER E 369 14.05 -20.18 -21.04
N LEU E 370 12.87 -20.56 -20.57
CA LEU E 370 12.80 -21.43 -19.39
C LEU E 370 13.58 -22.72 -19.61
N LEU E 371 13.41 -23.34 -20.77
CA LEU E 371 14.08 -24.61 -21.04
C LEU E 371 15.59 -24.46 -21.04
N LYS E 372 16.10 -23.38 -21.65
CA LYS E 372 17.54 -23.19 -21.78
C LYS E 372 18.21 -22.81 -20.46
N ASP E 373 17.44 -22.52 -19.43
CA ASP E 373 18.01 -22.17 -18.13
C ASP E 373 18.22 -23.44 -17.32
N PRO E 374 19.44 -23.76 -16.89
CA PRO E 374 19.63 -24.98 -16.09
C PRO E 374 18.88 -24.96 -14.79
N ARG E 375 18.48 -23.79 -14.29
CA ARG E 375 17.75 -23.73 -13.03
C ARG E 375 16.36 -24.34 -13.16
N TYR E 376 15.78 -24.35 -14.35
CA TYR E 376 14.52 -25.03 -14.61
C TYR E 376 14.72 -26.45 -15.12
N GLU E 377 15.87 -27.05 -14.84
CA GLU E 377 16.14 -28.40 -15.32
C GLU E 377 15.35 -29.44 -14.54
N PHE E 378 15.14 -29.23 -13.24
CA PHE E 378 14.47 -30.24 -12.43
C PHE E 378 13.06 -30.52 -12.92
N LEU E 379 12.45 -29.58 -13.64
CA LEU E 379 11.04 -29.68 -14.00
C LEU E 379 10.83 -30.08 -15.46
N PHE E 380 11.56 -29.47 -16.39
CA PHE E 380 11.37 -29.74 -17.81
C PHE E 380 12.32 -30.80 -18.37
N ASN E 381 13.31 -31.23 -17.59
CA ASN E 381 14.22 -32.30 -17.98
C ASN E 381 14.42 -33.25 -16.81
N ALA E 382 13.32 -33.69 -16.22
CA ALA E 382 13.36 -34.62 -15.10
C ALA E 382 14.40 -35.70 -15.33
N ASP E 383 15.27 -35.89 -14.33
CA ASP E 383 16.43 -36.75 -14.51
C ASP E 383 16.02 -38.12 -15.05
N ASP E 384 14.98 -38.71 -14.47
CA ASP E 384 14.54 -40.05 -14.85
C ASP E 384 13.26 -40.06 -15.65
N TRP E 385 12.45 -39.01 -15.57
CA TRP E 385 11.17 -38.93 -16.28
C TRP E 385 11.26 -38.08 -17.55
N SER E 386 12.47 -37.75 -17.99
CA SER E 386 12.61 -36.93 -19.20
C SER E 386 11.81 -37.53 -20.34
N VAL E 387 10.91 -36.73 -20.90
CA VAL E 387 10.01 -37.19 -21.95
C VAL E 387 10.68 -37.02 -23.29
N ASN E 388 10.70 -38.09 -24.09
CA ASN E 388 11.30 -38.06 -25.40
C ASN E 388 10.38 -37.36 -26.39
N LEU E 389 10.83 -37.26 -27.65
CA LEU E 389 9.99 -36.69 -28.69
C LEU E 389 8.72 -37.51 -28.86
N ASP E 390 8.81 -38.82 -28.72
CA ASP E 390 7.69 -39.71 -28.96
C ASP E 390 6.81 -39.90 -27.73
N GLY E 391 7.17 -39.31 -26.59
CA GLY E 391 6.38 -39.45 -25.39
C GLY E 391 6.60 -40.78 -24.69
N LYS E 392 7.83 -41.02 -24.23
CA LYS E 392 8.17 -42.23 -23.50
C LYS E 392 9.05 -41.86 -22.31
N THR E 393 8.95 -42.65 -21.25
CA THR E 393 9.71 -42.41 -20.04
C THR E 393 10.31 -43.72 -19.54
N ASN E 394 11.39 -43.59 -18.78
CA ASN E 394 12.02 -44.77 -18.19
C ASN E 394 11.23 -45.28 -16.99
N LYS E 395 10.61 -44.39 -16.23
CA LYS E 395 9.87 -44.75 -15.04
C LYS E 395 8.54 -44.01 -15.00
N ASP E 396 7.49 -44.73 -14.61
CA ASP E 396 6.19 -44.14 -14.39
C ASP E 396 6.13 -43.48 -13.02
N LEU E 397 5.01 -42.80 -12.74
CA LEU E 397 4.86 -42.14 -11.44
C LEU E 397 4.95 -43.13 -10.28
N ASP E 398 4.71 -44.41 -10.53
CA ASP E 398 4.74 -45.39 -9.44
C ASP E 398 6.00 -45.24 -8.62
N ALA E 399 7.14 -45.15 -9.29
CA ALA E 399 8.40 -44.99 -8.57
C ALA E 399 8.50 -43.62 -7.89
N LEU E 400 7.89 -42.59 -8.48
CA LEU E 400 7.95 -41.27 -7.88
C LEU E 400 7.36 -41.30 -6.48
N LEU E 401 6.13 -41.78 -6.35
CA LEU E 401 5.51 -41.87 -5.04
C LEU E 401 6.26 -42.84 -4.14
N GLU E 402 6.67 -43.98 -4.69
CA GLU E 402 7.43 -44.95 -3.92
C GLU E 402 8.63 -44.28 -3.26
N THR E 403 9.32 -43.41 -3.99
CA THR E 403 10.46 -42.70 -3.43
C THR E 403 10.02 -41.68 -2.40
N TRP E 404 8.93 -40.96 -2.67
CA TRP E 404 8.49 -39.89 -1.78
C TRP E 404 7.96 -40.44 -0.46
N VAL E 405 7.07 -41.43 -0.53
CA VAL E 405 6.28 -41.85 0.63
C VAL E 405 6.32 -43.35 0.84
N GLY E 406 7.00 -44.12 0.00
CA GLY E 406 6.95 -45.56 0.08
C GLY E 406 8.32 -46.21 0.13
N SER E 407 9.38 -45.41 0.12
CA SER E 407 10.73 -45.95 0.21
C SER E 407 10.91 -46.66 1.55
N GLU E 408 12.06 -47.31 1.71
CA GLU E 408 12.36 -48.04 2.93
C GLU E 408 12.59 -47.15 4.14
N GLU E 409 12.40 -45.84 4.00
CA GLU E 409 12.76 -44.88 5.04
C GLU E 409 11.59 -43.95 5.31
N SER E 410 11.38 -43.61 6.58
CA SER E 410 10.22 -42.84 7.00
C SER E 410 10.20 -41.44 6.40
N ILE E 411 11.17 -40.61 6.79
CA ILE E 411 11.12 -39.19 6.46
C ILE E 411 11.52 -38.98 5.01
N SER E 412 10.86 -38.03 4.36
CA SER E 412 11.27 -37.51 3.07
C SER E 412 11.46 -36.01 3.21
N ILE E 413 12.59 -35.50 2.72
CA ILE E 413 12.92 -34.08 2.84
C ILE E 413 13.11 -33.53 1.44
N PHE E 414 12.29 -32.56 1.07
CA PHE E 414 12.44 -31.84 -0.19
C PHE E 414 13.11 -30.50 0.09
N ASP E 415 14.29 -30.29 -0.48
CA ASP E 415 14.99 -29.03 -0.33
C ASP E 415 14.56 -28.08 -1.44
N LEU E 416 14.13 -26.88 -1.05
CA LEU E 416 13.59 -25.90 -1.98
C LEU E 416 14.42 -24.62 -2.02
N SER E 417 15.61 -24.62 -1.43
CA SER E 417 16.43 -23.41 -1.44
C SER E 417 16.86 -23.04 -2.85
N GLY E 418 17.21 -24.04 -3.66
CA GLY E 418 17.69 -23.78 -5.00
C GLY E 418 16.62 -23.43 -6.01
N MET E 419 15.35 -23.46 -5.60
CA MET E 419 14.28 -23.12 -6.51
C MET E 419 14.35 -21.63 -6.85
N PRO E 420 14.05 -21.24 -8.09
CA PRO E 420 13.86 -19.82 -8.38
C PRO E 420 12.79 -19.23 -7.48
N SER E 421 13.14 -18.13 -6.80
CA SER E 421 12.23 -17.54 -5.82
C SER E 421 10.95 -17.03 -6.45
N SER E 422 10.92 -16.85 -7.77
CA SER E 422 9.75 -16.26 -8.41
C SER E 422 8.55 -17.21 -8.36
N ILE E 423 8.79 -18.52 -8.40
CA ILE E 423 7.71 -19.49 -8.41
C ILE E 423 7.78 -20.42 -7.21
N LEU E 424 8.57 -20.08 -6.19
CA LEU E 424 8.66 -20.94 -5.03
C LEU E 424 7.29 -21.18 -4.41
N ASP E 425 6.40 -20.20 -4.49
CA ASP E 425 5.05 -20.37 -3.96
C ASP E 425 4.26 -21.38 -4.79
N THR E 426 4.33 -21.27 -6.11
CA THR E 426 3.52 -22.14 -6.97
C THR E 426 3.94 -23.61 -6.88
N LEU E 427 5.20 -23.89 -6.52
CA LEU E 427 5.60 -25.29 -6.37
C LEU E 427 4.94 -25.93 -5.15
N ILE E 428 4.80 -25.20 -4.04
CA ILE E 428 4.23 -25.79 -2.85
C ILE E 428 2.82 -26.32 -3.13
N GLY E 429 2.01 -25.51 -3.81
CA GLY E 429 0.67 -25.97 -4.15
C GLY E 429 0.68 -27.18 -5.05
N ILE E 430 1.73 -27.35 -5.85
CA ILE E 430 1.82 -28.50 -6.75
C ILE E 430 2.06 -29.78 -5.97
N LEU E 431 2.87 -29.71 -4.91
CA LEU E 431 3.23 -30.92 -4.17
C LEU E 431 2.16 -31.27 -3.14
N ILE E 432 1.54 -30.27 -2.51
CA ILE E 432 0.43 -30.56 -1.60
C ILE E 432 -0.72 -31.20 -2.34
N ARG E 433 -1.05 -30.69 -3.52
CA ARG E 433 -2.12 -31.27 -4.32
C ARG E 433 -1.86 -32.75 -4.61
N ILE E 434 -0.62 -33.07 -4.99
CA ILE E 434 -0.30 -34.44 -5.38
C ILE E 434 -0.36 -35.39 -4.19
N LEU E 435 0.21 -34.98 -3.06
CA LEU E 435 0.19 -35.85 -1.88
C LEU E 435 -1.24 -36.07 -1.40
N TYR E 436 -2.03 -35.00 -1.32
CA TYR E 436 -3.40 -35.13 -0.83
C TYR E 436 -4.25 -35.97 -1.78
N ASP E 437 -4.13 -35.75 -3.09
CA ASP E 437 -4.99 -36.46 -4.03
C ASP E 437 -4.61 -37.93 -4.11
N SER E 438 -3.33 -38.24 -4.25
CA SER E 438 -2.92 -39.63 -4.40
C SER E 438 -3.36 -40.47 -3.22
N LEU E 439 -3.16 -39.94 -2.00
CA LEU E 439 -3.63 -40.63 -0.80
C LEU E 439 -5.16 -40.61 -0.72
N PHE E 440 -5.80 -39.63 -1.35
CA PHE E 440 -7.24 -39.49 -1.25
C PHE E 440 -7.95 -40.63 -1.96
N TRP E 441 -7.75 -40.75 -3.27
CA TRP E 441 -8.53 -41.69 -4.06
C TRP E 441 -8.35 -43.13 -3.58
N SER E 442 -7.27 -43.43 -2.88
CA SER E 442 -6.91 -44.81 -2.57
C SER E 442 -6.91 -45.05 -1.07
N ARG E 443 -7.95 -44.60 -0.38
CA ARG E 443 -8.07 -44.85 1.06
C ARG E 443 -8.41 -46.29 1.38
N ASN E 444 -9.08 -46.99 0.46
CA ASN E 444 -9.32 -48.42 0.68
C ASN E 444 -8.01 -49.20 0.70
N GLN E 445 -7.06 -48.86 -0.17
CA GLN E 445 -5.83 -49.60 -0.26
C GLN E 445 -5.03 -49.47 1.04
N PRO E 446 -4.18 -50.45 1.34
CA PRO E 446 -3.50 -50.46 2.64
C PRO E 446 -2.30 -49.51 2.72
N GLU E 447 -2.09 -48.70 1.68
CA GLU E 447 -0.99 -47.74 1.66
C GLU E 447 -1.46 -46.30 1.67
N GLY E 448 -2.77 -46.05 1.64
CA GLY E 448 -3.29 -44.69 1.61
C GLY E 448 -3.15 -43.98 2.94
N GLY E 449 -3.99 -42.97 3.17
CA GLY E 449 -3.91 -42.22 4.40
C GLY E 449 -4.56 -42.86 5.60
N ARG E 450 -5.43 -43.85 5.40
CA ARG E 450 -6.13 -44.47 6.52
C ARG E 450 -5.32 -45.54 7.23
N GLU E 451 -4.41 -46.22 6.51
CA GLU E 451 -3.54 -47.22 7.10
C GLU E 451 -2.15 -46.70 7.37
N ARG E 452 -1.69 -45.73 6.59
CA ARG E 452 -0.44 -45.03 6.84
C ARG E 452 -0.71 -43.54 6.69
N PRO E 453 -1.30 -42.92 7.70
CA PRO E 453 -1.57 -41.48 7.62
C PRO E 453 -0.31 -40.67 7.37
N LEU E 454 -0.45 -39.63 6.56
CA LEU E 454 0.67 -38.78 6.16
C LEU E 454 0.93 -37.70 7.21
N LEU E 455 1.91 -36.84 6.94
CA LEU E 455 2.13 -35.64 7.74
C LEU E 455 3.05 -34.69 6.98
N VAL E 456 2.70 -33.40 6.95
CA VAL E 456 3.45 -32.41 6.21
C VAL E 456 3.80 -31.26 7.14
N VAL E 457 5.08 -30.89 7.17
CA VAL E 457 5.56 -29.73 7.92
C VAL E 457 6.09 -28.71 6.93
N LEU E 458 5.80 -27.44 7.16
CA LEU E 458 6.08 -26.37 6.21
C LEU E 458 6.84 -25.26 6.92
N GLU E 459 8.08 -25.02 6.49
CA GLU E 459 8.92 -24.02 7.14
C GLU E 459 8.59 -22.61 6.64
N GLU E 460 8.62 -21.66 7.57
CA GLU E 460 8.35 -20.25 7.27
C GLU E 460 7.09 -20.11 6.42
N ALA E 461 5.98 -20.51 7.02
CA ALA E 461 4.70 -20.52 6.35
C ALA E 461 4.03 -19.15 6.27
N HIS E 462 4.59 -18.13 6.93
CA HIS E 462 3.94 -16.83 6.95
C HIS E 462 3.83 -16.22 5.56
N THR E 463 4.83 -16.41 4.70
CA THR E 463 4.79 -15.78 3.40
C THR E 463 3.78 -16.42 2.45
N TYR E 464 3.23 -17.58 2.81
CA TYR E 464 2.41 -18.35 1.88
C TYR E 464 0.95 -18.45 2.28
N LEU E 465 0.59 -18.01 3.49
CA LEU E 465 -0.79 -18.05 3.96
C LEU E 465 -1.29 -16.64 4.32
N GLY E 466 -0.84 -15.64 3.58
CA GLY E 466 -1.26 -14.28 3.87
C GLY E 466 -2.76 -14.11 3.73
N LYS E 467 -3.30 -13.13 4.44
CA LYS E 467 -4.74 -12.91 4.42
C LYS E 467 -5.22 -12.60 3.01
N ASP E 468 -4.48 -11.76 2.29
CA ASP E 468 -4.84 -11.34 0.94
C ASP E 468 -4.06 -12.07 -0.13
N SER E 469 -3.32 -13.11 0.23
CA SER E 469 -2.52 -13.84 -0.74
C SER E 469 -3.41 -14.39 -1.84
N ARG E 470 -2.97 -14.21 -3.09
CA ARG E 470 -3.69 -14.70 -4.26
C ARG E 470 -3.01 -15.94 -4.85
N GLY E 471 -2.05 -16.52 -4.15
CA GLY E 471 -1.30 -17.63 -4.66
C GLY E 471 -2.10 -18.93 -4.63
N ILE E 472 -1.39 -20.02 -4.91
CA ILE E 472 -2.00 -21.35 -4.89
C ILE E 472 -1.62 -22.16 -3.67
N ALA E 473 -0.59 -21.73 -2.92
CA ALA E 473 -0.21 -22.46 -1.72
C ALA E 473 -1.34 -22.44 -0.69
N ILE E 474 -2.00 -21.30 -0.53
CA ILE E 474 -3.08 -21.20 0.44
C ILE E 474 -4.24 -22.11 0.06
N ASP E 475 -4.60 -22.14 -1.23
CA ASP E 475 -5.69 -23.00 -1.67
C ASP E 475 -5.40 -24.46 -1.37
N GLY E 476 -4.17 -24.92 -1.66
CA GLY E 476 -3.82 -26.29 -1.35
C GLY E 476 -3.82 -26.56 0.15
N VAL E 477 -3.27 -25.63 0.93
CA VAL E 477 -3.25 -25.81 2.38
C VAL E 477 -4.67 -25.80 2.93
N ARG E 478 -5.58 -25.04 2.32
CA ARG E 478 -6.92 -24.94 2.86
C ARG E 478 -7.62 -26.28 2.87
N LYS E 479 -7.46 -27.07 1.82
CA LYS E 479 -8.15 -28.35 1.74
C LYS E 479 -7.76 -29.27 2.88
N ILE E 480 -6.46 -29.48 3.07
CA ILE E 480 -6.01 -30.43 4.09
C ILE E 480 -6.49 -30.00 5.47
N VAL E 481 -6.49 -28.71 5.74
CA VAL E 481 -6.99 -28.22 7.02
C VAL E 481 -8.46 -28.52 7.21
N LYS E 482 -9.16 -28.91 6.15
CA LYS E 482 -10.60 -29.17 6.20
C LYS E 482 -10.96 -30.62 5.93
N GLU E 483 -10.23 -31.32 5.07
CA GLU E 483 -10.53 -32.71 4.74
C GLU E 483 -9.45 -33.67 5.22
N GLY E 484 -8.51 -33.21 6.05
CA GLY E 484 -7.45 -34.07 6.55
C GLY E 484 -7.88 -35.00 7.67
N ARG E 485 -8.93 -34.64 8.40
CA ARG E 485 -9.50 -35.54 9.39
C ARG E 485 -9.96 -36.87 8.80
N LYS E 486 -10.46 -36.88 7.56
CA LYS E 486 -11.13 -38.05 7.04
C LYS E 486 -10.18 -38.99 6.31
N TYR E 487 -9.07 -38.49 5.80
CA TYR E 487 -8.07 -39.31 5.15
C TYR E 487 -6.74 -39.31 5.89
N GLY E 488 -6.73 -38.86 7.15
CA GLY E 488 -5.55 -38.94 7.99
C GLY E 488 -4.35 -38.23 7.40
N ILE E 489 -4.53 -37.03 6.90
CA ILE E 489 -3.44 -36.26 6.30
C ILE E 489 -3.15 -35.06 7.19
N GLY E 490 -2.26 -35.24 8.15
CA GLY E 490 -1.97 -34.20 9.10
C GLY E 490 -1.35 -32.99 8.42
N MET E 491 -0.80 -32.11 9.26
CA MET E 491 -0.03 -30.97 8.79
C MET E 491 0.55 -30.25 9.99
N MET E 492 1.66 -29.55 9.75
CA MET E 492 2.26 -28.69 10.75
C MET E 492 2.67 -27.40 10.07
N LEU E 493 2.48 -26.27 10.76
CA LEU E 493 2.81 -24.95 10.26
C LEU E 493 3.91 -24.32 11.10
N VAL E 494 4.90 -23.74 10.43
CA VAL E 494 6.00 -23.05 11.07
C VAL E 494 6.07 -21.64 10.51
N SER E 495 6.30 -20.67 11.38
CA SER E 495 6.42 -19.28 10.96
C SER E 495 6.90 -18.44 12.13
N GLN E 496 7.64 -17.39 11.83
CA GLN E 496 8.07 -16.43 12.84
C GLN E 496 7.32 -15.11 12.73
N ARG E 497 6.28 -15.04 11.90
CA ARG E 497 5.49 -13.83 11.71
C ARG E 497 4.02 -14.24 11.81
N PRO E 498 3.56 -14.64 12.99
CA PRO E 498 2.19 -15.17 13.10
C PRO E 498 1.13 -14.21 12.65
N SER E 499 1.34 -12.90 12.89
CA SER E 499 0.28 -11.93 12.67
C SER E 499 -0.21 -11.87 11.23
N GLU E 500 0.59 -12.34 10.27
CA GLU E 500 0.26 -12.17 8.86
C GLU E 500 -0.32 -13.43 8.25
N ILE E 501 -0.50 -14.50 9.03
CA ILE E 501 -1.17 -15.70 8.56
C ILE E 501 -2.67 -15.48 8.57
N ASP E 502 -3.35 -15.94 7.52
CA ASP E 502 -4.80 -15.82 7.45
C ASP E 502 -5.43 -16.42 8.70
N SER E 503 -6.26 -15.63 9.37
CA SER E 503 -6.78 -16.04 10.68
C SER E 503 -7.76 -17.20 10.59
N THR E 504 -8.43 -17.36 9.44
CA THR E 504 -9.31 -18.51 9.28
C THR E 504 -8.54 -19.82 9.22
N ILE E 505 -7.23 -19.75 8.95
CA ILE E 505 -6.40 -20.95 8.89
C ILE E 505 -5.54 -21.12 10.13
N LEU E 506 -5.31 -20.06 10.91
CA LEU E 506 -4.60 -20.21 12.17
C LEU E 506 -5.50 -20.75 13.28
N SER E 507 -6.82 -20.68 13.12
CA SER E 507 -7.74 -21.10 14.15
C SER E 507 -8.16 -22.56 14.03
N GLN E 508 -7.92 -23.19 12.89
CA GLN E 508 -8.28 -24.59 12.68
C GLN E 508 -7.16 -25.55 13.04
N CYS E 509 -6.05 -25.04 13.56
CA CYS E 509 -4.95 -25.88 14.02
C CYS E 509 -5.25 -26.33 15.44
N GLY E 510 -5.29 -27.64 15.64
CA GLY E 510 -5.71 -28.16 16.94
C GLY E 510 -4.81 -27.71 18.07
N THR E 511 -3.49 -27.85 17.89
CA THR E 511 -2.53 -27.56 18.94
C THR E 511 -1.48 -26.59 18.43
N LEU E 512 -0.96 -25.78 19.34
CA LEU E 512 0.03 -24.76 19.02
C LEU E 512 1.22 -24.89 19.95
N PHE E 513 2.42 -24.67 19.40
CA PHE E 513 3.63 -24.55 20.18
C PHE E 513 3.97 -23.06 20.24
N ALA E 514 3.92 -22.48 21.43
CA ALA E 514 4.02 -21.04 21.60
C ALA E 514 5.42 -20.68 22.09
N LEU E 515 6.35 -20.56 21.16
CA LEU E 515 7.72 -20.19 21.48
C LEU E 515 7.77 -18.68 21.75
N ARG E 516 8.95 -18.10 21.77
CA ARG E 516 9.09 -16.68 22.07
C ARG E 516 8.41 -15.82 21.00
N MET E 517 7.68 -14.80 21.46
CA MET E 517 7.14 -13.76 20.59
C MET E 517 7.33 -12.41 21.26
N ASN E 518 7.89 -11.46 20.51
CA ASN E 518 8.26 -10.15 21.06
C ASN E 518 7.30 -9.05 20.68
N ASN E 519 6.91 -8.96 19.41
CA ASN E 519 6.05 -7.87 18.96
C ASN E 519 4.60 -8.11 19.37
N SER E 520 3.91 -7.01 19.66
CA SER E 520 2.52 -7.09 20.09
C SER E 520 1.58 -7.43 18.94
N SER E 521 1.95 -7.12 17.71
CA SER E 521 1.08 -7.45 16.58
C SER E 521 0.88 -8.95 16.42
N ASP E 522 1.77 -9.76 17.00
CA ASP E 522 1.65 -11.21 16.94
C ASP E 522 1.00 -11.78 18.19
N ARG E 523 1.54 -11.44 19.36
CA ARG E 523 1.01 -11.98 20.61
C ARG E 523 -0.50 -11.77 20.69
N ASN E 524 -0.94 -10.55 20.40
CA ASN E 524 -2.37 -10.26 20.41
C ASN E 524 -3.11 -10.92 19.27
N HIS E 525 -2.40 -11.51 18.31
CA HIS E 525 -3.02 -12.30 17.24
C HIS E 525 -2.97 -13.78 17.52
N VAL E 526 -1.94 -14.27 18.23
CA VAL E 526 -1.95 -15.65 18.69
C VAL E 526 -2.99 -15.83 19.79
N LEU E 527 -3.08 -14.87 20.71
CA LEU E 527 -4.08 -14.94 21.76
C LEU E 527 -5.49 -14.98 21.21
N GLY E 528 -5.69 -14.53 19.98
CA GLY E 528 -7.00 -14.49 19.36
C GLY E 528 -7.43 -15.77 18.67
N ALA E 529 -6.59 -16.81 18.67
CA ALA E 529 -6.96 -18.09 18.07
C ALA E 529 -6.80 -19.27 19.00
N VAL E 530 -5.96 -19.17 20.04
CA VAL E 530 -5.90 -20.23 21.04
C VAL E 530 -7.24 -20.31 21.77
N SER E 531 -7.63 -21.52 22.14
CA SER E 531 -8.87 -21.75 22.87
C SER E 531 -8.69 -21.70 24.37
N ASP E 532 -7.85 -22.57 24.93
CA ASP E 532 -7.69 -22.65 26.38
C ASP E 532 -6.50 -21.78 26.81
N SER E 533 -6.68 -20.47 26.65
CA SER E 533 -5.64 -19.51 27.01
C SER E 533 -5.79 -19.16 28.48
N PHE E 534 -4.85 -19.63 29.30
CA PHE E 534 -4.86 -19.26 30.70
C PHE E 534 -4.47 -17.80 30.87
N GLU E 535 -4.93 -17.21 31.96
CA GLU E 535 -4.58 -15.85 32.32
C GLU E 535 -3.21 -15.74 32.96
N GLY E 536 -2.53 -16.88 33.17
CA GLY E 536 -1.22 -16.87 33.79
C GLY E 536 -0.11 -17.44 32.92
N LEU E 537 -0.46 -18.39 32.04
CA LEU E 537 0.54 -19.06 31.21
C LEU E 537 0.73 -18.43 29.84
N MET E 538 -0.12 -17.51 29.44
CA MET E 538 0.09 -16.76 28.20
C MET E 538 0.76 -15.41 28.43
N GLY E 539 1.21 -15.15 29.65
CA GLY E 539 1.87 -13.90 29.99
C GLY E 539 3.38 -13.93 30.03
N MET E 540 4.01 -15.03 29.60
CA MET E 540 5.47 -15.07 29.50
C MET E 540 5.95 -15.46 28.12
N LEU E 541 5.13 -15.25 27.09
CA LEU E 541 5.59 -15.52 25.73
C LEU E 541 6.88 -14.79 25.39
N PRO E 542 7.02 -13.48 25.65
CA PRO E 542 8.26 -12.81 25.22
C PRO E 542 9.53 -13.38 25.85
N THR E 543 9.48 -13.79 27.12
CA THR E 543 10.68 -14.11 27.89
C THR E 543 10.92 -15.60 28.04
N LEU E 544 10.40 -16.41 27.13
CA LEU E 544 10.71 -17.83 27.15
C LEU E 544 12.19 -18.04 26.88
N ARG E 545 12.65 -19.27 27.11
CA ARG E 545 13.97 -19.69 26.72
C ARG E 545 13.96 -20.22 25.29
N THR E 546 15.15 -20.36 24.73
CA THR E 546 15.26 -20.94 23.40
C THR E 546 14.88 -22.42 23.47
N GLY E 547 13.77 -22.78 22.85
CA GLY E 547 13.24 -24.13 22.93
C GLY E 547 12.29 -24.37 24.09
N GLU E 548 11.83 -23.32 24.76
CA GLU E 548 10.90 -23.44 25.87
C GLU E 548 9.46 -23.23 25.39
N ALA E 549 9.00 -24.16 24.56
CA ALA E 549 7.69 -24.01 23.96
C ALA E 549 6.58 -24.23 24.98
N ILE E 550 5.42 -23.65 24.69
CA ILE E 550 4.21 -23.85 25.46
C ILE E 550 3.18 -24.49 24.54
N ILE E 551 2.72 -25.69 24.90
CA ILE E 551 1.85 -26.49 24.04
C ILE E 551 0.43 -26.36 24.55
N ILE E 552 -0.48 -25.95 23.67
CA ILE E 552 -1.89 -25.76 24.02
C ILE E 552 -2.75 -26.27 22.87
N GLY E 553 -3.83 -26.94 23.21
CA GLY E 553 -4.75 -27.48 22.23
C GLY E 553 -5.49 -28.67 22.79
N GLU E 554 -6.01 -29.50 21.89
CA GLU E 554 -6.67 -30.74 22.26
C GLU E 554 -5.74 -31.94 22.19
N SER E 555 -4.45 -31.72 21.95
CA SER E 555 -3.47 -32.78 21.97
C SER E 555 -2.96 -33.09 23.38
N VAL E 556 -3.28 -32.25 24.36
CA VAL E 556 -2.86 -32.44 25.73
C VAL E 556 -4.06 -32.28 26.64
N ARG E 557 -3.94 -32.82 27.85
CA ARG E 557 -5.01 -32.67 28.84
C ARG E 557 -5.23 -31.20 29.18
N LEU E 558 -4.16 -30.50 29.50
CA LEU E 558 -4.20 -29.08 29.81
C LEU E 558 -2.93 -28.43 29.28
N PRO E 559 -2.93 -27.11 29.12
CA PRO E 559 -1.72 -26.44 28.66
C PRO E 559 -0.54 -26.73 29.58
N MET E 560 0.64 -26.90 28.97
CA MET E 560 1.84 -27.26 29.70
C MET E 560 3.02 -26.49 29.14
N ARG E 561 4.04 -26.31 29.98
CA ARG E 561 5.21 -25.50 29.64
C ARG E 561 6.45 -26.40 29.65
N THR E 562 6.83 -26.88 28.47
CA THR E 562 7.80 -27.95 28.34
C THR E 562 9.09 -27.44 27.71
N ILE E 563 10.21 -27.97 28.20
CA ILE E 563 11.53 -27.64 27.68
C ILE E 563 11.97 -28.78 26.75
N ILE E 564 11.70 -28.64 25.46
CA ILE E 564 11.98 -29.73 24.52
C ILE E 564 13.46 -30.05 24.57
N SER E 565 13.77 -31.32 24.83
CA SER E 565 15.16 -31.75 24.91
C SER E 565 15.82 -31.64 23.54
N PRO E 566 16.99 -31.00 23.44
CA PRO E 566 17.59 -30.82 22.13
C PRO E 566 18.02 -32.15 21.54
N PRO E 567 18.08 -32.26 20.21
CA PRO E 567 18.57 -33.50 19.60
C PRO E 567 20.04 -33.71 19.90
N PRO E 568 20.54 -34.94 19.78
CA PRO E 568 21.95 -35.19 20.10
C PRO E 568 22.86 -34.31 19.25
N PHE E 569 23.93 -33.84 19.87
CA PHE E 569 24.87 -32.96 19.16
C PHE E 569 25.41 -33.67 17.93
N GLY E 570 25.55 -32.92 16.84
CA GLY E 570 25.84 -33.48 15.56
C GLY E 570 24.61 -33.83 14.75
N ARG E 571 23.43 -33.72 15.33
CA ARG E 571 22.17 -33.92 14.62
C ARG E 571 21.34 -32.64 14.57
N ARG E 572 21.90 -31.51 14.95
CA ARG E 572 21.15 -30.27 14.92
C ARG E 572 21.01 -29.77 13.49
N PRO E 573 19.99 -28.97 13.19
CA PRO E 573 19.77 -28.48 11.82
C PRO E 573 20.68 -27.30 11.54
N ASP E 574 21.55 -27.45 10.54
CA ASP E 574 22.52 -26.42 10.20
C ASP E 574 22.47 -26.15 8.71
N SER E 575 22.30 -24.87 8.36
CA SER E 575 22.48 -24.43 7.00
C SER E 575 23.98 -24.27 6.71
N LEU E 576 24.30 -23.94 5.47
CA LEU E 576 25.70 -23.74 5.05
C LEU E 576 25.78 -22.39 4.34
N ASP E 577 25.96 -21.34 5.14
CA ASP E 577 26.13 -19.99 4.62
C ASP E 577 27.62 -19.65 4.56
N PRO E 578 28.06 -18.89 3.56
CA PRO E 578 29.47 -18.47 3.54
C PRO E 578 29.82 -17.68 4.78
N ASP E 579 31.03 -17.91 5.29
CA ASP E 579 31.52 -17.26 6.51
C ASP E 579 32.41 -16.09 6.12
N VAL E 580 31.83 -14.88 6.16
CA VAL E 580 32.56 -13.71 5.70
C VAL E 580 33.81 -13.48 6.54
N THR E 581 33.67 -13.53 7.87
CA THR E 581 34.81 -13.28 8.73
C THR E 581 35.94 -14.26 8.47
N ALA E 582 35.60 -15.49 8.08
CA ALA E 582 36.60 -16.48 7.70
C ALA E 582 36.85 -16.53 6.20
N LYS E 583 36.07 -15.81 5.40
CA LYS E 583 36.28 -15.75 3.96
C LYS E 583 36.71 -14.38 3.46
N TRP E 584 36.61 -13.33 4.28
CA TRP E 584 37.15 -12.03 3.93
C TRP E 584 38.54 -11.80 4.51
N SER E 585 38.88 -12.46 5.62
CA SER E 585 40.07 -12.10 6.38
C SER E 585 41.33 -12.79 5.89
N ASN E 586 41.22 -13.79 5.02
CA ASN E 586 42.41 -14.43 4.50
C ASN E 586 43.14 -13.49 3.54
N ASN E 587 44.44 -13.76 3.35
CA ASN E 587 45.23 -12.95 2.44
C ASN E 587 44.62 -12.95 1.05
N ARG E 588 44.62 -11.79 0.41
CA ARG E 588 44.05 -11.69 -0.93
C ARG E 588 44.71 -12.70 -1.85
N VAL E 589 44.03 -12.97 -2.97
CA VAL E 589 44.51 -13.93 -3.96
C VAL E 589 44.44 -13.27 -5.33
N GLN E 590 45.38 -13.64 -6.19
CA GLN E 590 45.35 -13.15 -7.56
C GLN E 590 44.04 -13.56 -8.23
N GLY E 591 43.39 -12.61 -8.86
CA GLY E 591 42.11 -12.90 -9.49
C GLY E 591 42.27 -13.48 -10.87
N ASP E 592 41.32 -14.36 -11.23
CA ASP E 592 41.22 -14.92 -12.57
C ASP E 592 39.78 -14.69 -13.02
N TYR E 593 39.51 -13.49 -13.53
CA TYR E 593 38.16 -13.13 -13.94
C TYR E 593 37.86 -13.52 -15.37
N LYS E 594 38.81 -14.14 -16.08
CA LYS E 594 38.45 -14.78 -17.33
C LYS E 594 37.58 -16.01 -17.07
N GLU E 595 37.74 -16.64 -15.91
CA GLU E 595 36.89 -17.77 -15.54
C GLU E 595 35.49 -17.29 -15.19
N VAL E 596 35.38 -16.24 -14.38
CA VAL E 596 34.07 -15.77 -13.96
C VAL E 596 33.22 -15.41 -15.17
N LEU E 597 33.80 -14.66 -16.11
CA LEU E 597 33.11 -14.39 -17.36
C LEU E 597 32.91 -15.68 -18.17
N THR E 598 33.91 -16.57 -18.14
CA THR E 598 33.80 -17.81 -18.89
C THR E 598 32.59 -18.63 -18.43
N LEU E 599 32.39 -18.72 -17.12
CA LEU E 599 31.22 -19.44 -16.61
C LEU E 599 29.93 -18.67 -16.89
N TRP E 600 29.92 -17.38 -16.61
CA TRP E 600 28.70 -16.58 -16.74
C TRP E 600 28.07 -16.74 -18.12
N ARG E 601 28.88 -16.62 -19.17
CA ARG E 601 28.33 -16.81 -20.51
C ARG E 601 27.83 -18.23 -20.69
N GLN E 602 28.60 -19.22 -20.22
CA GLN E 602 28.27 -20.62 -20.48
C GLN E 602 27.11 -21.13 -19.65
N LYS E 603 26.75 -20.43 -18.57
CA LYS E 603 25.71 -20.88 -17.66
C LYS E 603 26.06 -22.25 -17.07
N LYS E 604 27.17 -22.28 -16.32
CA LYS E 604 27.64 -23.49 -15.66
C LYS E 604 28.10 -23.15 -14.26
N VAL E 605 28.48 -24.18 -13.51
CA VAL E 605 28.99 -23.99 -12.16
C VAL E 605 30.28 -24.78 -11.97
N ARG E 606 30.57 -25.70 -12.88
CA ARG E 606 31.73 -26.57 -12.79
C ARG E 606 32.83 -26.06 -13.71
N SER E 607 34.04 -25.93 -13.18
CA SER E 607 35.16 -25.48 -13.98
C SER E 607 35.53 -26.53 -15.02
N GLN E 608 36.28 -26.09 -16.03
CA GLN E 608 36.68 -26.99 -17.11
C GLN E 608 37.85 -27.88 -16.73
N ARG E 609 38.69 -27.44 -15.78
CA ARG E 609 39.91 -28.15 -15.42
C ARG E 609 39.69 -29.17 -14.31
N ILE E 610 38.44 -29.40 -13.89
CA ILE E 610 38.16 -30.29 -12.78
C ILE E 610 38.41 -31.74 -13.19
N VAL E 611 39.04 -32.50 -12.31
CA VAL E 611 39.34 -33.91 -12.58
C VAL E 611 38.08 -34.74 -12.37
N GLU E 612 37.80 -35.65 -13.31
CA GLU E 612 36.53 -36.36 -13.30
C GLU E 612 36.39 -37.25 -12.06
N ASN E 613 37.44 -37.95 -11.67
CA ASN E 613 37.41 -38.70 -10.41
C ASN E 613 38.83 -38.90 -9.91
N ILE E 614 38.93 -39.23 -8.62
CA ILE E 614 40.21 -39.47 -7.96
C ILE E 614 40.04 -40.60 -6.97
N LYS E 615 41.06 -41.47 -6.90
CA LYS E 615 41.08 -42.53 -5.90
C LYS E 615 41.19 -41.91 -4.52
N ARG E 616 40.10 -41.93 -3.76
CA ARG E 616 40.04 -41.27 -2.46
C ARG E 616 39.93 -42.32 -1.37
N LEU E 617 40.68 -42.12 -0.28
CA LEU E 617 40.66 -43.00 0.86
C LEU E 617 40.45 -42.19 2.13
N PRO E 618 39.84 -42.78 3.15
CA PRO E 618 39.64 -42.05 4.40
C PRO E 618 40.93 -41.90 5.20
N VAL E 619 40.92 -40.94 6.11
CA VAL E 619 42.05 -40.69 6.99
C VAL E 619 41.54 -40.24 8.36
N SER E 636 39.71 -27.14 9.07
CA SER E 636 39.25 -27.54 10.40
C SER E 636 39.70 -28.97 10.71
N ASN E 637 38.97 -29.94 10.19
CA ASN E 637 39.26 -31.35 10.39
C ASN E 637 39.22 -32.07 9.05
N ILE E 638 40.05 -33.09 8.91
CA ILE E 638 40.18 -33.85 7.67
C ILE E 638 39.69 -35.26 7.91
N LEU E 639 38.76 -35.72 7.08
CA LEU E 639 38.23 -37.07 7.16
C LEU E 639 38.67 -37.95 6.00
N SER E 640 39.19 -37.37 4.92
CA SER E 640 39.74 -38.14 3.81
C SER E 640 40.70 -37.23 3.06
N ILE E 641 41.52 -37.84 2.22
CA ILE E 641 42.49 -37.11 1.42
C ILE E 641 42.68 -37.85 0.10
N GLY E 642 43.06 -37.10 -0.93
CA GLY E 642 43.36 -37.67 -2.23
C GLY E 642 44.67 -37.12 -2.77
N TYR E 643 45.11 -37.72 -3.87
CA TYR E 643 46.33 -37.29 -4.54
C TYR E 643 46.26 -37.74 -5.99
N GLU E 644 47.11 -37.15 -6.82
CA GLU E 644 47.13 -37.49 -8.24
C GLU E 644 48.34 -36.82 -8.86
N ALA E 645 48.80 -37.39 -9.97
CA ALA E 645 50.03 -36.92 -10.61
C ALA E 645 49.86 -36.60 -12.09
N ASP E 646 49.06 -37.38 -12.81
CA ASP E 646 48.96 -37.19 -14.25
C ASP E 646 48.40 -35.81 -14.58
N SER E 647 47.31 -35.42 -13.92
CA SER E 647 46.72 -34.10 -14.07
C SER E 647 47.22 -33.11 -13.01
N MET E 648 48.12 -33.54 -12.13
CA MET E 648 48.78 -32.64 -11.18
C MET E 648 47.75 -32.00 -10.24
N THR E 649 46.77 -32.80 -9.81
CA THR E 649 45.63 -32.33 -9.03
C THR E 649 45.70 -32.88 -7.62
N LEU E 650 45.36 -32.04 -6.64
CA LEU E 650 45.14 -32.47 -5.27
C LEU E 650 43.65 -32.33 -4.96
N GLU E 651 43.07 -33.39 -4.40
CA GLU E 651 41.65 -33.41 -4.06
C GLU E 651 41.50 -33.79 -2.59
N ILE E 652 40.81 -32.94 -1.83
CA ILE E 652 40.63 -33.11 -0.41
C ILE E 652 39.15 -32.96 -0.10
N GLU E 653 38.74 -33.49 1.05
CA GLU E 653 37.34 -33.38 1.47
C GLU E 653 37.28 -33.25 2.99
N PHE E 654 36.56 -32.25 3.45
CA PHE E 654 36.29 -32.04 4.86
C PHE E 654 34.91 -32.61 5.19
N ASN E 655 34.41 -32.32 6.39
CA ASN E 655 33.10 -32.79 6.78
C ASN E 655 32.03 -32.08 5.95
N HIS E 656 30.78 -32.49 6.15
CA HIS E 656 29.61 -31.92 5.48
C HIS E 656 29.62 -32.16 3.98
N GLY E 657 30.50 -33.01 3.48
CA GLY E 657 30.55 -33.30 2.06
C GLY E 657 31.31 -32.28 1.22
N LEU E 658 31.94 -31.28 1.83
CA LEU E 658 32.73 -30.32 1.08
C LEU E 658 33.98 -30.99 0.55
N VAL E 659 34.21 -30.89 -0.76
CA VAL E 659 35.33 -31.52 -1.41
C VAL E 659 36.12 -30.43 -2.12
N TYR E 660 37.23 -30.01 -1.54
CA TYR E 660 38.13 -29.06 -2.15
C TYR E 660 39.08 -29.76 -3.11
N GLN E 661 39.39 -29.08 -4.21
CA GLN E 661 40.32 -29.59 -5.21
C GLN E 661 41.35 -28.50 -5.48
N TYR E 662 42.59 -28.72 -5.08
CA TYR E 662 43.67 -27.76 -5.29
C TYR E 662 44.46 -28.18 -6.53
N TYR E 663 44.64 -27.24 -7.45
CA TYR E 663 45.23 -27.52 -8.75
C TYR E 663 46.66 -27.00 -8.83
N ASP E 664 47.49 -27.74 -9.58
CA ASP E 664 48.90 -27.41 -9.79
C ASP E 664 49.62 -27.28 -8.45
N VAL E 665 49.70 -28.42 -7.78
CA VAL E 665 50.34 -28.52 -6.47
C VAL E 665 51.29 -29.72 -6.45
N PRO E 666 52.52 -29.55 -5.96
CA PRO E 666 53.41 -30.72 -5.85
C PRO E 666 52.79 -31.79 -4.95
N GLU E 667 52.95 -33.05 -5.37
CA GLU E 667 52.46 -34.17 -4.58
C GLU E 667 53.45 -34.57 -3.48
N THR E 668 54.69 -34.07 -3.52
CA THR E 668 55.61 -34.35 -2.43
C THR E 668 55.07 -33.84 -1.11
N LEU E 669 54.30 -32.76 -1.14
CA LEU E 669 53.65 -32.26 0.07
C LEU E 669 52.64 -33.26 0.63
N HIS E 670 52.10 -34.14 -0.23
CA HIS E 670 51.19 -35.17 0.26
C HIS E 670 51.88 -36.05 1.29
N THR E 671 53.11 -36.46 1.00
CA THR E 671 53.88 -37.24 1.98
C THR E 671 54.10 -36.42 3.25
N GLU E 672 54.44 -35.14 3.10
CA GLU E 672 54.51 -34.26 4.25
C GLU E 672 53.13 -34.07 4.89
N LEU E 673 52.10 -33.95 4.05
CA LEU E 673 50.75 -33.73 4.57
C LEU E 673 50.34 -34.82 5.53
N LEU E 674 50.47 -36.09 5.11
CA LEU E 674 50.11 -37.20 5.98
C LEU E 674 51.11 -37.41 7.10
N ALA E 675 52.33 -36.88 6.96
CA ALA E 675 53.38 -37.06 7.95
C ALA E 675 53.43 -35.95 8.98
N ALA E 676 52.57 -34.93 8.86
CA ALA E 676 52.55 -33.82 9.81
C ALA E 676 51.53 -34.00 10.92
N GLU E 677 50.77 -35.10 10.88
CA GLU E 677 49.77 -35.44 11.94
C GLU E 677 49.13 -34.16 12.49
N SER E 678 48.32 -33.46 11.69
CA SER E 678 47.60 -32.23 12.12
C SER E 678 46.19 -32.23 11.53
N HIS E 679 45.16 -32.00 12.35
CA HIS E 679 43.76 -31.91 11.86
C HIS E 679 43.68 -30.73 10.88
N GLY E 680 44.67 -29.84 10.95
CA GLY E 680 45.01 -28.99 9.79
C GLY E 680 45.97 -27.87 10.16
N LYS E 681 46.87 -28.04 11.12
CA LYS E 681 47.89 -27.06 11.43
C LYS E 681 48.88 -26.90 10.28
N PHE E 682 49.38 -28.03 9.75
CA PHE E 682 50.32 -27.95 8.64
C PHE E 682 49.61 -27.53 7.36
N PHE E 683 48.46 -28.15 7.07
CA PHE E 683 47.72 -27.78 5.87
C PHE E 683 47.26 -26.33 5.93
N ASN E 684 46.87 -25.87 7.12
CA ASN E 684 46.40 -24.51 7.34
C ASN E 684 47.55 -23.52 7.54
N SER E 685 48.76 -23.86 7.09
CA SER E 685 49.91 -22.98 7.26
C SER E 685 50.60 -22.73 5.93
N GLN E 686 50.55 -23.71 5.03
CA GLN E 686 51.25 -23.62 3.75
C GLN E 686 50.38 -23.85 2.53
N ILE E 687 49.18 -24.42 2.70
CA ILE E 687 48.37 -24.83 1.56
C ILE E 687 47.01 -24.14 1.52
N LYS E 688 46.62 -23.43 2.57
CA LYS E 688 45.28 -22.87 2.62
C LYS E 688 45.05 -21.84 1.51
N ASN E 689 45.94 -20.85 1.41
CA ASN E 689 45.70 -19.66 0.61
C ASN E 689 46.89 -19.29 -0.24
N ASN E 690 47.47 -20.26 -0.95
CA ASN E 690 48.53 -19.95 -1.90
C ASN E 690 48.36 -20.73 -3.20
N TYR E 691 47.20 -21.35 -3.40
CA TYR E 691 46.99 -22.26 -4.52
C TYR E 691 45.62 -21.99 -5.10
N ARG E 692 45.48 -22.29 -6.39
CA ARG E 692 44.17 -22.26 -7.02
C ARG E 692 43.34 -23.44 -6.51
N PHE E 693 42.06 -23.19 -6.23
CA PHE E 693 41.20 -24.26 -5.78
C PHE E 693 39.77 -24.02 -6.26
N SER E 694 39.09 -25.12 -6.57
CA SER E 694 37.71 -25.07 -7.06
C SER E 694 36.90 -26.11 -6.28
N ARG E 695 36.07 -25.63 -5.36
CA ARG E 695 35.35 -26.53 -4.46
C ARG E 695 34.35 -27.39 -5.24
N ILE E 696 34.13 -28.60 -4.72
CA ILE E 696 33.02 -29.44 -5.17
C ILE E 696 32.47 -30.23 -3.98
MG MG F . 0.78 36.47 -7.26
PG AGS G . -3.21 35.77 -6.17
S1G AGS G . -1.42 36.38 -6.43
O2G AGS G . -3.20 34.23 -5.57
O3G AGS G . -4.00 35.80 -7.61
PB AGS G . -3.48 36.91 -3.54
O1B AGS G . -3.76 35.64 -2.78
O2B AGS G . -2.01 37.18 -3.56
O3B AGS G . -4.01 36.72 -5.09
PA AGS G . -3.34 39.46 -2.26
O1A AGS G . -1.96 39.00 -1.87
O2A AGS G . -3.22 40.49 -3.35
O3A AGS G . -4.21 38.19 -2.81
O5' AGS G . -4.06 40.13 -0.94
C5' AGS G . -5.14 40.97 -1.14
C4' AGS G . -5.07 42.12 -0.09
O4' AGS G . -4.73 41.52 1.31
C3' AGS G . -4.11 42.90 -0.35
O3' AGS G . -4.56 44.00 -1.18
C2' AGS G . -3.60 43.48 1.12
O2' AGS G . -4.45 44.59 1.53
C1' AGS G . -3.71 42.52 1.94
N9 AGS G . -2.39 41.85 2.10
C8 AGS G . -1.55 41.14 1.35
N7 AGS G . -0.49 40.82 2.11
C5 AGS G . -0.70 41.33 3.33
C6 AGS G . 0.07 41.31 4.47
N6 AGS G . 1.35 40.66 4.64
N1 AGS G . -0.37 41.90 5.57
C2 AGS G . -1.55 42.55 5.56
N3 AGS G . -2.30 42.59 4.44
C4 AGS G . -1.87 41.97 3.32
PG AGS H . -18.14 -32.91 18.02
S1G AGS H . -16.58 -31.95 17.47
O2G AGS H . -19.40 -32.46 17.09
O3G AGS H . -17.87 -34.53 17.85
PB AGS H . -17.50 -33.11 20.84
O1B AGS H . -16.24 -33.72 20.26
O2B AGS H . -17.13 -31.95 21.74
O3B AGS H . -18.46 -32.59 19.61
PA AGS H . -17.72 -35.76 22.04
O1A AGS H . -18.79 -36.58 22.70
O2A AGS H . -17.31 -36.43 20.74
O3A AGS H . -18.31 -34.25 21.71
O5' AGS H . -16.42 -35.65 23.04
C5' AGS H . -16.62 -35.48 24.42
C4' AGS H . -16.20 -36.77 25.20
O4' AGS H . -16.30 -36.51 26.73
C3' AGS H . -16.99 -37.74 24.98
O3' AGS H . -16.49 -38.57 23.88
C2' AGS H . -16.99 -38.61 26.39
O2' AGS H . -15.74 -39.37 26.49
C1' AGS H . -17.05 -37.75 27.31
N9 AGS H . -18.46 -37.40 27.61
C8 AGS H . -19.45 -36.72 27.03
N7 AGS H . -20.52 -36.79 27.82
C5 AGS H . -20.20 -37.51 28.89
C6 AGS H . -20.93 -37.88 30.00
N6 AGS H . -22.31 -37.55 30.27
N1 AGS H . -20.37 -38.61 30.94
C2 AGS H . -19.08 -39.01 30.82
N3 AGS H . -18.36 -38.64 29.73
C4 AGS H . -18.93 -37.90 28.76
MG MG I . -19.44 -34.58 17.91
PG AGS J . 21.61 12.91 3.10
S1G AGS J . 21.15 14.43 2.04
O2G AGS J . 20.94 11.56 2.44
O3G AGS J . 23.23 12.70 3.16
PB AGS J . 21.92 12.80 5.95
O1B AGS J . 21.10 12.04 6.97
O2B AGS J . 23.10 11.98 5.51
O3B AGS J . 21.03 13.15 4.62
PA AGS J . 23.97 14.75 6.22
O1A AGS J . 24.45 14.03 4.98
O2A AGS J . 23.86 16.22 5.93
O3A AGS J . 22.50 14.17 6.63
O5' AGS J . 25.02 14.52 7.46
C5' AGS J . 26.13 15.37 7.48
C4' AGS J . 25.75 16.71 8.17
O4' AGS J . 24.95 16.44 9.46
C3' AGS J . 26.80 17.33 8.53
O3' AGS J . 26.64 18.75 8.24
C2' AGS J . 27.00 17.12 10.16
O2' AGS J . 27.00 18.44 10.80
C1' AGS J . 26.00 16.45 10.60
N9 AGS J . 26.40 15.05 10.94
C8 AGS J . 26.34 13.85 10.39
N7 AGS J . 26.87 12.97 11.25
C5 AGS J . 27.27 13.64 12.32
C6 AGS J . 27.88 13.23 13.48
N6 AGS J . 28.25 11.88 13.81
N1 AGS J . 28.16 14.11 14.42
C2 AGS J . 27.86 15.42 14.23
N3 AGS J . 27.27 15.83 13.10
C4 AGS J . 26.97 14.93 12.14
MG MG K . 23.20 10.48 1.61
PG AGS L . 15.27 -21.04 13.56
S1G AGS L . 15.52 -22.35 12.17
O2G AGS L . 14.97 -19.57 12.88
O3G AGS L . 14.00 -21.46 14.51
PB AGS L . 17.50 -22.31 14.89
O1B AGS L . 16.65 -23.53 14.71
O2B AGS L . 18.70 -22.40 13.99
O3B AGS L . 16.62 -20.98 14.49
PA AGS L . 19.30 -21.31 16.92
O1A AGS L . 19.50 -20.19 15.93
O2A AGS L . 19.08 -20.73 18.29
O3A AGS L . 18.00 -22.21 16.46
O5' AGS L . 20.65 -22.26 16.95
C5' AGS L . 20.78 -23.19 17.99
C4' AGS L . 21.22 -22.45 19.29
O4' AGS L . 20.01 -22.32 20.25
C3' AGS L . 22.05 -23.13 19.97
O3' AGS L . 22.72 -22.28 20.96
C2' AGS L . 21.11 -24.24 20.75
O2' AGS L . 21.83 -24.84 21.86
C1' AGS L . 20.11 -23.57 21.17
N9 AGS L . 18.88 -24.39 21.03
C8 AGS L . 17.98 -24.66 20.10
N7 AGS L . 17.10 -25.51 20.61
C5 AGS L . 17.46 -25.76 21.87
C6 AGS L . 16.89 -26.56 22.85
N6 AGS L . 15.70 -27.38 22.73
N1 AGS L . 17.46 -26.64 24.04
C2 AGS L . 18.59 -25.94 24.30
N3 AGS L . 19.14 -25.16 23.35
C4 AGS L . 18.56 -25.08 22.14
MG MG M . 13.99 -20.71 11.66
#